data_7RQZ
#
_entry.id   7RQZ
#
_cell.length_a   1.00
_cell.length_b   1.00
_cell.length_c   1.00
_cell.angle_alpha   90.00
_cell.angle_beta   90.00
_cell.angle_gamma   90.00
#
_symmetry.space_group_name_H-M   'P 1'
#
loop_
_entity.id
_entity.type
_entity.pdbx_description
1 polymer 'Transient receptor potential cation channel subfamily V member 1'
2 non-polymer resiniferatoxin
3 non-polymer 1-palmitoyl-2-oleoyl-sn-glycero-3-phosphocholine
4 non-polymer '[(2~{R})-1-[2-azanylethoxy(oxidanyl)phosphoryl]oxy-3-hexadecanoyloxy-propan-2-yl] (~{Z})-octadec-9-enoate'
#
_entity_poly.entity_id   1
_entity_poly.type   'polypeptide(L)'
_entity_poly.pdbx_seq_one_letter_code
;MEQRASLDSEESESPPQENSCLDPPDRDPNCKPPPVKPHIFTTRSRTRLFGKGDSEEASPLDCPYEEGGLASCPIITVSS
VLTIQRPGDGPASVRPSSQDSVSAGEKPPRLYDRRSIFDAVAQSNCQELESLLPFLQRSKKRLTDSEFKDPETGKTCLLK
AMLNLHNGQNDTIALLLDVARKTDSLKQFVNASYTDSYYKGQTALHIAIERRNMTLVTLLVENGADVQAAANGDFFKKTK
GRPGFYFGELPLSLAACTNQLAIVKFLLQNSWQPADISARDSVGNTVLHALVEVADNTVDNTKFVTSMYNEILILGAKLH
PTLKLEEITNRKGLTPLALAASSGKIGVLAYILQREIHEPECRHLSRKFTEWAYGPVHSSLYDLSCIDTCEKNSVLEVIA
YSSSETPNRHDMLLVEPLNRLLQDKWDRFVKRIFYFNFFVYCLYMIIFTAAAYYRPVEGLPPYKLKNTVGDYFRVTGEIL
SVSGGVYFFFRGIQYFLQRRPSLKSLFVDSYSEILFFVQSLFMLVSVVLYFSQRKEYVASMVFSLAMGWTNMLYYTRGFQ
QMGIYAVMIEKMILRDLCRFMFVYLVFLFGFSTAVVTLIEDGKNNSLPMESTPHKCRGSACKPGNSYNSLYSTCLELFKF
TIGMGDLEFTENYDFKAVFIILLLAYVILTYILLLNMLIALMGETVNKIAQESKNIWKLQRAITILDTEKSFLKCMRKAF
RSGKLLQVGFTPDGKDDYRWCFRVDEVNWTTWNTNVGIINEDPGNCEGVKRTLSFSLRSGRVSGRNWKNFALVPLLRDAS
TRDRHATQQEEVQLKHYTGSLKPEDAEVFKDSMVPGEKENSLEVLFQGPDYKDDDDKAHHHHHHHHHH
;
_entity_poly.pdbx_strand_id   A,C,B,D
#
loop_
_chem_comp.id
_chem_comp.type
_chem_comp.name
_chem_comp.formula
6EU non-polymer resiniferatoxin 'C37 H40 O9'
6OU non-polymer '[(2~{R})-1-[2-azanylethoxy(oxidanyl)phosphoryl]oxy-3-hexadecanoyloxy-propan-2-yl] (~{Z})-octadec-9-enoate' 'C39 H76 N O8 P'
LBN non-polymer 1-palmitoyl-2-oleoyl-sn-glycero-3-phosphocholine 'C42 H82 N O8 P'
#
# COMPACT_ATOMS: atom_id res chain seq x y z
N SER A 197 44.38 9.25 32.78
CA SER A 197 43.60 9.46 31.57
C SER A 197 42.50 8.41 31.43
N TYR A 198 42.87 7.25 30.87
CA TYR A 198 41.90 6.17 30.72
C TYR A 198 41.44 5.64 32.06
N TYR A 199 42.38 5.42 32.98
CA TYR A 199 42.10 4.82 34.29
C TYR A 199 42.25 5.84 35.42
N LYS A 200 41.77 7.07 35.18
CA LYS A 200 41.96 8.16 36.14
C LYS A 200 40.82 8.13 37.15
N GLY A 201 41.13 7.71 38.37
CA GLY A 201 40.18 7.72 39.47
C GLY A 201 39.35 6.47 39.63
N GLN A 202 39.39 5.55 38.68
CA GLN A 202 38.60 4.33 38.77
C GLN A 202 39.24 3.36 39.75
N THR A 203 38.43 2.81 40.65
CA THR A 203 38.90 1.90 41.69
C THR A 203 38.01 0.66 41.74
N ALA A 204 38.38 -0.26 42.62
CA ALA A 204 37.68 -1.55 42.70
C ALA A 204 36.21 -1.40 43.08
N LEU A 205 35.82 -0.26 43.66
CA LEU A 205 34.42 -0.05 43.99
C LEU A 205 33.56 -0.06 42.74
N HIS A 206 34.03 0.59 41.66
CA HIS A 206 33.28 0.56 40.40
C HIS A 206 33.17 -0.86 39.86
N ILE A 207 34.27 -1.63 39.95
CA ILE A 207 34.26 -2.98 39.39
C ILE A 207 33.31 -3.87 40.18
N ALA A 208 33.27 -3.72 41.50
CA ALA A 208 32.28 -4.44 42.29
C ALA A 208 30.87 -4.00 41.92
N ILE A 209 30.67 -2.70 41.70
CA ILE A 209 29.35 -2.19 41.30
C ILE A 209 28.89 -2.89 40.02
N GLU A 210 29.62 -2.69 38.93
CA GLU A 210 29.13 -3.13 37.62
C GLU A 210 28.93 -4.63 37.56
N ARG A 211 29.60 -5.40 38.42
CA ARG A 211 29.44 -6.84 38.45
C ARG A 211 28.31 -7.29 39.37
N ARG A 212 27.67 -6.36 40.10
CA ARG A 212 26.62 -6.69 41.04
C ARG A 212 27.15 -7.56 42.18
N ASN A 213 28.09 -6.99 42.94
CA ASN A 213 28.61 -7.59 44.16
C ASN A 213 28.07 -6.79 45.34
N MET A 214 27.14 -7.39 46.08
CA MET A 214 26.49 -6.67 47.18
C MET A 214 27.49 -6.32 48.28
N THR A 215 28.40 -7.24 48.60
CA THR A 215 29.27 -7.08 49.76
C THR A 215 30.54 -6.29 49.47
N LEU A 216 31.06 -6.36 48.24
CA LEU A 216 32.31 -5.68 47.95
C LEU A 216 32.17 -4.17 48.08
N VAL A 217 31.06 -3.61 47.61
CA VAL A 217 30.85 -2.17 47.75
C VAL A 217 30.77 -1.79 49.23
N THR A 218 30.08 -2.60 50.02
CA THR A 218 30.00 -2.33 51.45
C THR A 218 31.37 -2.33 52.09
N LEU A 219 32.20 -3.32 51.73
CA LEU A 219 33.55 -3.37 52.29
C LEU A 219 34.36 -2.15 51.88
N LEU A 220 34.31 -1.79 50.60
CA LEU A 220 35.10 -0.67 50.11
C LEU A 220 34.69 0.64 50.78
N VAL A 221 33.38 0.88 50.91
CA VAL A 221 32.93 2.12 51.52
C VAL A 221 33.02 2.08 53.04
N GLU A 222 33.18 0.90 53.63
CA GLU A 222 33.58 0.82 55.03
C GLU A 222 35.05 1.17 55.19
N ASN A 223 35.87 0.87 54.18
CA ASN A 223 37.28 1.17 54.25
C ASN A 223 37.58 2.67 54.24
N GLY A 224 36.59 3.50 53.96
CA GLY A 224 36.77 4.94 53.96
C GLY A 224 37.06 5.55 52.61
N ALA A 225 36.88 4.79 51.53
CA ALA A 225 37.12 5.34 50.20
C ALA A 225 36.25 6.56 49.96
N ASP A 226 36.87 7.61 49.43
CA ASP A 226 36.20 8.91 49.24
C ASP A 226 35.34 8.84 47.98
N VAL A 227 34.05 8.56 48.15
CA VAL A 227 33.13 8.50 47.03
C VAL A 227 32.85 9.87 46.42
N GLN A 228 33.32 10.95 47.07
CA GLN A 228 33.24 12.26 46.46
C GLN A 228 34.06 12.32 45.17
N ALA A 229 35.25 11.73 45.18
CA ALA A 229 36.10 11.73 44.01
C ALA A 229 35.41 11.05 42.84
N ALA A 230 35.63 11.59 41.65
CA ALA A 230 35.01 11.09 40.42
C ALA A 230 36.05 10.47 39.52
N ALA A 231 35.66 9.42 38.81
CA ALA A 231 36.51 8.73 37.85
C ALA A 231 36.08 9.09 36.43
N ASN A 232 37.05 9.53 35.63
CA ASN A 232 36.79 9.94 34.26
C ASN A 232 37.77 9.25 33.32
N GLY A 233 37.32 8.97 32.11
CA GLY A 233 38.18 8.35 31.12
C GLY A 233 37.57 8.44 29.74
N ASP A 234 38.37 8.07 28.75
CA ASP A 234 37.90 8.13 27.36
C ASP A 234 36.71 7.21 27.15
N PHE A 235 36.74 6.02 27.75
CA PHE A 235 35.61 5.10 27.65
C PHE A 235 34.36 5.68 28.29
N PHE A 236 34.52 6.48 29.34
CA PHE A 236 33.37 7.04 30.04
C PHE A 236 32.77 8.21 29.26
N LYS A 237 33.60 9.05 28.66
CA LYS A 237 33.12 10.25 27.99
C LYS A 237 32.23 9.88 26.80
N LYS A 238 31.23 10.73 26.55
CA LYS A 238 30.28 10.53 25.45
C LYS A 238 30.91 11.06 24.17
N THR A 239 31.83 10.28 23.61
CA THR A 239 32.54 10.63 22.39
C THR A 239 32.24 9.57 21.33
N LYS A 240 31.75 10.03 20.17
CA LYS A 240 31.48 9.10 19.08
C LYS A 240 32.77 8.59 18.44
N GLY A 241 33.85 9.37 18.51
CA GLY A 241 35.11 8.97 17.93
C GLY A 241 35.76 7.79 18.62
N ARG A 242 35.34 7.47 19.84
CA ARG A 242 35.88 6.34 20.58
C ARG A 242 34.76 5.49 21.14
N PRO A 243 34.96 4.18 21.27
CA PRO A 243 33.96 3.34 21.95
C PRO A 243 33.92 3.66 23.44
N GLY A 244 32.73 3.52 24.01
CA GLY A 244 32.59 3.81 25.42
C GLY A 244 31.14 3.77 25.85
N PHE A 245 30.97 3.79 27.17
CA PHE A 245 29.66 3.82 27.81
C PHE A 245 29.64 4.95 28.82
N TYR A 246 28.61 5.79 28.74
CA TYR A 246 28.50 6.98 29.60
C TYR A 246 27.69 6.64 30.84
N PHE A 247 28.27 6.88 32.02
CA PHE A 247 27.58 6.70 33.28
C PHE A 247 27.90 7.83 34.25
N GLY A 248 28.13 9.03 33.73
CA GLY A 248 28.51 10.14 34.58
C GLY A 248 29.95 10.02 35.04
N GLU A 249 30.28 10.78 36.09
CA GLU A 249 31.60 10.76 36.69
C GLU A 249 31.59 10.35 38.15
N LEU A 250 30.55 10.71 38.90
CA LEU A 250 30.48 10.36 40.31
C LEU A 250 30.34 8.85 40.46
N PRO A 251 31.06 8.22 41.40
CA PRO A 251 30.86 6.78 41.62
C PRO A 251 29.43 6.42 42.01
N LEU A 252 28.77 7.27 42.79
CA LEU A 252 27.37 7.06 43.09
C LEU A 252 26.54 7.09 41.80
N SER A 253 26.90 7.97 40.86
CA SER A 253 26.21 8.00 39.58
C SER A 253 26.35 6.67 38.84
N LEU A 254 27.55 6.09 38.85
CA LEU A 254 27.74 4.79 38.21
C LEU A 254 26.93 3.71 38.91
N ALA A 255 26.91 3.73 40.25
CA ALA A 255 26.12 2.76 40.99
C ALA A 255 24.65 2.87 40.64
N ALA A 256 24.15 4.10 40.53
CA ALA A 256 22.75 4.31 40.17
C ALA A 256 22.47 3.82 38.75
N CYS A 257 23.30 4.24 37.80
CA CYS A 257 23.08 3.86 36.40
C CYS A 257 23.17 2.35 36.21
N THR A 258 23.95 1.66 37.04
CA THR A 258 24.17 0.22 36.90
C THR A 258 23.18 -0.59 37.72
N ASN A 259 21.97 -0.06 37.96
CA ASN A 259 20.86 -0.84 38.51
C ASN A 259 21.22 -1.42 39.88
N GLN A 260 21.44 -0.52 40.85
CA GLN A 260 21.71 -0.91 42.22
C GLN A 260 21.13 0.15 43.14
N LEU A 261 19.89 -0.06 43.59
CA LEU A 261 19.19 0.94 44.37
C LEU A 261 19.50 0.83 45.87
N ALA A 262 19.53 -0.38 46.41
CA ALA A 262 19.89 -0.56 47.81
C ALA A 262 21.33 -0.13 48.06
N ILE A 263 22.22 -0.44 47.12
CA ILE A 263 23.62 -0.10 47.29
C ILE A 263 23.80 1.41 47.36
N VAL A 264 23.18 2.15 46.43
CA VAL A 264 23.28 3.60 46.45
C VAL A 264 22.59 4.17 47.68
N LYS A 265 21.46 3.56 48.08
CA LYS A 265 20.79 3.99 49.28
C LYS A 265 21.72 3.91 50.49
N PHE A 266 22.56 2.88 50.53
CA PHE A 266 23.52 2.76 51.62
C PHE A 266 24.67 3.75 51.44
N LEU A 267 25.20 3.88 50.22
CA LEU A 267 26.27 4.85 49.96
C LEU A 267 25.88 6.23 50.46
N LEU A 268 24.66 6.65 50.16
CA LEU A 268 24.20 7.96 50.61
C LEU A 268 24.16 8.04 52.13
N GLN A 269 23.70 6.97 52.78
CA GLN A 269 23.54 6.96 54.23
C GLN A 269 24.74 6.38 54.95
N ASN A 270 25.80 6.00 54.24
CA ASN A 270 26.99 5.42 54.87
C ASN A 270 27.66 6.47 55.75
N SER A 271 27.54 6.30 57.06
CA SER A 271 28.07 7.30 57.99
C SER A 271 29.56 7.52 57.81
N TRP A 272 30.28 6.50 57.34
CA TRP A 272 31.72 6.62 57.18
C TRP A 272 32.08 7.68 56.15
N GLN A 273 31.38 7.70 55.03
CA GLN A 273 31.62 8.69 53.98
C GLN A 273 30.43 8.74 53.04
N PRO A 274 29.36 9.47 53.38
CA PRO A 274 28.20 9.53 52.49
C PRO A 274 28.55 10.23 51.17
N ALA A 275 27.95 9.74 50.09
CA ALA A 275 28.10 10.38 48.80
C ALA A 275 27.16 11.58 48.69
N ASP A 276 27.63 12.64 48.04
CA ASP A 276 26.84 13.85 47.88
C ASP A 276 26.02 13.75 46.60
N ILE A 277 24.70 13.89 46.73
CA ILE A 277 23.82 13.78 45.57
C ILE A 277 24.01 14.95 44.63
N SER A 278 24.23 16.15 45.18
CA SER A 278 24.30 17.38 44.40
C SER A 278 25.61 17.55 43.65
N ALA A 279 26.42 16.49 43.53
CA ALA A 279 27.69 16.61 42.82
C ALA A 279 27.45 16.86 41.33
N ARG A 280 28.16 17.83 40.77
CA ARG A 280 28.09 18.16 39.36
C ARG A 280 29.48 18.00 38.74
N ASP A 281 29.56 17.18 37.70
CA ASP A 281 30.84 16.89 37.07
C ASP A 281 31.22 18.02 36.10
N SER A 282 32.48 17.96 35.64
CA SER A 282 32.95 18.93 34.66
C SER A 282 32.29 18.72 33.31
N VAL A 283 32.01 17.47 32.94
CA VAL A 283 31.33 17.20 31.67
C VAL A 283 29.97 17.87 31.66
N GLY A 284 29.28 17.88 32.80
CA GLY A 284 28.02 18.57 32.95
C GLY A 284 26.81 17.69 33.23
N ASN A 285 27.01 16.48 33.74
CA ASN A 285 25.91 15.58 34.08
C ASN A 285 25.88 15.36 35.58
N THR A 286 24.75 15.65 36.20
CA THR A 286 24.50 15.28 37.57
C THR A 286 24.03 13.83 37.64
N VAL A 287 23.92 13.29 38.86
CA VAL A 287 23.40 11.94 39.00
C VAL A 287 22.02 11.84 38.35
N LEU A 288 21.14 12.80 38.65
CA LEU A 288 19.84 12.82 37.99
C LEU A 288 20.00 13.04 36.49
N HIS A 289 20.86 13.97 36.09
CA HIS A 289 21.12 14.18 34.68
C HIS A 289 21.75 12.94 34.05
N ALA A 290 22.60 12.24 34.80
CA ALA A 290 23.18 11.01 34.29
C ALA A 290 22.10 9.97 34.02
N LEU A 291 21.14 9.83 34.93
CA LEU A 291 20.03 8.92 34.70
C LEU A 291 19.24 9.35 33.47
N VAL A 292 19.01 10.65 33.31
CA VAL A 292 18.29 11.12 32.13
C VAL A 292 19.04 10.73 30.86
N GLU A 293 20.36 10.91 30.87
CA GLU A 293 21.15 10.60 29.68
C GLU A 293 21.26 9.11 29.43
N VAL A 294 21.06 8.28 30.46
CA VAL A 294 21.08 6.83 30.25
C VAL A 294 19.85 6.37 29.47
N ALA A 295 18.69 6.94 29.77
CA ALA A 295 17.44 6.39 29.28
C ALA A 295 17.41 6.35 27.75
N ASP A 296 16.75 5.31 27.22
CA ASP A 296 16.58 5.14 25.77
C ASP A 296 15.12 4.83 25.42
N ASN A 297 14.18 5.36 26.20
CA ASN A 297 12.77 5.38 25.84
C ASN A 297 12.11 4.01 25.94
N THR A 298 12.88 2.96 26.20
CA THR A 298 12.32 1.62 26.22
C THR A 298 11.36 1.46 27.39
N VAL A 299 10.35 0.61 27.20
CA VAL A 299 9.31 0.45 28.22
C VAL A 299 9.92 -0.06 29.51
N ASP A 300 10.70 -1.14 29.44
CA ASP A 300 11.36 -1.66 30.62
C ASP A 300 12.36 -0.65 31.17
N ASN A 301 13.13 0.00 30.29
CA ASN A 301 14.04 1.04 30.73
C ASN A 301 13.27 2.19 31.36
N THR A 302 12.13 2.55 30.76
CA THR A 302 11.31 3.60 31.36
C THR A 302 10.93 3.24 32.79
N LYS A 303 10.42 2.03 33.00
CA LYS A 303 10.01 1.63 34.35
C LYS A 303 11.19 1.63 35.31
N PHE A 304 12.31 1.06 34.88
CA PHE A 304 13.49 0.99 35.74
C PHE A 304 13.98 2.37 36.14
N VAL A 305 14.21 3.24 35.15
CA VAL A 305 14.74 4.56 35.43
C VAL A 305 13.75 5.37 36.26
N THR A 306 12.46 5.25 35.96
CA THR A 306 11.46 6.01 36.72
C THR A 306 11.41 5.55 38.16
N SER A 307 11.45 4.24 38.41
CA SER A 307 11.41 3.75 39.79
C SER A 307 12.63 4.24 40.56
N MET A 308 13.82 4.11 39.97
CA MET A 308 15.02 4.54 40.68
C MET A 308 15.05 6.06 40.84
N TYR A 309 14.52 6.80 39.87
CA TYR A 309 14.46 8.25 39.97
C TYR A 309 13.55 8.68 41.12
N ASN A 310 12.37 8.07 41.22
CA ASN A 310 11.47 8.40 42.31
C ASN A 310 12.09 8.04 43.66
N GLU A 311 12.74 6.88 43.74
CA GLU A 311 13.38 6.49 44.98
C GLU A 311 14.48 7.46 45.39
N ILE A 312 15.33 7.87 44.43
CA ILE A 312 16.44 8.76 44.76
C ILE A 312 15.92 10.14 45.13
N LEU A 313 14.85 10.61 44.48
CA LEU A 313 14.25 11.88 44.88
C LEU A 313 13.67 11.80 46.28
N ILE A 314 13.01 10.69 46.63
CA ILE A 314 12.49 10.54 47.99
C ILE A 314 13.64 10.57 48.99
N LEU A 315 14.71 9.86 48.69
CA LEU A 315 15.85 9.83 49.60
C LEU A 315 16.44 11.21 49.78
N GLY A 316 16.62 11.95 48.68
CA GLY A 316 17.14 13.30 48.79
C GLY A 316 16.24 14.20 49.61
N ALA A 317 14.92 14.08 49.40
CA ALA A 317 13.98 14.86 50.21
C ALA A 317 14.16 14.55 51.70
N LYS A 318 14.32 13.27 52.02
CA LYS A 318 14.61 12.90 53.41
C LYS A 318 15.91 13.52 53.88
N LEU A 319 16.90 13.62 52.99
CA LEU A 319 18.24 14.05 53.39
C LEU A 319 18.31 15.56 53.60
N HIS A 320 17.99 16.33 52.56
CA HIS A 320 18.19 17.79 52.57
C HIS A 320 16.87 18.48 52.22
N PRO A 321 15.99 18.64 53.20
CA PRO A 321 14.76 19.42 52.95
C PRO A 321 15.05 20.85 52.52
N THR A 322 16.15 21.43 53.00
CA THR A 322 16.42 22.85 52.73
C THR A 322 16.74 23.10 51.27
N LEU A 323 17.31 22.12 50.58
CA LEU A 323 17.79 22.29 49.21
C LEU A 323 16.88 21.54 48.24
N LYS A 324 16.58 22.19 47.11
CA LYS A 324 15.84 21.58 46.02
C LYS A 324 16.84 21.15 44.96
N LEU A 325 16.97 19.84 44.76
CA LEU A 325 18.03 19.31 43.90
C LEU A 325 17.71 19.49 42.41
N GLU A 326 16.43 19.41 42.04
CA GLU A 326 16.09 19.37 40.62
C GLU A 326 16.55 20.63 39.89
N GLU A 327 16.36 21.80 40.50
CA GLU A 327 16.50 23.05 39.76
C GLU A 327 17.95 23.40 39.44
N ILE A 328 18.93 22.80 40.11
CA ILE A 328 20.31 23.20 39.89
C ILE A 328 20.69 22.88 38.45
N THR A 329 20.91 23.93 37.66
CA THR A 329 21.33 23.76 36.28
C THR A 329 22.74 23.17 36.23
N ASN A 330 22.94 22.22 35.32
CA ASN A 330 24.23 21.55 35.21
C ASN A 330 25.18 22.40 34.37
N ARG A 331 26.33 21.83 34.01
CA ARG A 331 27.38 22.61 33.37
C ARG A 331 26.88 23.27 32.09
N LYS A 332 26.18 22.52 31.24
CA LYS A 332 25.69 23.08 29.99
C LYS A 332 24.56 24.08 30.20
N GLY A 333 24.02 24.18 31.41
CA GLY A 333 23.03 25.20 31.73
C GLY A 333 21.59 24.75 31.60
N LEU A 334 21.33 23.46 31.47
CA LEU A 334 19.98 22.95 31.32
C LEU A 334 19.71 21.89 32.37
N THR A 335 18.59 22.02 33.08
CA THR A 335 18.25 21.10 34.14
C THR A 335 17.82 19.75 33.56
N PRO A 336 17.77 18.70 34.39
CA PRO A 336 17.35 17.40 33.88
C PRO A 336 16.05 17.42 33.13
N LEU A 337 15.09 18.26 33.53
CA LEU A 337 13.85 18.39 32.77
C LEU A 337 14.15 18.88 31.34
N ALA A 338 14.91 19.98 31.24
CA ALA A 338 15.24 20.51 29.91
C ALA A 338 16.08 19.53 29.11
N LEU A 339 17.03 18.84 29.77
CA LEU A 339 17.85 17.89 29.05
C LEU A 339 17.02 16.74 28.52
N ALA A 340 16.08 16.23 29.33
CA ALA A 340 15.21 15.17 28.85
C ALA A 340 14.34 15.65 27.69
N ALA A 341 13.83 16.88 27.79
CA ALA A 341 13.00 17.41 26.71
C ALA A 341 13.79 17.56 25.42
N SER A 342 15.02 18.05 25.50
CA SER A 342 15.81 18.33 24.30
C SER A 342 16.36 17.05 23.69
N SER A 343 16.81 16.11 24.52
CA SER A 343 17.51 14.93 24.01
C SER A 343 16.59 14.01 23.23
N GLY A 344 15.34 13.85 23.67
CA GLY A 344 14.41 12.93 23.05
C GLY A 344 13.80 11.91 23.99
N LYS A 345 14.11 11.95 25.28
CA LYS A 345 13.69 10.92 26.22
C LYS A 345 12.24 11.18 26.62
N ILE A 346 11.30 10.59 25.88
CA ILE A 346 9.89 10.76 26.18
C ILE A 346 9.53 10.04 27.48
N GLY A 347 10.09 8.85 27.69
CA GLY A 347 9.73 8.09 28.88
C GLY A 347 10.08 8.82 30.16
N VAL A 348 11.29 9.38 30.22
CA VAL A 348 11.70 10.10 31.42
C VAL A 348 10.91 11.38 31.58
N LEU A 349 10.53 12.04 30.47
CA LEU A 349 9.85 13.31 30.56
C LEU A 349 8.39 13.16 30.96
N ALA A 350 7.72 12.11 30.47
CA ALA A 350 6.30 11.93 30.76
C ALA A 350 6.07 11.90 32.26
N TYR A 351 6.80 11.05 32.98
CA TYR A 351 6.59 10.94 34.42
C TYR A 351 6.88 12.26 35.11
N ILE A 352 7.98 12.93 34.75
CA ILE A 352 8.32 14.18 35.40
C ILE A 352 7.21 15.20 35.17
N LEU A 353 6.49 15.08 34.05
CA LEU A 353 5.39 16.00 33.80
C LEU A 353 4.19 15.68 34.67
N GLN A 354 3.90 14.39 34.89
CA GLN A 354 2.84 13.96 35.79
C GLN A 354 3.40 13.19 36.99
N ARG A 355 4.45 13.74 37.58
CA ARG A 355 5.14 13.12 38.71
C ARG A 355 4.32 13.36 39.98
N GLU A 356 3.51 12.37 40.36
CA GLU A 356 2.68 12.45 41.55
C GLU A 356 3.16 11.41 42.56
N ILE A 357 3.43 11.85 43.78
CA ILE A 357 3.86 10.98 44.88
C ILE A 357 2.78 11.04 45.96
N HIS A 358 2.21 9.89 46.29
CA HIS A 358 1.09 9.82 47.23
C HIS A 358 1.52 9.96 48.69
N GLU A 359 2.81 9.96 48.97
CA GLU A 359 3.27 10.14 50.35
C GLU A 359 2.96 11.57 50.80
N PRO A 360 2.29 11.75 51.95
CA PRO A 360 1.98 13.13 52.39
C PRO A 360 3.21 13.95 52.73
N GLU A 361 4.36 13.32 53.00
CA GLU A 361 5.59 14.05 53.26
C GLU A 361 6.29 14.51 51.99
N CYS A 362 5.92 13.96 50.83
CA CYS A 362 6.56 14.30 49.56
C CYS A 362 5.64 15.14 48.67
N ARG A 363 4.62 15.76 49.24
CA ARG A 363 3.72 16.59 48.45
C ARG A 363 4.40 17.84 47.91
N HIS A 364 5.52 18.26 48.51
CA HIS A 364 6.20 19.46 48.05
C HIS A 364 7.05 19.21 46.81
N LEU A 365 7.19 17.95 46.37
CA LEU A 365 7.90 17.63 45.15
C LEU A 365 6.99 17.11 44.05
N SER A 366 5.85 16.54 44.39
CA SER A 366 4.92 16.06 43.38
C SER A 366 4.57 17.19 42.41
N ARG A 367 4.58 16.87 41.11
CA ARG A 367 4.27 17.87 40.10
C ARG A 367 2.77 17.95 39.81
N LYS A 368 2.08 16.82 39.86
CA LYS A 368 0.65 16.74 39.58
C LYS A 368 -0.10 16.47 40.88
N PHE A 369 -1.11 17.28 41.16
CA PHE A 369 -1.95 17.14 42.35
C PHE A 369 -3.37 16.81 41.91
N THR A 370 -3.91 15.70 42.40
CA THR A 370 -5.27 15.30 42.06
C THR A 370 -6.24 16.07 42.96
N GLU A 371 -6.90 17.08 42.40
CA GLU A 371 -7.75 17.94 43.21
C GLU A 371 -8.98 17.18 43.71
N TRP A 372 -9.62 16.40 42.84
CA TRP A 372 -10.74 15.59 43.27
C TRP A 372 -11.01 14.52 42.22
N ALA A 373 -11.93 13.61 42.55
CA ALA A 373 -12.38 12.53 41.68
C ALA A 373 -13.89 12.56 41.55
N TYR A 374 -14.47 13.76 41.44
CA TYR A 374 -15.91 13.94 41.38
C TYR A 374 -16.58 13.03 40.36
N GLY A 375 -15.82 12.49 39.41
CA GLY A 375 -16.33 11.56 38.45
C GLY A 375 -15.22 11.05 37.55
N PRO A 376 -15.56 10.58 36.35
CA PRO A 376 -14.50 10.20 35.41
C PRO A 376 -13.52 11.34 35.18
N VAL A 377 -14.00 12.58 35.26
CA VAL A 377 -13.11 13.73 35.27
C VAL A 377 -12.27 13.69 36.53
N HIS A 378 -10.97 13.90 36.39
CA HIS A 378 -10.03 13.94 37.51
C HIS A 378 -9.28 15.27 37.42
N SER A 379 -9.78 16.29 38.11
CA SER A 379 -9.12 17.58 38.11
C SER A 379 -7.64 17.40 38.45
N SER A 380 -6.81 18.27 37.91
CA SER A 380 -5.37 18.17 38.05
C SER A 380 -4.82 19.55 38.39
N LEU A 381 -3.58 19.55 38.88
CA LEU A 381 -2.89 20.80 39.18
C LEU A 381 -1.40 20.54 38.94
N TYR A 382 -0.94 20.85 37.73
CA TYR A 382 0.46 20.70 37.40
C TYR A 382 1.24 21.90 37.90
N ASP A 383 2.56 21.76 37.98
CA ASP A 383 3.39 22.83 38.48
C ASP A 383 3.86 23.79 37.39
N LEU A 384 3.73 23.41 36.11
CA LEU A 384 4.20 24.25 35.01
C LEU A 384 5.56 24.85 35.35
N SER A 385 6.42 24.05 35.98
CA SER A 385 7.68 24.56 36.51
C SER A 385 8.65 24.77 35.37
N CYS A 386 8.90 26.03 35.03
CA CYS A 386 9.90 26.39 34.04
C CYS A 386 9.51 25.94 32.65
N ILE A 387 8.22 25.88 32.36
CA ILE A 387 7.75 25.48 31.04
C ILE A 387 7.71 26.66 30.09
N ASP A 388 7.25 27.82 30.57
CA ASP A 388 7.07 29.01 29.75
C ASP A 388 7.72 30.22 30.41
N THR A 389 8.34 31.06 29.59
CA THR A 389 8.97 32.31 30.05
C THR A 389 9.73 32.10 31.36
N CYS A 390 10.66 31.15 31.32
CA CYS A 390 11.43 30.76 32.50
C CYS A 390 12.91 31.09 32.41
N GLU A 391 13.62 30.53 31.44
CA GLU A 391 15.07 30.57 31.43
C GLU A 391 15.56 30.30 30.01
N LYS A 392 16.86 30.03 29.89
CA LYS A 392 17.47 29.86 28.57
C LYS A 392 16.84 28.71 27.80
N ASN A 393 16.62 27.58 28.47
CA ASN A 393 16.11 26.37 27.82
C ASN A 393 14.79 26.00 28.50
N SER A 394 13.71 26.61 28.03
CA SER A 394 12.38 26.19 28.43
C SER A 394 12.03 24.88 27.74
N VAL A 395 11.11 24.14 28.35
CA VAL A 395 10.75 22.83 27.81
C VAL A 395 10.19 22.97 26.41
N LEU A 396 9.25 23.90 26.23
CA LEU A 396 8.66 24.11 24.92
C LEU A 396 9.71 24.51 23.90
N GLU A 397 10.61 25.43 24.29
CA GLU A 397 11.64 25.89 23.35
C GLU A 397 12.50 24.73 22.90
N VAL A 398 13.05 23.97 23.84
CA VAL A 398 13.95 22.88 23.48
C VAL A 398 13.21 21.82 22.68
N ILE A 399 11.92 21.62 22.96
CA ILE A 399 11.15 20.65 22.18
C ILE A 399 10.99 21.12 20.74
N ALA A 400 10.69 22.40 20.55
CA ALA A 400 10.38 22.93 19.23
C ALA A 400 11.63 23.47 18.52
N TYR A 401 12.44 24.27 19.21
CA TYR A 401 13.63 24.83 18.58
C TYR A 401 14.64 23.76 18.20
N SER A 402 14.49 22.54 18.71
CA SER A 402 15.43 21.47 18.37
C SER A 402 15.65 21.40 16.87
N SER A 403 16.82 20.91 16.47
CA SER A 403 17.22 20.88 15.08
C SER A 403 16.65 19.67 14.33
N SER A 404 15.60 19.05 14.84
CA SER A 404 14.92 17.90 14.24
C SER A 404 15.73 16.62 14.32
N GLU A 405 16.92 16.65 14.95
CA GLU A 405 17.66 15.41 15.16
C GLU A 405 16.96 14.52 16.18
N THR A 406 16.25 15.12 17.13
CA THR A 406 15.53 14.34 18.12
C THR A 406 14.53 13.42 17.43
N PRO A 407 14.36 12.19 17.89
CA PRO A 407 13.59 11.20 17.12
C PRO A 407 12.09 11.15 17.40
N ASN A 408 11.61 11.77 18.48
CA ASN A 408 10.19 11.71 18.83
C ASN A 408 9.69 13.09 19.23
N ARG A 409 10.02 14.10 18.43
CA ARG A 409 9.56 15.46 18.72
C ARG A 409 8.04 15.55 18.66
N HIS A 410 7.42 14.89 17.68
CA HIS A 410 5.97 14.98 17.54
C HIS A 410 5.26 14.40 18.76
N ASP A 411 5.77 13.28 19.29
CA ASP A 411 5.10 12.61 20.39
C ASP A 411 5.25 13.35 21.71
N MET A 412 6.25 14.23 21.83
CA MET A 412 6.42 14.95 23.09
C MET A 412 5.21 15.81 23.41
N LEU A 413 4.66 16.48 22.42
CA LEU A 413 3.55 17.39 22.66
C LEU A 413 2.23 16.65 22.90
N LEU A 414 2.26 15.32 22.96
CA LEU A 414 1.10 14.53 23.36
C LEU A 414 1.00 14.34 24.86
N VAL A 415 2.04 14.72 25.63
CA VAL A 415 1.97 14.58 27.08
C VAL A 415 0.78 15.37 27.61
N GLU A 416 0.33 14.98 28.81
CA GLU A 416 -0.91 15.54 29.36
C GLU A 416 -0.87 17.05 29.51
N PRO A 417 0.18 17.67 30.06
CA PRO A 417 0.12 19.12 30.32
C PRO A 417 0.38 19.95 29.08
N LEU A 418 1.28 19.48 28.21
CA LEU A 418 1.68 20.29 27.06
C LEU A 418 0.53 20.54 26.11
N ASN A 419 -0.27 19.50 25.83
CA ASN A 419 -1.39 19.69 24.90
C ASN A 419 -2.33 20.77 25.40
N ARG A 420 -2.77 20.66 26.64
CA ARG A 420 -3.70 21.64 27.19
C ARG A 420 -3.07 23.02 27.24
N LEU A 421 -1.80 23.10 27.63
CA LEU A 421 -1.15 24.41 27.73
C LEU A 421 -1.09 25.09 26.36
N LEU A 422 -0.65 24.36 25.34
CA LEU A 422 -0.54 24.94 24.01
C LEU A 422 -1.91 25.31 23.46
N GLN A 423 -2.92 24.46 23.67
CA GLN A 423 -4.26 24.80 23.19
C GLN A 423 -4.78 26.05 23.89
N ASP A 424 -4.56 26.16 25.19
CA ASP A 424 -4.97 27.35 25.92
C ASP A 424 -4.28 28.59 25.38
N LYS A 425 -2.97 28.49 25.13
CA LYS A 425 -2.25 29.63 24.58
C LYS A 425 -2.80 30.01 23.21
N TRP A 426 -3.09 29.02 22.37
CA TRP A 426 -3.61 29.29 21.04
C TRP A 426 -4.95 30.00 21.10
N ASP A 427 -5.85 29.51 21.94
CA ASP A 427 -7.19 30.08 21.99
C ASP A 427 -7.21 31.43 22.69
N ARG A 428 -6.33 31.64 23.66
CA ARG A 428 -6.43 32.85 24.48
C ARG A 428 -6.09 34.10 23.67
N PHE A 429 -4.85 34.21 23.20
CA PHE A 429 -4.42 35.42 22.51
C PHE A 429 -3.71 35.15 21.19
N VAL A 430 -3.03 34.01 21.08
CA VAL A 430 -2.18 33.77 19.92
C VAL A 430 -3.00 33.76 18.64
N LYS A 431 -4.17 33.13 18.67
CA LYS A 431 -4.92 32.91 17.43
C LYS A 431 -5.23 34.23 16.74
N ARG A 432 -5.78 35.19 17.48
CA ARG A 432 -6.15 36.44 16.83
C ARG A 432 -4.94 37.25 16.41
N ILE A 433 -3.84 37.17 17.16
CA ILE A 433 -2.63 37.87 16.72
C ILE A 433 -2.15 37.30 15.40
N PHE A 434 -2.18 35.98 15.27
CA PHE A 434 -1.79 35.35 14.02
C PHE A 434 -2.69 35.77 12.88
N TYR A 435 -4.00 35.80 13.11
CA TYR A 435 -4.93 36.19 12.05
C TYR A 435 -4.72 37.65 11.66
N PHE A 436 -4.44 38.52 12.64
CA PHE A 436 -4.15 39.91 12.33
C PHE A 436 -2.88 40.02 11.49
N ASN A 437 -1.85 39.23 11.81
CA ASN A 437 -0.64 39.23 11.00
C ASN A 437 -0.93 38.77 9.59
N PHE A 438 -1.75 37.73 9.44
CA PHE A 438 -2.10 37.25 8.11
C PHE A 438 -2.82 38.34 7.32
N PHE A 439 -3.77 39.04 7.96
CA PHE A 439 -4.49 40.09 7.26
C PHE A 439 -3.57 41.24 6.86
N VAL A 440 -2.68 41.65 7.74
CA VAL A 440 -1.76 42.73 7.42
C VAL A 440 -0.85 42.31 6.27
N TYR A 441 -0.42 41.05 6.26
CA TYR A 441 0.43 40.59 5.17
C TYR A 441 -0.33 40.58 3.85
N CYS A 442 -1.60 40.16 3.87
CA CYS A 442 -2.38 40.20 2.64
C CYS A 442 -2.51 41.63 2.11
N LEU A 443 -2.77 42.58 3.00
CA LEU A 443 -2.81 43.98 2.57
C LEU A 443 -1.46 44.42 2.02
N TYR A 444 -0.38 44.04 2.67
CA TYR A 444 0.94 44.43 2.19
C TYR A 444 1.21 43.89 0.80
N MET A 445 0.84 42.63 0.55
CA MET A 445 1.09 42.07 -0.77
C MET A 445 0.20 42.71 -1.83
N ILE A 446 -1.03 43.06 -1.46
CA ILE A 446 -1.90 43.75 -2.43
C ILE A 446 -1.32 45.11 -2.78
N ILE A 447 -0.84 45.84 -1.78
CA ILE A 447 -0.24 47.14 -2.03
C ILE A 447 1.00 47.00 -2.91
N PHE A 448 1.85 46.01 -2.60
CA PHE A 448 3.06 45.80 -3.40
C PHE A 448 2.71 45.46 -4.84
N THR A 449 1.72 44.58 -5.04
CA THR A 449 1.31 44.23 -6.40
C THR A 449 0.78 45.43 -7.16
N ALA A 450 -0.08 46.23 -6.51
CA ALA A 450 -0.64 47.41 -7.19
C ALA A 450 0.45 48.43 -7.51
N ALA A 451 1.40 48.62 -6.60
CA ALA A 451 2.47 49.58 -6.85
C ALA A 451 3.37 49.12 -7.98
N ALA A 452 3.72 47.84 -8.02
CA ALA A 452 4.62 47.34 -9.06
C ALA A 452 3.93 47.21 -10.41
N TYR A 453 2.64 46.92 -10.43
CA TYR A 453 1.93 46.79 -11.69
C TYR A 453 1.92 48.10 -12.47
N TYR A 454 1.72 49.21 -11.77
CA TYR A 454 1.58 50.53 -12.39
C TYR A 454 2.86 51.33 -12.36
N ARG A 455 4.01 50.68 -12.47
CA ARG A 455 5.27 51.38 -12.47
C ARG A 455 5.41 52.22 -13.74
N PRO A 456 6.15 53.33 -13.68
CA PRO A 456 6.37 54.13 -14.89
C PRO A 456 7.23 53.38 -15.90
N VAL A 457 7.01 53.71 -17.17
CA VAL A 457 7.69 53.03 -18.27
C VAL A 457 8.59 53.96 -19.08
N GLU A 458 8.47 55.27 -18.92
CA GLU A 458 9.24 56.23 -19.70
C GLU A 458 10.34 56.82 -18.85
N GLY A 459 11.56 56.83 -19.38
CA GLY A 459 12.70 57.38 -18.70
C GLY A 459 13.56 56.32 -18.04
N LEU A 460 14.30 56.75 -17.03
CA LEU A 460 15.10 55.88 -16.17
C LEU A 460 14.88 56.32 -14.74
N PRO A 461 15.13 55.42 -13.78
CA PRO A 461 14.89 55.76 -12.38
C PRO A 461 16.01 56.62 -11.83
N PRO A 462 15.73 57.45 -10.81
CA PRO A 462 14.43 57.68 -10.17
C PRO A 462 13.50 58.50 -11.05
N TYR A 463 12.20 58.39 -10.80
CA TYR A 463 11.18 59.06 -11.62
C TYR A 463 10.63 60.25 -10.84
N LYS A 464 10.69 61.42 -11.46
CA LYS A 464 10.22 62.64 -10.81
C LYS A 464 8.74 62.53 -10.51
N LEU A 465 8.35 63.02 -9.34
CA LEU A 465 6.95 62.97 -8.93
C LEU A 465 6.13 63.99 -9.71
N LYS A 466 5.06 63.54 -10.32
CA LYS A 466 4.15 64.39 -11.09
C LYS A 466 2.92 64.71 -10.25
N ASN A 467 2.39 65.91 -10.46
CA ASN A 467 1.26 66.40 -9.67
C ASN A 467 -0.01 65.69 -10.10
N THR A 468 -0.28 64.54 -9.47
CA THR A 468 -1.49 63.79 -9.74
C THR A 468 -1.80 62.92 -8.53
N VAL A 469 -3.09 62.65 -8.31
CA VAL A 469 -3.47 61.76 -7.22
C VAL A 469 -2.90 60.37 -7.44
N GLY A 470 -2.99 59.87 -8.68
CA GLY A 470 -2.41 58.56 -8.97
C GLY A 470 -0.93 58.50 -8.64
N ASP A 471 -0.20 59.57 -8.94
CA ASP A 471 1.23 59.59 -8.64
C ASP A 471 1.46 59.50 -7.13
N TYR A 472 0.67 60.23 -6.35
CA TYR A 472 0.82 60.17 -4.90
C TYR A 472 0.50 58.76 -4.38
N PHE A 473 -0.56 58.15 -4.88
CA PHE A 473 -0.88 56.79 -4.46
C PHE A 473 0.26 55.85 -4.79
N ARG A 474 0.82 55.97 -6.00
CA ARG A 474 1.91 55.08 -6.42
C ARG A 474 3.13 55.25 -5.52
N VAL A 475 3.48 56.50 -5.19
CA VAL A 475 4.69 56.70 -4.41
C VAL A 475 4.49 56.23 -2.97
N THR A 476 3.30 56.45 -2.40
CA THR A 476 3.07 55.93 -1.05
C THR A 476 3.09 54.41 -1.05
N GLY A 477 2.53 53.77 -2.09
CA GLY A 477 2.63 52.33 -2.18
C GLY A 477 4.06 51.84 -2.24
N GLU A 478 4.90 52.52 -3.02
CA GLU A 478 6.31 52.13 -3.11
C GLU A 478 6.99 52.27 -1.76
N ILE A 479 6.71 53.36 -1.05
CA ILE A 479 7.31 53.56 0.28
C ILE A 479 6.90 52.45 1.22
N LEU A 480 5.62 52.09 1.22
CA LEU A 480 5.14 51.01 2.08
C LEU A 480 5.81 49.68 1.71
N SER A 481 5.96 49.42 0.42
CA SER A 481 6.59 48.18 -0.01
C SER A 481 8.02 48.09 0.50
N VAL A 482 8.79 49.17 0.33
CA VAL A 482 10.18 49.14 0.78
C VAL A 482 10.24 49.03 2.31
N SER A 483 9.30 49.66 3.01
CA SER A 483 9.28 49.52 4.47
C SER A 483 9.05 48.08 4.89
N GLY A 484 8.11 47.40 4.24
CA GLY A 484 7.91 45.99 4.52
C GLY A 484 9.15 45.16 4.22
N GLY A 485 9.83 45.48 3.13
CA GLY A 485 11.06 44.77 2.82
C GLY A 485 12.11 44.93 3.91
N VAL A 486 12.28 46.15 4.40
CA VAL A 486 13.23 46.40 5.48
C VAL A 486 12.83 45.63 6.72
N TYR A 487 11.53 45.62 7.02
CA TYR A 487 11.04 44.88 8.19
C TYR A 487 11.40 43.41 8.09
N PHE A 488 11.18 42.80 6.92
CA PHE A 488 11.49 41.38 6.78
C PHE A 488 12.98 41.12 6.84
N PHE A 489 13.78 42.03 6.27
CA PHE A 489 15.24 41.89 6.38
C PHE A 489 15.67 41.85 7.84
N PHE A 490 15.17 42.80 8.64
CA PHE A 490 15.60 42.87 10.04
C PHE A 490 15.06 41.70 10.84
N ARG A 491 13.84 41.26 10.56
CA ARG A 491 13.30 40.10 11.27
C ARG A 491 14.11 38.84 10.95
N GLY A 492 14.52 38.68 9.70
CA GLY A 492 15.36 37.55 9.36
C GLY A 492 16.71 37.59 10.05
N ILE A 493 17.34 38.77 10.08
CA ILE A 493 18.61 38.90 10.79
C ILE A 493 18.43 38.56 12.26
N GLN A 494 17.37 39.08 12.88
CA GLN A 494 17.12 38.80 14.28
C GLN A 494 16.94 37.31 14.53
N TYR A 495 16.16 36.64 13.69
CA TYR A 495 15.95 35.21 13.87
C TYR A 495 17.27 34.45 13.76
N PHE A 496 18.06 34.76 12.73
CA PHE A 496 19.30 34.03 12.53
C PHE A 496 20.26 34.25 13.69
N LEU A 497 20.33 35.47 14.20
CA LEU A 497 21.19 35.72 15.36
C LEU A 497 20.68 35.00 16.59
N GLN A 498 19.36 34.99 16.80
CA GLN A 498 18.81 34.30 17.97
C GLN A 498 19.13 32.82 17.93
N ARG A 499 18.63 32.11 16.91
CA ARG A 499 18.78 30.66 16.88
C ARG A 499 20.20 30.25 16.48
N ARG A 500 20.78 30.92 15.49
CA ARG A 500 22.08 30.56 14.95
C ARG A 500 22.14 29.10 14.52
N PRO A 501 21.28 28.67 13.60
CA PRO A 501 21.29 27.26 13.19
C PRO A 501 22.56 26.89 12.46
N SER A 502 22.90 25.60 12.52
CA SER A 502 24.10 25.12 11.87
C SER A 502 23.94 25.14 10.35
N LEU A 503 25.08 25.22 9.66
CA LEU A 503 25.04 25.31 8.20
C LEU A 503 24.38 24.07 7.59
N LYS A 504 24.71 22.89 8.10
CA LYS A 504 24.15 21.67 7.53
C LYS A 504 22.64 21.62 7.70
N SER A 505 22.14 22.00 8.87
CA SER A 505 20.71 21.94 9.17
C SER A 505 20.03 23.30 8.99
N LEU A 506 20.62 24.19 8.20
CA LEU A 506 20.04 25.50 7.98
C LEU A 506 18.72 25.40 7.23
N PHE A 507 18.71 24.68 6.10
CA PHE A 507 17.53 24.62 5.25
C PHE A 507 16.45 23.70 5.79
N VAL A 508 16.84 22.64 6.52
CA VAL A 508 15.86 21.65 6.95
C VAL A 508 14.86 22.28 7.91
N ASP A 509 15.32 23.12 8.83
CA ASP A 509 14.48 23.64 9.90
C ASP A 509 14.06 25.09 9.74
N SER A 510 14.64 25.81 8.79
CA SER A 510 14.36 27.24 8.61
C SER A 510 14.06 27.54 7.16
N TYR A 511 13.19 26.74 6.55
CA TYR A 511 12.83 26.96 5.16
C TYR A 511 12.08 28.27 4.98
N SER A 512 11.04 28.49 5.79
CA SER A 512 10.20 29.67 5.62
C SER A 512 10.95 30.94 5.98
N GLU A 513 11.76 30.91 7.03
CA GLU A 513 12.57 32.07 7.38
C GLU A 513 13.57 32.37 6.27
N ILE A 514 14.18 31.34 5.71
CA ILE A 514 15.11 31.53 4.60
C ILE A 514 14.39 32.20 3.43
N LEU A 515 13.18 31.74 3.10
CA LEU A 515 12.48 32.29 1.95
C LEU A 515 12.08 33.73 2.19
N PHE A 516 11.60 34.06 3.39
CA PHE A 516 11.27 35.46 3.67
C PHE A 516 12.51 36.34 3.61
N PHE A 517 13.63 35.86 4.14
CA PHE A 517 14.86 36.63 4.08
C PHE A 517 15.29 36.86 2.64
N VAL A 518 15.18 35.84 1.79
CA VAL A 518 15.59 36.00 0.40
C VAL A 518 14.68 36.99 -0.33
N GLN A 519 13.38 36.96 -0.01
CA GLN A 519 12.49 37.96 -0.59
C GLN A 519 12.90 39.37 -0.19
N SER A 520 13.23 39.57 1.09
CA SER A 520 13.68 40.87 1.53
C SER A 520 14.96 41.28 0.82
N LEU A 521 15.90 40.35 0.64
CA LEU A 521 17.12 40.66 -0.08
C LEU A 521 16.82 41.11 -1.50
N PHE A 522 15.90 40.42 -2.18
CA PHE A 522 15.58 40.80 -3.55
C PHE A 522 15.03 42.22 -3.60
N MET A 523 14.14 42.57 -2.68
CA MET A 523 13.59 43.92 -2.71
C MET A 523 14.66 44.97 -2.39
N LEU A 524 15.56 44.66 -1.46
CA LEU A 524 16.63 45.61 -1.14
C LEU A 524 17.55 45.83 -2.33
N VAL A 525 17.89 44.74 -3.04
CA VAL A 525 18.67 44.89 -4.27
C VAL A 525 17.91 45.75 -5.27
N SER A 526 16.59 45.56 -5.34
CA SER A 526 15.78 46.36 -6.27
C SER A 526 15.89 47.84 -5.95
N VAL A 527 15.75 48.20 -4.67
CA VAL A 527 15.80 49.62 -4.32
C VAL A 527 17.21 50.16 -4.56
N VAL A 528 18.24 49.37 -4.27
CA VAL A 528 19.60 49.82 -4.53
C VAL A 528 19.80 50.12 -6.01
N LEU A 529 19.29 49.24 -6.87
CA LEU A 529 19.38 49.50 -8.31
C LEU A 529 18.51 50.67 -8.73
N TYR A 530 17.44 50.95 -7.98
CA TYR A 530 16.52 52.02 -8.37
C TYR A 530 17.21 53.38 -8.31
N PHE A 531 18.01 53.61 -7.28
CA PHE A 531 18.67 54.90 -7.09
C PHE A 531 20.02 54.98 -7.79
N SER A 532 20.40 53.95 -8.54
CA SER A 532 21.63 53.97 -9.31
C SER A 532 21.37 54.16 -10.80
N GLN A 533 20.19 54.65 -11.16
CA GLN A 533 19.85 54.92 -12.55
C GLN A 533 20.04 53.67 -13.42
N ARG A 534 19.66 52.52 -12.88
CA ARG A 534 19.68 51.26 -13.62
C ARG A 534 18.25 50.78 -13.79
N LYS A 535 17.86 50.52 -15.05
CA LYS A 535 16.53 49.99 -15.32
C LYS A 535 16.39 48.53 -14.91
N GLU A 536 17.50 47.86 -14.59
CA GLU A 536 17.44 46.46 -14.19
C GLU A 536 16.74 46.25 -12.86
N TYR A 537 16.48 47.32 -12.10
CA TYR A 537 15.83 47.16 -10.81
C TYR A 537 14.54 46.37 -10.94
N VAL A 538 13.77 46.63 -12.00
CA VAL A 538 12.51 45.92 -12.18
C VAL A 538 12.73 44.41 -12.20
N ALA A 539 13.78 43.96 -12.89
CA ALA A 539 14.04 42.53 -12.98
C ALA A 539 14.21 41.91 -11.61
N SER A 540 14.78 42.64 -10.65
CA SER A 540 14.87 42.11 -9.29
C SER A 540 13.51 42.17 -8.60
N MET A 541 12.80 43.28 -8.76
CA MET A 541 11.57 43.50 -8.01
C MET A 541 10.56 42.39 -8.29
N VAL A 542 10.43 41.97 -9.55
CA VAL A 542 9.45 40.94 -9.88
C VAL A 542 9.78 39.64 -9.16
N PHE A 543 11.06 39.31 -9.01
CA PHE A 543 11.40 38.11 -8.27
C PHE A 543 10.97 38.22 -6.81
N SER A 544 10.94 39.43 -6.28
CA SER A 544 10.41 39.64 -4.93
C SER A 544 8.89 39.72 -4.92
N LEU A 545 8.27 39.93 -6.08
CA LEU A 545 6.82 39.92 -6.15
C LEU A 545 6.30 38.50 -6.28
N ALA A 546 6.73 37.79 -7.33
CA ALA A 546 6.34 36.40 -7.50
C ALA A 546 6.62 35.59 -6.24
N MET A 547 7.78 35.80 -5.63
CA MET A 547 8.10 35.10 -4.41
C MET A 547 7.17 35.51 -3.27
N GLY A 548 6.92 36.82 -3.15
CA GLY A 548 6.13 37.29 -2.03
C GLY A 548 4.77 36.64 -1.94
N TRP A 549 4.13 36.41 -3.08
CA TRP A 549 2.83 35.76 -3.07
C TRP A 549 2.94 34.31 -2.61
N THR A 550 3.92 33.57 -3.12
CA THR A 550 3.99 32.15 -2.81
C THR A 550 4.37 31.92 -1.36
N ASN A 551 5.16 32.81 -0.77
CA ASN A 551 5.45 32.73 0.65
C ASN A 551 4.19 32.75 1.49
N MET A 552 3.05 33.16 0.93
CA MET A 552 1.83 33.15 1.69
C MET A 552 1.43 31.74 2.11
N LEU A 553 1.98 30.70 1.48
CA LEU A 553 1.71 29.36 1.96
C LEU A 553 2.17 29.15 3.39
N TYR A 554 3.12 29.96 3.87
CA TYR A 554 3.50 29.87 5.28
C TYR A 554 2.28 29.94 6.17
N TYR A 555 1.35 30.85 5.85
CA TYR A 555 0.19 31.04 6.71
C TYR A 555 -0.78 29.88 6.65
N THR A 556 -0.73 29.04 5.61
CA THR A 556 -1.56 27.85 5.62
C THR A 556 -1.20 26.93 6.78
N ARG A 557 -0.01 27.11 7.36
CA ARG A 557 0.37 26.30 8.52
C ARG A 557 -0.43 26.67 9.76
N GLY A 558 -1.21 27.75 9.71
CA GLY A 558 -2.10 28.15 10.78
C GLY A 558 -3.48 27.53 10.71
N PHE A 559 -3.69 26.56 9.83
CA PHE A 559 -4.94 25.83 9.72
C PHE A 559 -4.64 24.35 9.78
N GLN A 560 -5.64 23.56 10.16
CA GLN A 560 -5.43 22.14 10.36
C GLN A 560 -5.44 21.38 9.04
N GLN A 561 -6.55 21.41 8.33
CA GLN A 561 -6.67 20.64 7.09
C GLN A 561 -5.83 21.14 5.92
N MET A 562 -5.59 22.44 5.88
CA MET A 562 -4.85 23.04 4.78
C MET A 562 -3.36 23.15 5.04
N GLY A 563 -2.88 22.69 6.19
CA GLY A 563 -1.51 22.94 6.55
C GLY A 563 -0.50 21.98 5.98
N ILE A 564 -0.93 20.87 5.37
CA ILE A 564 0.02 19.87 4.89
C ILE A 564 0.58 20.22 3.53
N TYR A 565 -0.08 21.08 2.75
CA TYR A 565 0.42 21.39 1.42
C TYR A 565 1.77 22.07 1.48
N ALA A 566 1.95 22.99 2.41
CA ALA A 566 3.25 23.65 2.57
C ALA A 566 4.32 22.64 2.96
N VAL A 567 3.99 21.72 3.85
CA VAL A 567 4.95 20.71 4.28
C VAL A 567 5.36 19.83 3.10
N MET A 568 4.39 19.41 2.30
CA MET A 568 4.70 18.59 1.12
C MET A 568 5.57 19.34 0.14
N ILE A 569 5.26 20.61 -0.12
CA ILE A 569 6.06 21.37 -1.07
C ILE A 569 7.49 21.50 -0.57
N GLU A 570 7.66 21.81 0.72
CA GLU A 570 9.00 21.92 1.26
C GLU A 570 9.77 20.61 1.15
N LYS A 571 9.14 19.50 1.55
CA LYS A 571 9.85 18.23 1.53
C LYS A 571 10.19 17.82 0.10
N MET A 572 9.27 18.02 -0.84
CA MET A 572 9.51 17.61 -2.21
C MET A 572 10.48 18.54 -2.94
N ILE A 573 10.72 19.74 -2.42
CA ILE A 573 11.75 20.59 -3.00
C ILE A 573 13.12 20.39 -2.37
N LEU A 574 13.18 19.92 -1.12
CA LEU A 574 14.47 19.75 -0.46
C LEU A 574 15.02 18.33 -0.52
N ARG A 575 14.17 17.32 -0.62
CA ARG A 575 14.62 15.93 -0.59
C ARG A 575 14.59 15.25 -1.94
N ASP A 576 13.47 15.25 -2.64
CA ASP A 576 13.34 14.47 -3.86
C ASP A 576 13.96 15.21 -5.05
N LEU A 577 13.43 16.41 -5.34
CA LEU A 577 13.90 17.14 -6.52
C LEU A 577 15.36 17.52 -6.39
N CYS A 578 15.78 17.92 -5.20
CA CYS A 578 17.16 18.38 -5.02
C CYS A 578 18.17 17.32 -5.44
N ARG A 579 18.01 16.09 -4.95
CA ARG A 579 18.95 15.03 -5.25
C ARG A 579 18.62 14.28 -6.53
N PHE A 580 17.45 14.50 -7.12
CA PHE A 580 17.21 14.01 -8.47
C PHE A 580 17.80 14.92 -9.53
N MET A 581 18.13 16.15 -9.15
CA MET A 581 18.73 17.11 -10.07
C MET A 581 20.04 16.53 -10.61
N PHE A 582 20.86 15.98 -9.72
CA PHE A 582 22.15 15.42 -10.12
C PHE A 582 21.98 14.27 -11.09
N VAL A 583 21.02 13.38 -10.81
CA VAL A 583 20.79 12.23 -11.68
C VAL A 583 20.30 12.69 -13.04
N TYR A 584 19.51 13.75 -13.09
CA TYR A 584 19.00 14.21 -14.38
C TYR A 584 20.05 14.96 -15.18
N LEU A 585 20.94 15.71 -14.52
CA LEU A 585 21.81 16.60 -15.26
C LEU A 585 22.88 15.85 -16.03
N VAL A 586 23.33 14.69 -15.56
CA VAL A 586 24.27 13.92 -16.36
C VAL A 586 23.62 13.50 -17.66
N PHE A 587 22.36 13.05 -17.62
CA PHE A 587 21.66 12.71 -18.85
C PHE A 587 21.52 13.92 -19.75
N LEU A 588 21.03 15.03 -19.20
CA LEU A 588 20.82 16.22 -20.02
C LEU A 588 22.11 16.66 -20.69
N PHE A 589 23.19 16.79 -19.92
CA PHE A 589 24.44 17.30 -20.49
C PHE A 589 25.06 16.30 -21.45
N GLY A 590 25.06 15.01 -21.10
CA GLY A 590 25.63 14.03 -22.01
C GLY A 590 24.96 14.05 -23.37
N PHE A 591 23.62 14.00 -23.37
CA PHE A 591 22.93 13.95 -24.66
C PHE A 591 22.97 15.30 -25.37
N SER A 592 23.01 16.41 -24.63
CA SER A 592 23.11 17.72 -25.26
C SER A 592 24.45 17.88 -25.96
N THR A 593 25.55 17.55 -25.27
CA THR A 593 26.85 17.63 -25.91
C THR A 593 26.96 16.67 -27.08
N ALA A 594 26.43 15.46 -26.93
CA ALA A 594 26.47 14.50 -28.03
C ALA A 594 25.73 15.03 -29.25
N VAL A 595 24.53 15.57 -29.06
CA VAL A 595 23.76 16.05 -30.19
C VAL A 595 24.43 17.24 -30.84
N VAL A 596 24.96 18.17 -30.04
CA VAL A 596 25.61 19.33 -30.61
C VAL A 596 26.84 18.91 -31.40
N THR A 597 27.64 17.99 -30.86
CA THR A 597 28.81 17.51 -31.57
C THR A 597 28.45 16.82 -32.87
N LEU A 598 27.36 16.04 -32.86
CA LEU A 598 27.04 15.21 -34.02
C LEU A 598 26.71 16.04 -35.25
N ILE A 599 26.14 17.23 -35.08
CA ILE A 599 25.62 17.99 -36.21
C ILE A 599 26.27 19.36 -36.31
N GLU A 600 27.53 19.46 -35.91
CA GLU A 600 28.23 20.74 -36.03
C GLU A 600 28.41 21.14 -37.49
N ASP A 601 28.73 20.17 -38.34
CA ASP A 601 29.00 20.45 -39.75
C ASP A 601 27.84 21.19 -40.41
N SER A 626 17.29 24.69 -34.69
CA SER A 626 17.06 24.88 -33.26
C SER A 626 18.14 24.20 -32.43
N TYR A 627 18.82 23.23 -33.04
CA TYR A 627 19.91 22.51 -32.39
C TYR A 627 21.27 23.11 -32.72
N ASN A 628 21.32 24.43 -32.95
CA ASN A 628 22.56 25.06 -33.39
C ASN A 628 23.51 25.29 -32.22
N SER A 629 23.01 25.87 -31.13
CA SER A 629 23.84 26.18 -29.99
C SER A 629 23.69 25.12 -28.90
N LEU A 630 24.52 25.23 -27.87
CA LEU A 630 24.40 24.33 -26.74
C LEU A 630 23.23 24.72 -25.84
N TYR A 631 22.98 26.02 -25.68
CA TYR A 631 21.84 26.46 -24.87
C TYR A 631 20.53 25.96 -25.47
N SER A 632 20.36 26.14 -26.78
CA SER A 632 19.10 25.76 -27.41
C SER A 632 18.92 24.25 -27.43
N THR A 633 20.02 23.51 -27.61
CA THR A 633 19.91 22.06 -27.53
C THR A 633 19.51 21.62 -26.13
N CYS A 634 20.10 22.22 -25.10
CA CYS A 634 19.71 21.88 -23.74
C CYS A 634 18.24 22.20 -23.50
N LEU A 635 17.78 23.36 -23.97
CA LEU A 635 16.39 23.72 -23.77
C LEU A 635 15.46 22.75 -24.49
N GLU A 636 15.76 22.41 -25.74
CA GLU A 636 14.91 21.49 -26.48
C GLU A 636 14.88 20.12 -25.83
N LEU A 637 16.03 19.64 -25.35
CA LEU A 637 16.04 18.35 -24.69
C LEU A 637 15.27 18.38 -23.37
N PHE A 638 15.35 19.50 -22.64
CA PHE A 638 14.53 19.61 -21.43
C PHE A 638 13.05 19.60 -21.77
N LYS A 639 12.67 20.28 -22.85
CA LYS A 639 11.28 20.24 -23.28
C LYS A 639 10.86 18.81 -23.60
N PHE A 640 11.76 18.03 -24.22
CA PHE A 640 11.46 16.62 -24.44
C PHE A 640 11.23 15.89 -23.13
N THR A 641 12.04 16.19 -22.10
CA THR A 641 11.93 15.48 -20.84
C THR A 641 10.58 15.69 -20.16
N ILE A 642 9.89 16.80 -20.44
CA ILE A 642 8.60 17.06 -19.83
C ILE A 642 7.46 16.88 -20.84
N GLY A 643 7.69 16.07 -21.87
CA GLY A 643 6.62 15.77 -22.81
C GLY A 643 6.08 16.96 -23.55
N MET A 644 6.92 17.96 -23.82
CA MET A 644 6.48 19.24 -24.37
C MET A 644 7.24 19.59 -25.64
N GLY A 645 7.93 18.64 -26.26
CA GLY A 645 8.69 18.88 -27.46
C GLY A 645 8.08 18.23 -28.68
N ASP A 646 8.67 18.54 -29.83
CA ASP A 646 8.23 18.03 -31.13
C ASP A 646 9.34 17.21 -31.76
N LEU A 647 9.05 15.95 -32.05
CA LEU A 647 9.93 15.11 -32.86
C LEU A 647 9.55 15.31 -34.32
N GLU A 648 10.43 15.94 -35.08
CA GLU A 648 10.15 16.30 -36.47
C GLU A 648 11.01 15.55 -37.47
N PHE A 649 12.34 15.55 -37.29
CA PHE A 649 13.25 14.93 -38.24
C PHE A 649 13.01 15.49 -39.64
N THR A 650 12.77 16.80 -39.72
CA THR A 650 12.49 17.45 -40.99
C THR A 650 13.74 17.97 -41.67
N GLU A 651 14.63 18.62 -40.93
CA GLU A 651 15.87 19.10 -41.53
C GLU A 651 16.79 17.94 -41.85
N ASN A 652 17.59 18.11 -42.91
CA ASN A 652 18.43 17.04 -43.43
C ASN A 652 19.83 17.20 -42.86
N TYR A 653 19.99 16.75 -41.61
CA TYR A 653 21.29 16.80 -40.97
C TYR A 653 22.23 15.77 -41.58
N ASP A 654 23.46 15.75 -41.10
CA ASP A 654 24.38 14.66 -41.35
C ASP A 654 24.15 13.59 -40.30
N PHE A 655 24.32 12.33 -40.71
CA PHE A 655 24.10 11.20 -39.81
C PHE A 655 22.68 11.25 -39.24
N LYS A 656 21.69 11.36 -40.13
CA LYS A 656 20.32 11.54 -39.67
C LYS A 656 19.85 10.36 -38.84
N ALA A 657 20.21 9.13 -39.24
CA ALA A 657 19.79 7.97 -38.49
C ALA A 657 20.34 7.99 -37.07
N VAL A 658 21.61 8.38 -36.92
CA VAL A 658 22.20 8.43 -35.59
C VAL A 658 21.54 9.51 -34.75
N PHE A 659 21.19 10.64 -35.36
CA PHE A 659 20.47 11.69 -34.65
C PHE A 659 19.12 11.20 -34.16
N ILE A 660 18.38 10.49 -35.03
CA ILE A 660 17.09 9.95 -34.64
C ILE A 660 17.25 8.94 -33.51
N ILE A 661 18.27 8.09 -33.59
CA ILE A 661 18.50 7.10 -32.55
C ILE A 661 18.79 7.79 -31.22
N LEU A 662 19.65 8.81 -31.24
CA LEU A 662 19.98 9.51 -30.00
C LEU A 662 18.74 10.16 -29.39
N LEU A 663 17.94 10.85 -30.21
CA LEU A 663 16.76 11.51 -29.66
C LEU A 663 15.74 10.51 -29.13
N LEU A 664 15.54 9.39 -29.81
CA LEU A 664 14.57 8.41 -29.32
C LEU A 664 15.05 7.78 -28.03
N ALA A 665 16.35 7.48 -27.92
CA ALA A 665 16.87 6.95 -26.67
C ALA A 665 16.70 7.95 -25.55
N TYR A 666 16.96 9.24 -25.83
CA TYR A 666 16.78 10.26 -24.80
C TYR A 666 15.33 10.35 -24.36
N VAL A 667 14.40 10.35 -25.31
CA VAL A 667 12.98 10.48 -24.96
C VAL A 667 12.53 9.29 -24.14
N ILE A 668 12.94 8.07 -24.52
CA ILE A 668 12.53 6.90 -23.76
C ILE A 668 13.18 6.88 -22.39
N LEU A 669 14.42 7.37 -22.29
CA LEU A 669 15.14 7.27 -21.02
C LEU A 669 14.67 8.32 -20.02
N THR A 670 14.35 9.53 -20.47
CA THR A 670 14.01 10.60 -19.56
C THR A 670 12.52 10.87 -19.45
N TYR A 671 11.77 10.81 -20.54
CA TYR A 671 10.35 11.09 -20.45
C TYR A 671 9.56 9.91 -19.90
N ILE A 672 9.98 8.68 -20.18
CA ILE A 672 9.18 7.51 -19.83
C ILE A 672 9.74 6.84 -18.60
N LEU A 673 11.04 6.98 -18.37
CA LEU A 673 11.72 6.17 -17.38
C LEU A 673 12.21 6.96 -16.17
N LEU A 674 12.79 8.14 -16.37
CA LEU A 674 13.24 8.96 -15.25
C LEU A 674 12.15 9.87 -14.70
N LEU A 675 11.38 10.52 -15.57
CA LEU A 675 10.33 11.41 -15.08
C LEU A 675 9.33 10.64 -14.22
N ASN A 676 8.95 9.44 -14.66
CA ASN A 676 7.99 8.67 -13.89
C ASN A 676 8.61 8.12 -12.61
N MET A 677 9.92 7.90 -12.60
CA MET A 677 10.61 7.54 -11.36
C MET A 677 10.53 8.69 -10.35
N LEU A 678 10.78 9.91 -10.82
CA LEU A 678 10.64 11.07 -9.94
C LEU A 678 9.22 11.19 -9.42
N ILE A 679 8.24 10.99 -10.29
CA ILE A 679 6.85 11.13 -9.88
C ILE A 679 6.49 10.07 -8.85
N ALA A 680 7.01 8.84 -9.02
CA ALA A 680 6.75 7.80 -8.04
C ALA A 680 7.35 8.14 -6.68
N LEU A 681 8.57 8.67 -6.68
CA LEU A 681 9.17 9.05 -5.40
C LEU A 681 8.42 10.20 -4.73
N MET A 682 8.01 11.19 -5.53
CA MET A 682 7.22 12.28 -4.98
C MET A 682 5.91 11.76 -4.39
N GLY A 683 5.25 10.84 -5.09
CA GLY A 683 4.04 10.26 -4.54
C GLY A 683 4.29 9.52 -3.25
N GLU A 684 5.43 8.84 -3.15
CA GLU A 684 5.78 8.17 -1.89
C GLU A 684 5.89 9.18 -0.76
N THR A 685 6.57 10.30 -1.00
CA THR A 685 6.69 11.33 0.03
C THR A 685 5.33 11.87 0.42
N VAL A 686 4.50 12.17 -0.57
CA VAL A 686 3.18 12.75 -0.30
C VAL A 686 2.36 11.78 0.54
N ASN A 687 2.43 10.51 0.16
CA ASN A 687 1.72 9.46 0.87
C ASN A 687 2.18 9.32 2.31
N LYS A 688 3.49 9.42 2.50
CA LYS A 688 4.08 9.24 3.82
C LYS A 688 3.71 10.39 4.76
N ILE A 689 3.74 11.63 4.28
CA ILE A 689 3.47 12.76 5.16
C ILE A 689 2.04 13.26 5.02
N ALA A 690 1.17 12.50 4.36
CA ALA A 690 -0.26 12.79 4.36
C ALA A 690 -1.01 11.99 5.42
N GLN A 691 -0.44 10.88 5.89
CA GLN A 691 -1.05 10.17 7.01
C GLN A 691 -0.91 10.97 8.31
N GLU A 692 0.25 11.58 8.52
CA GLU A 692 0.55 12.25 9.79
C GLU A 692 0.14 13.72 9.74
N SER A 693 -1.15 13.95 9.47
CA SER A 693 -1.66 15.31 9.47
C SER A 693 -1.67 15.91 10.87
N LYS A 694 -2.20 15.17 11.84
CA LYS A 694 -2.38 15.70 13.18
C LYS A 694 -1.04 16.11 13.77
N ASN A 695 -0.07 15.20 13.77
CA ASN A 695 1.23 15.50 14.38
C ASN A 695 1.89 16.68 13.71
N ILE A 696 1.87 16.70 12.38
CA ILE A 696 2.56 17.75 11.64
C ILE A 696 1.97 19.10 11.98
N TRP A 697 0.65 19.23 11.91
CA TRP A 697 0.10 20.58 12.11
C TRP A 697 0.16 20.95 13.58
N LYS A 698 0.14 19.98 14.49
CA LYS A 698 0.34 20.28 15.90
C LYS A 698 1.71 20.89 16.13
N LEU A 699 2.74 20.29 15.56
CA LEU A 699 4.09 20.81 15.74
C LEU A 699 4.22 22.20 15.13
N GLN A 700 3.66 22.40 13.94
CA GLN A 700 3.75 23.72 13.31
C GLN A 700 3.02 24.78 14.14
N ARG A 701 1.84 24.42 14.68
CA ARG A 701 1.13 25.34 15.55
C ARG A 701 1.95 25.67 16.79
N ALA A 702 2.62 24.67 17.36
CA ALA A 702 3.44 24.92 18.54
C ALA A 702 4.58 25.89 18.22
N ILE A 703 5.23 25.69 17.08
CA ILE A 703 6.34 26.57 16.70
C ILE A 703 5.84 27.99 16.50
N THR A 704 4.72 28.17 15.80
CA THR A 704 4.21 29.52 15.59
C THR A 704 3.78 30.16 16.90
N ILE A 705 3.22 29.37 17.83
CA ILE A 705 2.86 29.92 19.14
C ILE A 705 4.11 30.43 19.85
N LEU A 706 5.17 29.63 19.83
CA LEU A 706 6.41 30.06 20.48
C LEU A 706 6.91 31.35 19.87
N ASP A 707 6.97 31.42 18.53
CA ASP A 707 7.49 32.62 17.89
C ASP A 707 6.61 33.83 18.17
N THR A 708 5.30 33.68 18.11
CA THR A 708 4.41 34.80 18.41
C THR A 708 4.60 35.30 19.83
N GLU A 709 4.70 34.39 20.79
CA GLU A 709 4.89 34.81 22.18
C GLU A 709 6.22 35.52 22.35
N LYS A 710 7.27 35.01 21.69
CA LYS A 710 8.61 35.58 21.87
C LYS A 710 8.80 36.89 21.14
N SER A 711 8.03 37.15 20.07
CA SER A 711 8.26 38.35 19.27
C SER A 711 7.94 39.62 20.05
N PHE A 712 6.75 39.66 20.66
CA PHE A 712 6.26 40.85 21.35
C PHE A 712 6.35 40.60 22.85
N LEU A 713 7.27 41.31 23.52
CA LEU A 713 7.46 41.11 24.95
C LEU A 713 6.21 41.47 25.74
N LYS A 714 5.56 42.58 25.38
CA LYS A 714 4.29 42.92 26.01
C LYS A 714 3.28 41.79 25.83
N CYS A 715 3.34 41.07 24.72
CA CYS A 715 2.46 39.93 24.52
C CYS A 715 2.72 38.85 25.56
N MET A 716 3.99 38.56 25.83
CA MET A 716 4.30 37.59 26.88
C MET A 716 3.84 38.08 28.23
N ARG A 717 4.04 39.36 28.53
CA ARG A 717 3.63 39.90 29.82
C ARG A 717 2.13 39.79 30.00
N LYS A 718 1.36 40.09 28.97
CA LYS A 718 -0.10 40.07 29.03
C LYS A 718 -0.68 38.70 28.67
N ALA A 719 0.16 37.70 28.43
CA ALA A 719 -0.32 36.41 27.95
C ALA A 719 -1.23 35.74 28.97
N PHE A 720 -0.89 35.83 30.25
CA PHE A 720 -1.53 35.00 31.27
C PHE A 720 -1.42 33.53 30.87
N ARG A 721 -0.21 33.14 30.48
CA ARG A 721 0.01 31.80 29.96
C ARG A 721 -0.34 30.73 30.99
N SER A 722 0.06 30.94 32.24
CA SER A 722 -0.21 29.98 33.29
C SER A 722 -1.63 30.17 33.83
N GLY A 723 -2.18 29.07 34.36
CA GLY A 723 -3.52 29.13 34.92
C GLY A 723 -3.60 30.00 36.15
N LYS A 724 -2.57 29.96 36.99
CA LYS A 724 -2.56 30.73 38.23
C LYS A 724 -1.21 30.51 38.90
N LEU A 725 -0.90 31.38 39.87
CA LEU A 725 0.29 31.28 40.71
C LEU A 725 -0.18 31.21 42.15
N LEU A 726 -0.46 30.01 42.63
CA LEU A 726 -1.04 29.81 43.95
C LEU A 726 -0.18 28.84 44.75
N GLN A 727 -0.17 29.03 46.06
CA GLN A 727 0.53 28.14 46.99
C GLN A 727 -0.48 27.11 47.47
N VAL A 728 -0.36 25.89 46.95
CA VAL A 728 -1.30 24.81 47.24
C VAL A 728 -0.74 23.82 48.26
N GLY A 729 0.36 24.17 48.94
CA GLY A 729 0.93 23.28 49.93
C GLY A 729 1.94 24.01 50.79
N PHE A 730 2.36 23.33 51.85
CA PHE A 730 3.37 23.83 52.77
C PHE A 730 4.60 22.93 52.67
N THR A 731 5.76 23.55 52.48
CA THR A 731 6.99 22.80 52.31
C THR A 731 7.48 22.25 53.65
N PRO A 732 8.24 21.15 53.63
CA PRO A 732 8.82 20.65 54.89
C PRO A 732 9.77 21.62 55.54
N ASP A 733 10.35 22.56 54.78
CA ASP A 733 11.17 23.60 55.38
C ASP A 733 10.36 24.49 56.32
N GLY A 734 9.03 24.45 56.21
CA GLY A 734 8.16 25.26 57.04
C GLY A 734 7.56 26.47 56.35
N LYS A 735 7.99 26.79 55.14
CA LYS A 735 7.50 27.93 54.40
C LYS A 735 6.66 27.46 53.22
N ASP A 736 5.41 27.90 53.16
CA ASP A 736 4.56 27.61 52.02
C ASP A 736 5.10 28.32 50.78
N ASP A 737 5.07 27.62 49.65
CA ASP A 737 5.61 28.11 48.40
C ASP A 737 4.49 28.37 47.40
N TYR A 738 4.58 29.49 46.70
CA TYR A 738 3.61 29.86 45.68
C TYR A 738 4.07 29.29 44.34
N ARG A 739 3.33 28.31 43.82
CA ARG A 739 3.71 27.60 42.61
C ARG A 739 2.69 27.86 41.50
N TRP A 740 3.20 27.90 40.28
CA TRP A 740 2.33 28.10 39.12
C TRP A 740 1.67 26.79 38.72
N CYS A 741 0.44 26.88 38.26
CA CYS A 741 -0.34 25.67 37.99
C CYS A 741 -1.52 26.01 37.10
N PHE A 742 -2.12 24.96 36.55
CA PHE A 742 -3.29 25.08 35.69
C PHE A 742 -4.10 23.81 35.77
N ARG A 743 -5.41 23.94 35.58
CA ARG A 743 -6.31 22.80 35.66
C ARG A 743 -6.19 21.95 34.40
N VAL A 744 -6.23 20.63 34.57
CA VAL A 744 -6.29 19.70 33.45
C VAL A 744 -7.22 18.56 33.82
N ASP A 745 -8.47 18.62 33.36
CA ASP A 745 -9.46 17.58 33.66
C ASP A 745 -9.40 16.51 32.58
N GLU A 746 -9.26 15.26 33.03
CA GLU A 746 -9.15 14.12 32.13
C GLU A 746 -10.25 13.11 32.45
N VAL A 747 -10.86 12.56 31.41
CA VAL A 747 -12.01 11.68 31.53
C VAL A 747 -11.53 10.23 31.48
N ASN A 748 -11.81 9.48 32.54
CA ASN A 748 -11.51 8.04 32.57
C ASN A 748 -12.59 7.37 33.43
N TRP A 749 -13.66 6.92 32.77
CA TRP A 749 -14.79 6.29 33.46
C TRP A 749 -14.80 4.78 33.35
N THR A 750 -14.20 4.22 32.30
CA THR A 750 -14.17 2.77 32.16
C THR A 750 -13.42 2.12 33.31
N THR A 751 -12.30 2.71 33.71
CA THR A 751 -11.52 2.16 34.82
C THR A 751 -12.22 2.32 36.16
N TRP A 752 -13.30 3.09 36.22
CA TRP A 752 -14.06 3.30 37.46
C TRP A 752 -13.13 3.67 38.61
N SER B 197 -27.07 26.46 41.19
CA SER B 197 -26.52 26.39 39.84
C SER B 197 -25.60 25.18 39.71
N TYR B 198 -24.33 25.36 40.10
CA TYR B 198 -23.38 24.26 40.03
C TYR B 198 -23.78 23.12 40.96
N TYR B 199 -24.15 23.44 42.20
CA TYR B 199 -24.46 22.47 43.24
C TYR B 199 -25.95 22.45 43.56
N LYS B 200 -26.79 22.54 42.53
CA LYS B 200 -28.23 22.63 42.71
C LYS B 200 -28.82 21.24 42.79
N GLY B 201 -29.22 20.84 44.01
CA GLY B 201 -29.90 19.58 44.22
C GLY B 201 -29.00 18.40 44.53
N GLN B 202 -27.69 18.55 44.37
CA GLN B 202 -26.77 17.45 44.62
C GLN B 202 -26.60 17.25 46.13
N THR B 203 -26.69 16.01 46.58
CA THR B 203 -26.60 15.66 47.99
C THR B 203 -25.64 14.49 48.18
N ALA B 204 -25.43 14.12 49.44
CA ALA B 204 -24.45 13.08 49.77
C ALA B 204 -24.80 11.73 49.16
N LEU B 205 -26.07 11.52 48.77
CA LEU B 205 -26.44 10.27 48.14
C LEU B 205 -25.67 10.07 46.83
N HIS B 206 -25.54 11.13 46.03
CA HIS B 206 -24.76 11.03 44.79
C HIS B 206 -23.30 10.71 45.09
N ILE B 207 -22.74 11.34 46.13
CA ILE B 207 -21.33 11.14 46.44
C ILE B 207 -21.08 9.71 46.91
N ALA B 208 -22.00 9.17 47.70
CA ALA B 208 -21.91 7.76 48.07
C ALA B 208 -22.04 6.87 46.83
N ILE B 209 -22.94 7.22 45.92
CA ILE B 209 -23.11 6.44 44.69
C ILE B 209 -21.78 6.36 43.94
N GLU B 210 -21.28 7.51 43.50
CA GLU B 210 -20.15 7.52 42.58
C GLU B 210 -18.91 6.88 43.19
N ARG B 211 -18.82 6.84 44.51
CA ARG B 211 -17.68 6.22 45.18
C ARG B 211 -17.88 4.73 45.42
N ARG B 212 -19.05 4.19 45.10
CA ARG B 212 -19.37 2.78 45.34
C ARG B 212 -19.36 2.47 46.84
N ASN B 213 -20.27 3.12 47.56
CA ASN B 213 -20.53 2.84 48.97
C ASN B 213 -21.87 2.14 49.06
N MET B 214 -21.85 0.85 49.37
CA MET B 214 -23.08 0.06 49.41
C MET B 214 -24.02 0.54 50.50
N THR B 215 -23.48 0.88 51.66
CA THR B 215 -24.30 1.17 52.83
C THR B 215 -24.76 2.62 52.93
N LEU B 216 -23.97 3.56 52.40
CA LEU B 216 -24.33 4.97 52.53
C LEU B 216 -25.61 5.29 51.78
N VAL B 217 -25.79 4.73 50.58
CA VAL B 217 -27.02 4.95 49.83
C VAL B 217 -28.20 4.39 50.60
N THR B 218 -28.04 3.19 51.18
CA THR B 218 -29.12 2.60 51.94
C THR B 218 -29.49 3.50 53.12
N LEU B 219 -28.50 4.02 53.83
CA LEU B 219 -28.78 4.91 54.95
C LEU B 219 -29.51 6.16 54.48
N LEU B 220 -29.03 6.78 53.41
CA LEU B 220 -29.63 8.03 52.94
C LEU B 220 -31.07 7.82 52.49
N VAL B 221 -31.35 6.73 51.77
CA VAL B 221 -32.70 6.49 51.30
C VAL B 221 -33.58 5.92 52.39
N GLU B 222 -33.00 5.41 53.48
CA GLU B 222 -33.79 5.12 54.68
C GLU B 222 -34.16 6.41 55.40
N ASN B 223 -33.31 7.43 55.31
CA ASN B 223 -33.58 8.71 55.96
C ASN B 223 -34.77 9.44 55.35
N GLY B 224 -35.27 8.99 54.21
CA GLY B 224 -36.42 9.61 53.58
C GLY B 224 -36.09 10.62 52.51
N ALA B 225 -34.84 10.70 52.07
CA ALA B 225 -34.46 11.64 51.02
C ALA B 225 -35.31 11.41 49.77
N ASP B 226 -35.82 12.50 49.21
CA ASP B 226 -36.74 12.42 48.08
C ASP B 226 -35.94 12.22 46.80
N VAL B 227 -35.81 10.96 46.37
CA VAL B 227 -35.09 10.65 45.14
C VAL B 227 -35.83 11.12 43.89
N GLN B 228 -37.06 11.59 44.04
CA GLN B 228 -37.74 12.20 42.90
C GLN B 228 -37.02 13.46 42.45
N ALA B 229 -36.54 14.26 43.40
CA ALA B 229 -35.84 15.50 43.06
C ALA B 229 -34.59 15.19 42.25
N ALA B 230 -34.30 16.07 41.29
CA ALA B 230 -33.17 15.89 40.38
C ALA B 230 -32.13 16.97 40.64
N ALA B 231 -30.86 16.59 40.49
CA ALA B 231 -29.73 17.50 40.65
C ALA B 231 -29.17 17.86 39.29
N ASN B 232 -29.03 19.16 39.02
CA ASN B 232 -28.53 19.65 37.76
C ASN B 232 -27.42 20.66 38.02
N GLY B 233 -26.46 20.71 37.09
CA GLY B 233 -25.37 21.66 37.20
C GLY B 233 -24.61 21.76 35.89
N ASP B 234 -23.72 22.74 35.84
CA ASP B 234 -22.92 22.95 34.63
C ASP B 234 -22.07 21.73 34.32
N PHE B 235 -21.47 21.12 35.35
CA PHE B 235 -20.68 19.92 35.14
C PHE B 235 -21.54 18.77 34.60
N PHE B 236 -22.82 18.73 35.00
CA PHE B 236 -23.68 17.63 34.56
C PHE B 236 -24.15 17.82 33.13
N LYS B 237 -24.44 19.06 32.73
CA LYS B 237 -25.00 19.33 31.41
C LYS B 237 -24.00 18.97 30.32
N LYS B 238 -24.53 18.51 29.19
CA LYS B 238 -23.70 18.12 28.05
C LYS B 238 -23.34 19.36 27.24
N THR B 239 -22.39 20.12 27.77
CA THR B 239 -21.93 21.36 27.13
C THR B 239 -20.45 21.22 26.80
N LYS B 240 -20.11 21.44 25.53
CA LYS B 240 -18.72 21.38 25.12
C LYS B 240 -17.92 22.57 25.64
N GLY B 241 -18.59 23.71 25.86
CA GLY B 241 -17.92 24.89 26.35
C GLY B 241 -17.38 24.76 27.77
N ARG B 242 -17.86 23.79 28.52
CA ARG B 242 -17.42 23.56 29.89
C ARG B 242 -17.07 22.10 30.09
N PRO B 243 -16.11 21.79 30.96
CA PRO B 243 -15.85 20.39 31.30
C PRO B 243 -17.00 19.82 32.12
N GLY B 244 -17.25 18.53 31.95
CA GLY B 244 -18.31 17.89 32.68
C GLY B 244 -18.54 16.48 32.21
N PHE B 245 -19.36 15.77 32.99
CA PHE B 245 -19.77 14.40 32.70
C PHE B 245 -21.29 14.33 32.80
N TYR B 246 -21.92 13.76 31.77
CA TYR B 246 -23.37 13.68 31.69
C TYR B 246 -23.84 12.36 32.27
N PHE B 247 -24.76 12.44 33.25
CA PHE B 247 -25.38 11.25 33.83
C PHE B 247 -26.86 11.46 34.07
N GLY B 248 -27.51 12.28 33.23
CA GLY B 248 -28.90 12.59 33.45
C GLY B 248 -29.07 13.58 34.59
N GLU B 249 -30.31 13.65 35.08
CA GLU B 249 -30.66 14.50 36.20
C GLU B 249 -31.22 13.74 37.40
N LEU B 250 -31.96 12.66 37.17
CA LEU B 250 -32.53 11.89 38.26
C LEU B 250 -31.41 11.20 39.04
N PRO B 251 -31.48 11.21 40.38
CA PRO B 251 -30.46 10.48 41.16
C PRO B 251 -30.41 8.99 40.84
N LEU B 252 -31.56 8.38 40.58
CA LEU B 252 -31.57 6.99 40.12
C LEU B 252 -30.82 6.87 38.80
N SER B 253 -30.95 7.85 37.92
CA SER B 253 -30.21 7.82 36.67
C SER B 253 -28.70 7.82 36.92
N LEU B 254 -28.25 8.65 37.87
CA LEU B 254 -26.82 8.66 38.20
C LEU B 254 -26.39 7.33 38.78
N ALA B 255 -27.21 6.74 39.66
CA ALA B 255 -26.88 5.45 40.24
C ALA B 255 -26.76 4.39 39.15
N ALA B 256 -27.67 4.42 38.18
CA ALA B 256 -27.63 3.46 37.08
C ALA B 256 -26.38 3.66 36.23
N CYS B 257 -26.14 4.91 35.81
CA CYS B 257 -24.99 5.19 34.96
C CYS B 257 -23.67 4.87 35.64
N THR B 258 -23.62 4.95 36.97
CA THR B 258 -22.39 4.73 37.72
C THR B 258 -22.24 3.27 38.16
N ASN B 259 -22.81 2.32 37.41
CA ASN B 259 -22.52 0.90 37.57
C ASN B 259 -22.88 0.42 38.99
N GLN B 260 -24.18 0.49 39.29
CA GLN B 260 -24.69 0.01 40.57
C GLN B 260 -26.10 -0.52 40.34
N LEU B 261 -26.21 -1.83 40.09
CA LEU B 261 -27.48 -2.44 39.72
C LEU B 261 -28.29 -2.85 40.94
N ALA B 262 -27.65 -3.45 41.95
CA ALA B 262 -28.36 -3.80 43.17
C ALA B 262 -28.85 -2.55 43.89
N ILE B 263 -28.03 -1.50 43.90
CA ILE B 263 -28.40 -0.27 44.59
C ILE B 263 -29.64 0.33 43.96
N VAL B 264 -29.67 0.44 42.63
CA VAL B 264 -30.85 1.00 41.97
C VAL B 264 -32.04 0.06 42.14
N LYS B 265 -31.79 -1.25 42.10
CA LYS B 265 -32.88 -2.20 42.34
C LYS B 265 -33.53 -1.95 43.69
N PHE B 266 -32.72 -1.59 44.69
CA PHE B 266 -33.30 -1.28 46.00
C PHE B 266 -33.97 0.08 46.00
N LEU B 267 -33.33 1.09 45.39
CA LEU B 267 -33.96 2.43 45.30
C LEU B 267 -35.36 2.33 44.72
N LEU B 268 -35.51 1.56 43.65
CA LEU B 268 -36.83 1.40 43.04
C LEU B 268 -37.81 0.74 44.01
N GLN B 269 -37.36 -0.27 44.74
CA GLN B 269 -38.21 -1.02 45.64
C GLN B 269 -38.19 -0.50 47.07
N ASN B 270 -37.46 0.58 47.34
CA ASN B 270 -37.36 1.12 48.70
C ASN B 270 -38.74 1.65 49.11
N SER B 271 -39.40 0.94 50.03
CA SER B 271 -40.75 1.31 50.43
C SER B 271 -40.81 2.72 50.99
N TRP B 272 -39.72 3.19 51.59
CA TRP B 272 -39.72 4.51 52.19
C TRP B 272 -39.94 5.60 51.15
N GLN B 273 -39.27 5.50 50.00
CA GLN B 273 -39.43 6.47 48.92
C GLN B 273 -38.91 5.88 47.62
N PRO B 274 -39.70 5.07 46.91
CA PRO B 274 -39.21 4.50 45.66
C PRO B 274 -38.98 5.57 44.61
N ALA B 275 -37.94 5.37 43.80
CA ALA B 275 -37.67 6.26 42.69
C ALA B 275 -38.55 5.89 41.50
N ASP B 276 -39.01 6.91 40.77
CA ASP B 276 -39.88 6.71 39.62
C ASP B 276 -39.03 6.53 38.38
N ILE B 277 -39.22 5.41 37.68
CA ILE B 277 -38.42 5.12 36.49
C ILE B 277 -38.81 6.07 35.36
N SER B 278 -40.09 6.40 35.24
CA SER B 278 -40.59 7.19 34.13
C SER B 278 -40.28 8.68 34.24
N ALA B 279 -39.36 9.07 35.13
CA ALA B 279 -39.03 10.48 35.27
C ALA B 279 -38.32 10.99 34.01
N ARG B 280 -38.77 12.15 33.53
CA ARG B 280 -38.18 12.80 32.36
C ARG B 280 -37.68 14.18 32.77
N ASP B 281 -36.39 14.43 32.53
CA ASP B 281 -35.79 15.69 32.94
C ASP B 281 -36.09 16.80 31.92
N SER B 282 -35.76 18.02 32.32
CA SER B 282 -35.95 19.16 31.41
C SER B 282 -34.97 19.11 30.25
N VAL B 283 -33.75 18.62 30.49
CA VAL B 283 -32.78 18.50 29.41
C VAL B 283 -33.30 17.57 28.32
N GLY B 284 -33.99 16.51 28.72
CA GLY B 284 -34.63 15.60 27.80
C GLY B 284 -34.11 14.18 27.78
N ASN B 285 -33.46 13.74 28.85
CA ASN B 285 -32.94 12.38 28.94
C ASN B 285 -33.67 11.65 30.05
N THR B 286 -34.28 10.51 29.71
CA THR B 286 -34.81 9.60 30.70
C THR B 286 -33.70 8.70 31.23
N VAL B 287 -33.99 7.92 32.26
CA VAL B 287 -33.01 6.96 32.77
C VAL B 287 -32.54 6.05 31.65
N LEU B 288 -33.48 5.49 30.89
CA LEU B 288 -33.11 4.69 29.72
C LEU B 288 -32.37 5.53 28.70
N HIS B 289 -32.88 6.73 28.41
CA HIS B 289 -32.18 7.62 27.50
C HIS B 289 -30.82 8.02 28.04
N ALA B 290 -30.72 8.19 29.36
CA ALA B 290 -29.42 8.51 29.95
C ALA B 290 -28.44 7.37 29.71
N LEU B 291 -28.88 6.12 29.89
CA LEU B 291 -28.00 5.00 29.59
C LEU B 291 -27.62 4.98 28.12
N VAL B 292 -28.56 5.29 27.24
CA VAL B 292 -28.23 5.33 25.82
C VAL B 292 -27.15 6.38 25.56
N GLU B 293 -27.28 7.55 26.17
CA GLU B 293 -26.33 8.63 25.96
C GLU B 293 -24.98 8.35 26.61
N VAL B 294 -24.94 7.46 27.62
CA VAL B 294 -23.67 7.09 28.23
C VAL B 294 -22.82 6.25 27.28
N ALA B 295 -23.45 5.32 26.57
CA ALA B 295 -22.72 4.29 25.84
C ALA B 295 -21.78 4.91 24.82
N ASP B 296 -20.62 4.24 24.63
CA ASP B 296 -19.62 4.66 23.65
C ASP B 296 -19.17 3.48 22.79
N ASN B 297 -20.07 2.52 22.54
CA ASN B 297 -19.87 1.49 21.54
C ASN B 297 -18.83 0.44 21.95
N THR B 298 -18.15 0.65 23.07
CA THR B 298 -17.08 -0.28 23.46
C THR B 298 -17.68 -1.64 23.82
N VAL B 299 -16.88 -2.68 23.58
CA VAL B 299 -17.36 -4.04 23.79
C VAL B 299 -17.74 -4.26 25.25
N ASP B 300 -16.83 -3.91 26.16
CA ASP B 300 -17.12 -4.02 27.59
C ASP B 300 -18.26 -3.09 27.97
N ASN B 301 -18.24 -1.85 27.45
CA ASN B 301 -19.34 -0.93 27.72
C ASN B 301 -20.64 -1.47 27.14
N THR B 302 -20.57 -2.08 25.95
CA THR B 302 -21.76 -2.68 25.38
C THR B 302 -22.35 -3.71 26.33
N LYS B 303 -21.50 -4.63 26.81
CA LYS B 303 -22.00 -5.69 27.70
C LYS B 303 -22.57 -5.11 28.98
N PHE B 304 -21.86 -4.15 29.58
CA PHE B 304 -22.31 -3.55 30.83
C PHE B 304 -23.66 -2.87 30.65
N VAL B 305 -23.76 -1.96 29.68
CA VAL B 305 -24.99 -1.21 29.48
C VAL B 305 -26.13 -2.13 29.10
N THR B 306 -25.86 -3.13 28.26
CA THR B 306 -26.91 -4.04 27.85
C THR B 306 -27.43 -4.86 29.03
N SER B 307 -26.53 -5.36 29.88
CA SER B 307 -26.97 -6.13 31.04
C SER B 307 -27.82 -5.28 31.96
N MET B 308 -27.36 -4.06 32.27
CA MET B 308 -28.13 -3.22 33.17
C MET B 308 -29.44 -2.77 32.53
N TYR B 309 -29.45 -2.56 31.21
CA TYR B 309 -30.66 -2.19 30.51
C TYR B 309 -31.70 -3.30 30.58
N ASN B 310 -31.27 -4.54 30.33
CA ASN B 310 -32.19 -5.65 30.40
C ASN B 310 -32.72 -5.83 31.83
N GLU B 311 -31.84 -5.68 32.82
CA GLU B 311 -32.28 -5.81 34.20
C GLU B 311 -33.30 -4.74 34.57
N ILE B 312 -33.05 -3.48 34.17
CA ILE B 312 -33.96 -2.39 34.54
C ILE B 312 -35.28 -2.54 33.81
N LEU B 313 -35.26 -3.01 32.56
CA LEU B 313 -36.52 -3.28 31.87
C LEU B 313 -37.30 -4.39 32.54
N ILE B 314 -36.63 -5.46 32.98
CA ILE B 314 -37.33 -6.53 33.69
C ILE B 314 -37.95 -5.97 34.97
N LEU B 315 -37.20 -5.16 35.70
CA LEU B 315 -37.73 -4.61 36.94
C LEU B 315 -38.93 -3.73 36.67
N GLY B 316 -38.86 -2.87 35.65
CA GLY B 316 -40.01 -2.04 35.32
C GLY B 316 -41.22 -2.87 34.94
N ALA B 317 -41.00 -3.93 34.15
CA ALA B 317 -42.11 -4.82 33.80
C ALA B 317 -42.75 -5.39 35.05
N LYS B 318 -41.93 -5.82 36.01
CA LYS B 318 -42.47 -6.29 37.28
C LYS B 318 -43.26 -5.19 37.98
N LEU B 319 -42.80 -3.93 37.86
CA LEU B 319 -43.37 -2.84 38.63
C LEU B 319 -44.71 -2.37 38.05
N HIS B 320 -44.71 -1.95 36.78
CA HIS B 320 -45.87 -1.32 36.15
C HIS B 320 -46.21 -2.06 34.87
N PRO B 321 -46.93 -3.17 34.96
CA PRO B 321 -47.41 -3.84 33.74
C PRO B 321 -48.28 -2.96 32.88
N THR B 322 -49.05 -2.04 33.49
CA THR B 322 -50.00 -1.24 32.73
C THR B 322 -49.32 -0.26 31.79
N LEU B 323 -48.12 0.19 32.13
CA LEU B 323 -47.43 1.24 31.38
C LEU B 323 -46.25 0.65 30.63
N LYS B 324 -46.09 1.08 29.37
CA LYS B 324 -44.93 0.72 28.56
C LYS B 324 -43.95 1.88 28.60
N LEU B 325 -42.78 1.66 29.20
CA LEU B 325 -41.85 2.74 29.45
C LEU B 325 -41.09 3.17 28.19
N GLU B 326 -40.81 2.23 27.29
CA GLU B 326 -39.93 2.52 26.16
C GLU B 326 -40.48 3.63 25.28
N GLU B 327 -41.79 3.59 24.99
CA GLU B 327 -42.34 4.42 23.94
C GLU B 327 -42.42 5.90 24.31
N ILE B 328 -42.35 6.25 25.59
CA ILE B 328 -42.53 7.63 26.00
C ILE B 328 -41.41 8.47 25.39
N THR B 329 -41.77 9.33 24.44
CA THR B 329 -40.80 10.22 23.82
C THR B 329 -40.29 11.24 24.84
N ASN B 330 -38.99 11.49 24.82
CA ASN B 330 -38.38 12.41 25.77
C ASN B 330 -38.56 13.85 25.29
N ARG B 331 -37.88 14.79 25.95
CA ARG B 331 -38.12 16.20 25.68
C ARG B 331 -37.87 16.53 24.21
N LYS B 332 -36.77 16.06 23.65
CA LYS B 332 -36.47 16.37 22.26
C LYS B 332 -37.39 15.64 21.28
N GLY B 333 -38.20 14.71 21.76
CA GLY B 333 -39.20 14.07 20.93
C GLY B 333 -38.78 12.76 20.30
N LEU B 334 -37.66 12.18 20.73
CA LEU B 334 -37.17 10.93 20.15
C LEU B 334 -36.95 9.91 21.27
N THR B 335 -37.49 8.71 21.08
CA THR B 335 -37.39 7.67 22.08
C THR B 335 -35.97 7.11 22.15
N PRO B 336 -35.64 6.38 23.21
CA PRO B 336 -34.28 5.83 23.31
C PRO B 336 -33.85 5.05 22.08
N LEU B 337 -34.76 4.34 21.41
CA LEU B 337 -34.42 3.67 20.16
C LEU B 337 -33.95 4.68 19.12
N ALA B 338 -34.75 5.73 18.90
CA ALA B 338 -34.37 6.74 17.92
C ALA B 338 -33.11 7.48 18.33
N LEU B 339 -32.97 7.77 19.62
CA LEU B 339 -31.76 8.46 20.07
C LEU B 339 -30.52 7.61 19.83
N ALA B 340 -30.61 6.31 20.15
CA ALA B 340 -29.47 5.43 19.90
C ALA B 340 -29.16 5.35 18.41
N ALA B 341 -30.20 5.28 17.57
CA ALA B 341 -29.99 5.22 16.13
C ALA B 341 -29.32 6.48 15.61
N SER B 342 -29.76 7.65 16.07
CA SER B 342 -29.25 8.91 15.54
C SER B 342 -27.87 9.23 16.08
N SER B 343 -27.61 8.94 17.37
CA SER B 343 -26.36 9.38 17.99
C SER B 343 -25.16 8.63 17.44
N GLY B 344 -25.31 7.33 17.14
CA GLY B 344 -24.20 6.52 16.69
C GLY B 344 -23.96 5.27 17.52
N LYS B 345 -24.77 5.00 18.53
CA LYS B 345 -24.50 3.90 19.47
C LYS B 345 -24.95 2.59 18.83
N ILE B 346 -24.03 1.93 18.14
CA ILE B 346 -24.36 0.66 17.49
C ILE B 346 -24.56 -0.43 18.53
N GLY B 347 -23.75 -0.44 19.58
CA GLY B 347 -23.85 -1.50 20.58
C GLY B 347 -25.20 -1.51 21.26
N VAL B 348 -25.69 -0.34 21.66
CA VAL B 348 -26.99 -0.25 22.33
C VAL B 348 -28.11 -0.59 21.35
N LEU B 349 -27.96 -0.21 20.09
CA LEU B 349 -29.04 -0.42 19.11
C LEU B 349 -29.15 -1.87 18.68
N ALA B 350 -28.02 -2.56 18.54
CA ALA B 350 -28.06 -3.93 18.06
C ALA B 350 -28.94 -4.80 18.95
N TYR B 351 -28.69 -4.76 20.27
CA TYR B 351 -29.47 -5.58 21.19
C TYR B 351 -30.95 -5.21 21.13
N ILE B 352 -31.25 -3.90 21.15
CA ILE B 352 -32.64 -3.49 21.11
C ILE B 352 -33.33 -3.99 19.86
N LEU B 353 -32.56 -4.16 18.78
CA LEU B 353 -33.13 -4.69 17.54
C LEU B 353 -33.41 -6.19 17.66
N GLN B 354 -32.52 -6.94 18.30
CA GLN B 354 -32.71 -8.36 18.56
C GLN B 354 -32.83 -8.65 20.05
N ARG B 355 -33.62 -7.83 20.75
CA ARG B 355 -33.81 -7.94 22.20
C ARG B 355 -34.76 -9.09 22.49
N GLU B 356 -34.21 -10.25 22.80
CA GLU B 356 -34.98 -11.44 23.14
C GLU B 356 -34.76 -11.80 24.60
N ILE B 357 -35.85 -11.96 25.34
CA ILE B 357 -35.82 -12.34 26.74
C ILE B 357 -36.52 -13.69 26.87
N HIS B 358 -35.80 -14.69 27.37
CA HIS B 358 -36.31 -16.06 27.43
C HIS B 358 -37.30 -16.27 28.57
N GLU B 359 -37.48 -15.30 29.46
CA GLU B 359 -38.45 -15.45 30.54
C GLU B 359 -39.86 -15.44 29.96
N PRO B 360 -40.70 -16.43 30.29
CA PRO B 360 -42.06 -16.43 29.71
C PRO B 360 -42.93 -15.28 30.18
N GLU B 361 -42.57 -14.63 31.29
CA GLU B 361 -43.32 -13.47 31.76
C GLU B 361 -42.91 -12.18 31.05
N CYS B 362 -41.78 -12.17 30.35
CA CYS B 362 -41.28 -10.98 29.66
C CYS B 362 -41.41 -11.10 28.14
N ARG B 363 -42.26 -12.02 27.66
CA ARG B 363 -42.44 -12.16 26.22
C ARG B 363 -43.12 -10.95 25.60
N HIS B 364 -43.82 -10.13 26.39
CA HIS B 364 -44.48 -8.97 25.83
C HIS B 364 -43.53 -7.81 25.58
N LEU B 365 -42.28 -7.91 26.01
CA LEU B 365 -41.28 -6.89 25.71
C LEU B 365 -40.19 -7.35 24.75
N SER B 366 -39.95 -8.66 24.65
CA SER B 366 -38.96 -9.16 23.72
C SER B 366 -39.28 -8.68 22.31
N ARG B 367 -38.25 -8.22 21.59
CA ARG B 367 -38.43 -7.72 20.23
C ARG B 367 -38.31 -8.83 19.20
N LYS B 368 -37.44 -9.81 19.44
CA LYS B 368 -37.23 -10.92 18.52
C LYS B 368 -37.79 -12.19 19.15
N PHE B 369 -38.61 -12.91 18.38
CA PHE B 369 -39.21 -14.17 18.81
C PHE B 369 -38.69 -15.28 17.91
N THR B 370 -38.10 -16.30 18.51
CA THR B 370 -37.58 -17.44 17.76
C THR B 370 -38.72 -18.40 17.45
N GLU B 371 -39.20 -18.39 16.21
CA GLU B 371 -40.37 -19.18 15.86
C GLU B 371 -40.08 -20.67 15.92
N TRP B 372 -38.94 -21.10 15.39
CA TRP B 372 -38.54 -22.49 15.50
C TRP B 372 -37.05 -22.62 15.18
N ALA B 373 -36.54 -23.83 15.38
CA ALA B 373 -35.15 -24.18 15.09
C ALA B 373 -35.10 -25.40 14.19
N TYR B 374 -35.98 -25.44 13.19
CA TYR B 374 -36.10 -26.57 12.29
C TYR B 374 -34.76 -27.01 11.71
N GLY B 375 -33.75 -26.13 11.74
CA GLY B 375 -32.43 -26.45 11.29
C GLY B 375 -31.49 -25.30 11.55
N PRO B 376 -30.38 -25.23 10.80
CA PRO B 376 -29.52 -24.05 10.92
C PRO B 376 -30.28 -22.76 10.72
N VAL B 377 -31.31 -22.79 9.88
CA VAL B 377 -32.24 -21.68 9.77
C VAL B 377 -32.98 -21.52 11.10
N HIS B 378 -33.05 -20.28 11.59
CA HIS B 378 -33.76 -19.96 12.82
C HIS B 378 -34.76 -18.86 12.49
N SER B 379 -36.00 -19.25 12.17
CA SER B 379 -37.03 -18.26 11.88
C SER B 379 -37.08 -17.22 12.99
N SER B 380 -37.45 -16.01 12.62
CA SER B 380 -37.46 -14.89 13.54
C SER B 380 -38.76 -14.12 13.37
N LEU B 381 -39.05 -13.27 14.36
CA LEU B 381 -40.22 -12.42 14.30
C LEU B 381 -39.88 -11.15 15.06
N TYR B 382 -39.39 -10.15 14.34
CA TYR B 382 -39.07 -8.87 14.95
C TYR B 382 -40.33 -8.03 15.08
N ASP B 383 -40.25 -7.00 15.92
CA ASP B 383 -41.41 -6.15 16.16
C ASP B 383 -41.52 -4.98 15.20
N LEU B 384 -40.45 -4.68 14.45
CA LEU B 384 -40.45 -3.54 13.54
C LEU B 384 -41.13 -2.34 14.19
N SER B 385 -40.88 -2.14 15.47
CA SER B 385 -41.61 -1.14 16.25
C SER B 385 -41.07 0.24 15.89
N CYS B 386 -41.87 1.00 15.15
CA CYS B 386 -41.58 2.38 14.85
C CYS B 386 -40.37 2.51 13.92
N ILE B 387 -40.14 1.51 13.07
CA ILE B 387 -39.03 1.55 12.13
C ILE B 387 -39.40 2.30 10.86
N ASP B 388 -40.62 2.09 10.35
CA ASP B 388 -41.07 2.67 9.11
C ASP B 388 -42.43 3.33 9.29
N THR B 389 -42.61 4.48 8.64
CA THR B 389 -43.88 5.21 8.65
C THR B 389 -44.51 5.24 10.04
N CYS B 390 -43.73 5.73 11.00
CA CYS B 390 -44.12 5.74 12.40
C CYS B 390 -44.33 7.14 12.97
N GLU B 391 -43.28 7.97 12.98
CA GLU B 391 -43.32 9.22 13.73
C GLU B 391 -42.24 10.14 13.18
N LYS B 392 -41.95 11.22 13.93
CA LYS B 392 -41.03 12.23 13.45
C LYS B 392 -39.65 11.64 13.18
N ASN B 393 -39.14 10.81 14.09
CA ASN B 393 -37.79 10.26 14.00
C ASN B 393 -37.91 8.74 13.93
N SER B 394 -38.12 8.23 12.73
CA SER B 394 -38.02 6.81 12.50
C SER B 394 -36.56 6.38 12.51
N VAL B 395 -36.34 5.10 12.80
CA VAL B 395 -34.97 4.61 12.91
C VAL B 395 -34.24 4.78 11.59
N LEU B 396 -34.87 4.37 10.50
CA LEU B 396 -34.25 4.49 9.19
C LEU B 396 -33.96 5.95 8.86
N GLU B 397 -34.91 6.83 9.14
CA GLU B 397 -34.73 8.24 8.83
C GLU B 397 -33.52 8.80 9.58
N VAL B 398 -33.48 8.60 10.89
CA VAL B 398 -32.39 9.17 11.68
C VAL B 398 -31.07 8.55 11.28
N ILE B 399 -31.08 7.27 10.89
CA ILE B 399 -29.83 6.64 10.43
C ILE B 399 -29.35 7.27 9.14
N ALA B 400 -30.25 7.51 8.19
CA ALA B 400 -29.88 7.99 6.87
C ALA B 400 -29.88 9.51 6.79
N TYR B 401 -30.93 10.16 7.29
CA TYR B 401 -31.00 11.62 7.22
C TYR B 401 -29.91 12.30 8.05
N SER B 402 -29.24 11.56 8.93
CA SER B 402 -28.19 12.13 9.75
C SER B 402 -27.22 12.94 8.89
N SER B 403 -26.60 13.94 9.50
CA SER B 403 -25.72 14.87 8.79
C SER B 403 -24.31 14.32 8.60
N SER B 404 -24.12 13.00 8.69
CA SER B 404 -22.85 12.31 8.51
C SER B 404 -21.88 12.56 9.65
N GLU B 405 -22.27 13.30 10.69
CA GLU B 405 -21.42 13.43 11.86
C GLU B 405 -21.32 12.11 12.61
N THR B 406 -22.37 11.31 12.58
CA THR B 406 -22.35 10.02 13.26
C THR B 406 -21.20 9.17 12.71
N PRO B 407 -20.49 8.43 13.58
CA PRO B 407 -19.24 7.79 13.13
C PRO B 407 -19.37 6.39 12.56
N ASN B 408 -20.52 5.73 12.70
CA ASN B 408 -20.68 4.36 12.22
C ASN B 408 -22.03 4.21 11.51
N ARG B 409 -22.35 5.16 10.63
CA ARG B 409 -23.60 5.08 9.89
C ARG B 409 -23.65 3.86 8.99
N HIS B 410 -22.54 3.54 8.34
CA HIS B 410 -22.52 2.41 7.42
C HIS B 410 -22.80 1.10 8.16
N ASP B 411 -22.22 0.94 9.34
CA ASP B 411 -22.35 -0.32 10.07
C ASP B 411 -23.74 -0.52 10.67
N MET B 412 -24.52 0.56 10.84
CA MET B 412 -25.84 0.40 11.42
C MET B 412 -26.72 -0.47 10.55
N LEU B 413 -26.66 -0.29 9.23
CA LEU B 413 -27.53 -1.05 8.35
C LEU B 413 -27.09 -2.49 8.18
N LEU B 414 -26.07 -2.93 8.92
CA LEU B 414 -25.68 -4.33 8.96
C LEU B 414 -26.43 -5.12 10.02
N VAL B 415 -27.20 -4.45 10.90
CA VAL B 415 -27.95 -5.18 11.90
C VAL B 415 -28.91 -6.15 11.23
N GLU B 416 -29.34 -7.17 11.99
CA GLU B 416 -30.10 -8.27 11.41
C GLU B 416 -31.40 -7.80 10.77
N PRO B 417 -32.23 -6.95 11.39
CA PRO B 417 -33.53 -6.64 10.80
C PRO B 417 -33.46 -5.62 9.67
N LEU B 418 -32.55 -4.65 9.80
CA LEU B 418 -32.50 -3.56 8.85
C LEU B 418 -32.13 -4.04 7.45
N ASN B 419 -31.14 -4.93 7.36
CA ASN B 419 -30.73 -5.42 6.05
C ASN B 419 -31.89 -6.07 5.33
N ARG B 420 -32.56 -7.02 5.98
CA ARG B 420 -33.67 -7.72 5.35
C ARG B 420 -34.80 -6.76 5.02
N LEU B 421 -35.10 -5.82 5.92
CA LEU B 421 -36.19 -4.91 5.67
C LEU B 421 -35.92 -4.04 4.45
N LEU B 422 -34.72 -3.47 4.36
CA LEU B 422 -34.39 -2.63 3.22
C LEU B 422 -34.35 -3.43 1.94
N GLN B 423 -33.80 -4.64 1.96
CA GLN B 423 -33.78 -5.45 0.76
C GLN B 423 -35.19 -5.80 0.30
N ASP B 424 -36.07 -6.12 1.25
CA ASP B 424 -37.46 -6.40 0.92
C ASP B 424 -38.12 -5.18 0.30
N LYS B 425 -37.89 -4.00 0.88
CA LYS B 425 -38.46 -2.78 0.32
C LYS B 425 -37.94 -2.55 -1.10
N TRP B 426 -36.64 -2.76 -1.32
CA TRP B 426 -36.07 -2.53 -2.62
C TRP B 426 -36.67 -3.46 -3.67
N ASP B 427 -36.78 -4.75 -3.34
CA ASP B 427 -37.27 -5.71 -4.32
C ASP B 427 -38.77 -5.59 -4.54
N ARG B 428 -39.53 -5.18 -3.52
CA ARG B 428 -40.98 -5.22 -3.63
C ARG B 428 -41.48 -4.19 -4.63
N PHE B 429 -41.29 -2.91 -4.34
CA PHE B 429 -41.85 -1.86 -5.18
C PHE B 429 -40.83 -0.79 -5.56
N VAL B 430 -39.86 -0.54 -4.69
CA VAL B 430 -38.97 0.61 -4.90
C VAL B 430 -38.18 0.46 -6.20
N LYS B 431 -37.69 -0.75 -6.48
CA LYS B 431 -36.78 -0.94 -7.61
C LYS B 431 -37.41 -0.47 -8.91
N ARG B 432 -38.63 -0.93 -9.20
CA ARG B 432 -39.24 -0.57 -10.47
C ARG B 432 -39.63 0.90 -10.51
N ILE B 433 -40.02 1.49 -9.38
CA ILE B 433 -40.31 2.91 -9.38
C ILE B 433 -39.05 3.70 -9.72
N PHE B 434 -37.92 3.30 -9.16
CA PHE B 434 -36.67 3.96 -9.47
C PHE B 434 -36.31 3.82 -10.94
N TYR B 435 -36.48 2.62 -11.50
CA TYR B 435 -36.15 2.43 -12.91
C TYR B 435 -37.08 3.24 -13.80
N PHE B 436 -38.36 3.33 -13.43
CA PHE B 436 -39.28 4.17 -14.19
C PHE B 436 -38.86 5.63 -14.14
N ASN B 437 -38.43 6.10 -12.97
CA ASN B 437 -37.94 7.47 -12.86
C ASN B 437 -36.72 7.68 -13.74
N PHE B 438 -35.80 6.72 -13.74
CA PHE B 438 -34.62 6.83 -14.59
C PHE B 438 -35.00 6.92 -16.06
N PHE B 439 -35.95 6.08 -16.49
CA PHE B 439 -36.37 6.10 -17.88
C PHE B 439 -37.03 7.42 -18.25
N VAL B 440 -37.91 7.93 -17.37
CA VAL B 440 -38.57 9.20 -17.65
C VAL B 440 -37.55 10.32 -17.72
N TYR B 441 -36.54 10.29 -16.86
CA TYR B 441 -35.51 11.32 -16.91
C TYR B 441 -34.69 11.23 -18.20
N CYS B 442 -34.38 10.01 -18.65
CA CYS B 442 -33.68 9.89 -19.92
C CYS B 442 -34.49 10.47 -21.07
N LEU B 443 -35.79 10.18 -21.09
CA LEU B 443 -36.65 10.78 -22.12
C LEU B 443 -36.67 12.30 -22.01
N TYR B 444 -36.75 12.81 -20.77
CA TYR B 444 -36.78 14.26 -20.59
C TYR B 444 -35.51 14.90 -21.13
N MET B 445 -34.35 14.30 -20.84
CA MET B 445 -33.10 14.88 -21.30
C MET B 445 -32.99 14.79 -22.82
N ILE B 446 -33.47 13.70 -23.42
CA ILE B 446 -33.44 13.61 -24.88
C ILE B 446 -34.32 14.70 -25.50
N ILE B 447 -35.51 14.91 -24.93
CA ILE B 447 -36.40 15.95 -25.45
C ILE B 447 -35.74 17.31 -25.30
N PHE B 448 -35.15 17.58 -24.15
CA PHE B 448 -34.49 18.87 -23.93
C PHE B 448 -33.35 19.08 -24.92
N THR B 449 -32.54 18.05 -25.14
CA THR B 449 -31.43 18.17 -26.09
C THR B 449 -31.93 18.43 -27.49
N ALA B 450 -32.96 17.70 -27.93
CA ALA B 450 -33.49 17.90 -29.27
C ALA B 450 -34.11 19.28 -29.42
N ALA B 451 -34.82 19.76 -28.41
CA ALA B 451 -35.43 21.08 -28.48
C ALA B 451 -34.37 22.18 -28.53
N ALA B 452 -33.33 22.06 -27.72
CA ALA B 452 -32.31 23.10 -27.68
C ALA B 452 -31.39 23.07 -28.90
N TYR B 453 -31.15 21.88 -29.46
CA TYR B 453 -30.28 21.78 -30.62
C TYR B 453 -30.86 22.52 -31.81
N TYR B 454 -32.17 22.43 -32.02
CA TYR B 454 -32.85 23.00 -33.18
C TYR B 454 -33.50 24.33 -32.88
N ARG B 455 -32.91 25.13 -32.01
CA ARG B 455 -33.47 26.43 -31.69
C ARG B 455 -33.38 27.36 -32.89
N PRO B 456 -34.30 28.32 -33.03
CA PRO B 456 -34.20 29.28 -34.12
C PRO B 456 -33.00 30.19 -33.98
N VAL B 457 -32.49 30.65 -35.11
CA VAL B 457 -31.28 31.47 -35.15
C VAL B 457 -31.54 32.87 -35.68
N GLU B 458 -32.68 33.13 -36.30
CA GLU B 458 -32.98 34.42 -36.90
C GLU B 458 -33.96 35.20 -36.03
N GLY B 459 -33.64 36.44 -35.75
CA GLY B 459 -34.48 37.31 -34.95
C GLY B 459 -34.03 37.39 -33.52
N LEU B 460 -34.99 37.74 -32.66
CA LEU B 460 -34.82 37.76 -31.22
C LEU B 460 -36.03 37.11 -30.57
N PRO B 461 -35.89 36.62 -29.34
CA PRO B 461 -37.01 35.93 -28.70
C PRO B 461 -38.02 36.91 -28.16
N PRO B 462 -39.30 36.51 -28.04
CA PRO B 462 -39.87 35.21 -28.43
C PRO B 462 -40.00 35.07 -29.94
N TYR B 463 -40.06 33.83 -30.42
CA TYR B 463 -40.10 33.54 -31.84
C TYR B 463 -41.52 33.13 -32.24
N LYS B 464 -42.08 33.82 -33.22
CA LYS B 464 -43.45 33.55 -33.64
C LYS B 464 -43.54 32.13 -34.18
N LEU B 465 -44.65 31.45 -33.85
CA LEU B 465 -44.85 30.08 -34.29
C LEU B 465 -45.20 30.06 -35.78
N LYS B 466 -44.46 29.26 -36.54
CA LYS B 466 -44.68 29.10 -37.96
C LYS B 466 -45.45 27.81 -38.22
N ASN B 467 -46.28 27.83 -39.26
CA ASN B 467 -47.15 26.70 -39.58
C ASN B 467 -46.32 25.59 -40.20
N THR B 468 -45.78 24.73 -39.33
CA THR B 468 -45.03 23.56 -39.78
C THR B 468 -45.07 22.51 -38.68
N VAL B 469 -44.97 21.24 -39.10
CA VAL B 469 -44.93 20.16 -38.11
C VAL B 469 -43.69 20.29 -37.24
N GLY B 470 -42.54 20.59 -37.87
CA GLY B 470 -41.32 20.77 -37.10
C GLY B 470 -41.47 21.86 -36.06
N ASP B 471 -42.13 22.95 -36.40
CA ASP B 471 -42.34 24.03 -35.44
C ASP B 471 -43.17 23.57 -34.26
N TYR B 472 -44.23 22.80 -34.53
CA TYR B 472 -45.05 22.28 -33.43
C TYR B 472 -44.25 21.34 -32.55
N PHE B 473 -43.45 20.46 -33.14
CA PHE B 473 -42.62 19.57 -32.34
C PHE B 473 -41.67 20.37 -31.47
N ARG B 474 -41.04 21.40 -32.05
CA ARG B 474 -40.09 22.20 -31.29
C ARG B 474 -40.75 22.90 -30.12
N VAL B 475 -41.95 23.46 -30.34
CA VAL B 475 -42.59 24.22 -29.27
C VAL B 475 -43.07 23.28 -28.17
N THR B 476 -43.59 22.11 -28.53
CA THR B 476 -43.98 21.17 -27.49
C THR B 476 -42.77 20.68 -26.70
N GLY B 477 -41.65 20.47 -27.37
CA GLY B 477 -40.43 20.10 -26.65
C GLY B 477 -40.01 21.18 -25.68
N GLU B 478 -40.07 22.45 -26.10
CA GLU B 478 -39.71 23.54 -25.20
C GLU B 478 -40.64 23.59 -24.00
N ILE B 479 -41.94 23.40 -24.22
CA ILE B 479 -42.89 23.41 -23.12
C ILE B 479 -42.57 22.30 -22.13
N LEU B 480 -42.29 21.10 -22.64
CA LEU B 480 -41.95 19.99 -21.77
C LEU B 480 -40.67 20.27 -20.98
N SER B 481 -39.67 20.86 -21.63
CA SER B 481 -38.42 21.18 -20.94
C SER B 481 -38.66 22.15 -19.80
N VAL B 482 -39.43 23.21 -20.05
CA VAL B 482 -39.67 24.19 -18.98
C VAL B 482 -40.49 23.56 -17.87
N SER B 483 -41.42 22.66 -18.21
CA SER B 483 -42.20 21.98 -17.18
C SER B 483 -41.30 21.13 -16.28
N GLY B 484 -40.36 20.39 -16.89
CA GLY B 484 -39.41 19.65 -16.08
C GLY B 484 -38.57 20.55 -15.20
N GLY B 485 -38.16 21.71 -15.73
CA GLY B 485 -37.41 22.65 -14.92
C GLY B 485 -38.19 23.12 -13.71
N VAL B 486 -39.46 23.45 -13.91
CA VAL B 486 -40.31 23.87 -12.79
C VAL B 486 -40.44 22.74 -11.78
N TYR B 487 -40.61 21.52 -12.27
CA TYR B 487 -40.74 20.38 -11.37
C TYR B 487 -39.50 20.24 -10.49
N PHE B 488 -38.31 20.36 -11.09
CA PHE B 488 -37.09 20.21 -10.30
C PHE B 488 -36.92 21.37 -9.33
N PHE B 489 -37.30 22.58 -9.74
CA PHE B 489 -37.25 23.71 -8.82
C PHE B 489 -38.10 23.44 -7.58
N PHE B 490 -39.34 22.99 -7.79
CA PHE B 490 -40.23 22.78 -6.66
C PHE B 490 -39.79 21.60 -5.80
N ARG B 491 -39.27 20.54 -6.43
CA ARG B 491 -38.77 19.42 -5.64
C ARG B 491 -37.57 19.82 -4.79
N GLY B 492 -36.69 20.65 -5.33
CA GLY B 492 -35.58 21.15 -4.53
C GLY B 492 -36.03 22.00 -3.36
N ILE B 493 -36.99 22.90 -3.61
CA ILE B 493 -37.51 23.71 -2.52
C ILE B 493 -38.13 22.82 -1.45
N GLN B 494 -38.92 21.83 -1.87
CA GLN B 494 -39.55 20.93 -0.91
C GLN B 494 -38.50 20.19 -0.08
N TYR B 495 -37.46 19.67 -0.73
CA TYR B 495 -36.43 18.95 0.00
C TYR B 495 -35.76 19.86 1.02
N PHE B 496 -35.39 21.08 0.61
CA PHE B 496 -34.67 21.97 1.50
C PHE B 496 -35.54 22.37 2.68
N LEU B 497 -36.84 22.59 2.45
CA LEU B 497 -37.74 22.92 3.56
C LEU B 497 -37.90 21.72 4.48
N GLN B 498 -38.02 20.51 3.93
CA GLN B 498 -38.17 19.33 4.77
C GLN B 498 -36.96 19.13 5.67
N ARG B 499 -35.80 18.91 5.07
CA ARG B 499 -34.61 18.58 5.87
C ARG B 499 -34.05 19.81 6.57
N ARG B 500 -33.98 20.94 5.87
CA ARG B 500 -33.37 22.16 6.38
C ARG B 500 -31.94 21.92 6.87
N PRO B 501 -31.04 21.45 6.01
CA PRO B 501 -29.68 21.18 6.46
C PRO B 501 -28.94 22.44 6.84
N SER B 502 -27.94 22.29 7.70
CA SER B 502 -27.17 23.42 8.16
C SER B 502 -26.27 23.94 7.04
N LEU B 503 -25.91 25.22 7.13
CA LEU B 503 -25.10 25.84 6.10
C LEU B 503 -23.74 25.15 5.95
N LYS B 504 -23.10 24.82 7.08
CA LYS B 504 -21.80 24.20 7.02
C LYS B 504 -21.86 22.83 6.34
N SER B 505 -22.87 22.03 6.67
CA SER B 505 -23.02 20.68 6.14
C SER B 505 -23.99 20.62 4.96
N LEU B 506 -24.21 21.75 4.30
CA LEU B 506 -25.13 21.77 3.16
C LEU B 506 -24.59 20.94 2.00
N PHE B 507 -23.34 21.19 1.60
CA PHE B 507 -22.79 20.53 0.42
C PHE B 507 -22.38 19.09 0.69
N VAL B 508 -21.97 18.77 1.91
CA VAL B 508 -21.45 17.43 2.20
C VAL B 508 -22.53 16.39 1.98
N ASP B 509 -23.76 16.66 2.42
CA ASP B 509 -24.82 15.66 2.43
C ASP B 509 -25.87 15.84 1.35
N SER B 510 -25.89 16.97 0.66
CA SER B 510 -26.91 17.27 -0.33
C SER B 510 -26.28 17.74 -1.63
N TYR B 511 -25.27 17.00 -2.09
CA TYR B 511 -24.60 17.36 -3.34
C TYR B 511 -25.54 17.22 -4.53
N SER B 512 -26.21 16.07 -4.65
CA SER B 512 -27.04 15.82 -5.81
C SER B 512 -28.28 16.72 -5.82
N GLU B 513 -28.88 16.94 -4.65
CA GLU B 513 -30.02 17.85 -4.59
C GLU B 513 -29.59 19.27 -4.94
N ILE B 514 -28.42 19.70 -4.47
CA ILE B 514 -27.91 21.01 -4.83
C ILE B 514 -27.74 21.12 -6.34
N LEU B 515 -27.18 20.08 -6.97
CA LEU B 515 -26.92 20.16 -8.40
C LEU B 515 -28.22 20.19 -9.19
N PHE B 516 -29.20 19.39 -8.80
CA PHE B 516 -30.48 19.43 -9.50
C PHE B 516 -31.15 20.79 -9.33
N PHE B 517 -31.09 21.36 -8.12
CA PHE B 517 -31.66 22.68 -7.89
C PHE B 517 -30.97 23.73 -8.75
N VAL B 518 -29.65 23.67 -8.87
CA VAL B 518 -28.94 24.66 -9.67
C VAL B 518 -29.30 24.52 -11.14
N GLN B 519 -29.47 23.29 -11.62
CA GLN B 519 -29.92 23.10 -13.00
C GLN B 519 -31.28 23.74 -13.22
N SER B 520 -32.20 23.53 -12.28
CA SER B 520 -33.52 24.14 -12.40
C SER B 520 -33.42 25.66 -12.40
N LEU B 521 -32.56 26.21 -11.55
CA LEU B 521 -32.36 27.66 -11.53
C LEU B 521 -31.88 28.16 -12.89
N PHE B 522 -30.92 27.46 -13.48
CA PHE B 522 -30.40 27.89 -14.78
C PHE B 522 -31.49 27.90 -15.82
N MET B 523 -32.33 26.87 -15.86
CA MET B 523 -33.40 26.86 -16.86
C MET B 523 -34.42 27.96 -16.61
N LEU B 524 -34.74 28.24 -15.33
CA LEU B 524 -35.68 29.30 -15.04
C LEU B 524 -35.13 30.66 -15.45
N VAL B 525 -33.84 30.90 -15.20
CA VAL B 525 -33.22 32.13 -15.68
C VAL B 525 -33.29 32.19 -17.20
N SER B 526 -33.11 31.05 -17.87
CA SER B 526 -33.18 31.02 -19.32
C SER B 526 -34.57 31.45 -19.81
N VAL B 527 -35.62 30.91 -19.20
CA VAL B 527 -36.96 31.28 -19.66
C VAL B 527 -37.26 32.73 -19.34
N VAL B 528 -36.79 33.22 -18.19
CA VAL B 528 -37.00 34.63 -17.86
C VAL B 528 -36.34 35.52 -18.90
N LEU B 529 -35.11 35.18 -19.32
CA LEU B 529 -34.45 35.96 -20.36
C LEU B 529 -35.13 35.77 -21.71
N TYR B 530 -35.81 34.64 -21.92
CA TYR B 530 -36.43 34.38 -23.22
C TYR B 530 -37.55 35.38 -23.51
N PHE B 531 -38.36 35.69 -22.50
CA PHE B 531 -39.50 36.57 -22.67
C PHE B 531 -39.15 38.04 -22.45
N SER B 532 -37.87 38.35 -22.24
CA SER B 532 -37.41 39.73 -22.11
C SER B 532 -36.67 40.20 -23.34
N GLN B 533 -36.84 39.52 -24.47
CA GLN B 533 -36.22 39.92 -25.73
C GLN B 533 -34.70 40.05 -25.58
N ARG B 534 -34.11 39.12 -24.84
CA ARG B 534 -32.66 39.05 -24.69
C ARG B 534 -32.18 37.75 -25.32
N LYS B 535 -31.21 37.87 -26.24
CA LYS B 535 -30.63 36.70 -26.87
C LYS B 535 -29.71 35.93 -25.93
N GLU B 536 -29.36 36.51 -24.78
CA GLU B 536 -28.48 35.84 -23.82
C GLU B 536 -29.13 34.61 -23.20
N TYR B 537 -30.44 34.42 -23.37
CA TYR B 537 -31.09 33.26 -22.77
C TYR B 537 -30.38 31.97 -23.15
N VAL B 538 -29.95 31.86 -24.40
CA VAL B 538 -29.28 30.64 -24.84
C VAL B 538 -28.07 30.35 -23.96
N ALA B 539 -27.28 31.38 -23.64
CA ALA B 539 -26.09 31.17 -22.84
C ALA B 539 -26.42 30.53 -21.50
N SER B 540 -27.58 30.84 -20.92
CA SER B 540 -27.98 30.16 -19.70
C SER B 540 -28.44 28.75 -19.98
N MET B 541 -29.24 28.58 -21.03
CA MET B 541 -29.86 27.28 -21.30
C MET B 541 -28.82 26.19 -21.47
N VAL B 542 -27.72 26.49 -22.16
CA VAL B 542 -26.70 25.47 -22.39
C VAL B 542 -26.10 25.01 -21.08
N PHE B 543 -25.92 25.93 -20.12
CA PHE B 543 -25.40 25.50 -18.83
C PHE B 543 -26.36 24.56 -18.13
N SER B 544 -27.67 24.69 -18.40
CA SER B 544 -28.63 23.74 -17.89
C SER B 544 -28.72 22.48 -18.73
N LEU B 545 -28.18 22.51 -19.95
CA LEU B 545 -28.13 21.32 -20.78
C LEU B 545 -26.93 20.47 -20.42
N ALA B 546 -25.73 21.06 -20.53
CA ALA B 546 -24.51 20.35 -20.15
C ALA B 546 -24.63 19.78 -18.74
N MET B 547 -25.16 20.57 -17.82
CA MET B 547 -25.33 20.08 -16.46
C MET B 547 -26.36 18.96 -16.41
N GLY B 548 -27.47 19.10 -17.12
CA GLY B 548 -28.53 18.13 -17.02
C GLY B 548 -28.06 16.72 -17.37
N TRP B 549 -27.19 16.60 -18.37
CA TRP B 549 -26.68 15.29 -18.72
C TRP B 549 -25.81 14.72 -17.62
N THR B 550 -24.90 15.52 -17.06
CA THR B 550 -23.96 14.99 -16.09
C THR B 550 -24.64 14.61 -14.79
N ASN B 551 -25.71 15.32 -14.43
CA ASN B 551 -26.50 14.93 -13.27
C ASN B 551 -27.03 13.51 -13.39
N MET B 552 -27.00 12.93 -14.59
CA MET B 552 -27.47 11.56 -14.72
C MET B 552 -26.60 10.59 -13.94
N LEU B 553 -25.39 10.99 -13.54
CA LEU B 553 -24.60 10.13 -12.68
C LEU B 553 -25.30 9.84 -11.36
N TYR B 554 -26.24 10.69 -10.94
CA TYR B 554 -27.01 10.39 -9.74
C TYR B 554 -27.61 8.99 -9.84
N TYR B 555 -28.14 8.64 -11.00
CA TYR B 555 -28.82 7.37 -11.14
C TYR B 555 -27.85 6.18 -11.11
N THR B 556 -26.56 6.40 -11.36
CA THR B 556 -25.61 5.30 -11.19
C THR B 556 -25.59 4.82 -9.76
N ARG B 557 -26.07 5.64 -8.81
CA ARG B 557 -26.13 5.19 -7.43
C ARG B 557 -27.17 4.11 -7.20
N GLY B 558 -28.00 3.83 -8.20
CA GLY B 558 -28.96 2.75 -8.15
C GLY B 558 -28.43 1.41 -8.63
N PHE B 559 -27.13 1.30 -8.85
CA PHE B 559 -26.49 0.05 -9.22
C PHE B 559 -25.33 -0.20 -8.27
N GLN B 560 -24.95 -1.47 -8.14
CA GLN B 560 -23.93 -1.83 -7.16
C GLN B 560 -22.52 -1.53 -7.67
N GLN B 561 -22.11 -2.15 -8.77
CA GLN B 561 -20.75 -1.97 -9.27
C GLN B 561 -20.45 -0.60 -9.88
N MET B 562 -21.46 0.05 -10.43
CA MET B 562 -21.27 1.33 -11.08
C MET B 562 -21.51 2.51 -10.16
N GLY B 563 -21.85 2.28 -8.90
CA GLY B 563 -22.26 3.37 -8.04
C GLY B 563 -21.14 4.15 -7.39
N ILE B 564 -19.91 3.68 -7.49
CA ILE B 564 -18.81 4.36 -6.79
C ILE B 564 -18.26 5.54 -7.58
N TYR B 565 -18.48 5.59 -8.90
CA TYR B 565 -17.92 6.67 -9.69
C TYR B 565 -18.50 8.02 -9.27
N ALA B 566 -19.80 8.07 -9.01
CA ALA B 566 -20.42 9.31 -8.54
C ALA B 566 -19.84 9.72 -7.19
N VAL B 567 -19.64 8.75 -6.30
CA VAL B 567 -19.09 9.06 -4.98
C VAL B 567 -17.69 9.62 -5.11
N MET B 568 -16.86 9.01 -5.96
CA MET B 568 -15.51 9.51 -6.16
C MET B 568 -15.52 10.91 -6.74
N ILE B 569 -16.37 11.17 -7.74
CA ILE B 569 -16.40 12.50 -8.33
C ILE B 569 -16.80 13.53 -7.29
N GLU B 570 -17.82 13.23 -6.49
CA GLU B 570 -18.25 14.17 -5.46
C GLU B 570 -17.13 14.44 -4.46
N LYS B 571 -16.49 13.38 -3.96
CA LYS B 571 -15.45 13.56 -2.95
C LYS B 571 -14.26 14.33 -3.52
N MET B 572 -13.86 14.02 -4.75
CA MET B 572 -12.71 14.68 -5.34
C MET B 572 -13.01 16.10 -5.78
N ILE B 573 -14.28 16.48 -5.91
CA ILE B 573 -14.61 17.87 -6.19
C ILE B 573 -14.82 18.69 -4.91
N LEU B 574 -15.20 18.06 -3.80
CA LEU B 574 -15.46 18.81 -2.58
C LEU B 574 -14.30 18.84 -1.61
N ARG B 575 -13.42 17.83 -1.62
CA ARG B 575 -12.34 17.74 -0.65
C ARG B 575 -10.98 18.08 -1.22
N ASP B 576 -10.57 17.43 -2.31
CA ASP B 576 -9.20 17.60 -2.80
C ASP B 576 -9.07 18.86 -3.65
N LEU B 577 -9.85 18.94 -4.73
CA LEU B 577 -9.73 20.06 -5.65
C LEU B 577 -10.11 21.38 -4.97
N CYS B 578 -11.14 21.35 -4.14
CA CYS B 578 -11.62 22.58 -3.52
C CYS B 578 -10.51 23.27 -2.73
N ARG B 579 -9.83 22.53 -1.85
CA ARG B 579 -8.80 23.11 -1.01
C ARG B 579 -7.43 23.13 -1.67
N PHE B 580 -7.25 22.47 -2.81
CA PHE B 580 -6.05 22.67 -3.60
C PHE B 580 -6.14 23.93 -4.46
N MET B 581 -7.34 24.44 -4.65
CA MET B 581 -7.54 25.64 -5.43
C MET B 581 -6.76 26.79 -4.81
N PHE B 582 -6.86 26.93 -3.48
CA PHE B 582 -6.18 28.01 -2.78
C PHE B 582 -4.67 27.90 -2.93
N VAL B 583 -4.13 26.69 -2.81
CA VAL B 583 -2.69 26.49 -2.94
C VAL B 583 -2.24 26.82 -4.36
N TYR B 584 -3.06 26.51 -5.35
CA TYR B 584 -2.65 26.78 -6.72
C TYR B 584 -2.76 28.25 -7.09
N LEU B 585 -3.75 28.96 -6.54
CA LEU B 585 -4.02 30.30 -7.02
C LEU B 585 -2.95 31.29 -6.60
N VAL B 586 -2.31 31.09 -5.44
CA VAL B 586 -1.21 31.97 -5.08
C VAL B 586 -0.09 31.86 -6.11
N PHE B 587 0.24 30.63 -6.52
CA PHE B 587 1.25 30.44 -7.54
C PHE B 587 0.83 31.11 -8.86
N LEU B 588 -0.39 30.83 -9.31
CA LEU B 588 -0.85 31.38 -10.58
C LEU B 588 -0.78 32.90 -10.56
N PHE B 589 -1.35 33.52 -9.53
CA PHE B 589 -1.41 34.98 -9.50
C PHE B 589 -0.04 35.59 -9.30
N GLY B 590 0.79 35.02 -8.43
CA GLY B 590 2.11 35.58 -8.22
C GLY B 590 2.91 35.59 -9.51
N PHE B 591 2.96 34.46 -10.21
CA PHE B 591 3.76 34.40 -11.41
C PHE B 591 3.12 35.17 -12.56
N SER B 592 1.80 35.25 -12.60
CA SER B 592 1.13 36.03 -13.64
C SER B 592 1.42 37.51 -13.47
N THR B 593 1.27 38.04 -12.26
CA THR B 593 1.58 39.44 -12.02
C THR B 593 3.06 39.71 -12.27
N ALA B 594 3.94 38.81 -11.84
CA ALA B 594 5.36 39.01 -12.07
C ALA B 594 5.68 39.07 -13.56
N VAL B 595 5.13 38.15 -14.34
CA VAL B 595 5.42 38.13 -15.77
C VAL B 595 4.87 39.37 -16.45
N VAL B 596 3.65 39.77 -16.10
CA VAL B 596 3.07 40.96 -16.72
C VAL B 596 3.88 42.19 -16.39
N THR B 597 4.30 42.33 -15.13
CA THR B 597 5.11 43.47 -14.72
C THR B 597 6.44 43.49 -15.45
N LEU B 598 7.05 42.32 -15.63
CA LEU B 598 8.41 42.27 -16.16
C LEU B 598 8.50 42.79 -17.59
N ILE B 599 7.44 42.61 -18.38
CA ILE B 599 7.52 42.90 -19.81
C ILE B 599 6.48 43.95 -20.23
N GLU B 600 6.15 44.87 -19.33
CA GLU B 600 5.21 45.93 -19.69
C GLU B 600 5.78 46.83 -20.78
N ASP B 601 7.07 47.16 -20.69
CA ASP B 601 7.69 48.07 -21.64
C ASP B 601 7.50 47.62 -23.08
N SER B 626 1.24 37.40 -26.65
CA SER B 626 0.22 36.66 -25.92
C SER B 626 0.27 37.00 -24.43
N TYR B 627 1.41 37.51 -23.98
CA TYR B 627 1.60 37.92 -22.59
C TYR B 627 1.32 39.41 -22.40
N ASN B 628 0.41 39.97 -23.19
CA ASN B 628 0.17 41.41 -23.14
C ASN B 628 -0.72 41.79 -21.96
N SER B 629 -1.84 41.10 -21.80
CA SER B 629 -2.78 41.41 -20.74
C SER B 629 -2.58 40.47 -19.56
N LEU B 630 -3.30 40.77 -18.47
CA LEU B 630 -3.25 39.90 -17.31
C LEU B 630 -4.11 38.65 -17.52
N TYR B 631 -5.24 38.78 -18.20
CA TYR B 631 -6.08 37.63 -18.49
C TYR B 631 -5.34 36.62 -19.36
N SER B 632 -4.69 37.08 -20.42
CA SER B 632 -4.01 36.16 -21.33
C SER B 632 -2.79 35.55 -20.67
N THR B 633 -2.09 36.30 -19.82
CA THR B 633 -0.97 35.71 -19.09
C THR B 633 -1.46 34.63 -18.13
N CYS B 634 -2.57 34.88 -17.43
CA CYS B 634 -3.11 33.85 -16.55
C CYS B 634 -3.52 32.62 -17.34
N LEU B 635 -4.16 32.81 -18.50
CA LEU B 635 -4.58 31.66 -19.30
C LEU B 635 -3.37 30.87 -19.78
N GLU B 636 -2.34 31.56 -20.28
CA GLU B 636 -1.17 30.86 -20.77
C GLU B 636 -0.46 30.10 -19.66
N LEU B 637 -0.36 30.71 -18.48
CA LEU B 637 0.27 30.02 -17.36
C LEU B 637 -0.56 28.82 -16.91
N PHE B 638 -1.89 28.93 -16.93
CA PHE B 638 -2.71 27.77 -16.62
C PHE B 638 -2.49 26.66 -17.63
N LYS B 639 -2.40 27.02 -18.92
CA LYS B 639 -2.09 26.01 -19.93
C LYS B 639 -0.77 25.33 -19.64
N PHE B 640 0.22 26.10 -19.18
CA PHE B 640 1.49 25.49 -18.77
C PHE B 640 1.27 24.50 -17.64
N THR B 641 0.43 24.84 -16.67
CA THR B 641 0.23 23.98 -15.51
C THR B 641 -0.36 22.62 -15.89
N ILE B 642 -1.06 22.51 -17.00
CA ILE B 642 -1.64 21.24 -17.42
C ILE B 642 -0.90 20.66 -18.62
N GLY B 643 0.37 21.02 -18.79
CA GLY B 643 1.18 20.43 -19.83
C GLY B 643 0.67 20.69 -21.23
N MET B 644 0.03 21.83 -21.46
CA MET B 644 -0.66 22.10 -22.72
C MET B 644 -0.16 23.40 -23.37
N GLY B 645 0.97 23.93 -22.92
CA GLY B 645 1.50 25.17 -23.43
C GLY B 645 2.76 24.97 -24.25
N ASP B 646 3.20 26.05 -24.88
CA ASP B 646 4.39 26.07 -25.73
C ASP B 646 5.43 27.01 -25.15
N LEU B 647 6.61 26.49 -24.85
CA LEU B 647 7.77 27.30 -24.49
C LEU B 647 8.49 27.66 -25.79
N GLU B 648 8.45 28.95 -26.16
CA GLU B 648 9.00 29.42 -27.42
C GLU B 648 10.20 30.33 -27.25
N PHE B 649 10.09 31.36 -26.41
CA PHE B 649 11.17 32.34 -26.26
C PHE B 649 11.56 32.91 -27.61
N THR B 650 10.56 33.17 -28.46
CA THR B 650 10.81 33.68 -29.80
C THR B 650 10.80 35.20 -29.85
N GLU B 651 9.84 35.85 -29.20
CA GLU B 651 9.82 37.31 -29.18
C GLU B 651 10.94 37.85 -28.32
N ASN B 652 11.45 39.02 -28.70
CA ASN B 652 12.62 39.61 -28.05
C ASN B 652 12.14 40.60 -27.00
N TYR B 653 11.75 40.07 -25.85
CA TYR B 653 11.32 40.91 -24.74
C TYR B 653 12.53 41.61 -24.12
N ASP B 654 12.24 42.45 -23.13
CA ASP B 654 13.27 42.98 -22.25
C ASP B 654 13.49 41.99 -21.12
N PHE B 655 14.74 41.89 -20.66
CA PHE B 655 15.10 40.95 -19.60
C PHE B 655 14.71 39.53 -20.01
N LYS B 656 15.16 39.11 -21.19
CA LYS B 656 14.74 37.82 -21.71
C LYS B 656 15.18 36.69 -20.80
N ALA B 657 16.40 36.77 -20.26
CA ALA B 657 16.87 35.70 -19.38
C ALA B 657 16.01 35.58 -18.14
N VAL B 658 15.60 36.71 -17.56
CA VAL B 658 14.76 36.66 -16.37
C VAL B 658 13.38 36.09 -16.71
N PHE B 659 12.86 36.42 -17.88
CA PHE B 659 11.58 35.86 -18.32
C PHE B 659 11.69 34.34 -18.46
N ILE B 660 12.77 33.87 -19.08
CA ILE B 660 12.97 32.42 -19.24
C ILE B 660 13.09 31.76 -17.88
N ILE B 661 13.82 32.38 -16.95
CA ILE B 661 13.98 31.80 -15.62
C ILE B 661 12.64 31.71 -14.92
N LEU B 662 11.82 32.77 -15.00
CA LEU B 662 10.52 32.75 -14.34
C LEU B 662 9.64 31.65 -14.92
N LEU B 663 9.57 31.54 -16.25
CA LEU B 663 8.71 30.53 -16.85
C LEU B 663 9.20 29.13 -16.53
N LEU B 664 10.51 28.89 -16.54
CA LEU B 664 10.99 27.54 -16.23
C LEU B 664 10.70 27.19 -14.77
N ALA B 665 10.89 28.14 -13.85
CA ALA B 665 10.56 27.87 -12.46
C ALA B 665 9.08 27.58 -12.31
N TYR B 666 8.23 28.33 -13.00
CA TYR B 666 6.80 28.07 -12.94
C TYR B 666 6.45 26.69 -13.46
N VAL B 667 7.02 26.31 -14.60
CA VAL B 667 6.70 25.01 -15.19
C VAL B 667 7.16 23.88 -14.27
N ILE B 668 8.35 24.00 -13.69
CA ILE B 668 8.84 22.95 -12.81
C ILE B 668 8.04 22.92 -11.51
N LEU B 669 7.58 24.07 -11.02
CA LEU B 669 6.89 24.10 -9.74
C LEU B 669 5.45 23.63 -9.85
N THR B 670 4.77 23.93 -10.94
CA THR B 670 3.35 23.61 -11.06
C THR B 670 3.06 22.38 -11.91
N TYR B 671 3.77 22.20 -13.03
CA TYR B 671 3.50 21.05 -13.87
C TYR B 671 4.10 19.77 -13.32
N ILE B 672 5.25 19.85 -12.67
CA ILE B 672 5.97 18.65 -12.27
C ILE B 672 5.76 18.37 -10.79
N LEU B 673 5.51 19.42 -10.01
CA LEU B 673 5.57 19.31 -8.57
C LEU B 673 4.22 19.46 -7.89
N LEU B 674 3.39 20.42 -8.31
CA LEU B 674 2.06 20.58 -7.73
C LEU B 674 1.00 19.73 -8.40
N LEU B 675 1.00 19.65 -9.73
CA LEU B 675 -0.01 18.85 -10.41
C LEU B 675 0.10 17.40 -9.99
N ASN B 676 1.31 16.86 -9.88
CA ASN B 676 1.46 15.47 -9.48
C ASN B 676 1.13 15.28 -8.01
N MET B 677 1.31 16.31 -7.18
CA MET B 677 0.84 16.25 -5.80
C MET B 677 -0.68 16.11 -5.75
N LEU B 678 -1.37 16.92 -6.55
CA LEU B 678 -2.82 16.82 -6.61
C LEU B 678 -3.24 15.44 -7.09
N ILE B 679 -2.56 14.91 -8.11
CA ILE B 679 -2.92 13.61 -8.64
C ILE B 679 -2.69 12.51 -7.60
N ALA B 680 -1.61 12.63 -6.82
CA ALA B 680 -1.37 11.65 -5.77
C ALA B 680 -2.46 11.69 -4.71
N LEU B 681 -2.89 12.89 -4.30
CA LEU B 681 -3.95 12.98 -3.31
C LEU B 681 -5.27 12.43 -3.85
N MET B 682 -5.58 12.73 -5.11
CA MET B 682 -6.79 12.19 -5.73
C MET B 682 -6.74 10.68 -5.77
N GLY B 683 -5.58 10.12 -6.12
CA GLY B 683 -5.45 8.67 -6.11
C GLY B 683 -5.64 8.09 -4.72
N GLU B 684 -5.15 8.79 -3.69
CA GLU B 684 -5.38 8.33 -2.33
C GLU B 684 -6.87 8.27 -2.02
N THR B 685 -7.61 9.31 -2.38
CA THR B 685 -9.05 9.30 -2.13
C THR B 685 -9.72 8.16 -2.88
N VAL B 686 -9.36 7.98 -4.16
CA VAL B 686 -9.99 6.94 -4.97
C VAL B 686 -9.73 5.58 -4.36
N ASN B 687 -8.49 5.38 -3.92
CA ASN B 687 -8.07 4.14 -3.29
C ASN B 687 -8.82 3.87 -2.00
N LYS B 688 -9.02 4.93 -1.23
CA LYS B 688 -9.68 4.81 0.07
C LYS B 688 -11.15 4.46 -0.08
N ILE B 689 -11.86 5.10 -1.01
CA ILE B 689 -13.30 4.86 -1.15
C ILE B 689 -13.61 3.87 -2.25
N ALA B 690 -12.61 3.17 -2.78
CA ALA B 690 -12.84 2.06 -3.69
C ALA B 690 -12.84 0.71 -2.98
N GLN B 691 -12.24 0.63 -1.80
CA GLN B 691 -12.35 -0.58 -0.99
C GLN B 691 -13.76 -0.77 -0.46
N GLU B 692 -14.39 0.32 0.00
CA GLU B 692 -15.69 0.25 0.67
C GLU B 692 -16.83 0.40 -0.33
N SER B 693 -16.85 -0.48 -1.31
CA SER B 693 -17.94 -0.48 -2.29
C SER B 693 -19.25 -0.89 -1.64
N LYS B 694 -19.24 -2.01 -0.90
CA LYS B 694 -20.47 -2.55 -0.35
C LYS B 694 -21.16 -1.54 0.55
N ASN B 695 -20.43 -1.00 1.53
CA ASN B 695 -21.03 -0.09 2.49
C ASN B 695 -21.57 1.14 1.78
N ILE B 696 -20.79 1.71 0.87
CA ILE B 696 -21.18 2.94 0.21
C ILE B 696 -22.47 2.74 -0.57
N TRP B 697 -22.53 1.70 -1.39
CA TRP B 697 -23.72 1.58 -2.24
C TRP B 697 -24.91 1.14 -1.40
N LYS B 698 -24.68 0.41 -0.31
CA LYS B 698 -25.78 0.07 0.60
C LYS B 698 -26.40 1.32 1.18
N LEU B 699 -25.56 2.25 1.65
CA LEU B 699 -26.10 3.48 2.22
C LEU B 699 -26.83 4.30 1.18
N GLN B 700 -26.28 4.40 -0.03
CA GLN B 700 -26.96 5.17 -1.07
C GLN B 700 -28.29 4.53 -1.44
N ARG B 701 -28.34 3.20 -1.53
CA ARG B 701 -29.60 2.52 -1.79
C ARG B 701 -30.60 2.79 -0.68
N ALA B 702 -30.16 2.79 0.57
CA ALA B 702 -31.07 3.06 1.68
C ALA B 702 -31.63 4.47 1.58
N ILE B 703 -30.79 5.45 1.26
CA ILE B 703 -31.27 6.83 1.16
C ILE B 703 -32.28 6.96 0.03
N THR B 704 -32.00 6.37 -1.13
CA THR B 704 -32.95 6.47 -2.24
C THR B 704 -34.25 5.75 -1.90
N ILE B 705 -34.19 4.63 -1.18
CA ILE B 705 -35.40 3.95 -0.77
C ILE B 705 -36.24 4.86 0.12
N LEU B 706 -35.60 5.50 1.08
CA LEU B 706 -36.33 6.41 1.97
C LEU B 706 -36.99 7.53 1.17
N ASP B 707 -36.24 8.15 0.27
CA ASP B 707 -36.80 9.26 -0.50
C ASP B 707 -37.95 8.80 -1.40
N THR B 708 -37.78 7.65 -2.05
CA THR B 708 -38.86 7.14 -2.91
C THR B 708 -40.12 6.86 -2.10
N GLU B 709 -39.97 6.22 -0.94
CA GLU B 709 -41.13 5.95 -0.11
C GLU B 709 -41.81 7.23 0.35
N LYS B 710 -41.01 8.23 0.73
CA LYS B 710 -41.57 9.46 1.28
C LYS B 710 -42.18 10.37 0.21
N SER B 711 -41.74 10.25 -1.04
CA SER B 711 -42.20 11.18 -2.07
C SER B 711 -43.68 10.97 -2.36
N PHE B 712 -44.10 9.73 -2.62
CA PHE B 712 -45.46 9.41 -3.01
C PHE B 712 -46.16 8.76 -1.83
N LEU B 713 -47.13 9.49 -1.25
CA LEU B 713 -47.84 8.98 -0.08
C LEU B 713 -48.59 7.70 -0.41
N LYS B 714 -49.26 7.67 -1.56
CA LYS B 714 -49.92 6.43 -1.97
C LYS B 714 -48.92 5.29 -2.06
N CYS B 715 -47.67 5.58 -2.41
CA CYS B 715 -46.64 4.55 -2.45
C CYS B 715 -46.40 3.98 -1.05
N MET B 716 -46.33 4.84 -0.04
CA MET B 716 -46.18 4.34 1.33
C MET B 716 -47.40 3.53 1.75
N ARG B 717 -48.60 3.99 1.39
CA ARG B 717 -49.80 3.27 1.77
C ARG B 717 -49.84 1.89 1.15
N LYS B 718 -49.45 1.77 -0.11
CA LYS B 718 -49.48 0.51 -0.84
C LYS B 718 -48.17 -0.27 -0.70
N ALA B 719 -47.22 0.22 0.09
CA ALA B 719 -45.91 -0.41 0.17
C ALA B 719 -46.00 -1.82 0.70
N PHE B 720 -46.83 -2.06 1.71
CA PHE B 720 -46.78 -3.30 2.47
C PHE B 720 -45.37 -3.52 3.01
N ARG B 721 -44.82 -2.46 3.60
CA ARG B 721 -43.43 -2.48 4.04
C ARG B 721 -43.20 -3.56 5.09
N SER B 722 -44.12 -3.68 6.05
CA SER B 722 -43.99 -4.67 7.10
C SER B 722 -44.47 -6.04 6.61
N GLY B 723 -43.91 -7.08 7.23
CA GLY B 723 -44.31 -8.44 6.84
C GLY B 723 -45.74 -8.76 7.20
N LYS B 724 -46.21 -8.25 8.33
CA LYS B 724 -47.58 -8.52 8.79
C LYS B 724 -47.81 -7.73 10.07
N LEU B 725 -49.08 -7.62 10.45
CA LEU B 725 -49.50 -6.99 11.71
C LEU B 725 -50.33 -8.03 12.46
N LEU B 726 -49.64 -8.86 13.24
CA LEU B 726 -50.28 -9.98 13.92
C LEU B 726 -50.00 -9.91 15.41
N GLN B 727 -50.94 -10.40 16.20
CA GLN B 727 -50.79 -10.49 17.66
C GLN B 727 -50.25 -11.88 17.97
N VAL B 728 -48.96 -11.95 18.32
CA VAL B 728 -48.29 -13.23 18.55
C VAL B 728 -48.11 -13.50 20.04
N GLY B 729 -48.79 -12.75 20.90
CA GLY B 729 -48.67 -12.98 22.33
C GLY B 729 -49.78 -12.27 23.08
N PHE B 730 -49.87 -12.58 24.37
CA PHE B 730 -50.82 -11.96 25.28
C PHE B 730 -50.05 -11.17 26.32
N THR B 731 -50.43 -9.90 26.50
CA THR B 731 -49.71 -9.05 27.42
C THR B 731 -50.08 -9.38 28.87
N PRO B 732 -49.19 -9.08 29.83
CA PRO B 732 -49.54 -9.29 31.24
C PRO B 732 -50.72 -8.45 31.69
N ASP B 733 -51.01 -7.34 31.02
CA ASP B 733 -52.21 -6.56 31.34
C ASP B 733 -53.48 -7.35 31.07
N GLY B 734 -53.38 -8.44 30.31
CA GLY B 734 -54.53 -9.28 29.99
C GLY B 734 -55.08 -9.10 28.60
N LYS B 735 -54.60 -8.11 27.85
CA LYS B 735 -55.07 -7.83 26.49
C LYS B 735 -53.98 -8.20 25.50
N ASP B 736 -54.31 -9.08 24.57
CA ASP B 736 -53.39 -9.40 23.49
C ASP B 736 -53.20 -8.20 22.58
N ASP B 737 -51.96 -7.97 22.15
CA ASP B 737 -51.60 -6.81 21.36
C ASP B 737 -51.20 -7.25 19.95
N TYR B 738 -51.69 -6.51 18.95
CA TYR B 738 -51.36 -6.77 17.55
C TYR B 738 -50.10 -6.00 17.19
N ARG B 739 -49.01 -6.71 16.94
CA ARG B 739 -47.70 -6.12 16.70
C ARG B 739 -47.26 -6.40 15.27
N TRP B 740 -46.54 -5.45 14.69
CA TRP B 740 -46.00 -5.62 13.34
C TRP B 740 -44.72 -6.43 13.39
N CYS B 741 -44.51 -7.25 12.37
CA CYS B 741 -43.39 -8.19 12.40
C CYS B 741 -43.12 -8.69 10.99
N PHE B 742 -41.95 -9.30 10.82
CA PHE B 742 -41.55 -9.88 9.56
C PHE B 742 -40.57 -11.02 9.82
N ARG B 743 -40.57 -12.00 8.93
CA ARG B 743 -39.70 -13.15 9.07
C ARG B 743 -38.26 -12.80 8.72
N VAL B 744 -37.31 -13.33 9.48
CA VAL B 744 -35.90 -13.21 9.17
C VAL B 744 -35.21 -14.53 9.51
N ASP B 745 -34.98 -15.36 8.49
CA ASP B 745 -34.35 -16.65 8.68
C ASP B 745 -32.83 -16.50 8.55
N GLU B 746 -32.10 -16.98 9.55
CA GLU B 746 -30.65 -16.87 9.59
C GLU B 746 -30.04 -18.26 9.72
N VAL B 747 -28.98 -18.51 8.96
CA VAL B 747 -28.35 -19.82 8.89
C VAL B 747 -27.16 -19.86 9.84
N ASN B 748 -27.20 -20.80 10.80
CA ASN B 748 -26.07 -21.03 11.71
C ASN B 748 -26.05 -22.51 12.05
N TRP B 749 -25.30 -23.28 11.27
CA TRP B 749 -25.23 -24.72 11.44
C TRP B 749 -23.96 -25.18 12.13
N THR B 750 -22.86 -24.41 12.03
CA THR B 750 -21.62 -24.81 12.68
C THR B 750 -21.79 -24.87 14.19
N THR B 751 -22.51 -23.90 14.77
CA THR B 751 -22.74 -23.89 16.21
C THR B 751 -23.68 -25.00 16.66
N TRP B 752 -24.33 -25.69 15.72
CA TRP B 752 -25.25 -26.78 16.04
C TRP B 752 -26.24 -26.38 17.13
N SER C 197 -45.98 -31.83 -0.16
CA SER C 197 -45.11 -30.81 -0.74
C SER C 197 -44.06 -30.37 0.28
N TYR C 198 -44.44 -29.41 1.13
CA TYR C 198 -43.52 -28.93 2.15
C TYR C 198 -43.17 -30.04 3.15
N TYR C 199 -44.17 -30.78 3.62
CA TYR C 199 -44.02 -31.80 4.65
C TYR C 199 -44.19 -33.19 4.07
N LYS C 200 -43.65 -33.43 2.89
CA LYS C 200 -43.84 -34.70 2.18
C LYS C 200 -42.78 -35.70 2.64
N GLY C 201 -43.19 -36.67 3.44
CA GLY C 201 -42.32 -37.74 3.87
C GLY C 201 -41.56 -37.49 5.15
N GLN C 202 -41.58 -36.27 5.68
CA GLN C 202 -40.85 -35.96 6.90
C GLN C 202 -41.60 -36.52 8.10
N THR C 203 -40.87 -37.20 9.00
CA THR C 203 -41.45 -37.84 10.17
C THR C 203 -40.62 -37.48 11.39
N ALA C 204 -41.09 -37.97 12.56
CA ALA C 204 -40.45 -37.62 13.83
C ALA C 204 -39.02 -38.09 13.91
N LEU C 205 -38.62 -39.06 13.08
CA LEU C 205 -37.23 -39.51 13.09
C LEU C 205 -36.28 -38.37 12.72
N HIS C 206 -36.65 -37.57 11.71
CA HIS C 206 -35.83 -36.42 11.34
C HIS C 206 -35.75 -35.42 12.49
N ILE C 207 -36.87 -35.18 13.18
CA ILE C 207 -36.90 -34.19 14.24
C ILE C 207 -36.05 -34.64 15.42
N ALA C 208 -36.08 -35.94 15.73
CA ALA C 208 -35.19 -36.47 16.75
C ALA C 208 -33.73 -36.34 16.30
N ILE C 209 -33.46 -36.61 15.02
CA ILE C 209 -32.10 -36.47 14.50
C ILE C 209 -31.58 -35.06 14.73
N GLU C 210 -32.23 -34.07 14.11
CA GLU C 210 -31.67 -32.72 14.10
C GLU C 210 -31.54 -32.13 15.50
N ARG C 211 -32.29 -32.64 16.48
CA ARG C 211 -32.20 -32.17 17.84
C ARG C 211 -31.17 -32.93 18.66
N ARG C 212 -30.54 -33.95 18.08
CA ARG C 212 -29.56 -34.78 18.78
C ARG C 212 -30.21 -35.50 19.96
N ASN C 213 -31.17 -36.37 19.63
CA ASN C 213 -31.80 -37.28 20.59
C ASN C 213 -31.29 -38.69 20.29
N MET C 214 -30.45 -39.22 21.16
CA MET C 214 -29.84 -40.52 20.92
C MET C 214 -30.90 -41.63 20.91
N THR C 215 -31.87 -41.56 21.82
CA THR C 215 -32.80 -42.66 22.02
C THR C 215 -34.01 -42.61 21.10
N LEU C 216 -34.45 -41.43 20.69
CA LEU C 216 -35.65 -41.33 19.87
C LEU C 216 -35.45 -41.98 18.51
N VAL C 217 -34.29 -41.79 17.90
CA VAL C 217 -34.02 -42.44 16.62
C VAL C 217 -34.02 -43.96 16.79
N THR C 218 -33.42 -44.45 17.87
CA THR C 218 -33.42 -45.89 18.12
C THR C 218 -34.84 -46.41 18.25
N LEU C 219 -35.68 -45.70 19.00
CA LEU C 219 -37.07 -46.14 19.16
C LEU C 219 -37.79 -46.15 17.81
N LEU C 220 -37.63 -45.08 17.03
CA LEU C 220 -38.35 -44.98 15.76
C LEU C 220 -37.92 -46.08 14.80
N VAL C 221 -36.61 -46.34 14.70
CA VAL C 221 -36.14 -47.37 13.78
C VAL C 221 -36.35 -48.78 14.34
N GLU C 222 -36.59 -48.91 15.65
CA GLU C 222 -37.09 -50.17 16.18
C GLU C 222 -38.55 -50.38 15.81
N ASN C 223 -39.31 -49.29 15.68
CA ASN C 223 -40.72 -49.39 15.33
C ASN C 223 -40.94 -49.90 13.91
N GLY C 224 -39.90 -49.97 13.11
CA GLY C 224 -40.02 -50.48 11.75
C GLY C 224 -40.17 -49.42 10.69
N ALA C 225 -39.97 -48.15 11.02
CA ALA C 225 -40.09 -47.08 10.04
C ALA C 225 -39.15 -47.33 8.86
N ASP C 226 -39.68 -47.17 7.66
CA ASP C 226 -38.94 -47.49 6.44
C ASP C 226 -38.01 -46.33 6.11
N VAL C 227 -36.75 -46.45 6.52
CA VAL C 227 -35.76 -45.42 6.24
C VAL C 227 -35.38 -45.35 4.77
N GLN C 228 -35.84 -46.30 3.96
CA GLN C 228 -35.65 -46.20 2.51
C GLN C 228 -36.39 -44.98 1.95
N ALA C 229 -37.60 -44.73 2.45
CA ALA C 229 -38.37 -43.59 1.97
C ALA C 229 -37.64 -42.29 2.25
N ALA C 230 -37.75 -41.35 1.31
CA ALA C 230 -37.07 -40.07 1.39
C ALA C 230 -38.08 -38.95 1.58
N ALA C 231 -37.68 -37.93 2.35
CA ALA C 231 -38.51 -36.76 2.61
C ALA C 231 -37.97 -35.58 1.81
N ASN C 232 -38.85 -34.94 1.04
CA ASN C 232 -38.48 -33.80 0.20
C ASN C 232 -39.43 -32.65 0.46
N GLY C 233 -38.92 -31.44 0.33
CA GLY C 233 -39.73 -30.25 0.50
C GLY C 233 -39.03 -29.03 -0.02
N ASP C 234 -39.78 -27.92 -0.08
CA ASP C 234 -39.22 -26.68 -0.58
C ASP C 234 -38.05 -26.21 0.29
N PHE C 235 -38.18 -26.35 1.61
CA PHE C 235 -37.09 -25.99 2.50
C PHE C 235 -35.86 -26.85 2.26
N PHE C 236 -36.06 -28.11 1.87
CA PHE C 236 -34.93 -29.01 1.67
C PHE C 236 -34.22 -28.73 0.35
N LYS C 237 -34.97 -28.41 -0.70
CA LYS C 237 -34.39 -28.23 -2.03
C LYS C 237 -33.44 -27.03 -2.04
N LYS C 238 -32.40 -27.14 -2.86
CA LYS C 238 -31.39 -26.08 -2.97
C LYS C 238 -31.89 -25.05 -3.97
N THR C 239 -32.82 -24.21 -3.50
CA THR C 239 -33.43 -23.15 -4.29
C THR C 239 -33.10 -21.81 -3.66
N LYS C 240 -32.52 -20.90 -4.45
CA LYS C 240 -32.22 -19.57 -3.94
C LYS C 240 -33.49 -18.74 -3.78
N GLY C 241 -34.52 -19.03 -4.56
CA GLY C 241 -35.77 -18.28 -4.46
C GLY C 241 -36.51 -18.48 -3.16
N ARG C 242 -36.19 -19.52 -2.41
CA ARG C 242 -36.83 -19.80 -1.14
C ARG C 242 -35.78 -20.07 -0.08
N PRO C 243 -36.06 -19.72 1.19
CA PRO C 243 -35.15 -20.11 2.26
C PRO C 243 -35.19 -21.62 2.50
N GLY C 244 -34.05 -22.16 2.89
CA GLY C 244 -33.99 -23.59 3.14
C GLY C 244 -32.58 -24.04 3.43
N PHE C 245 -32.49 -25.29 3.87
CA PHE C 245 -31.23 -25.95 4.14
C PHE C 245 -31.23 -27.30 3.45
N TYR C 246 -30.16 -27.58 2.70
CA TYR C 246 -30.05 -28.80 1.91
C TYR C 246 -29.34 -29.88 2.71
N PHE C 247 -30.00 -31.04 2.84
CA PHE C 247 -29.39 -32.19 3.51
C PHE C 247 -29.72 -33.48 2.77
N GLY C 248 -29.87 -33.40 1.45
CA GLY C 248 -30.25 -34.57 0.68
C GLY C 248 -31.72 -34.89 0.86
N GLU C 249 -32.08 -36.12 0.48
CA GLU C 249 -33.44 -36.61 0.63
C GLU C 249 -33.55 -37.84 1.52
N LEU C 250 -32.55 -38.71 1.51
CA LEU C 250 -32.59 -39.91 2.33
C LEU C 250 -32.51 -39.53 3.82
N PRO C 251 -33.33 -40.15 4.67
CA PRO C 251 -33.21 -39.86 6.11
C PRO C 251 -31.83 -40.16 6.68
N LEU C 252 -31.19 -41.22 6.20
CA LEU C 252 -29.80 -41.48 6.59
C LEU C 252 -28.91 -40.34 6.17
N SER C 253 -29.17 -39.75 5.01
CA SER C 253 -28.38 -38.59 4.57
C SER C 253 -28.53 -37.44 5.55
N LEU C 254 -29.76 -37.18 6.01
CA LEU C 254 -29.97 -36.12 6.99
C LEU C 254 -29.25 -36.43 8.30
N ALA C 255 -29.32 -37.69 8.75
CA ALA C 255 -28.64 -38.08 9.97
C ALA C 255 -27.14 -37.85 9.84
N ALA C 256 -26.56 -38.20 8.68
CA ALA C 256 -25.15 -38.01 8.46
C ALA C 256 -24.80 -36.53 8.44
N CYS C 257 -25.54 -35.73 7.66
CA CYS C 257 -25.24 -34.31 7.54
C CYS C 257 -25.39 -33.59 8.88
N THR C 258 -26.26 -34.09 9.76
CA THR C 258 -26.52 -33.45 11.05
C THR C 258 -25.63 -33.98 12.16
N ASN C 259 -24.42 -34.44 11.83
CA ASN C 259 -23.38 -34.73 12.82
C ASN C 259 -23.85 -35.80 13.81
N GLN C 260 -24.09 -37.00 13.29
CA GLN C 260 -24.49 -38.14 14.13
C GLN C 260 -23.92 -39.40 13.49
N LEU C 261 -22.73 -39.81 13.92
CA LEU C 261 -22.02 -40.92 13.31
C LEU C 261 -22.44 -42.26 13.91
N ALA C 262 -22.56 -42.34 15.23
CA ALA C 262 -23.02 -43.57 15.85
C ALA C 262 -24.45 -43.89 15.44
N ILE C 263 -25.30 -42.86 15.36
CA ILE C 263 -26.69 -43.08 15.00
C ILE C 263 -26.80 -43.66 13.60
N VAL C 264 -26.09 -43.08 12.63
CA VAL C 264 -26.13 -43.61 11.28
C VAL C 264 -25.49 -44.99 11.22
N LYS C 265 -24.42 -45.20 12.00
CA LYS C 265 -23.81 -46.51 12.06
C LYS C 265 -24.82 -47.57 12.49
N PHE C 266 -25.71 -47.20 13.42
CA PHE C 266 -26.75 -48.13 13.83
C PHE C 266 -27.84 -48.26 12.78
N LEU C 267 -28.28 -47.13 12.20
CA LEU C 267 -29.29 -47.19 11.13
C LEU C 267 -28.86 -48.16 10.04
N LEU C 268 -27.60 -48.09 9.62
CA LEU C 268 -27.11 -48.99 8.58
C LEU C 268 -27.17 -50.44 9.04
N GLN C 269 -26.80 -50.70 10.30
CA GLN C 269 -26.75 -52.05 10.82
C GLN C 269 -28.03 -52.47 11.54
N ASN C 270 -29.04 -51.62 11.57
CA ASN C 270 -30.29 -51.94 12.26
C ASN C 270 -30.98 -53.10 11.53
N SER C 271 -30.96 -54.29 12.16
CA SER C 271 -31.49 -55.47 11.52
C SER C 271 -32.96 -55.32 11.15
N TRP C 272 -33.69 -54.49 11.90
CA TRP C 272 -35.12 -54.31 11.63
C TRP C 272 -35.36 -53.71 10.25
N GLN C 273 -34.57 -52.69 9.89
CA GLN C 273 -34.71 -52.05 8.59
C GLN C 273 -33.45 -51.24 8.28
N PRO C 274 -32.38 -51.87 7.80
CA PRO C 274 -31.16 -51.11 7.51
C PRO C 274 -31.39 -50.11 6.37
N ALA C 275 -30.74 -48.96 6.49
CA ALA C 275 -30.77 -47.96 5.43
C ALA C 275 -29.77 -48.32 4.35
N ASP C 276 -30.15 -48.07 3.09
CA ASP C 276 -29.30 -48.38 1.95
C ASP C 276 -28.40 -47.19 1.65
N ILE C 277 -27.08 -47.42 1.66
CA ILE C 277 -26.14 -46.34 1.43
C ILE C 277 -26.21 -45.86 -0.02
N SER C 278 -26.41 -46.79 -0.95
CA SER C 278 -26.37 -46.49 -2.39
C SER C 278 -27.63 -45.79 -2.89
N ALA C 279 -28.47 -45.26 -2.01
CA ALA C 279 -29.68 -44.58 -2.44
C ALA C 279 -29.34 -43.29 -3.18
N ARG C 280 -29.97 -43.08 -4.33
CA ARG C 280 -29.78 -41.88 -5.13
C ARG C 280 -31.12 -41.18 -5.29
N ASP C 281 -31.18 -39.92 -4.89
CA ASP C 281 -32.42 -39.17 -4.93
C ASP C 281 -32.70 -38.63 -6.33
N SER C 282 -33.91 -38.12 -6.53
CA SER C 282 -34.27 -37.53 -7.81
C SER C 282 -33.53 -36.22 -8.04
N VAL C 283 -33.28 -35.45 -6.97
CA VAL C 283 -32.54 -34.21 -7.12
C VAL C 283 -31.15 -34.49 -7.66
N GLY C 284 -30.54 -35.58 -7.23
CA GLY C 284 -29.27 -36.03 -7.73
C GLY C 284 -28.12 -36.04 -6.75
N ASN C 285 -28.40 -36.09 -5.44
CA ASN C 285 -27.37 -36.13 -4.41
C ASN C 285 -27.46 -37.46 -3.68
N THR C 286 -26.35 -38.20 -3.66
CA THR C 286 -26.21 -39.37 -2.82
C THR C 286 -25.82 -38.94 -1.41
N VAL C 287 -25.81 -39.88 -0.48
CA VAL C 287 -25.36 -39.58 0.87
C VAL C 287 -23.95 -38.99 0.84
N LEU C 288 -23.05 -39.64 0.10
CA LEU C 288 -21.70 -39.10 -0.07
C LEU C 288 -21.76 -37.76 -0.80
N HIS C 289 -22.55 -37.69 -1.87
CA HIS C 289 -22.70 -36.43 -2.57
C HIS C 289 -23.34 -35.38 -1.68
N ALA C 290 -24.28 -35.79 -0.82
CA ALA C 290 -24.88 -34.84 0.11
C ALA C 290 -23.83 -34.28 1.05
N LEU C 291 -22.95 -35.14 1.57
CA LEU C 291 -21.86 -34.63 2.42
C LEU C 291 -20.96 -33.69 1.64
N VAL C 292 -20.68 -34.00 0.38
CA VAL C 292 -19.85 -33.10 -0.42
C VAL C 292 -20.53 -31.74 -0.54
N GLU C 293 -21.84 -31.74 -0.80
CA GLU C 293 -22.56 -30.49 -0.98
C GLU C 293 -22.72 -29.72 0.32
N VAL C 294 -22.62 -30.40 1.47
CA VAL C 294 -22.71 -29.71 2.75
C VAL C 294 -21.45 -28.87 3.00
N ALA C 295 -20.29 -29.41 2.65
CA ALA C 295 -19.03 -28.80 3.07
C ALA C 295 -18.90 -27.37 2.58
N ASP C 296 -18.26 -26.53 3.40
CA ASP C 296 -17.99 -25.13 3.08
C ASP C 296 -16.54 -24.76 3.33
N ASN C 297 -15.63 -25.72 3.18
CA ASN C 297 -14.19 -25.46 3.13
C ASN C 297 -13.60 -25.11 4.48
N THR C 298 -14.44 -24.93 5.50
CA THR C 298 -13.93 -24.51 6.80
C THR C 298 -13.06 -25.60 7.42
N VAL C 299 -12.08 -25.17 8.22
CA VAL C 299 -11.13 -26.10 8.79
C VAL C 299 -11.84 -27.12 9.68
N ASP C 300 -12.65 -26.62 10.61
CA ASP C 300 -13.43 -27.51 11.46
C ASP C 300 -14.42 -28.34 10.64
N ASN C 301 -15.09 -27.70 9.68
CA ASN C 301 -15.99 -28.44 8.80
C ASN C 301 -15.20 -29.46 7.98
N THR C 302 -14.01 -29.09 7.53
CA THR C 302 -13.18 -30.06 6.81
C THR C 302 -12.92 -31.28 7.66
N LYS C 303 -12.48 -31.08 8.91
CA LYS C 303 -12.17 -32.22 9.78
C LYS C 303 -13.42 -33.06 10.04
N PHE C 304 -14.53 -32.41 10.35
CA PHE C 304 -15.77 -33.13 10.64
C PHE C 304 -16.22 -33.97 9.45
N VAL C 305 -16.34 -33.34 8.27
CA VAL C 305 -16.84 -34.05 7.10
C VAL C 305 -15.87 -35.15 6.70
N THR C 306 -14.56 -34.89 6.79
CA THR C 306 -13.58 -35.90 6.42
C THR C 306 -13.65 -37.10 7.34
N SER C 307 -13.77 -36.87 8.65
CA SER C 307 -13.85 -37.98 9.60
C SER C 307 -15.09 -38.83 9.33
N MET C 308 -16.24 -38.16 9.17
CA MET C 308 -17.46 -38.93 8.93
C MET C 308 -17.44 -39.62 7.57
N TYR C 309 -16.81 -38.99 6.57
CA TYR C 309 -16.68 -39.60 5.25
C TYR C 309 -15.84 -40.87 5.32
N ASN C 310 -14.70 -40.79 6.01
CA ASN C 310 -13.86 -41.97 6.13
C ASN C 310 -14.57 -43.08 6.89
N GLU C 311 -15.29 -42.72 7.96
CA GLU C 311 -16.03 -43.72 8.72
C GLU C 311 -17.10 -44.39 7.87
N ILE C 312 -17.87 -43.59 7.11
CA ILE C 312 -18.95 -44.16 6.31
C ILE C 312 -18.40 -45.03 5.19
N LEU C 313 -17.27 -44.63 4.60
CA LEU C 313 -16.64 -45.47 3.58
C LEU C 313 -16.16 -46.79 4.19
N ILE C 314 -15.57 -46.75 5.38
CA ILE C 314 -15.15 -47.99 6.03
C ILE C 314 -16.36 -48.88 6.28
N LEU C 315 -17.45 -48.30 6.77
CA LEU C 315 -18.65 -49.09 7.04
C LEU C 315 -19.18 -49.72 5.76
N GLY C 316 -19.26 -48.93 4.68
CA GLY C 316 -19.71 -49.49 3.42
C GLY C 316 -18.83 -50.62 2.94
N ALA C 317 -17.51 -50.45 3.06
CA ALA C 317 -16.60 -51.53 2.67
C ALA C 317 -16.88 -52.78 3.47
N LYS C 318 -17.13 -52.63 4.78
CA LYS C 318 -17.51 -53.79 5.58
C LYS C 318 -18.82 -54.39 5.07
N LEU C 319 -19.74 -53.55 4.61
CA LEU C 319 -21.09 -54.00 4.25
C LEU C 319 -21.11 -54.73 2.91
N HIS C 320 -20.68 -54.06 1.85
CA HIS C 320 -20.81 -54.55 0.47
C HIS C 320 -19.45 -54.54 -0.20
N PRO C 321 -18.62 -55.56 0.04
CA PRO C 321 -17.35 -55.65 -0.69
C PRO C 321 -17.54 -55.74 -2.20
N THR C 322 -18.64 -56.34 -2.65
CA THR C 322 -18.82 -56.58 -4.08
C THR C 322 -19.04 -55.28 -4.85
N LEU C 323 -19.60 -54.26 -4.21
CA LEU C 323 -19.98 -53.02 -4.87
C LEU C 323 -19.05 -51.89 -4.45
N LYS C 324 -18.64 -51.08 -5.43
CA LYS C 324 -17.85 -49.87 -5.18
C LYS C 324 -18.82 -48.69 -5.23
N LEU C 325 -18.98 -48.03 -4.08
CA LEU C 325 -20.00 -46.99 -3.95
C LEU C 325 -19.58 -45.69 -4.62
N GLU C 326 -18.28 -45.36 -4.60
CA GLU C 326 -17.85 -44.04 -5.03
C GLU C 326 -18.20 -43.78 -6.49
N GLU C 327 -18.00 -44.76 -7.36
CA GLU C 327 -18.03 -44.51 -8.79
C GLU C 327 -19.43 -44.26 -9.34
N ILE C 328 -20.48 -44.64 -8.60
CA ILE C 328 -21.83 -44.50 -9.13
C ILE C 328 -22.13 -43.03 -9.37
N THR C 329 -22.24 -42.65 -10.64
CA THR C 329 -22.58 -41.28 -10.99
C THR C 329 -24.00 -40.97 -10.55
N ASN C 330 -24.19 -39.77 -10.00
CA ASN C 330 -25.49 -39.37 -9.49
C ASN C 330 -26.35 -38.84 -10.64
N ARG C 331 -27.49 -38.24 -10.30
CA ARG C 331 -28.46 -37.87 -11.32
C ARG C 331 -27.85 -36.94 -12.36
N LYS C 332 -27.13 -35.91 -11.91
CA LYS C 332 -26.53 -34.96 -12.84
C LYS C 332 -25.38 -35.56 -13.63
N GLY C 333 -24.91 -36.75 -13.26
CA GLY C 333 -23.91 -37.45 -14.04
C GLY C 333 -22.49 -37.25 -13.57
N LEU C 334 -22.27 -36.68 -12.39
CA LEU C 334 -20.94 -36.43 -11.88
C LEU C 334 -20.80 -37.05 -10.50
N THR C 335 -19.72 -37.80 -10.30
CA THR C 335 -19.49 -38.49 -9.04
C THR C 335 -19.08 -37.49 -7.96
N PRO C 336 -19.14 -37.91 -6.69
CA PRO C 336 -18.75 -36.99 -5.61
C PRO C 336 -17.39 -36.35 -5.81
N LEU C 337 -16.42 -37.07 -6.39
CA LEU C 337 -15.14 -36.46 -6.71
C LEU C 337 -15.31 -35.29 -7.67
N ALA C 338 -16.02 -35.53 -8.78
CA ALA C 338 -16.23 -34.47 -9.77
C ALA C 338 -17.07 -33.34 -9.18
N LEU C 339 -18.08 -33.67 -8.38
CA LEU C 339 -18.89 -32.62 -7.78
C LEU C 339 -18.07 -31.75 -6.84
N ALA C 340 -17.23 -32.38 -6.02
CA ALA C 340 -16.37 -31.60 -5.14
C ALA C 340 -15.41 -30.73 -5.94
N ALA C 341 -14.85 -31.27 -7.01
CA ALA C 341 -13.93 -30.50 -7.84
C ALA C 341 -14.63 -29.29 -8.47
N SER C 342 -15.84 -29.50 -8.99
CA SER C 342 -16.52 -28.43 -9.72
C SER C 342 -17.10 -27.39 -8.78
N SER C 343 -17.64 -27.80 -7.63
CA SER C 343 -18.35 -26.89 -6.77
C SER C 343 -17.42 -25.88 -6.11
N GLY C 344 -16.22 -26.30 -5.73
CA GLY C 344 -15.29 -25.43 -5.02
C GLY C 344 -14.79 -25.98 -3.70
N LYS C 345 -15.18 -27.18 -3.31
CA LYS C 345 -14.87 -27.72 -1.98
C LYS C 345 -13.45 -28.26 -1.99
N ILE C 346 -12.50 -27.38 -1.63
CA ILE C 346 -11.10 -27.80 -1.60
C ILE C 346 -10.85 -28.78 -0.45
N GLY C 347 -11.48 -28.53 0.70
CA GLY C 347 -11.24 -29.39 1.85
C GLY C 347 -11.64 -30.83 1.60
N VAL C 348 -12.82 -31.03 1.01
CA VAL C 348 -13.29 -32.38 0.72
C VAL C 348 -12.44 -33.02 -0.37
N LEU C 349 -11.97 -32.23 -1.33
CA LEU C 349 -11.23 -32.79 -2.46
C LEU C 349 -9.81 -33.17 -2.07
N ALA C 350 -9.17 -32.39 -1.22
CA ALA C 350 -7.78 -32.66 -0.86
C ALA C 350 -7.64 -34.06 -0.29
N TYR C 351 -8.45 -34.40 0.71
CA TYR C 351 -8.36 -35.72 1.33
C TYR C 351 -8.63 -36.82 0.31
N ILE C 352 -9.68 -36.66 -0.50
CA ILE C 352 -9.99 -37.69 -1.48
C ILE C 352 -8.83 -37.89 -2.44
N LEU C 353 -8.04 -36.84 -2.67
CA LEU C 353 -6.88 -36.98 -3.54
C LEU C 353 -5.75 -37.74 -2.86
N GLN C 354 -5.54 -37.50 -1.56
CA GLN C 354 -4.56 -38.23 -0.76
C GLN C 354 -5.23 -39.06 0.32
N ARG C 355 -6.31 -39.76 -0.05
CA ARG C 355 -7.09 -40.57 0.89
C ARG C 355 -6.35 -41.87 1.15
N GLU C 356 -5.61 -41.92 2.26
CA GLU C 356 -4.87 -43.10 2.66
C GLU C 356 -5.46 -43.65 3.96
N ILE C 357 -5.78 -44.94 3.95
CA ILE C 357 -6.32 -45.64 5.12
C ILE C 357 -5.32 -46.72 5.50
N HIS C 358 -4.83 -46.65 6.74
CA HIS C 358 -3.77 -47.56 7.20
C HIS C 358 -4.29 -48.94 7.54
N GLU C 359 -5.60 -49.16 7.56
CA GLU C 359 -6.14 -50.49 7.84
C GLU C 359 -5.80 -51.43 6.68
N PRO C 360 -5.20 -52.59 6.96
CA PRO C 360 -4.85 -53.51 5.85
C PRO C 360 -6.07 -54.05 5.12
N GLU C 361 -7.25 -54.03 5.72
CA GLU C 361 -8.46 -54.47 5.05
C GLU C 361 -9.06 -53.42 4.13
N CYS C 362 -8.64 -52.16 4.26
CA CYS C 362 -9.17 -51.06 3.46
C CYS C 362 -8.16 -50.55 2.43
N ARG C 363 -7.15 -51.36 2.12
CA ARG C 363 -6.17 -50.95 1.12
C ARG C 363 -6.76 -50.86 -0.27
N HIS C 364 -7.88 -51.52 -0.54
CA HIS C 364 -8.49 -51.48 -1.86
C HIS C 364 -9.26 -50.19 -2.12
N LEU C 365 -9.43 -49.34 -1.10
CA LEU C 365 -10.06 -48.04 -1.28
C LEU C 365 -9.11 -46.87 -1.11
N SER C 366 -8.02 -47.05 -0.39
CA SER C 366 -7.05 -45.97 -0.23
C SER C 366 -6.58 -45.48 -1.60
N ARG C 367 -6.52 -44.16 -1.76
CA ARG C 367 -6.09 -43.57 -3.02
C ARG C 367 -4.59 -43.40 -3.10
N LYS C 368 -3.95 -43.07 -1.98
CA LYS C 368 -2.51 -42.87 -1.91
C LYS C 368 -1.87 -44.02 -1.15
N PHE C 369 -0.83 -44.61 -1.75
CA PHE C 369 -0.09 -45.71 -1.13
C PHE C 369 1.34 -45.25 -0.90
N THR C 370 1.80 -45.34 0.35
CA THR C 370 3.16 -44.94 0.69
C THR C 370 4.11 -46.10 0.37
N GLU C 371 4.85 -45.96 -0.75
CA GLU C 371 5.69 -47.07 -1.20
C GLU C 371 6.83 -47.32 -0.25
N TRP C 372 7.49 -46.27 0.23
CA TRP C 372 8.55 -46.43 1.22
C TRP C 372 8.84 -45.08 1.86
N ALA C 373 9.69 -45.12 2.89
CA ALA C 373 10.15 -43.94 3.62
C ALA C 373 11.66 -43.90 3.66
N TYR C 374 12.30 -44.25 2.52
CA TYR C 374 13.74 -44.33 2.43
C TYR C 374 14.44 -43.09 2.99
N GLY C 375 13.72 -41.97 3.09
CA GLY C 375 14.25 -40.76 3.66
C GLY C 375 13.18 -39.71 3.76
N PRO C 376 13.58 -38.43 3.81
CA PRO C 376 12.56 -37.37 3.75
C PRO C 376 11.66 -37.50 2.56
N VAL C 377 12.19 -38.03 1.45
CA VAL C 377 11.36 -38.41 0.32
C VAL C 377 10.44 -39.54 0.74
N HIS C 378 9.15 -39.41 0.40
CA HIS C 378 8.15 -40.44 0.69
C HIS C 378 7.47 -40.78 -0.63
N SER C 379 7.97 -41.81 -1.30
CA SER C 379 7.36 -42.24 -2.55
C SER C 379 5.86 -42.42 -2.36
N SER C 380 5.11 -42.19 -3.43
CA SER C 380 3.67 -42.21 -3.38
C SER C 380 3.14 -42.99 -4.59
N LEU C 381 1.88 -43.39 -4.50
CA LEU C 381 1.22 -44.08 -5.60
C LEU C 381 -0.25 -43.70 -5.55
N TYR C 382 -0.61 -42.66 -6.29
CA TYR C 382 -1.99 -42.22 -6.36
C TYR C 382 -2.75 -43.07 -7.36
N ASP C 383 -4.07 -43.04 -7.28
CA ASP C 383 -4.89 -43.85 -8.17
C ASP C 383 -5.25 -43.14 -9.47
N LEU C 384 -5.05 -41.82 -9.55
CA LEU C 384 -5.40 -41.06 -10.75
C LEU C 384 -6.75 -41.53 -11.29
N SER C 385 -7.68 -41.80 -10.38
CA SER C 385 -8.96 -42.42 -10.76
C SER C 385 -9.83 -41.37 -11.41
N CYS C 386 -10.00 -41.49 -12.72
CA CYS C 386 -10.92 -40.65 -13.48
C CYS C 386 -10.47 -39.19 -13.51
N ILE C 387 -9.16 -38.97 -13.47
CA ILE C 387 -8.61 -37.62 -13.52
C ILE C 387 -8.45 -37.15 -14.95
N ASP C 388 -7.98 -38.03 -15.85
CA ASP C 388 -7.70 -37.68 -17.23
C ASP C 388 -8.33 -38.70 -18.17
N THR C 389 -8.86 -38.20 -19.29
CA THR C 389 -9.45 -39.03 -20.33
C THR C 389 -10.31 -40.15 -19.74
N CYS C 390 -11.29 -39.75 -18.92
CA CYS C 390 -12.14 -40.67 -18.19
C CYS C 390 -13.60 -40.63 -18.64
N GLU C 391 -14.26 -39.49 -18.49
CA GLU C 391 -15.70 -39.43 -18.64
C GLU C 391 -16.12 -37.98 -18.90
N LYS C 392 -17.41 -37.71 -18.77
CA LYS C 392 -17.94 -36.40 -19.13
C LYS C 392 -17.31 -35.31 -18.27
N ASN C 393 -17.19 -35.55 -16.97
CA ASN C 393 -16.69 -34.54 -16.03
C ASN C 393 -15.44 -35.10 -15.36
N SER C 394 -14.31 -34.93 -16.03
CA SER C 394 -13.02 -35.22 -15.40
C SER C 394 -12.69 -34.12 -14.41
N VAL C 395 -11.85 -34.48 -13.43
CA VAL C 395 -11.51 -33.53 -12.37
C VAL C 395 -10.85 -32.30 -12.95
N LEU C 396 -9.87 -32.50 -13.82
CA LEU C 396 -9.18 -31.37 -14.43
C LEU C 396 -10.14 -30.51 -15.24
N GLU C 397 -11.02 -31.15 -16.02
CA GLU C 397 -11.95 -30.40 -16.84
C GLU C 397 -12.85 -29.52 -15.98
N VAL C 398 -13.49 -30.11 -14.97
CA VAL C 398 -14.40 -29.34 -14.14
C VAL C 398 -13.67 -28.25 -13.38
N ILE C 399 -12.41 -28.51 -13.01
CA ILE C 399 -11.64 -27.47 -12.32
C ILE C 399 -11.36 -26.31 -13.25
N ALA C 400 -10.98 -26.59 -14.50
CA ALA C 400 -10.57 -25.55 -15.44
C ALA C 400 -11.73 -25.02 -16.27
N TYR C 401 -12.56 -25.91 -16.83
CA TYR C 401 -13.67 -25.47 -17.65
C TYR C 401 -14.72 -24.69 -16.85
N SER C 402 -14.66 -24.74 -15.52
CA SER C 402 -15.60 -24.01 -14.70
C SER C 402 -15.72 -22.56 -15.17
N SER C 403 -16.89 -21.98 -14.93
CA SER C 403 -17.20 -20.64 -15.41
C SER C 403 -16.64 -19.54 -14.51
N SER C 404 -15.65 -19.85 -13.67
CA SER C 404 -14.98 -18.92 -12.76
C SER C 404 -15.86 -18.50 -11.60
N GLU C 405 -17.08 -19.04 -11.49
CA GLU C 405 -17.89 -18.78 -10.30
C GLU C 405 -17.30 -19.43 -9.07
N THR C 406 -16.63 -20.57 -9.24
CA THR C 406 -16.02 -21.26 -8.13
C THR C 406 -15.01 -20.33 -7.44
N PRO C 407 -14.93 -20.34 -6.11
CA PRO C 407 -14.16 -19.31 -5.42
C PRO C 407 -12.69 -19.63 -5.17
N ASN C 408 -12.25 -20.87 -5.34
CA ASN C 408 -10.86 -21.24 -5.07
C ASN C 408 -10.32 -22.13 -6.18
N ARG C 409 -10.56 -21.72 -7.43
CA ARG C 409 -10.05 -22.48 -8.56
C ARG C 409 -8.53 -22.55 -8.57
N HIS C 410 -7.88 -21.42 -8.26
CA HIS C 410 -6.42 -21.39 -8.30
C HIS C 410 -5.83 -22.36 -7.28
N ASP C 411 -6.41 -22.43 -6.08
CA ASP C 411 -5.85 -23.26 -5.02
C ASP C 411 -6.05 -24.74 -5.27
N MET C 412 -7.02 -25.13 -6.11
CA MET C 412 -7.24 -26.54 -6.36
C MET C 412 -6.02 -27.21 -6.97
N LEU C 413 -5.37 -26.53 -7.92
CA LEU C 413 -4.23 -27.13 -8.60
C LEU C 413 -2.98 -27.16 -7.74
N LEU C 414 -3.07 -26.75 -6.47
CA LEU C 414 -1.98 -26.90 -5.52
C LEU C 414 -1.99 -28.24 -4.81
N VAL C 415 -3.04 -29.05 -4.97
CA VAL C 415 -3.08 -30.35 -4.33
C VAL C 415 -1.90 -31.19 -4.80
N GLU C 416 -1.55 -32.19 -3.99
CA GLU C 416 -0.33 -32.95 -4.24
C GLU C 416 -0.31 -33.62 -5.61
N PRO C 417 -1.37 -34.31 -6.06
CA PRO C 417 -1.25 -35.06 -7.32
C PRO C 417 -1.39 -34.19 -8.55
N LEU C 418 -2.25 -33.16 -8.48
CA LEU C 418 -2.54 -32.36 -9.65
C LEU C 418 -1.32 -31.61 -10.14
N ASN C 419 -0.55 -31.02 -9.22
CA ASN C 419 0.63 -30.26 -9.64
C ASN C 419 1.59 -31.15 -10.41
N ARG C 420 1.94 -32.31 -9.85
CA ARG C 420 2.88 -33.20 -10.51
C ARG C 420 2.31 -33.72 -11.83
N LEU C 421 1.02 -34.04 -11.86
CA LEU C 421 0.43 -34.56 -13.09
C LEU C 421 0.48 -33.52 -14.20
N LEU C 422 0.09 -32.29 -13.89
CA LEU C 422 0.09 -31.25 -14.91
C LEU C 422 1.52 -30.93 -15.37
N GLN C 423 2.47 -30.87 -14.44
CA GLN C 423 3.84 -30.60 -14.83
C GLN C 423 4.38 -31.71 -15.72
N ASP C 424 4.07 -32.97 -15.37
CA ASP C 424 4.50 -34.09 -16.22
C ASP C 424 3.89 -33.99 -17.60
N LYS C 425 2.60 -33.66 -17.68
CA LYS C 425 1.97 -33.50 -18.99
C LYS C 425 2.63 -32.39 -19.79
N TRP C 426 2.94 -31.27 -19.13
CA TRP C 426 3.54 -30.14 -19.82
C TRP C 426 4.90 -30.51 -20.37
N ASP C 427 5.73 -31.16 -19.56
CA ASP C 427 7.09 -31.46 -20.00
C ASP C 427 7.13 -32.61 -21.01
N ARG C 428 6.19 -33.54 -20.93
CA ARG C 428 6.29 -34.74 -21.77
C ARG C 428 6.06 -34.41 -23.23
N PHE C 429 4.86 -33.95 -23.58
CA PHE C 429 4.54 -33.72 -24.98
C PHE C 429 3.90 -32.35 -25.24
N VAL C 430 3.18 -31.81 -24.25
CA VAL C 430 2.40 -30.60 -24.50
C VAL C 430 3.31 -29.43 -24.87
N LYS C 431 4.44 -29.29 -24.20
CA LYS C 431 5.26 -28.10 -24.38
C LYS C 431 5.68 -27.93 -25.84
N ARG C 432 6.21 -28.98 -26.44
CA ARG C 432 6.69 -28.84 -27.81
C ARG C 432 5.54 -28.67 -28.79
N ILE C 433 4.39 -29.30 -28.53
CA ILE C 433 3.25 -29.09 -29.41
C ILE C 433 2.83 -27.61 -29.37
N PHE C 434 2.82 -27.03 -28.18
CA PHE C 434 2.47 -25.62 -28.06
C PHE C 434 3.48 -24.75 -28.79
N TYR C 435 4.77 -25.04 -28.64
CA TYR C 435 5.77 -24.23 -29.32
C TYR C 435 5.67 -24.36 -30.83
N PHE C 436 5.36 -25.56 -31.32
CA PHE C 436 5.15 -25.75 -32.74
C PHE C 436 3.95 -24.95 -33.23
N ASN C 437 2.87 -24.94 -32.45
CA ASN C 437 1.72 -24.12 -32.80
C ASN C 437 2.08 -22.65 -32.86
N PHE C 438 2.86 -22.18 -31.88
CA PHE C 438 3.27 -20.78 -31.86
C PHE C 438 4.10 -20.46 -33.10
N PHE C 439 5.02 -21.34 -33.49
CA PHE C 439 5.84 -21.09 -34.66
C PHE C 439 5.00 -21.08 -35.94
N VAL C 440 4.07 -22.02 -36.06
CA VAL C 440 3.22 -22.05 -37.26
C VAL C 440 2.37 -20.79 -37.33
N TYR C 441 1.89 -20.31 -36.18
CA TYR C 441 1.10 -19.09 -36.19
C TYR C 441 1.94 -17.88 -36.57
N CYS C 442 3.18 -17.82 -36.10
CA CYS C 442 4.06 -16.72 -36.52
C CYS C 442 4.27 -16.74 -38.02
N LEU C 443 4.52 -17.92 -38.59
CA LEU C 443 4.65 -18.01 -40.04
C LEU C 443 3.38 -17.58 -40.74
N TYR C 444 2.22 -18.01 -40.23
CA TYR C 444 0.96 -17.63 -40.85
C TYR C 444 0.77 -16.13 -40.85
N MET C 445 1.08 -15.47 -39.73
CA MET C 445 0.90 -14.02 -39.68
C MET C 445 1.89 -13.31 -40.59
N ILE C 446 3.12 -13.82 -40.70
CA ILE C 446 4.06 -13.20 -41.63
C ILE C 446 3.58 -13.33 -43.06
N ILE C 447 3.07 -14.51 -43.43
CA ILE C 447 2.55 -14.69 -44.77
C ILE C 447 1.36 -13.76 -45.03
N PHE C 448 0.45 -13.66 -44.05
CA PHE C 448 -0.71 -12.79 -44.22
C PHE C 448 -0.28 -11.34 -44.38
N THR C 449 0.68 -10.88 -43.56
CA THR C 449 1.15 -9.51 -43.67
C THR C 449 1.79 -9.25 -45.03
N ALA C 450 2.63 -10.17 -45.49
CA ALA C 450 3.30 -9.98 -46.79
C ALA C 450 2.28 -9.99 -47.93
N ALA C 451 1.28 -10.87 -47.86
CA ALA C 451 0.28 -10.92 -48.91
C ALA C 451 -0.57 -9.66 -48.94
N ALA C 452 -0.97 -9.15 -47.77
CA ALA C 452 -1.82 -7.97 -47.73
C ALA C 452 -1.05 -6.69 -48.03
N TYR C 453 0.23 -6.63 -47.68
CA TYR C 453 1.02 -5.43 -47.95
C TYR C 453 1.13 -5.18 -49.45
N TYR C 454 1.33 -6.23 -50.24
CA TYR C 454 1.59 -6.12 -51.67
C TYR C 454 0.33 -6.37 -52.50
N ARG C 455 -0.83 -5.97 -51.99
CA ARG C 455 -2.06 -6.17 -52.74
C ARG C 455 -2.08 -5.27 -53.98
N PRO C 456 -2.76 -5.69 -55.05
CA PRO C 456 -2.87 -4.82 -56.23
C PRO C 456 -3.68 -3.57 -55.94
N VAL C 457 -3.36 -2.51 -56.67
CA VAL C 457 -4.00 -1.20 -56.47
C VAL C 457 -4.80 -0.74 -57.67
N GLU C 458 -4.64 -1.36 -58.84
CA GLU C 458 -5.30 -0.93 -60.06
C GLU C 458 -6.44 -1.89 -60.39
N GLY C 459 -7.61 -1.32 -60.66
CA GLY C 459 -8.78 -2.10 -61.01
C GLY C 459 -9.71 -2.31 -59.84
N LEU C 460 -10.51 -3.37 -59.95
CA LEU C 460 -11.40 -3.83 -58.89
C LEU C 460 -11.26 -5.34 -58.78
N PRO C 461 -11.61 -5.90 -57.63
CA PRO C 461 -11.45 -7.34 -57.44
C PRO C 461 -12.56 -8.11 -58.12
N PRO C 462 -12.32 -9.38 -58.53
CA PRO C 462 -11.05 -10.10 -58.43
C PRO C 462 -10.02 -9.62 -59.45
N TYR C 463 -8.74 -9.87 -59.16
CA TYR C 463 -7.66 -9.39 -60.01
C TYR C 463 -7.11 -10.55 -60.81
N LYS C 464 -7.07 -10.39 -62.14
CA LYS C 464 -6.59 -11.45 -63.01
C LYS C 464 -5.14 -11.76 -62.71
N LEU C 465 -4.80 -13.05 -62.74
CA LEU C 465 -3.44 -13.48 -62.46
C LEU C 465 -2.52 -13.14 -63.63
N LYS C 466 -1.43 -12.45 -63.34
CA LYS C 466 -0.44 -12.09 -64.34
C LYS C 466 0.75 -13.04 -64.28
N ASN C 467 1.35 -13.30 -65.43
CA ASN C 467 2.44 -14.27 -65.54
C ASN C 467 3.70 -13.66 -64.94
N THR C 468 3.87 -13.86 -63.63
CA THR C 468 5.07 -13.40 -62.94
C THR C 468 5.26 -14.24 -61.68
N VAL C 469 6.51 -14.41 -61.27
CA VAL C 469 6.78 -15.13 -60.03
C VAL C 469 6.17 -14.41 -58.85
N GLY C 470 6.31 -13.08 -58.81
CA GLY C 470 5.70 -12.32 -57.72
C GLY C 470 4.20 -12.54 -57.65
N ASP C 471 3.54 -12.60 -58.80
CA ASP C 471 2.10 -12.83 -58.81
C ASP C 471 1.76 -14.19 -58.22
N TYR C 472 2.52 -15.22 -58.58
CA TYR C 472 2.28 -16.55 -58.02
C TYR C 472 2.49 -16.55 -56.51
N PHE C 473 3.56 -15.91 -56.04
CA PHE C 473 3.79 -15.83 -54.60
C PHE C 473 2.62 -15.14 -53.91
N ARG C 474 2.15 -14.03 -54.48
CA ARG C 474 1.06 -13.29 -53.86
C ARG C 474 -0.20 -14.14 -53.79
N VAL C 475 -0.53 -14.85 -54.86
CA VAL C 475 -1.77 -15.61 -54.87
C VAL C 475 -1.69 -16.79 -53.91
N THR C 476 -0.53 -17.46 -53.85
CA THR C 476 -0.41 -18.54 -52.87
C THR C 476 -0.51 -18.01 -51.44
N GLY C 477 0.08 -16.84 -51.18
CA GLY C 477 -0.06 -16.24 -49.86
C GLY C 477 -1.51 -15.95 -49.52
N GLU C 478 -2.27 -15.41 -50.49
CA GLU C 478 -3.68 -15.13 -50.24
C GLU C 478 -4.44 -16.42 -49.95
N ILE C 479 -4.16 -17.48 -50.70
CA ILE C 479 -4.84 -18.76 -50.48
C ILE C 479 -4.55 -19.27 -49.07
N LEU C 480 -3.27 -19.19 -48.66
CA LEU C 480 -2.91 -19.64 -47.32
C LEU C 480 -3.61 -18.81 -46.25
N SER C 481 -3.69 -17.50 -46.45
CA SER C 481 -4.36 -16.63 -45.48
C SER C 481 -5.82 -17.01 -45.33
N VAL C 482 -6.52 -17.20 -46.44
CA VAL C 482 -7.94 -17.55 -46.35
C VAL C 482 -8.11 -18.93 -45.72
N SER C 483 -7.19 -19.85 -45.99
CA SER C 483 -7.27 -21.16 -45.37
C SER C 483 -7.13 -21.06 -43.85
N GLY C 484 -6.18 -20.25 -43.38
CA GLY C 484 -6.07 -20.04 -41.95
C GLY C 484 -7.31 -19.41 -41.37
N GLY C 485 -7.91 -18.47 -42.09
CA GLY C 485 -9.15 -17.86 -41.61
C GLY C 485 -10.26 -18.89 -41.45
N VAL C 486 -10.41 -19.78 -42.44
CA VAL C 486 -11.42 -20.82 -42.35
C VAL C 486 -11.13 -21.73 -41.17
N TYR C 487 -9.86 -22.07 -40.96
CA TYR C 487 -9.49 -22.93 -39.85
C TYR C 487 -9.91 -22.30 -38.53
N PHE C 488 -9.64 -21.01 -38.35
CA PHE C 488 -10.00 -20.36 -37.09
C PHE C 488 -11.50 -20.25 -36.93
N PHE C 489 -12.22 -20.01 -38.03
CA PHE C 489 -13.68 -19.99 -37.95
C PHE C 489 -14.21 -21.32 -37.44
N PHE C 490 -13.73 -22.43 -38.01
CA PHE C 490 -14.24 -23.74 -37.62
C PHE C 490 -13.82 -24.11 -36.21
N ARG C 491 -12.59 -23.74 -35.81
CA ARG C 491 -12.17 -24.02 -34.45
C ARG C 491 -13.00 -23.24 -33.44
N GLY C 492 -13.34 -21.99 -33.76
CA GLY C 492 -14.20 -21.23 -32.86
C GLY C 492 -15.59 -21.84 -32.75
N ILE C 493 -16.17 -22.25 -33.90
CA ILE C 493 -17.48 -22.90 -33.85
C ILE C 493 -17.41 -24.17 -33.01
N GLN C 494 -16.37 -24.97 -33.21
CA GLN C 494 -16.23 -26.21 -32.44
C GLN C 494 -16.13 -25.92 -30.94
N TYR C 495 -15.32 -24.93 -30.56
CA TYR C 495 -15.20 -24.60 -29.14
C TYR C 495 -16.54 -24.18 -28.56
N PHE C 496 -17.24 -23.29 -29.27
CA PHE C 496 -18.50 -22.79 -28.73
C PHE C 496 -19.52 -23.90 -28.60
N LEU C 497 -19.58 -24.82 -29.57
CA LEU C 497 -20.49 -25.93 -29.46
C LEU C 497 -20.11 -26.86 -28.32
N GLN C 498 -18.81 -27.12 -28.14
CA GLN C 498 -18.37 -27.99 -27.06
C GLN C 498 -18.76 -27.42 -25.70
N ARG C 499 -18.21 -26.24 -25.37
CA ARG C 499 -18.43 -25.68 -24.03
C ARG C 499 -19.83 -25.11 -23.89
N ARG C 500 -20.31 -24.39 -24.89
CA ARG C 500 -21.59 -23.70 -24.83
C ARG C 500 -21.69 -22.78 -23.62
N PRO C 501 -20.80 -21.81 -23.48
CA PRO C 501 -20.84 -20.93 -22.30
C PRO C 501 -22.09 -20.06 -22.30
N SER C 502 -22.47 -19.64 -21.09
CA SER C 502 -23.65 -18.81 -20.95
C SER C 502 -23.39 -17.41 -21.48
N LEU C 503 -24.46 -16.73 -21.88
CA LEU C 503 -24.34 -15.40 -22.47
C LEU C 503 -23.70 -14.42 -21.49
N LYS C 504 -24.11 -14.47 -20.21
CA LYS C 504 -23.56 -13.54 -19.23
C LYS C 504 -22.08 -13.74 -19.04
N SER C 505 -21.64 -15.00 -18.95
CA SER C 505 -20.24 -15.32 -18.70
C SER C 505 -19.48 -15.67 -19.98
N LEU C 506 -19.99 -15.21 -21.13
CA LEU C 506 -19.32 -15.50 -22.39
C LEU C 506 -17.95 -14.82 -22.47
N PHE C 507 -17.92 -13.51 -22.19
CA PHE C 507 -16.68 -12.75 -22.36
C PHE C 507 -15.69 -12.98 -21.23
N VAL C 508 -16.17 -13.26 -20.02
CA VAL C 508 -15.27 -13.38 -18.88
C VAL C 508 -14.30 -14.54 -19.06
N ASP C 509 -14.79 -15.68 -19.56
CA ASP C 509 -14.00 -16.90 -19.61
C ASP C 509 -13.50 -17.27 -21.00
N SER C 510 -13.99 -16.62 -22.05
CA SER C 510 -13.63 -16.97 -23.42
C SER C 510 -13.22 -15.73 -24.19
N TYR C 511 -12.35 -14.91 -23.60
CA TYR C 511 -11.88 -13.71 -24.26
C TYR C 511 -11.06 -14.04 -25.50
N SER C 512 -10.07 -14.93 -25.35
CA SER C 512 -9.17 -15.21 -26.46
C SER C 512 -9.88 -15.96 -27.58
N GLU C 513 -10.76 -16.90 -27.23
CA GLU C 513 -11.54 -17.59 -28.25
C GLU C 513 -12.45 -16.62 -28.99
N ILE C 514 -13.07 -15.69 -28.25
CA ILE C 514 -13.90 -14.68 -28.89
C ILE C 514 -13.08 -13.86 -29.87
N LEU C 515 -11.88 -13.46 -29.47
CA LEU C 515 -11.07 -12.60 -30.35
C LEU C 515 -10.62 -13.35 -31.59
N PHE C 516 -10.21 -14.60 -31.44
CA PHE C 516 -9.83 -15.39 -32.62
C PHE C 516 -11.03 -15.57 -33.55
N PHE C 517 -12.21 -15.85 -32.99
CA PHE C 517 -13.39 -16.00 -33.82
C PHE C 517 -13.72 -14.72 -34.56
N VAL C 518 -13.59 -13.57 -33.90
CA VAL C 518 -13.90 -12.30 -34.56
C VAL C 518 -12.90 -12.02 -35.67
N GLN C 519 -11.63 -12.36 -35.46
CA GLN C 519 -10.65 -12.21 -36.54
C GLN C 519 -11.04 -13.06 -37.74
N SER C 520 -11.43 -14.32 -37.50
CA SER C 520 -11.85 -15.17 -38.60
C SER C 520 -13.06 -14.59 -39.31
N LEU C 521 -14.02 -14.06 -38.56
CA LEU C 521 -15.18 -13.43 -39.18
C LEU C 521 -14.77 -12.27 -40.08
N PHE C 522 -13.84 -11.44 -39.60
CA PHE C 522 -13.41 -10.32 -40.42
C PHE C 522 -12.79 -10.78 -41.73
N MET C 523 -11.95 -11.82 -41.67
CA MET C 523 -11.35 -12.29 -42.92
C MET C 523 -12.38 -12.90 -43.85
N LEU C 524 -13.36 -13.62 -43.30
CA LEU C 524 -14.39 -14.20 -44.15
C LEU C 524 -15.22 -13.12 -44.82
N VAL C 525 -15.56 -12.07 -44.08
CA VAL C 525 -16.25 -10.93 -44.69
C VAL C 525 -15.39 -10.32 -45.80
N SER C 526 -14.08 -10.26 -45.57
CA SER C 526 -13.18 -9.70 -46.58
C SER C 526 -13.23 -10.53 -47.86
N VAL C 527 -13.16 -11.85 -47.74
CA VAL C 527 -13.18 -12.68 -48.96
C VAL C 527 -14.54 -12.59 -49.63
N VAL C 528 -15.62 -12.52 -48.86
CA VAL C 528 -16.95 -12.39 -49.46
C VAL C 528 -17.02 -11.09 -50.26
N LEU C 529 -16.50 -9.99 -49.72
CA LEU C 529 -16.50 -8.74 -50.47
C LEU C 529 -15.53 -8.79 -51.65
N TYR C 530 -14.50 -9.64 -51.58
CA TYR C 530 -13.52 -9.70 -52.64
C TYR C 530 -14.14 -10.20 -53.95
N PHE C 531 -15.00 -11.21 -53.86
CA PHE C 531 -15.61 -11.81 -55.04
C PHE C 531 -16.90 -11.13 -55.45
N SER C 532 -17.28 -10.05 -54.78
CA SER C 532 -18.45 -9.26 -55.14
C SER C 532 -18.09 -7.96 -55.81
N GLN C 533 -16.87 -7.85 -56.33
CA GLN C 533 -16.42 -6.65 -57.04
C GLN C 533 -16.61 -5.40 -56.19
N ARG C 534 -16.32 -5.51 -54.91
CA ARG C 534 -16.34 -4.38 -53.99
C ARG C 534 -14.92 -4.11 -53.50
N LYS C 535 -14.47 -2.87 -53.66
CA LYS C 535 -13.15 -2.49 -53.18
C LYS C 535 -13.10 -2.37 -51.66
N GLU C 536 -14.26 -2.38 -50.99
CA GLU C 536 -14.29 -2.26 -49.54
C GLU C 536 -13.70 -3.47 -48.84
N TYR C 537 -13.44 -4.56 -49.56
CA TYR C 537 -12.88 -5.75 -48.92
C TYR C 537 -11.63 -5.40 -48.13
N VAL C 538 -10.78 -4.54 -48.69
CA VAL C 538 -9.54 -4.18 -48.01
C VAL C 538 -9.84 -3.63 -46.62
N ALA C 539 -10.85 -2.77 -46.51
CA ALA C 539 -11.17 -2.17 -45.22
C ALA C 539 -11.45 -3.23 -44.17
N SER C 540 -12.05 -4.35 -44.56
CA SER C 540 -12.25 -5.43 -43.60
C SER C 540 -10.95 -6.16 -43.33
N MET C 541 -10.18 -6.44 -44.37
CA MET C 541 -9.00 -7.27 -44.23
C MET C 541 -8.02 -6.67 -43.23
N VAL C 542 -7.83 -5.36 -43.26
CA VAL C 542 -6.88 -4.72 -42.35
C VAL C 542 -7.30 -4.93 -40.90
N PHE C 543 -8.61 -4.89 -40.64
CA PHE C 543 -9.05 -5.14 -39.27
C PHE C 543 -8.72 -6.55 -38.84
N SER C 544 -8.67 -7.50 -39.78
CA SER C 544 -8.22 -8.84 -39.48
C SER C 544 -6.70 -8.96 -39.45
N LEU C 545 -6.00 -7.97 -39.99
CA LEU C 545 -4.55 -7.97 -39.92
C LEU C 545 -4.08 -7.38 -38.61
N ALA C 546 -4.47 -6.13 -38.34
CA ALA C 546 -4.14 -5.49 -37.06
C ALA C 546 -4.53 -6.37 -35.90
N MET C 547 -5.72 -6.97 -35.96
CA MET C 547 -6.16 -7.85 -34.88
C MET C 547 -5.29 -9.10 -34.83
N GLY C 548 -4.98 -9.69 -35.98
CA GLY C 548 -4.25 -10.94 -35.98
C GLY C 548 -2.93 -10.85 -35.25
N TRP C 549 -2.23 -9.73 -35.40
CA TRP C 549 -0.96 -9.57 -34.70
C TRP C 549 -1.17 -9.49 -33.20
N THR C 550 -2.14 -8.70 -32.75
CA THR C 550 -2.30 -8.49 -31.30
C THR C 550 -2.79 -9.75 -30.61
N ASN C 551 -3.57 -10.58 -31.30
CA ASN C 551 -3.96 -11.86 -30.74
C ASN C 551 -2.76 -12.72 -30.39
N MET C 552 -1.57 -12.38 -30.89
CA MET C 552 -0.40 -13.16 -30.53
C MET C 552 -0.09 -13.07 -29.04
N LEU C 553 -0.65 -12.10 -28.33
CA LEU C 553 -0.48 -12.07 -26.88
C LEU C 553 -1.05 -13.32 -26.23
N TYR C 554 -1.98 -14.01 -26.87
CA TYR C 554 -2.47 -15.27 -26.33
C TYR C 554 -1.30 -16.19 -26.00
N TYR C 555 -0.31 -16.25 -26.89
CA TYR C 555 0.79 -17.18 -26.70
C TYR C 555 1.72 -16.76 -25.56
N THR C 556 1.69 -15.49 -25.15
CA THR C 556 2.47 -15.12 -23.98
C THR C 556 1.99 -15.88 -22.75
N ARG C 557 0.77 -16.42 -22.78
CA ARG C 557 0.29 -17.20 -21.65
C ARG C 557 1.01 -18.53 -21.51
N GLY C 558 1.84 -18.89 -22.49
CA GLY C 558 2.67 -20.08 -22.42
C GLY C 558 4.02 -19.86 -21.78
N PHE C 559 4.25 -18.69 -21.18
CA PHE C 559 5.47 -18.41 -20.45
C PHE C 559 5.10 -17.92 -19.05
N GLN C 560 6.03 -18.04 -18.12
CA GLN C 560 5.74 -17.72 -16.73
C GLN C 560 5.80 -16.23 -16.48
N GLN C 561 6.97 -15.61 -16.68
CA GLN C 561 7.14 -14.20 -16.38
C GLN C 561 6.41 -13.24 -17.33
N MET C 562 6.22 -13.65 -18.57
CA MET C 562 5.59 -12.79 -19.56
C MET C 562 4.09 -13.01 -19.66
N GLY C 563 3.51 -13.90 -18.88
CA GLY C 563 2.12 -14.26 -19.06
C GLY C 563 1.11 -13.34 -18.44
N ILE C 564 1.54 -12.41 -17.60
CA ILE C 564 0.59 -11.56 -16.89
C ILE C 564 0.12 -10.38 -17.72
N TYR C 565 0.88 -9.99 -18.75
CA TYR C 565 0.48 -8.82 -19.54
C TYR C 565 -0.84 -9.06 -20.25
N ALA C 566 -1.04 -10.26 -20.80
CA ALA C 566 -2.31 -10.57 -21.44
C ALA C 566 -3.45 -10.53 -20.44
N VAL C 567 -3.22 -11.05 -19.23
CA VAL C 567 -4.25 -11.05 -18.21
C VAL C 567 -4.63 -9.63 -17.82
N MET C 568 -3.62 -8.77 -17.64
CA MET C 568 -3.89 -7.37 -17.30
C MET C 568 -4.66 -6.67 -18.41
N ILE C 569 -4.28 -6.89 -19.67
CA ILE C 569 -4.97 -6.23 -20.76
C ILE C 569 -6.43 -6.68 -20.80
N GLU C 570 -6.67 -7.98 -20.65
CA GLU C 570 -8.04 -8.47 -20.66
C GLU C 570 -8.85 -7.86 -19.52
N LYS C 571 -8.31 -7.88 -18.30
CA LYS C 571 -9.07 -7.37 -17.17
C LYS C 571 -9.33 -5.88 -17.29
N MET C 572 -8.34 -5.12 -17.76
CA MET C 572 -8.51 -3.68 -17.88
C MET C 572 -9.39 -3.28 -19.05
N ILE C 573 -9.60 -4.18 -20.01
CA ILE C 573 -10.55 -3.88 -21.08
C ILE C 573 -11.97 -4.35 -20.76
N LEU C 574 -12.14 -5.33 -19.89
CA LEU C 574 -13.47 -5.84 -19.59
C LEU C 574 -14.08 -5.27 -18.32
N ARG C 575 -13.27 -4.84 -17.35
CA ARG C 575 -13.78 -4.38 -16.07
C ARG C 575 -13.70 -2.86 -15.90
N ASP C 576 -12.52 -2.28 -16.07
CA ASP C 576 -12.37 -0.85 -15.77
C ASP C 576 -12.86 0.02 -16.91
N LEU C 577 -12.27 -0.15 -18.10
CA LEU C 577 -12.61 0.71 -19.22
C LEU C 577 -14.07 0.53 -19.63
N CYS C 578 -14.55 -0.71 -19.62
CA CYS C 578 -15.92 -0.97 -20.07
C CYS C 578 -16.93 -0.15 -19.29
N ARG C 579 -16.87 -0.20 -17.97
CA ARG C 579 -17.83 0.50 -17.14
C ARG C 579 -17.45 1.95 -16.86
N PHE C 580 -16.24 2.38 -17.20
CA PHE C 580 -15.92 3.79 -17.19
C PHE C 580 -16.41 4.48 -18.45
N MET C 581 -16.70 3.72 -19.50
CA MET C 581 -17.20 4.27 -20.74
C MET C 581 -18.49 5.04 -20.49
N PHE C 582 -19.39 4.44 -19.71
CA PHE C 582 -20.68 5.06 -19.42
C PHE C 582 -20.50 6.37 -18.66
N VAL C 583 -19.60 6.38 -17.67
CA VAL C 583 -19.36 7.59 -16.89
C VAL C 583 -18.77 8.68 -17.76
N TYR C 584 -17.93 8.31 -18.72
CA TYR C 584 -17.31 9.32 -19.56
C TYR C 584 -18.27 9.87 -20.62
N LEU C 585 -19.16 9.03 -21.14
CA LEU C 585 -19.95 9.44 -22.29
C LEU C 585 -20.99 10.48 -21.94
N VAL C 586 -21.52 10.46 -20.71
CA VAL C 586 -22.44 11.53 -20.33
C VAL C 586 -21.73 12.87 -20.35
N PHE C 587 -20.50 12.92 -19.83
CA PHE C 587 -19.73 14.16 -19.89
C PHE C 587 -19.48 14.57 -21.34
N LEU C 588 -18.98 13.65 -22.15
CA LEU C 588 -18.66 13.98 -23.53
C LEU C 588 -19.88 14.52 -24.26
N PHE C 589 -21.00 13.80 -24.19
CA PHE C 589 -22.18 14.21 -24.93
C PHE C 589 -22.79 15.48 -24.38
N GLY C 590 -22.86 15.63 -23.05
CA GLY C 590 -23.42 16.83 -22.49
C GLY C 590 -22.65 18.07 -22.94
N PHE C 591 -21.32 18.03 -22.81
CA PHE C 591 -20.56 19.22 -23.16
C PHE C 591 -20.48 19.41 -24.67
N SER C 592 -20.51 18.33 -25.45
CA SER C 592 -20.52 18.47 -26.89
C SER C 592 -21.80 19.12 -27.39
N THR C 593 -22.95 18.65 -26.91
CA THR C 593 -24.22 19.27 -27.30
C THR C 593 -24.28 20.71 -26.82
N ALA C 594 -23.82 20.97 -25.60
CA ALA C 594 -23.83 22.34 -25.09
C ALA C 594 -22.98 23.26 -25.96
N VAL C 595 -21.78 22.83 -26.30
CA VAL C 595 -20.91 23.69 -27.10
C VAL C 595 -21.49 23.91 -28.49
N VAL C 596 -22.02 22.86 -29.11
CA VAL C 596 -22.59 23.01 -30.45
C VAL C 596 -23.78 23.96 -30.41
N THR C 597 -24.65 23.81 -29.41
CA THR C 597 -25.79 24.70 -29.29
C THR C 597 -25.38 26.14 -29.07
N LEU C 598 -24.32 26.36 -28.27
CA LEU C 598 -23.96 27.71 -27.87
C LEU C 598 -23.51 28.56 -29.05
N ILE C 599 -22.91 27.95 -30.07
CA ILE C 599 -22.28 28.72 -31.13
C ILE C 599 -22.86 28.36 -32.50
N GLU C 600 -24.14 28.00 -32.54
CA GLU C 600 -24.77 27.71 -33.82
C GLU C 600 -24.82 28.94 -34.70
N ASP C 601 -25.13 30.09 -34.14
CA ASP C 601 -25.30 31.32 -34.90
C ASP C 601 -24.07 31.62 -35.74
N SER C 626 -13.77 24.55 -36.33
CA SER C 626 -13.63 23.14 -36.00
C SER C 626 -14.79 22.66 -35.13
N TYR C 627 -15.47 23.59 -34.48
CA TYR C 627 -16.64 23.29 -33.65
C TYR C 627 -17.94 23.46 -34.43
N ASN C 628 -17.91 23.21 -35.73
CA ASN C 628 -19.09 23.45 -36.56
C ASN C 628 -20.11 22.33 -36.43
N SER C 629 -19.66 21.09 -36.57
CA SER C 629 -20.55 19.93 -36.52
C SER C 629 -20.51 19.30 -35.14
N LEU C 630 -21.40 18.33 -34.94
CA LEU C 630 -21.41 17.58 -33.68
C LEU C 630 -20.28 16.55 -33.66
N TYR C 631 -19.99 15.93 -34.80
CA TYR C 631 -18.89 14.96 -34.85
C TYR C 631 -17.56 15.63 -34.52
N SER C 632 -17.29 16.78 -35.13
CA SER C 632 -16.01 17.45 -34.91
C SER C 632 -15.91 17.99 -33.49
N THR C 633 -17.02 18.47 -32.93
CA THR C 633 -16.99 18.91 -31.54
C THR C 633 -16.70 17.74 -30.61
N CYS C 634 -17.33 16.59 -30.85
CA CYS C 634 -17.04 15.42 -30.03
C CYS C 634 -15.58 15.02 -30.16
N LEU C 635 -15.03 15.03 -31.37
CA LEU C 635 -13.64 14.64 -31.55
C LEU C 635 -12.71 15.61 -30.83
N GLU C 636 -12.96 16.91 -30.98
CA GLU C 636 -12.09 17.89 -30.32
C GLU C 636 -12.16 17.77 -28.80
N LEU C 637 -13.36 17.54 -28.26
CA LEU C 637 -13.48 17.38 -26.82
C LEU C 637 -12.80 16.09 -26.35
N PHE C 638 -12.87 15.03 -27.14
CA PHE C 638 -12.14 13.81 -26.78
C PHE C 638 -10.65 14.07 -26.78
N LYS C 639 -10.15 14.82 -27.77
CA LYS C 639 -8.74 15.18 -27.78
C LYS C 639 -8.37 15.95 -26.53
N PHE C 640 -9.26 16.84 -26.08
CA PHE C 640 -9.01 17.53 -24.82
C PHE C 640 -8.90 16.55 -23.67
N THR C 641 -9.77 15.54 -23.65
CA THR C 641 -9.77 14.60 -22.52
C THR C 641 -8.47 13.82 -22.41
N ILE C 642 -7.71 13.67 -23.48
CA ILE C 642 -6.44 12.95 -23.43
C ILE C 642 -5.26 13.89 -23.54
N GLY C 643 -5.44 15.16 -23.16
CA GLY C 643 -4.33 16.08 -23.14
C GLY C 643 -3.70 16.34 -24.47
N MET C 644 -4.47 16.27 -25.56
CA MET C 644 -3.94 16.32 -26.91
C MET C 644 -4.58 17.42 -27.74
N GLY C 645 -5.27 18.36 -27.10
CA GLY C 645 -5.95 19.44 -27.80
C GLY C 645 -5.29 20.78 -27.58
N ASP C 646 -5.78 21.77 -28.31
CA ASP C 646 -5.28 23.14 -28.25
C ASP C 646 -6.38 24.08 -27.79
N LEU C 647 -6.14 24.78 -26.68
CA LEU C 647 -7.00 25.87 -26.24
C LEU C 647 -6.51 27.15 -26.91
N GLU C 648 -7.31 27.69 -27.83
CA GLU C 648 -6.92 28.84 -28.63
C GLU C 648 -7.75 30.08 -28.32
N PHE C 649 -9.07 29.96 -28.35
CA PHE C 649 -9.95 31.13 -28.17
C PHE C 649 -9.59 32.22 -29.16
N THR C 650 -9.30 31.82 -30.39
CA THR C 650 -8.89 32.76 -31.43
C THR C 650 -10.07 33.28 -32.24
N GLU C 651 -10.99 32.40 -32.65
CA GLU C 651 -12.15 32.84 -33.39
C GLU C 651 -13.10 33.61 -32.47
N ASN C 652 -13.82 34.57 -33.06
CA ASN C 652 -14.67 35.47 -32.28
C ASN C 652 -16.10 34.94 -32.34
N TYR C 653 -16.36 33.94 -31.50
CA TYR C 653 -17.70 33.38 -31.40
C TYR C 653 -18.64 34.37 -30.70
N ASP C 654 -19.90 33.98 -30.62
CA ASP C 654 -20.85 34.64 -29.74
C ASP C 654 -20.75 34.03 -28.35
N PHE C 655 -20.94 34.86 -27.33
CA PHE C 655 -20.83 34.40 -25.95
C PHE C 655 -19.45 33.79 -25.69
N LYS C 656 -18.40 34.53 -26.05
CA LYS C 656 -17.06 33.99 -25.96
C LYS C 656 -16.70 33.60 -24.53
N ALA C 657 -17.09 34.41 -23.56
CA ALA C 657 -16.77 34.11 -22.17
C ALA C 657 -17.41 32.80 -21.73
N VAL C 658 -18.67 32.57 -22.14
CA VAL C 658 -19.35 31.34 -21.76
C VAL C 658 -18.69 30.14 -22.44
N PHE C 659 -18.26 30.30 -23.68
CA PHE C 659 -17.54 29.24 -24.37
C PHE C 659 -16.24 28.90 -23.64
N ILE C 660 -15.49 29.91 -23.24
CA ILE C 660 -14.24 29.69 -22.51
C ILE C 660 -14.53 28.98 -21.18
N ILE C 661 -15.58 29.42 -20.48
CA ILE C 661 -15.92 28.80 -19.21
C ILE C 661 -16.27 27.33 -19.41
N LEU C 662 -17.08 27.02 -20.43
CA LEU C 662 -17.46 25.63 -20.68
C LEU C 662 -16.23 24.78 -20.98
N LEU C 663 -15.35 25.26 -21.87
CA LEU C 663 -14.18 24.46 -22.21
C LEU C 663 -13.25 24.27 -21.02
N LEU C 664 -13.05 25.30 -20.21
CA LEU C 664 -12.16 25.14 -19.06
C LEU C 664 -12.76 24.17 -18.04
N ALA C 665 -14.07 24.24 -17.81
CA ALA C 665 -14.69 23.28 -16.91
C ALA C 665 -14.56 21.87 -17.46
N TYR C 666 -14.74 21.69 -18.76
CA TYR C 666 -14.59 20.37 -19.35
C TYR C 666 -13.16 19.85 -19.19
N VAL C 667 -12.17 20.69 -19.46
CA VAL C 667 -10.79 20.25 -19.36
C VAL C 667 -10.43 19.88 -17.93
N ILE C 668 -10.87 20.69 -16.96
CA ILE C 668 -10.57 20.38 -15.57
C ILE C 668 -11.32 19.13 -15.11
N LEU C 669 -12.53 18.92 -15.61
CA LEU C 669 -13.33 17.80 -15.13
C LEU C 669 -12.89 16.48 -15.73
N THR C 670 -12.48 16.46 -16.99
CA THR C 670 -12.16 15.21 -17.67
C THR C 670 -10.67 14.94 -17.77
N TYR C 671 -9.85 15.95 -18.05
CA TYR C 671 -8.43 15.70 -18.18
C TYR C 671 -7.72 15.57 -16.84
N ILE C 672 -8.18 16.28 -15.82
CA ILE C 672 -7.46 16.34 -14.55
C ILE C 672 -8.13 15.44 -13.53
N LEU C 673 -9.43 15.24 -13.67
CA LEU C 673 -10.23 14.62 -12.60
C LEU C 673 -10.76 13.24 -12.96
N LEU C 674 -11.26 13.04 -14.17
CA LEU C 674 -11.75 11.72 -14.57
C LEU C 674 -10.66 10.84 -15.16
N LEU C 675 -9.81 11.38 -16.02
CA LEU C 675 -8.76 10.57 -16.61
C LEU C 675 -7.84 9.99 -15.53
N ASN C 676 -7.48 10.79 -14.54
CA ASN C 676 -6.62 10.30 -13.47
C ASN C 676 -7.35 9.33 -12.56
N MET C 677 -8.67 9.47 -12.44
CA MET C 677 -9.45 8.47 -11.72
C MET C 677 -9.38 7.11 -12.43
N LEU C 678 -9.55 7.13 -13.76
CA LEU C 678 -9.42 5.90 -14.52
C LEU C 678 -8.04 5.30 -14.37
N ILE C 679 -7.01 6.14 -14.42
CA ILE C 679 -5.64 5.64 -14.31
C ILE C 679 -5.40 5.04 -12.93
N ALA C 680 -5.96 5.65 -11.88
CA ALA C 680 -5.81 5.09 -10.54
C ALA C 680 -6.48 3.73 -10.44
N LEU C 681 -7.68 3.59 -11.01
CA LEU C 681 -8.36 2.29 -10.96
C LEU C 681 -7.60 1.23 -11.75
N MET C 682 -7.08 1.60 -12.92
CA MET C 682 -6.28 0.68 -13.70
C MET C 682 -5.05 0.24 -12.92
N GLY C 683 -4.38 1.19 -12.27
CA GLY C 683 -3.23 0.83 -11.45
C GLY C 683 -3.60 -0.11 -10.32
N GLU C 684 -4.78 0.09 -9.72
CA GLU C 684 -5.23 -0.83 -8.69
C GLU C 684 -5.37 -2.24 -9.25
N THR C 685 -6.00 -2.38 -10.42
CA THR C 685 -6.14 -3.70 -11.02
C THR C 685 -4.78 -4.32 -11.31
N VAL C 686 -3.87 -3.54 -11.89
CA VAL C 686 -2.55 -4.04 -12.24
C VAL C 686 -1.83 -4.54 -11.00
N ASN C 687 -1.93 -3.73 -9.93
CA ASN C 687 -1.32 -4.05 -8.65
C ASN C 687 -1.88 -5.33 -8.06
N LYS C 688 -3.19 -5.49 -8.17
CA LYS C 688 -3.88 -6.64 -7.59
C LYS C 688 -3.52 -7.92 -8.30
N ILE C 689 -3.47 -7.91 -9.63
CA ILE C 689 -3.20 -9.15 -10.37
C ILE C 689 -1.74 -9.27 -10.79
N ALA C 690 -0.86 -8.42 -10.25
CA ALA C 690 0.57 -8.59 -10.43
C ALA C 690 1.22 -9.33 -9.26
N GLN C 691 0.57 -9.36 -8.10
CA GLN C 691 1.05 -10.18 -7.00
C GLN C 691 0.88 -11.67 -7.31
N GLU C 692 -0.26 -12.03 -7.89
CA GLU C 692 -0.62 -13.44 -8.09
C GLU C 692 -0.14 -13.93 -9.45
N SER C 693 1.16 -13.81 -9.67
CA SER C 693 1.74 -14.31 -10.92
C SER C 693 1.68 -15.84 -10.98
N LYS C 694 2.11 -16.50 -9.91
CA LYS C 694 2.22 -17.96 -9.93
C LYS C 694 0.87 -18.60 -10.19
N ASN C 695 -0.14 -18.22 -9.42
CA ASN C 695 -1.46 -18.83 -9.56
C ASN C 695 -2.02 -18.59 -10.95
N ILE C 696 -1.91 -17.36 -11.43
CA ILE C 696 -2.50 -17.01 -12.71
C ILE C 696 -1.88 -17.83 -13.83
N TRP C 697 -0.54 -17.87 -13.88
CA TRP C 697 0.05 -18.55 -15.02
C TRP C 697 -0.10 -20.05 -14.88
N LYS C 698 -0.18 -20.57 -13.64
CA LYS C 698 -0.45 -21.98 -13.46
C LYS C 698 -1.81 -22.36 -14.03
N LEU C 699 -2.83 -21.55 -13.73
CA LEU C 699 -4.16 -21.85 -14.26
C LEU C 699 -4.18 -21.75 -15.77
N GLN C 700 -3.54 -20.74 -16.34
CA GLN C 700 -3.52 -20.62 -17.79
C GLN C 700 -2.80 -21.80 -18.44
N ARG C 701 -1.68 -22.22 -17.85
CA ARG C 701 -0.99 -23.40 -18.35
C ARG C 701 -1.87 -24.64 -18.28
N ALA C 702 -2.62 -24.79 -17.20
CA ALA C 702 -3.51 -25.94 -17.08
C ALA C 702 -4.57 -25.92 -18.16
N ILE C 703 -5.16 -24.75 -18.43
CA ILE C 703 -6.20 -24.67 -19.45
C ILE C 703 -5.63 -25.00 -20.82
N THR C 704 -4.45 -24.46 -21.15
CA THR C 704 -3.87 -24.77 -22.45
C THR C 704 -3.50 -26.23 -22.56
N ILE C 705 -3.05 -26.85 -21.47
CA ILE C 705 -2.74 -28.27 -21.49
C ILE C 705 -4.01 -29.06 -21.81
N LEU C 706 -5.11 -28.73 -21.14
CA LEU C 706 -6.36 -29.43 -21.40
C LEU C 706 -6.77 -29.28 -22.85
N ASP C 707 -6.72 -28.06 -23.39
CA ASP C 707 -7.15 -27.85 -24.76
C ASP C 707 -6.25 -28.58 -25.75
N THR C 708 -4.93 -28.54 -25.53
CA THR C 708 -4.01 -29.25 -26.42
C THR C 708 -4.29 -30.74 -26.41
N GLU C 709 -4.48 -31.32 -25.21
CA GLU C 709 -4.75 -32.74 -25.14
C GLU C 709 -6.06 -33.10 -25.84
N LYS C 710 -7.09 -32.26 -25.66
CA LYS C 710 -8.39 -32.57 -26.22
C LYS C 710 -8.48 -32.33 -27.72
N SER C 711 -7.63 -31.46 -28.28
CA SER C 711 -7.75 -31.12 -29.69
C SER C 711 -7.41 -32.31 -30.58
N PHE C 712 -6.27 -32.95 -30.34
CA PHE C 712 -5.78 -34.04 -31.18
C PHE C 712 -5.98 -35.35 -30.43
N LEU C 713 -6.91 -36.17 -30.92
CA LEU C 713 -7.20 -37.44 -30.25
C LEU C 713 -5.99 -38.35 -30.23
N LYS C 714 -5.27 -38.44 -31.35
CA LYS C 714 -4.03 -39.21 -31.35
C LYS C 714 -3.07 -38.70 -30.29
N CYS C 715 -3.09 -37.40 -30.02
CA CYS C 715 -2.24 -36.85 -28.95
C CYS C 715 -2.62 -37.42 -27.60
N MET C 716 -3.92 -37.52 -27.31
CA MET C 716 -4.35 -38.14 -26.07
C MET C 716 -3.96 -39.61 -26.02
N ARG C 717 -4.11 -40.32 -27.14
CA ARG C 717 -3.77 -41.74 -27.17
C ARG C 717 -2.29 -41.95 -26.89
N LYS C 718 -1.44 -41.12 -27.49
CA LYS C 718 0.01 -41.24 -27.34
C LYS C 718 0.55 -40.45 -26.16
N ALA C 719 -0.32 -39.82 -25.36
CA ALA C 719 0.14 -38.95 -24.29
C ALA C 719 0.95 -39.72 -23.25
N PHE C 720 0.53 -40.93 -22.90
CA PHE C 720 1.06 -41.62 -21.73
C PHE C 720 0.91 -40.73 -20.50
N ARG C 721 -0.29 -40.17 -20.35
CA ARG C 721 -0.54 -39.19 -19.29
C ARG C 721 -0.31 -39.80 -17.92
N SER C 722 -0.79 -41.02 -17.71
CA SER C 722 -0.63 -41.68 -16.43
C SER C 722 0.75 -42.31 -16.31
N GLY C 723 1.23 -42.44 -15.06
CA GLY C 723 2.53 -43.06 -14.84
C GLY C 723 2.57 -44.52 -15.22
N LYS C 724 1.48 -45.25 -14.96
CA LYS C 724 1.41 -46.67 -15.24
C LYS C 724 0.01 -47.16 -14.91
N LEU C 725 -0.31 -48.35 -15.39
CA LEU C 725 -1.56 -49.05 -15.08
C LEU C 725 -1.19 -50.40 -14.49
N LEU C 726 -1.00 -50.43 -13.17
CA LEU C 726 -0.51 -51.62 -12.49
C LEU C 726 -1.47 -51.99 -11.36
N GLN C 727 -1.56 -53.29 -11.09
CA GLN C 727 -2.35 -53.80 -9.98
C GLN C 727 -1.44 -53.93 -8.78
N VAL C 728 -1.58 -53.01 -7.82
CA VAL C 728 -0.71 -52.96 -6.65
C VAL C 728 -1.39 -53.54 -5.41
N GLY C 729 -2.50 -54.23 -5.56
CA GLY C 729 -3.19 -54.82 -4.44
C GLY C 729 -4.21 -55.83 -4.88
N PHE C 730 -4.73 -56.57 -3.90
CA PHE C 730 -5.78 -57.56 -4.11
C PHE C 730 -7.03 -57.09 -3.40
N THR C 731 -8.16 -57.08 -4.12
CA THR C 731 -9.40 -56.60 -3.55
C THR C 731 -10.00 -57.63 -2.60
N PRO C 732 -10.82 -57.18 -1.64
CA PRO C 732 -11.50 -58.16 -0.76
C PRO C 732 -12.44 -59.07 -1.52
N ASP C 733 -12.93 -58.66 -2.68
CA ASP C 733 -13.74 -59.56 -3.50
C ASP C 733 -12.95 -60.77 -3.97
N GLY C 734 -11.62 -60.73 -3.88
CA GLY C 734 -10.76 -61.83 -4.29
C GLY C 734 -10.07 -61.64 -5.61
N LYS C 735 -10.41 -60.60 -6.36
CA LYS C 735 -9.82 -60.34 -7.66
C LYS C 735 -8.92 -59.11 -7.57
N ASP C 736 -7.65 -59.27 -7.93
CA ASP C 736 -6.74 -58.13 -7.99
C ASP C 736 -7.16 -57.20 -9.12
N ASP C 737 -7.08 -55.90 -8.86
CA ASP C 737 -7.53 -54.87 -9.80
C ASP C 737 -6.33 -54.08 -10.30
N TYR C 738 -6.31 -53.83 -11.61
CA TYR C 738 -5.26 -53.04 -12.24
C TYR C 738 -5.66 -51.57 -12.20
N ARG C 739 -4.94 -50.78 -11.42
CA ARG C 739 -5.27 -49.38 -11.20
C ARG C 739 -4.18 -48.48 -11.77
N TRP C 740 -4.58 -47.32 -12.27
CA TRP C 740 -3.64 -46.34 -12.81
C TRP C 740 -3.02 -45.55 -11.66
N CYS C 741 -1.75 -45.21 -11.83
CA CYS C 741 -1.01 -44.57 -10.74
C CYS C 741 0.24 -43.90 -11.29
N PHE C 742 0.83 -43.04 -10.47
CA PHE C 742 2.06 -42.35 -10.81
C PHE C 742 2.80 -42.00 -9.53
N ARG C 743 4.13 -41.94 -9.62
CA ARG C 743 4.97 -41.64 -8.48
C ARG C 743 4.90 -40.16 -8.13
N VAL C 744 4.86 -39.86 -6.83
CA VAL C 744 4.96 -38.49 -6.35
C VAL C 744 5.81 -38.48 -5.08
N ASP C 745 7.09 -38.13 -5.23
CA ASP C 745 8.00 -38.09 -4.10
C ASP C 745 7.97 -36.71 -3.45
N GLU C 746 7.74 -36.67 -2.15
CA GLU C 746 7.64 -35.42 -1.40
C GLU C 746 8.67 -35.42 -0.28
N VAL C 747 9.32 -34.28 -0.09
CA VAL C 747 10.42 -34.15 0.86
C VAL C 747 9.87 -33.56 2.17
N ASN C 748 10.05 -34.30 3.26
CA ASN C 748 9.68 -33.81 4.59
C ASN C 748 10.66 -34.43 5.59
N TRP C 749 11.76 -33.70 5.85
CA TRP C 749 12.81 -34.19 6.75
C TRP C 749 12.76 -33.56 8.13
N THR C 750 12.21 -32.34 8.25
CA THR C 750 12.13 -31.70 9.56
C THR C 750 11.27 -32.50 10.51
N THR C 751 10.15 -33.04 10.02
CA THR C 751 9.28 -33.85 10.87
C THR C 751 9.89 -35.19 11.24
N TRP C 752 11.00 -35.57 10.60
CA TRP C 752 11.67 -36.83 10.89
C TRP C 752 10.69 -38.00 10.89
N SER D 197 25.44 -49.07 -8.60
CA SER D 197 24.98 -47.76 -9.05
C SER D 197 24.01 -47.16 -8.02
N TYR D 198 22.73 -47.54 -8.13
CA TYR D 198 21.74 -47.03 -7.19
C TYR D 198 22.01 -47.53 -5.78
N TYR D 199 22.32 -48.81 -5.63
CA TYR D 199 22.52 -49.46 -4.33
C TYR D 199 23.97 -49.81 -4.10
N LYS D 200 24.88 -48.92 -4.48
CA LYS D 200 26.32 -49.19 -4.42
C LYS D 200 26.84 -48.81 -3.05
N GLY D 201 27.13 -49.82 -2.22
CA GLY D 201 27.74 -49.61 -0.92
C GLY D 201 26.76 -49.44 0.23
N GLN D 202 25.47 -49.28 -0.05
CA GLN D 202 24.48 -49.09 1.01
C GLN D 202 24.21 -50.42 1.70
N THR D 203 24.21 -50.40 3.03
CA THR D 203 24.01 -51.60 3.84
C THR D 203 22.99 -51.32 4.93
N ALA D 204 22.68 -52.36 5.71
CA ALA D 204 21.63 -52.26 6.73
C ALA D 204 21.97 -51.23 7.80
N LEU D 205 23.24 -50.85 7.94
CA LEU D 205 23.60 -49.82 8.92
C LEU D 205 22.90 -48.51 8.60
N HIS D 206 22.88 -48.13 7.32
CA HIS D 206 22.19 -46.90 6.93
C HIS D 206 20.70 -46.99 7.23
N ILE D 207 20.09 -48.16 6.97
CA ILE D 207 18.65 -48.31 7.17
C ILE D 207 18.31 -48.24 8.65
N ALA D 208 19.15 -48.83 9.50
CA ALA D 208 18.98 -48.68 10.94
C ALA D 208 19.14 -47.22 11.36
N ILE D 209 20.12 -46.53 10.77
CA ILE D 209 20.33 -45.11 11.08
C ILE D 209 19.06 -44.32 10.80
N GLU D 210 18.64 -44.29 9.53
CA GLU D 210 17.57 -43.37 9.14
C GLU D 210 16.26 -43.67 9.86
N ARG D 211 16.08 -44.88 10.36
CA ARG D 211 14.88 -45.25 11.09
C ARG D 211 15.00 -44.95 12.58
N ARG D 212 16.17 -44.51 13.05
CA ARG D 212 16.40 -44.25 14.48
C ARG D 212 16.28 -45.54 15.29
N ASN D 213 17.16 -46.49 14.99
CA ASN D 213 17.31 -47.72 15.76
C ASN D 213 18.62 -47.62 16.54
N MET D 214 18.51 -47.46 17.86
CA MET D 214 19.70 -47.27 18.68
C MET D 214 20.59 -48.51 18.67
N THR D 215 19.99 -49.70 18.73
CA THR D 215 20.74 -50.94 18.92
C THR D 215 21.26 -51.54 17.63
N LEU D 216 20.55 -51.35 16.51
CA LEU D 216 20.96 -51.98 15.26
C LEU D 216 22.30 -51.45 14.79
N VAL D 217 22.52 -50.14 14.91
CA VAL D 217 23.81 -49.58 14.52
C VAL D 217 24.92 -50.15 15.39
N THR D 218 24.66 -50.26 16.70
CA THR D 218 25.66 -50.83 17.59
C THR D 218 26.00 -52.26 17.19
N LEU D 219 24.98 -53.06 16.88
CA LEU D 219 25.23 -54.43 16.46
C LEU D 219 26.05 -54.47 15.17
N LEU D 220 25.66 -53.66 14.19
CA LEU D 220 26.35 -53.69 12.90
C LEU D 220 27.82 -53.26 13.04
N VAL D 221 28.08 -52.21 13.81
CA VAL D 221 29.46 -51.76 13.97
C VAL D 221 30.24 -52.62 14.95
N GLU D 222 29.56 -53.43 15.76
CA GLU D 222 30.24 -54.48 16.50
C GLU D 222 30.63 -55.63 15.58
N ASN D 223 29.83 -55.86 14.53
CA ASN D 223 30.12 -56.94 13.59
C ASN D 223 31.38 -56.68 12.76
N GLY D 224 31.94 -55.48 12.82
CA GLY D 224 33.15 -55.17 12.10
C GLY D 224 32.94 -54.50 10.75
N ALA D 225 31.73 -54.06 10.45
CA ALA D 225 31.46 -53.39 9.18
C ALA D 225 32.38 -52.19 9.01
N ASP D 226 32.97 -52.06 7.84
CA ASP D 226 33.96 -51.02 7.58
C ASP D 226 33.24 -49.71 7.26
N VAL D 227 33.10 -48.86 8.28
CA VAL D 227 32.44 -47.57 8.10
C VAL D 227 33.27 -46.61 7.27
N GLN D 228 34.53 -46.95 6.96
CA GLN D 228 35.31 -46.15 6.04
C GLN D 228 34.67 -46.13 4.65
N ALA D 229 34.17 -47.28 4.20
CA ALA D 229 33.55 -47.37 2.89
C ALA D 229 32.35 -46.44 2.80
N ALA D 230 32.16 -45.83 1.64
CA ALA D 230 31.09 -44.88 1.40
C ALA D 230 30.08 -45.45 0.42
N ALA D 231 28.80 -45.12 0.64
CA ALA D 231 27.70 -45.53 -0.23
C ALA D 231 27.26 -44.35 -1.08
N ASN D 232 27.20 -44.57 -2.39
CA ASN D 232 26.80 -43.53 -3.33
C ASN D 232 25.73 -44.07 -4.26
N GLY D 233 24.84 -43.17 -4.69
CA GLY D 233 23.78 -43.56 -5.61
C GLY D 233 23.12 -42.34 -6.21
N ASP D 234 22.28 -42.60 -7.21
CA ASP D 234 21.59 -41.51 -7.87
C ASP D 234 20.69 -40.74 -6.90
N PHE D 235 20.01 -41.46 -6.02
CA PHE D 235 19.18 -40.80 -5.02
C PHE D 235 20.01 -39.95 -4.08
N PHE D 236 21.25 -40.36 -3.80
CA PHE D 236 22.09 -39.60 -2.88
C PHE D 236 22.67 -38.34 -3.53
N LYS D 237 23.05 -38.44 -4.80
CA LYS D 237 23.70 -37.32 -5.47
C LYS D 237 22.76 -36.13 -5.58
N LYS D 238 23.34 -34.93 -5.51
CA LYS D 238 22.57 -33.68 -5.60
C LYS D 238 22.33 -33.35 -7.07
N THR D 239 21.38 -34.07 -7.66
CA THR D 239 21.02 -33.90 -9.06
C THR D 239 19.57 -33.46 -9.15
N LYS D 240 19.32 -32.33 -9.82
CA LYS D 240 17.95 -31.86 -10.01
C LYS D 240 17.19 -32.73 -10.99
N GLY D 241 17.89 -33.37 -11.92
CA GLY D 241 17.23 -34.22 -12.91
C GLY D 241 16.60 -35.47 -12.33
N ARG D 242 16.99 -35.85 -11.12
CA ARG D 242 16.43 -37.02 -10.47
C ARG D 242 16.02 -36.68 -9.05
N PRO D 243 14.98 -37.35 -8.53
CA PRO D 243 14.64 -37.16 -7.11
C PRO D 243 15.70 -37.78 -6.22
N GLY D 244 15.90 -37.17 -5.06
CA GLY D 244 16.89 -37.69 -4.13
C GLY D 244 17.08 -36.76 -2.96
N PHE D 245 17.82 -37.29 -1.97
CA PHE D 245 18.18 -36.54 -0.77
C PHE D 245 19.67 -36.68 -0.56
N TYR D 246 20.35 -35.56 -0.35
CA TYR D 246 21.80 -35.51 -0.21
C TYR D 246 22.17 -35.61 1.26
N PHE D 247 23.01 -36.60 1.60
CA PHE D 247 23.54 -36.75 2.95
C PHE D 247 25.01 -37.12 2.93
N GLY D 248 25.75 -36.66 1.92
CA GLY D 248 27.14 -37.03 1.79
C GLY D 248 27.29 -38.46 1.28
N GLU D 249 28.49 -39.00 1.47
CA GLU D 249 28.80 -40.37 1.08
C GLU D 249 29.24 -41.23 2.25
N LEU D 250 29.94 -40.67 3.23
CA LEU D 250 30.40 -41.45 4.37
C LEU D 250 29.21 -41.90 5.20
N PRO D 251 29.18 -43.15 5.67
CA PRO D 251 28.08 -43.57 6.55
C PRO D 251 27.99 -42.75 7.83
N LEU D 252 29.12 -42.34 8.39
CA LEU D 252 29.10 -41.43 9.53
C LEU D 252 28.44 -40.11 9.14
N SER D 253 28.67 -39.65 7.92
CA SER D 253 28.01 -38.43 7.46
C SER D 253 26.50 -38.60 7.45
N LEU D 254 26.01 -39.75 6.98
CA LEU D 254 24.57 -40.00 6.99
C LEU D 254 24.04 -40.06 8.41
N ALA D 255 24.77 -40.71 9.31
CA ALA D 255 24.34 -40.78 10.70
C ALA D 255 24.25 -39.38 11.31
N ALA D 256 25.22 -38.52 11.00
CA ALA D 256 25.21 -37.16 11.52
C ALA D 256 24.04 -36.37 10.94
N CYS D 257 23.87 -36.42 9.62
CA CYS D 257 22.80 -35.66 8.98
C CYS D 257 21.43 -36.12 9.43
N THR D 258 21.29 -37.39 9.82
CA THR D 258 20.01 -37.95 10.21
C THR D 258 19.76 -37.84 11.71
N ASN D 259 20.33 -36.84 12.36
CA ASN D 259 19.98 -36.48 13.73
C ASN D 259 20.21 -37.65 14.70
N GLN D 260 21.49 -38.01 14.83
CA GLN D 260 21.90 -39.07 15.76
C GLN D 260 23.29 -38.73 16.27
N LEU D 261 23.35 -38.04 17.41
CA LEU D 261 24.62 -37.55 17.94
C LEU D 261 25.32 -38.59 18.81
N ALA D 262 24.59 -39.28 19.67
CA ALA D 262 25.19 -40.34 20.47
C ALA D 262 25.69 -41.47 19.59
N ILE D 263 24.93 -41.81 18.55
CA ILE D 263 25.30 -42.91 17.67
C ILE D 263 26.62 -42.59 16.97
N VAL D 264 26.74 -41.38 16.40
CA VAL D 264 27.98 -41.01 15.73
C VAL D 264 29.11 -40.89 16.74
N LYS D 265 28.81 -40.39 17.95
CA LYS D 265 29.82 -40.33 18.99
C LYS D 265 30.40 -41.71 19.27
N PHE D 266 29.55 -42.74 19.23
CA PHE D 266 30.04 -44.10 19.43
C PHE D 266 30.79 -44.60 18.19
N LEU D 267 30.24 -44.37 17.00
CA LEU D 267 30.92 -44.78 15.77
C LEU D 267 32.35 -44.27 15.75
N LEU D 268 32.54 -43.00 16.10
CA LEU D 268 33.89 -42.44 16.13
C LEU D 268 34.77 -43.15 17.14
N GLN D 269 34.22 -43.46 18.31
CA GLN D 269 34.99 -44.08 19.40
C GLN D 269 34.89 -45.60 19.40
N ASN D 270 34.19 -46.20 18.44
CA ASN D 270 34.03 -47.65 18.40
C ASN D 270 35.39 -48.29 18.14
N SER D 271 35.96 -48.93 19.16
CA SER D 271 37.30 -49.49 19.05
C SER D 271 37.38 -50.52 17.93
N TRP D 272 36.28 -51.19 17.62
CA TRP D 272 36.30 -52.23 16.59
C TRP D 272 36.64 -51.65 15.23
N GLN D 273 36.04 -50.50 14.88
CA GLN D 273 36.32 -49.84 13.61
C GLN D 273 35.86 -48.39 13.67
N PRO D 274 36.65 -47.49 14.24
CA PRO D 274 36.23 -46.08 14.30
C PRO D 274 36.11 -45.47 12.92
N ALA D 275 35.12 -44.60 12.75
CA ALA D 275 34.96 -43.85 11.52
C ALA D 275 35.91 -42.65 11.50
N ASP D 276 36.47 -42.36 10.33
CA ASP D 276 37.40 -41.25 10.17
C ASP D 276 36.63 -39.98 9.85
N ILE D 277 36.81 -38.96 10.68
CA ILE D 277 36.09 -37.70 10.48
C ILE D 277 36.58 -36.99 9.21
N SER D 278 37.88 -37.05 8.95
CA SER D 278 38.51 -36.31 7.85
C SER D 278 38.25 -36.94 6.48
N ALA D 279 37.29 -37.85 6.36
CA ALA D 279 37.01 -38.47 5.08
C ALA D 279 36.43 -37.44 4.12
N ARG D 280 36.96 -37.41 2.89
CA ARG D 280 36.48 -36.53 1.83
C ARG D 280 36.01 -37.37 0.66
N ASP D 281 34.76 -37.17 0.25
CA ASP D 281 34.19 -37.96 -0.82
C ASP D 281 34.60 -37.43 -2.19
N SER D 282 34.31 -38.21 -3.23
CA SER D 282 34.60 -37.77 -4.58
C SER D 282 33.70 -36.62 -5.01
N VAL D 283 32.45 -36.61 -4.55
CA VAL D 283 31.55 -35.52 -4.88
C VAL D 283 32.10 -34.20 -4.36
N GLY D 284 32.71 -34.23 -3.18
CA GLY D 284 33.37 -33.08 -2.62
C GLY D 284 32.79 -32.55 -1.33
N ASN D 285 32.04 -33.35 -0.58
CA ASN D 285 31.46 -32.94 0.69
C ASN D 285 32.07 -33.75 1.81
N THR D 286 32.66 -33.06 2.79
CA THR D 286 33.09 -33.69 4.02
C THR D 286 31.89 -33.81 4.98
N VAL D 287 32.09 -34.52 6.09
CA VAL D 287 31.03 -34.62 7.09
C VAL D 287 30.58 -33.22 7.52
N LEU D 288 31.55 -32.36 7.83
CA LEU D 288 31.23 -30.97 8.17
C LEU D 288 30.59 -30.27 6.97
N HIS D 289 31.18 -30.46 5.78
CA HIS D 289 30.60 -29.88 4.58
C HIS D 289 29.22 -30.47 4.32
N ALA D 290 29.03 -31.75 4.60
CA ALA D 290 27.71 -32.35 4.43
C ALA D 290 26.69 -31.69 5.34
N LEU D 291 27.07 -31.43 6.60
CA LEU D 291 26.16 -30.72 7.50
C LEU D 291 25.87 -29.32 6.97
N VAL D 292 26.88 -28.64 6.44
CA VAL D 292 26.65 -27.31 5.88
C VAL D 292 25.64 -27.39 4.74
N GLU D 293 25.79 -28.39 3.87
CA GLU D 293 24.90 -28.52 2.72
C GLU D 293 23.50 -28.97 3.13
N VAL D 294 23.35 -29.59 4.30
CA VAL D 294 22.02 -29.97 4.76
C VAL D 294 21.20 -28.75 5.17
N ALA D 295 21.85 -27.79 5.84
CA ALA D 295 21.11 -26.72 6.49
C ALA D 295 20.26 -25.94 5.50
N ASP D 296 19.11 -25.46 5.98
CA ASP D 296 18.18 -24.66 5.19
C ASP D 296 17.74 -23.41 5.94
N ASN D 297 18.60 -22.89 6.82
CA ASN D 297 18.42 -21.57 7.43
C ASN D 297 17.32 -21.53 8.48
N THR D 298 16.57 -22.62 8.63
CA THR D 298 15.45 -22.62 9.56
C THR D 298 15.94 -22.50 10.99
N VAL D 299 15.12 -21.88 11.84
CA VAL D 299 15.53 -21.61 13.21
C VAL D 299 15.80 -22.92 13.95
N ASP D 300 14.84 -23.85 13.88
CA ASP D 300 15.03 -25.16 14.50
C ASP D 300 16.19 -25.90 13.83
N ASN D 301 16.26 -25.86 12.50
CA ASN D 301 17.38 -26.47 11.80
C ASN D 301 18.69 -25.80 12.19
N THR D 302 18.67 -24.48 12.34
CA THR D 302 19.87 -23.78 12.78
C THR D 302 20.34 -24.33 14.12
N LYS D 303 19.43 -24.42 15.10
CA LYS D 303 19.81 -24.91 16.42
C LYS D 303 20.33 -26.33 16.36
N PHE D 304 19.62 -27.20 15.63
CA PHE D 304 20.01 -28.60 15.53
C PHE D 304 21.40 -28.74 14.92
N VAL D 305 21.61 -28.15 13.74
CA VAL D 305 22.88 -28.29 13.04
C VAL D 305 24.00 -27.65 13.85
N THR D 306 23.74 -26.51 14.48
CA THR D 306 24.77 -25.85 15.27
C THR D 306 25.17 -26.69 16.47
N SER D 307 24.20 -27.27 17.17
CA SER D 307 24.51 -28.10 18.33
C SER D 307 25.35 -29.31 17.91
N MET D 308 24.92 -30.00 16.85
CA MET D 308 25.67 -31.18 16.43
C MET D 308 27.04 -30.80 15.87
N TYR D 309 27.14 -29.64 15.21
CA TYR D 309 28.42 -29.17 14.70
C TYR D 309 29.40 -28.89 15.84
N ASN D 310 28.92 -28.20 16.88
CA ASN D 310 29.79 -27.93 18.02
C ASN D 310 30.21 -29.22 18.70
N GLU D 311 29.28 -30.17 18.85
CA GLU D 311 29.62 -31.44 19.48
C GLU D 311 30.66 -32.20 18.67
N ILE D 312 30.48 -32.25 17.35
CA ILE D 312 31.42 -33.01 16.52
C ILE D 312 32.78 -32.35 16.50
N LEU D 313 32.82 -31.00 16.49
CA LEU D 313 34.12 -30.33 16.58
C LEU D 313 34.80 -30.60 17.92
N ILE D 314 34.05 -30.60 19.02
CA ILE D 314 34.65 -30.92 20.31
C ILE D 314 35.21 -32.34 20.29
N LEU D 315 34.44 -33.29 19.73
CA LEU D 315 34.91 -34.67 19.67
C LEU D 315 36.19 -34.78 18.84
N GLY D 316 36.21 -34.13 17.69
CA GLY D 316 37.41 -34.15 16.87
C GLY D 316 38.61 -33.56 17.59
N ALA D 317 38.40 -32.44 18.29
CA ALA D 317 39.49 -31.86 19.07
C ALA D 317 40.02 -32.84 20.09
N LYS D 318 39.12 -33.56 20.77
CA LYS D 318 39.55 -34.61 21.68
C LYS D 318 40.34 -35.69 20.95
N LEU D 319 39.94 -36.00 19.71
CA LEU D 319 40.51 -37.13 18.98
C LEU D 319 41.90 -36.81 18.43
N HIS D 320 42.00 -35.77 17.61
CA HIS D 320 43.23 -35.46 16.86
C HIS D 320 43.63 -34.01 17.13
N PRO D 321 44.29 -33.75 18.26
CA PRO D 321 44.81 -32.39 18.49
C PRO D 321 45.79 -31.94 17.42
N THR D 322 46.54 -32.87 16.83
CA THR D 322 47.59 -32.49 15.88
C THR D 322 47.02 -31.92 14.60
N LEU D 323 45.82 -32.35 14.20
CA LEU D 323 45.22 -31.97 12.92
C LEU D 323 44.07 -31.00 13.13
N LYS D 324 44.02 -29.98 12.29
CA LYS D 324 42.90 -29.03 12.26
C LYS D 324 41.98 -29.43 11.11
N LEU D 325 40.76 -29.86 11.45
CA LEU D 325 39.86 -30.44 10.47
C LEU D 325 39.22 -29.38 9.58
N GLU D 326 38.95 -28.18 10.13
CA GLU D 326 38.16 -27.20 9.41
C GLU D 326 38.83 -26.78 8.10
N GLU D 327 40.14 -26.57 8.12
CA GLU D 327 40.80 -25.89 7.01
C GLU D 327 40.93 -26.77 5.76
N ILE D 328 40.78 -28.09 5.89
CA ILE D 328 40.99 -28.96 4.73
C ILE D 328 39.96 -28.63 3.67
N THR D 329 40.42 -28.06 2.55
CA THR D 329 39.54 -27.75 1.44
C THR D 329 39.02 -29.04 0.82
N ASN D 330 37.74 -29.05 0.48
CA ASN D 330 37.10 -30.24 -0.07
C ASN D 330 37.38 -30.30 -1.57
N ARG D 331 36.69 -31.21 -2.28
CA ARG D 331 37.01 -31.47 -3.67
C ARG D 331 36.89 -30.21 -4.52
N LYS D 332 35.80 -29.46 -4.35
CA LYS D 332 35.60 -28.25 -5.14
C LYS D 332 36.56 -27.13 -4.74
N GLY D 333 37.29 -27.28 -3.64
CA GLY D 333 38.31 -26.33 -3.27
C GLY D 333 37.87 -25.26 -2.30
N LEU D 334 36.71 -25.40 -1.67
CA LEU D 334 36.20 -24.41 -0.74
C LEU D 334 35.87 -25.09 0.59
N THR D 335 36.35 -24.50 1.68
CA THR D 335 36.14 -25.07 3.00
C THR D 335 34.70 -24.87 3.44
N PRO D 336 34.26 -25.59 4.47
CA PRO D 336 32.87 -25.43 4.94
C PRO D 336 32.49 -23.99 5.21
N LEU D 337 33.42 -23.16 5.71
CA LEU D 337 33.12 -21.74 5.87
C LEU D 337 32.78 -21.10 4.54
N ALA D 338 33.63 -21.29 3.53
CA ALA D 338 33.38 -20.71 2.21
C ALA D 338 32.12 -21.30 1.59
N LEU D 339 31.89 -22.61 1.75
CA LEU D 339 30.70 -23.20 1.18
C LEU D 339 29.44 -22.63 1.82
N ALA D 340 29.45 -22.47 3.14
CA ALA D 340 28.29 -21.87 3.80
C ALA D 340 28.08 -20.44 3.34
N ALA D 341 29.17 -19.68 3.18
CA ALA D 341 29.05 -18.31 2.73
C ALA D 341 28.47 -18.23 1.32
N SER D 342 28.94 -19.09 0.42
CA SER D 342 28.52 -19.01 -0.98
C SER D 342 27.12 -19.57 -1.19
N SER D 343 26.77 -20.65 -0.48
CA SER D 343 25.50 -21.33 -0.76
C SER D 343 24.30 -20.49 -0.32
N GLY D 344 24.42 -19.77 0.79
CA GLY D 344 23.31 -19.01 1.33
C GLY D 344 22.95 -19.34 2.76
N LYS D 345 23.67 -20.22 3.43
CA LYS D 345 23.30 -20.70 4.76
C LYS D 345 23.73 -19.66 5.79
N ILE D 346 22.83 -18.73 6.10
CA ILE D 346 23.14 -17.71 7.08
C ILE D 346 23.22 -18.30 8.49
N GLY D 347 22.34 -19.25 8.80
CA GLY D 347 22.33 -19.81 10.14
C GLY D 347 23.63 -20.50 10.49
N VAL D 348 24.14 -21.32 9.56
CA VAL D 348 25.39 -22.03 9.80
C VAL D 348 26.57 -21.05 9.85
N LEU D 349 26.51 -19.99 9.05
CA LEU D 349 27.65 -19.07 8.97
C LEU D 349 27.72 -18.15 10.19
N ALA D 350 26.57 -17.71 10.71
CA ALA D 350 26.58 -16.79 11.83
C ALA D 350 27.35 -17.37 13.00
N TYR D 351 27.02 -18.59 13.41
CA TYR D 351 27.70 -19.20 14.55
C TYR D 351 29.19 -19.36 14.28
N ILE D 352 29.56 -19.84 13.09
CA ILE D 352 30.97 -20.02 12.78
C ILE D 352 31.70 -18.69 12.86
N LEU D 353 31.01 -17.59 12.59
CA LEU D 353 31.65 -16.28 12.69
C LEU D 353 31.84 -15.88 14.15
N GLN D 354 30.87 -16.18 15.02
CA GLN D 354 30.97 -15.93 16.45
C GLN D 354 30.99 -17.23 17.24
N ARG D 355 31.77 -18.20 16.77
CA ARG D 355 31.84 -19.52 17.39
C ARG D 355 32.72 -19.43 18.64
N GLU D 356 32.09 -19.30 19.79
CA GLU D 356 32.79 -19.22 21.08
C GLU D 356 32.45 -20.45 21.91
N ILE D 357 33.49 -21.14 22.38
CA ILE D 357 33.34 -22.32 23.23
C ILE D 357 33.97 -21.99 24.58
N HIS D 358 33.17 -22.08 25.65
CA HIS D 358 33.62 -21.68 26.97
C HIS D 358 34.52 -22.72 27.64
N GLU D 359 34.68 -23.89 27.06
CA GLU D 359 35.57 -24.90 27.63
C GLU D 359 37.02 -24.43 27.51
N PRO D 360 37.78 -24.42 28.60
CA PRO D 360 39.18 -23.95 28.50
C PRO D 360 40.05 -24.84 27.64
N GLU D 361 39.67 -26.08 27.40
CA GLU D 361 40.42 -26.97 26.53
C GLU D 361 40.14 -26.74 25.05
N CYS D 362 39.05 -26.03 24.72
CA CYS D 362 38.66 -25.77 23.34
C CYS D 362 38.88 -24.33 22.93
N ARG D 363 39.71 -23.60 23.68
CA ARG D 363 39.99 -22.21 23.32
C ARG D 363 40.76 -22.08 22.02
N HIS D 364 41.44 -23.14 21.57
CA HIS D 364 42.20 -23.06 20.34
C HIS D 364 41.33 -23.19 19.10
N LEU D 365 40.03 -23.49 19.25
CA LEU D 365 39.10 -23.53 18.13
C LEU D 365 38.07 -22.41 18.16
N SER D 366 37.78 -21.86 19.33
CA SER D 366 36.83 -20.75 19.41
C SER D 366 37.26 -19.63 18.49
N ARG D 367 36.31 -19.07 17.74
CA ARG D 367 36.60 -17.99 16.82
C ARG D 367 36.50 -16.62 17.48
N LYS D 368 35.57 -16.46 18.42
CA LYS D 368 35.37 -15.20 19.13
C LYS D 368 35.82 -15.36 20.58
N PHE D 369 36.66 -14.43 21.03
CA PHE D 369 37.17 -14.42 22.39
C PHE D 369 36.66 -13.15 23.09
N THR D 370 35.99 -13.33 24.22
CA THR D 370 35.47 -12.20 24.98
C THR D 370 36.58 -11.64 25.85
N GLU D 371 37.14 -10.50 25.44
CA GLU D 371 38.31 -9.95 26.13
C GLU D 371 37.94 -9.47 27.53
N TRP D 372 36.81 -8.77 27.67
CA TRP D 372 36.35 -8.36 28.98
C TRP D 372 34.88 -7.96 28.89
N ALA D 373 34.30 -7.69 30.05
CA ALA D 373 32.92 -7.24 30.19
C ALA D 373 32.86 -5.95 31.01
N TYR D 374 33.82 -5.05 30.76
CA TYR D 374 33.95 -3.81 31.52
C TYR D 374 32.62 -3.06 31.63
N GLY D 375 31.66 -3.34 30.75
CA GLY D 375 30.36 -2.75 30.81
C GLY D 375 29.45 -3.35 29.76
N PRO D 376 28.41 -2.63 29.36
CA PRO D 376 27.58 -3.11 28.24
C PRO D 376 28.42 -3.41 27.02
N VAL D 377 29.51 -2.67 26.83
CA VAL D 377 30.49 -3.00 25.80
C VAL D 377 31.14 -4.33 26.17
N HIS D 378 31.24 -5.22 25.19
CA HIS D 378 31.88 -6.53 25.36
C HIS D 378 32.94 -6.65 24.28
N SER D 379 34.18 -6.28 24.63
CA SER D 379 35.27 -6.40 23.67
C SER D 379 35.30 -7.81 23.09
N SER D 380 35.75 -7.90 21.85
CA SER D 380 35.74 -9.15 21.12
C SER D 380 37.08 -9.32 20.43
N LEU D 381 37.35 -10.56 20.00
CA LEU D 381 38.57 -10.86 19.26
C LEU D 381 38.23 -12.01 18.32
N TYR D 382 37.84 -11.66 17.09
CA TYR D 382 37.53 -12.66 16.09
C TYR D 382 38.82 -13.14 15.43
N ASP D 383 38.74 -14.28 14.76
CA ASP D 383 39.91 -14.86 14.13
C ASP D 383 40.13 -14.37 12.70
N LEU D 384 39.14 -13.74 12.08
CA LEU D 384 39.25 -13.29 10.71
C LEU D 384 39.94 -14.34 9.86
N SER D 385 39.61 -15.61 10.10
CA SER D 385 40.33 -16.72 9.49
C SER D 385 39.88 -16.84 8.04
N CYS D 386 40.77 -16.46 7.12
CA CYS D 386 40.55 -16.64 5.70
C CYS D 386 39.41 -15.78 5.18
N ILE D 387 39.21 -14.62 5.80
CA ILE D 387 38.17 -13.70 5.36
C ILE D 387 38.65 -12.79 4.24
N ASP D 388 39.89 -12.30 4.35
CA ASP D 388 40.45 -11.36 3.39
C ASP D 388 41.82 -11.82 2.94
N THR D 389 42.10 -11.63 1.64
CA THR D 389 43.40 -11.95 1.05
C THR D 389 43.93 -13.30 1.55
N CYS D 390 43.11 -14.33 1.37
CA CYS D 390 43.40 -15.66 1.87
C CYS D 390 43.65 -16.70 0.78
N GLU D 391 42.64 -16.95 -0.07
CA GLU D 391 42.67 -18.09 -0.97
C GLU D 391 41.69 -17.84 -2.09
N LYS D 392 41.39 -18.91 -2.84
CA LYS D 392 40.55 -18.77 -4.03
C LYS D 392 39.16 -18.26 -3.67
N ASN D 393 38.56 -18.79 -2.61
CA ASN D 393 37.21 -18.45 -2.22
C ASN D 393 37.26 -17.85 -0.82
N SER D 394 37.52 -16.56 -0.74
CA SER D 394 37.38 -15.83 0.51
C SER D 394 35.90 -15.62 0.81
N VAL D 395 35.60 -15.45 2.10
CA VAL D 395 34.21 -15.31 2.51
C VAL D 395 33.56 -14.10 1.85
N LEU D 396 34.26 -12.96 1.88
CA LEU D 396 33.72 -11.76 1.27
C LEU D 396 33.53 -11.95 -0.23
N GLU D 397 34.50 -12.56 -0.89
CA GLU D 397 34.40 -12.76 -2.33
C GLU D 397 33.18 -13.59 -2.68
N VAL D 398 33.04 -14.76 -2.04
CA VAL D 398 31.92 -15.64 -2.37
C VAL D 398 30.60 -14.99 -2.00
N ILE D 399 30.57 -14.17 -0.95
CA ILE D 399 29.34 -13.47 -0.60
C ILE D 399 28.97 -12.47 -1.67
N ALA D 400 29.95 -11.71 -2.17
CA ALA D 400 29.69 -10.62 -3.10
C ALA D 400 29.76 -11.08 -4.56
N TYR D 401 30.81 -11.82 -4.92
CA TYR D 401 30.95 -12.27 -6.30
C TYR D 401 29.84 -13.23 -6.72
N SER D 402 29.08 -13.76 -5.76
CA SER D 402 28.00 -14.69 -6.09
C SER D 402 27.13 -14.12 -7.20
N SER D 403 26.52 -15.01 -7.97
CA SER D 403 25.73 -14.63 -9.14
C SER D 403 24.31 -14.19 -8.79
N SER D 404 24.06 -13.80 -7.53
CA SER D 404 22.78 -13.33 -7.04
C SER D 404 21.74 -14.45 -6.94
N GLU D 405 22.10 -15.69 -7.24
CA GLU D 405 21.17 -16.79 -7.01
C GLU D 405 20.96 -17.03 -5.53
N THR D 406 21.97 -16.76 -4.71
CA THR D 406 21.84 -16.94 -3.28
C THR D 406 20.70 -16.09 -2.74
N PRO D 407 19.90 -16.59 -1.80
CA PRO D 407 18.66 -15.90 -1.45
C PRO D 407 18.77 -14.87 -0.32
N ASN D 408 19.86 -14.83 0.43
CA ASN D 408 20.00 -13.90 1.54
C ASN D 408 21.38 -13.25 1.54
N ARG D 409 21.80 -12.78 0.36
CA ARG D 409 23.10 -12.12 0.25
C ARG D 409 23.15 -10.85 1.08
N HIS D 410 22.07 -10.07 1.08
CA HIS D 410 22.07 -8.82 1.82
C HIS D 410 22.23 -9.06 3.32
N ASP D 411 21.57 -10.09 3.85
CA ASP D 411 21.59 -10.34 5.29
C ASP D 411 22.93 -10.88 5.76
N MET D 412 23.73 -11.46 4.88
CA MET D 412 25.02 -12.01 5.31
C MET D 412 25.91 -10.93 5.88
N LEU D 413 25.95 -9.76 5.25
CA LEU D 413 26.84 -8.70 5.70
C LEU D 413 26.34 -8.02 6.98
N LEU D 414 25.25 -8.51 7.56
CA LEU D 414 24.80 -8.04 8.87
C LEU D 414 25.44 -8.78 10.02
N VAL D 415 26.17 -9.87 9.76
CA VAL D 415 26.82 -10.60 10.84
C VAL D 415 27.79 -9.67 11.57
N GLU D 416 28.10 -10.04 12.81
CA GLU D 416 28.86 -9.15 13.69
C GLU D 416 30.23 -8.76 13.12
N PRO D 417 31.04 -9.69 12.61
CA PRO D 417 32.40 -9.31 12.20
C PRO D 417 32.45 -8.61 10.84
N LEU D 418 31.58 -9.04 9.92
CA LEU D 418 31.64 -8.52 8.56
C LEU D 418 31.34 -7.03 8.50
N ASN D 419 30.32 -6.58 9.23
CA ASN D 419 29.97 -5.17 9.21
C ASN D 419 31.15 -4.31 9.64
N ARG D 420 31.73 -4.63 10.80
CA ARG D 420 32.84 -3.85 11.30
C ARG D 420 34.04 -3.93 10.38
N LEU D 421 34.32 -5.11 9.83
CA LEU D 421 35.48 -5.26 8.96
C LEU D 421 35.32 -4.40 7.71
N LEU D 422 34.15 -4.46 7.07
CA LEU D 422 33.93 -3.68 5.85
C LEU D 422 33.96 -2.19 6.15
N GLN D 423 33.35 -1.77 7.26
CA GLN D 423 33.38 -0.35 7.59
C GLN D 423 34.80 0.12 7.85
N ASP D 424 35.59 -0.68 8.55
CA ASP D 424 36.98 -0.33 8.79
C ASP D 424 37.74 -0.22 7.47
N LYS D 425 37.53 -1.17 6.55
CA LYS D 425 38.19 -1.09 5.27
C LYS D 425 37.78 0.17 4.51
N TRP D 426 36.49 0.50 4.55
CA TRP D 426 36.01 1.68 3.84
C TRP D 426 36.64 2.95 4.39
N ASP D 427 36.68 3.08 5.71
CA ASP D 427 37.18 4.32 6.30
C ASP D 427 38.69 4.41 6.21
N ARG D 428 39.40 3.28 6.23
CA ARG D 428 40.85 3.33 6.33
C ARG D 428 41.48 3.88 5.05
N PHE D 429 41.32 3.17 3.94
CA PHE D 429 41.98 3.57 2.70
C PHE D 429 41.04 3.58 1.50
N VAL D 430 40.02 2.73 1.50
CA VAL D 430 39.20 2.57 0.30
C VAL D 430 38.49 3.87 -0.06
N LYS D 431 37.97 4.58 0.94
CA LYS D 431 37.13 5.74 0.66
C LYS D 431 37.87 6.76 -0.19
N ARG D 432 39.08 7.14 0.22
CA ARG D 432 39.79 8.17 -0.52
C ARG D 432 40.25 7.67 -1.88
N ILE D 433 40.58 6.39 -2.01
CA ILE D 433 40.94 5.88 -3.32
C ILE D 433 39.75 5.98 -4.26
N PHE D 434 38.57 5.64 -3.76
CA PHE D 434 37.36 5.76 -4.58
C PHE D 434 37.10 7.21 -4.97
N TYR D 435 37.26 8.14 -4.04
CA TYR D 435 37.01 9.54 -4.37
C TYR D 435 38.04 10.05 -5.38
N PHE D 436 39.29 9.61 -5.25
CA PHE D 436 40.30 9.98 -6.24
C PHE D 436 39.94 9.43 -7.63
N ASN D 437 39.46 8.20 -7.68
CA ASN D 437 39.02 7.64 -8.95
C ASN D 437 37.88 8.44 -9.53
N PHE D 438 36.91 8.83 -8.70
CA PHE D 438 35.80 9.64 -9.17
C PHE D 438 36.29 10.96 -9.74
N PHE D 439 37.22 11.61 -9.05
CA PHE D 439 37.74 12.90 -9.53
C PHE D 439 38.48 12.73 -10.84
N VAL D 440 39.32 11.70 -10.96
CA VAL D 440 40.05 11.49 -12.19
C VAL D 440 39.10 11.21 -13.33
N TYR D 441 38.02 10.46 -13.07
CA TYR D 441 37.04 10.19 -14.11
C TYR D 441 36.32 11.46 -14.55
N CYS D 442 35.98 12.33 -13.58
CA CYS D 442 35.35 13.59 -13.96
C CYS D 442 36.27 14.41 -14.85
N LEU D 443 37.56 14.48 -14.50
CA LEU D 443 38.51 15.19 -15.36
C LEU D 443 38.59 14.55 -16.74
N TYR D 444 38.61 13.21 -16.79
CA TYR D 444 38.69 12.53 -18.07
C TYR D 444 37.49 12.86 -18.94
N MET D 445 36.30 12.87 -18.36
CA MET D 445 35.10 13.16 -19.15
C MET D 445 35.09 14.60 -19.60
N ILE D 446 35.56 15.53 -18.76
CA ILE D 446 35.63 16.92 -19.18
C ILE D 446 36.60 17.09 -20.35
N ILE D 447 37.75 16.43 -20.27
CA ILE D 447 38.72 16.50 -21.37
C ILE D 447 38.13 15.91 -22.64
N PHE D 448 37.46 14.77 -22.53
CA PHE D 448 36.85 14.14 -23.70
C PHE D 448 35.79 15.04 -24.32
N THR D 449 34.95 15.65 -23.48
CA THR D 449 33.91 16.54 -24.00
C THR D 449 34.53 17.74 -24.70
N ALA D 450 35.55 18.36 -24.10
CA ALA D 450 36.16 19.52 -24.71
C ALA D 450 36.86 19.15 -26.02
N ALA D 451 37.52 18.00 -26.07
CA ALA D 451 38.20 17.58 -27.29
C ALA D 451 37.20 17.29 -28.40
N ALA D 452 36.09 16.62 -28.08
CA ALA D 452 35.12 16.26 -29.11
C ALA D 452 34.29 17.46 -29.56
N TYR D 453 34.03 18.40 -28.66
CA TYR D 453 33.24 19.57 -29.04
C TYR D 453 33.93 20.40 -30.11
N TYR D 454 35.24 20.56 -29.99
CA TYR D 454 36.03 21.41 -30.88
C TYR D 454 36.72 20.63 -31.99
N ARG D 455 36.10 19.57 -32.48
CA ARG D 455 36.71 18.79 -33.54
C ARG D 455 36.73 19.58 -34.84
N PRO D 456 37.70 19.33 -35.70
CA PRO D 456 37.73 20.03 -37.00
C PRO D 456 36.56 19.62 -37.88
N VAL D 457 36.15 20.54 -38.74
CA VAL D 457 34.99 20.34 -39.61
C VAL D 457 35.34 20.33 -41.08
N GLU D 458 36.53 20.77 -41.47
CA GLU D 458 36.93 20.87 -42.86
C GLU D 458 37.88 19.74 -43.21
N GLY D 459 37.61 19.05 -44.31
CA GLY D 459 38.44 17.97 -44.78
C GLY D 459 37.90 16.60 -44.39
N LEU D 460 38.80 15.64 -44.34
CA LEU D 460 38.54 14.29 -43.88
C LEU D 460 39.67 13.87 -42.96
N PRO D 461 39.43 12.90 -42.08
CA PRO D 461 40.46 12.49 -41.13
C PRO D 461 41.49 11.59 -41.80
N PRO D 462 42.73 11.55 -41.31
CA PRO D 462 43.25 12.35 -40.19
C PRO D 462 43.48 13.80 -40.57
N TYR D 463 43.51 14.69 -39.58
CA TYR D 463 43.65 16.11 -39.80
C TYR D 463 45.07 16.56 -39.46
N LYS D 464 45.72 17.21 -40.41
CA LYS D 464 47.10 17.64 -40.21
C LYS D 464 47.17 18.64 -39.06
N LEU D 465 48.21 18.51 -38.24
CA LEU D 465 48.38 19.40 -37.11
C LEU D 465 48.83 20.78 -37.57
N LYS D 466 48.11 21.81 -37.14
CA LYS D 466 48.42 23.19 -37.48
C LYS D 466 49.14 23.85 -36.32
N ASN D 467 50.04 24.78 -36.64
CA ASN D 467 50.89 25.42 -35.64
C ASN D 467 50.04 26.43 -34.86
N THR D 468 49.41 25.95 -33.79
CA THR D 468 48.63 26.82 -32.91
C THR D 468 48.55 26.16 -31.53
N VAL D 469 48.43 26.99 -30.50
CA VAL D 469 48.27 26.46 -29.15
C VAL D 469 46.97 25.67 -29.05
N GLY D 470 45.90 26.19 -29.63
CA GLY D 470 44.64 25.47 -29.61
C GLY D 470 44.75 24.10 -30.25
N ASP D 471 45.50 24.01 -31.36
CA ASP D 471 45.68 22.72 -32.02
C ASP D 471 46.41 21.74 -31.11
N TYR D 472 47.45 22.21 -30.42
CA TYR D 472 48.17 21.34 -29.50
C TYR D 472 47.27 20.87 -28.36
N PHE D 473 46.47 21.78 -27.80
CA PHE D 473 45.55 21.37 -26.74
C PHE D 473 44.58 20.32 -27.25
N ARG D 474 44.03 20.53 -28.45
CA ARG D 474 43.07 19.59 -29.00
C ARG D 474 43.70 18.21 -29.21
N VAL D 475 44.91 18.17 -29.74
CA VAL D 475 45.52 16.87 -30.02
C VAL D 475 45.88 16.15 -28.73
N THR D 476 46.38 16.88 -27.73
CA THR D 476 46.66 16.21 -26.46
C THR D 476 45.37 15.70 -25.81
N GLY D 477 44.29 16.47 -25.91
CA GLY D 477 43.02 15.97 -25.41
C GLY D 477 42.57 14.71 -26.10
N GLU D 478 42.73 14.65 -27.43
CA GLU D 478 42.36 13.44 -28.16
C GLU D 478 43.20 12.25 -27.74
N ILE D 479 44.50 12.47 -27.55
CA ILE D 479 45.38 11.39 -27.11
C ILE D 479 44.94 10.87 -25.74
N LEU D 480 44.64 11.79 -24.81
CA LEU D 480 44.19 11.38 -23.49
C LEU D 480 42.88 10.60 -23.57
N SER D 481 41.95 11.05 -24.42
CA SER D 481 40.67 10.36 -24.56
C SER D 481 40.89 8.93 -25.04
N VAL D 482 41.71 8.75 -26.08
CA VAL D 482 41.92 7.40 -26.60
C VAL D 482 42.64 6.54 -25.56
N SER D 483 43.55 7.14 -24.79
CA SER D 483 44.22 6.37 -23.74
C SER D 483 43.23 5.88 -22.70
N GLY D 484 42.31 6.75 -22.28
CA GLY D 484 41.26 6.30 -21.37
C GLY D 484 40.41 5.20 -21.95
N GLY D 485 40.09 5.31 -23.25
CA GLY D 485 39.33 4.25 -23.89
C GLY D 485 40.05 2.91 -23.86
N VAL D 486 41.34 2.92 -24.16
CA VAL D 486 42.13 1.69 -24.11
C VAL D 486 42.15 1.14 -22.69
N TYR D 487 42.29 2.02 -21.70
CA TYR D 487 42.29 1.58 -20.32
C TYR D 487 41.01 0.86 -19.97
N PHE D 488 39.87 1.43 -20.36
CA PHE D 488 38.59 0.80 -20.03
C PHE D 488 38.41 -0.51 -20.79
N PHE D 489 38.87 -0.57 -22.03
CA PHE D 489 38.81 -1.83 -22.78
C PHE D 489 39.56 -2.92 -22.04
N PHE D 490 40.78 -2.63 -21.60
CA PHE D 490 41.59 -3.66 -20.95
C PHE D 490 41.04 -4.02 -19.58
N ARG D 491 40.51 -3.04 -18.84
CA ARG D 491 39.92 -3.35 -17.55
C ARG D 491 38.68 -4.23 -17.72
N GLY D 492 37.87 -3.98 -18.75
CA GLY D 492 36.73 -4.84 -18.99
C GLY D 492 37.15 -6.25 -19.36
N ILE D 493 38.16 -6.39 -20.23
CA ILE D 493 38.65 -7.73 -20.57
C ILE D 493 39.15 -8.44 -19.32
N GLN D 494 39.92 -7.74 -18.49
CA GLN D 494 40.44 -8.35 -17.27
C GLN D 494 39.31 -8.80 -16.36
N TYR D 495 38.29 -7.97 -16.17
CA TYR D 495 37.18 -8.36 -15.31
C TYR D 495 36.49 -9.61 -15.85
N PHE D 496 36.20 -9.61 -17.16
CA PHE D 496 35.46 -10.74 -17.72
C PHE D 496 36.28 -12.02 -17.62
N LEU D 497 37.59 -11.94 -17.83
CA LEU D 497 38.42 -13.13 -17.69
C LEU D 497 38.47 -13.58 -16.23
N GLN D 498 38.58 -12.65 -15.29
CA GLN D 498 38.62 -13.03 -13.88
C GLN D 498 37.34 -13.74 -13.47
N ARG D 499 36.21 -13.05 -13.54
CA ARG D 499 34.96 -13.62 -13.05
C ARG D 499 34.41 -14.68 -13.98
N ARG D 500 34.43 -14.42 -15.29
CA ARG D 500 33.85 -15.30 -16.29
C ARG D 500 32.38 -15.61 -15.98
N PRO D 501 31.53 -14.60 -15.90
CA PRO D 501 30.12 -14.85 -15.59
C PRO D 501 29.42 -15.62 -16.69
N SER D 502 28.36 -16.34 -16.30
CA SER D 502 27.61 -17.12 -17.26
C SER D 502 26.81 -16.21 -18.19
N LEU D 503 26.51 -16.73 -19.38
CA LEU D 503 25.79 -15.94 -20.38
C LEU D 503 24.43 -15.51 -19.86
N LYS D 504 23.70 -16.42 -19.22
CA LYS D 504 22.37 -16.07 -18.74
C LYS D 504 22.41 -14.96 -17.70
N SER D 505 23.36 -15.03 -16.76
CA SER D 505 23.48 -14.08 -15.68
C SER D 505 24.52 -13.00 -15.97
N LEU D 506 24.84 -12.79 -17.24
CA LEU D 506 25.84 -11.77 -17.60
C LEU D 506 25.34 -10.37 -17.26
N PHE D 507 24.14 -10.02 -17.71
CA PHE D 507 23.63 -8.67 -17.55
C PHE D 507 23.14 -8.38 -16.13
N VAL D 508 22.63 -9.41 -15.43
CA VAL D 508 22.03 -9.16 -14.12
C VAL D 508 23.08 -8.65 -13.14
N ASP D 509 24.28 -9.22 -13.16
CA ASP D 509 25.29 -8.93 -12.15
C ASP D 509 26.43 -8.03 -12.63
N SER D 510 26.54 -7.79 -13.93
CA SER D 510 27.64 -7.01 -14.48
C SER D 510 27.12 -5.93 -15.42
N TYR D 511 26.11 -5.19 -14.96
CA TYR D 511 25.55 -4.12 -15.77
C TYR D 511 26.56 -3.00 -15.99
N SER D 512 27.17 -2.52 -14.91
CA SER D 512 28.08 -1.38 -15.04
C SER D 512 29.34 -1.74 -15.79
N GLU D 513 29.88 -2.94 -15.55
CA GLU D 513 31.04 -3.38 -16.31
C GLU D 513 30.72 -3.52 -17.79
N ILE D 514 29.53 -4.06 -18.09
CA ILE D 514 29.11 -4.16 -19.48
C ILE D 514 29.04 -2.78 -20.12
N LEU D 515 28.48 -1.81 -19.41
CA LEU D 515 28.32 -0.48 -20.00
C LEU D 515 29.68 0.19 -20.22
N PHE D 516 30.59 0.07 -19.26
CA PHE D 516 31.92 0.64 -19.46
C PHE D 516 32.64 -0.03 -20.63
N PHE D 517 32.51 -1.36 -20.74
CA PHE D 517 33.13 -2.05 -21.86
C PHE D 517 32.55 -1.59 -23.19
N VAL D 518 31.23 -1.40 -23.25
CA VAL D 518 30.62 -0.97 -24.51
C VAL D 518 31.07 0.45 -24.87
N GLN D 519 31.22 1.31 -23.87
CA GLN D 519 31.74 2.65 -24.15
C GLN D 519 33.15 2.56 -24.73
N SER D 520 34.00 1.72 -24.14
CA SER D 520 35.35 1.56 -24.68
C SER D 520 35.32 1.03 -26.10
N LEU D 521 34.43 0.07 -26.38
CA LEU D 521 34.30 -0.44 -27.74
C LEU D 521 33.93 0.67 -28.71
N PHE D 522 32.98 1.52 -28.32
CA PHE D 522 32.57 2.59 -29.21
C PHE D 522 33.73 3.52 -29.52
N MET D 523 34.52 3.88 -28.51
CA MET D 523 35.65 4.77 -28.78
C MET D 523 36.71 4.09 -29.65
N LEU D 524 36.94 2.80 -29.44
CA LEU D 524 37.92 2.10 -30.28
C LEU D 524 37.45 2.04 -31.73
N VAL D 525 36.17 1.78 -31.94
CA VAL D 525 35.64 1.82 -33.30
C VAL D 525 35.82 3.22 -33.89
N SER D 526 35.63 4.25 -33.07
CA SER D 526 35.80 5.62 -33.54
C SER D 526 37.22 5.86 -34.02
N VAL D 527 38.21 5.44 -33.23
CA VAL D 527 39.59 5.67 -33.64
C VAL D 527 39.93 4.84 -34.88
N VAL D 528 39.41 3.62 -34.96
CA VAL D 528 39.66 2.80 -36.15
C VAL D 528 39.12 3.49 -37.39
N LEU D 529 37.91 4.06 -37.30
CA LEU D 529 37.36 4.80 -38.44
C LEU D 529 38.12 6.10 -38.69
N TYR D 530 38.75 6.66 -37.66
CA TYR D 530 39.45 7.93 -37.83
C TYR D 530 40.63 7.80 -38.78
N PHE D 531 41.38 6.71 -38.66
CA PHE D 531 42.57 6.51 -39.48
C PHE D 531 42.27 5.81 -40.79
N SER D 532 41.00 5.54 -41.10
CA SER D 532 40.60 4.96 -42.37
C SER D 532 39.96 5.98 -43.30
N GLN D 533 40.18 7.27 -43.03
CA GLN D 533 39.65 8.34 -43.89
C GLN D 533 38.14 8.22 -44.06
N ARG D 534 37.46 7.88 -42.98
CA ARG D 534 36.00 7.84 -42.95
C ARG D 534 35.50 8.91 -41.99
N LYS D 535 34.60 9.76 -42.48
CA LYS D 535 34.01 10.80 -41.65
C LYS D 535 33.00 10.23 -40.66
N GLU D 536 32.60 8.96 -40.82
CA GLU D 536 31.63 8.35 -39.93
C GLU D 536 32.18 8.17 -38.52
N TYR D 537 33.48 8.34 -38.31
CA TYR D 537 34.04 8.15 -36.98
C TYR D 537 33.30 8.99 -35.94
N VAL D 538 32.95 10.22 -36.30
CA VAL D 538 32.25 11.10 -35.36
C VAL D 538 30.98 10.43 -34.86
N ALA D 539 30.23 9.80 -35.77
CA ALA D 539 28.97 9.18 -35.38
C ALA D 539 29.18 8.14 -34.29
N SER D 540 30.31 7.44 -34.30
CA SER D 540 30.59 6.51 -33.22
C SER D 540 31.00 7.27 -31.96
N MET D 541 31.87 8.27 -32.11
CA MET D 541 32.45 8.94 -30.96
C MET D 541 31.37 9.53 -30.06
N VAL D 542 30.33 10.13 -30.65
CA VAL D 542 29.29 10.75 -29.84
C VAL D 542 28.58 9.71 -29.01
N PHE D 543 28.38 8.50 -29.53
CA PHE D 543 27.76 7.46 -28.73
C PHE D 543 28.63 7.10 -27.53
N SER D 544 29.94 7.24 -27.67
CA SER D 544 30.83 7.05 -26.53
C SER D 544 30.91 8.29 -25.65
N LEU D 545 30.46 9.43 -26.13
CA LEU D 545 30.41 10.63 -25.31
C LEU D 545 29.14 10.65 -24.48
N ALA D 546 27.99 10.61 -25.13
CA ALA D 546 26.72 10.55 -24.43
C ALA D 546 26.71 9.44 -23.40
N MET D 547 27.22 8.26 -23.78
CA MET D 547 27.28 7.15 -22.84
C MET D 547 28.24 7.46 -21.70
N GLY D 548 29.40 8.02 -22.01
CA GLY D 548 30.42 8.23 -20.99
C GLY D 548 29.90 9.06 -19.84
N TRP D 549 29.09 10.08 -20.12
CA TRP D 549 28.55 10.90 -19.05
C TRP D 549 27.58 10.11 -18.19
N THR D 550 26.68 9.35 -18.81
CA THR D 550 25.64 8.67 -18.04
C THR D 550 26.23 7.56 -17.19
N ASN D 551 27.30 6.92 -17.65
CA ASN D 551 27.99 5.94 -16.83
C ASN D 551 28.46 6.52 -15.51
N MET D 552 28.50 7.84 -15.38
CA MET D 552 28.90 8.42 -14.12
C MET D 552 27.93 8.08 -12.99
N LEU D 553 26.72 7.62 -13.31
CA LEU D 553 25.84 7.16 -12.25
C LEU D 553 26.44 5.99 -11.48
N TYR D 554 27.37 5.25 -12.07
CA TYR D 554 28.05 4.21 -11.32
C TYR D 554 28.58 4.76 -10.01
N TYR D 555 29.18 5.96 -10.05
CA TYR D 555 29.81 6.49 -8.86
C TYR D 555 28.79 6.93 -7.81
N THR D 556 27.53 7.15 -8.19
CA THR D 556 26.52 7.42 -7.16
C THR D 556 26.38 6.25 -6.22
N ARG D 557 26.83 5.06 -6.61
CA ARG D 557 26.78 3.91 -5.72
C ARG D 557 27.75 4.03 -4.56
N GLY D 558 28.64 5.03 -4.58
CA GLY D 558 29.54 5.32 -3.49
C GLY D 558 28.99 6.26 -2.45
N PHE D 559 27.70 6.57 -2.50
CA PHE D 559 27.02 7.38 -1.50
C PHE D 559 25.80 6.63 -1.02
N GLN D 560 25.34 6.98 0.19
CA GLN D 560 24.24 6.24 0.80
C GLN D 560 22.89 6.67 0.23
N GLN D 561 22.53 7.94 0.42
CA GLN D 561 21.22 8.41 -0.02
C GLN D 561 21.02 8.50 -1.53
N MET D 562 22.10 8.75 -2.25
CA MET D 562 22.01 8.92 -3.70
C MET D 562 22.24 7.63 -4.47
N GLY D 563 22.48 6.51 -3.79
CA GLY D 563 22.88 5.30 -4.48
C GLY D 563 21.77 4.48 -5.07
N ILE D 564 20.51 4.79 -4.74
CA ILE D 564 19.41 3.95 -5.20
C ILE D 564 18.97 4.30 -6.61
N TYR D 565 19.27 5.50 -7.10
CA TYR D 565 18.81 5.88 -8.43
C TYR D 565 19.44 5.00 -9.50
N ALA D 566 20.72 4.68 -9.37
CA ALA D 566 21.35 3.77 -10.33
C ALA D 566 20.71 2.40 -10.28
N VAL D 567 20.41 1.91 -9.09
CA VAL D 567 19.79 0.59 -8.95
C VAL D 567 18.41 0.58 -9.61
N MET D 568 17.63 1.63 -9.39
CA MET D 568 16.31 1.71 -10.02
C MET D 568 16.42 1.76 -11.53
N ILE D 569 17.35 2.56 -12.05
CA ILE D 569 17.48 2.64 -13.50
C ILE D 569 17.85 1.28 -14.08
N GLU D 570 18.81 0.60 -13.45
CA GLU D 570 19.21 -0.72 -13.94
C GLU D 570 18.03 -1.69 -13.92
N LYS D 571 17.32 -1.76 -12.80
CA LYS D 571 16.22 -2.73 -12.69
C LYS D 571 15.11 -2.40 -13.68
N MET D 572 14.78 -1.12 -13.85
CA MET D 572 13.70 -0.74 -14.75
C MET D 572 14.10 -0.85 -16.21
N ILE D 573 15.38 -0.92 -16.52
CA ILE D 573 15.79 -1.17 -17.91
C ILE D 573 15.96 -2.66 -18.21
N LEU D 574 16.23 -3.49 -17.20
CA LEU D 574 16.45 -4.91 -17.47
C LEU D 574 15.22 -5.77 -17.23
N ARG D 575 14.31 -5.37 -16.35
CA ARG D 575 13.17 -6.19 -16.00
C ARG D 575 11.86 -5.71 -16.61
N ASP D 576 11.49 -4.45 -16.40
CA ASP D 576 10.17 -3.99 -16.84
C ASP D 576 10.16 -3.63 -18.32
N LEU D 577 11.00 -2.69 -18.71
CA LEU D 577 11.00 -2.21 -20.08
C LEU D 577 11.39 -3.32 -21.06
N CYS D 578 12.37 -4.14 -20.67
CA CYS D 578 12.85 -5.18 -21.57
C CYS D 578 11.73 -6.10 -22.02
N ARG D 579 10.96 -6.64 -21.06
CA ARG D 579 9.91 -7.58 -21.38
C ARG D 579 8.58 -6.90 -21.71
N PHE D 580 8.45 -5.60 -21.51
CA PHE D 580 7.31 -4.87 -22.06
C PHE D 580 7.51 -4.52 -23.52
N MET D 581 8.76 -4.57 -23.99
CA MET D 581 9.07 -4.28 -25.38
C MET D 581 8.29 -5.23 -26.29
N PHE D 582 8.31 -6.52 -25.94
CA PHE D 582 7.63 -7.52 -26.76
C PHE D 582 6.13 -7.27 -26.82
N VAL D 583 5.53 -6.93 -25.67
CA VAL D 583 4.10 -6.67 -25.63
C VAL D 583 3.75 -5.45 -26.45
N TYR D 584 4.62 -4.45 -26.46
CA TYR D 584 4.32 -3.24 -27.21
C TYR D 584 4.52 -3.42 -28.71
N LEU D 585 5.50 -4.22 -29.12
CA LEU D 585 5.88 -4.26 -30.53
C LEU D 585 4.82 -4.96 -31.37
N VAL D 586 4.10 -5.93 -30.82
CA VAL D 586 3.02 -6.53 -31.60
C VAL D 586 1.96 -5.49 -31.91
N PHE D 587 1.62 -4.65 -30.93
CA PHE D 587 0.66 -3.57 -31.18
C PHE D 587 1.19 -2.61 -32.23
N LEU D 588 2.43 -2.14 -32.04
CA LEU D 588 2.99 -1.17 -32.97
C LEU D 588 3.00 -1.72 -34.39
N PHE D 589 3.53 -2.93 -34.58
CA PHE D 589 3.66 -3.47 -35.93
C PHE D 589 2.29 -3.81 -36.53
N GLY D 590 1.39 -4.38 -35.74
CA GLY D 590 0.08 -4.71 -36.27
C GLY D 590 -0.63 -3.47 -36.79
N PHE D 591 -0.68 -2.42 -35.98
CA PHE D 591 -1.40 -1.24 -36.40
C PHE D 591 -0.66 -0.47 -37.47
N SER D 592 0.67 -0.52 -37.48
CA SER D 592 1.44 0.15 -38.53
C SER D 592 1.21 -0.51 -39.87
N THR D 593 1.31 -1.85 -39.93
CA THR D 593 1.03 -2.54 -41.18
C THR D 593 -0.40 -2.33 -41.62
N ALA D 594 -1.35 -2.38 -40.68
CA ALA D 594 -2.74 -2.17 -41.05
C ALA D 594 -2.96 -0.79 -41.64
N VAL D 595 -2.40 0.25 -41.02
CA VAL D 595 -2.60 1.60 -41.52
C VAL D 595 -1.94 1.78 -42.87
N VAL D 596 -0.72 1.25 -43.04
CA VAL D 596 -0.05 1.39 -44.33
C VAL D 596 -0.83 0.68 -45.43
N THR D 597 -1.33 -0.53 -45.14
CA THR D 597 -2.10 -1.27 -46.13
C THR D 597 -3.39 -0.53 -46.48
N LEU D 598 -4.04 0.08 -45.50
CA LEU D 598 -5.35 0.65 -45.72
C LEU D 598 -5.32 1.81 -46.70
N ILE D 599 -4.22 2.57 -46.76
CA ILE D 599 -4.19 3.81 -47.53
C ILE D 599 -3.09 3.78 -48.58
N GLU D 600 -2.78 2.59 -49.11
CA GLU D 600 -1.76 2.51 -50.16
C GLU D 600 -2.21 3.25 -51.42
N ASP D 601 -3.49 3.11 -51.78
CA ASP D 601 -4.00 3.69 -53.01
C ASP D 601 -3.74 5.19 -53.08
N SER D 626 2.27 11.85 -44.34
CA SER D 626 3.20 11.36 -43.33
C SER D 626 3.07 9.87 -43.13
N TYR D 627 1.92 9.31 -43.54
CA TYR D 627 1.66 7.87 -43.45
C TYR D 627 2.00 7.16 -44.76
N ASN D 628 2.99 7.66 -45.49
CA ASN D 628 3.29 7.10 -46.81
C ASN D 628 4.11 5.82 -46.69
N SER D 629 5.19 5.85 -45.91
CA SER D 629 6.06 4.71 -45.77
C SER D 629 5.74 3.94 -44.49
N LEU D 630 6.40 2.79 -44.34
CA LEU D 630 6.23 2.02 -43.12
C LEU D 630 7.04 2.61 -41.98
N TYR D 631 8.23 3.15 -42.26
CA TYR D 631 9.03 3.79 -41.23
C TYR D 631 8.30 4.98 -40.63
N SER D 632 7.75 5.84 -41.49
CA SER D 632 7.09 7.05 -40.99
C SER D 632 5.80 6.71 -40.25
N THR D 633 5.08 5.68 -40.71
CA THR D 633 3.90 5.26 -39.98
C THR D 633 4.26 4.73 -38.61
N CYS D 634 5.32 3.92 -38.52
CA CYS D 634 5.76 3.44 -37.23
C CYS D 634 6.17 4.59 -36.32
N LEU D 635 6.89 5.57 -36.86
CA LEU D 635 7.30 6.70 -36.03
C LEU D 635 6.10 7.49 -35.54
N GLU D 636 5.15 7.78 -36.43
CA GLU D 636 3.97 8.54 -36.02
C GLU D 636 3.17 7.78 -34.97
N LEU D 637 3.01 6.48 -35.13
CA LEU D 637 2.28 5.71 -34.14
C LEU D 637 3.01 5.66 -32.81
N PHE D 638 4.35 5.59 -32.83
CA PHE D 638 5.09 5.66 -31.59
C PHE D 638 4.90 7.01 -30.92
N LYS D 639 4.89 8.08 -31.71
CA LYS D 639 4.62 9.40 -31.13
C LYS D 639 3.24 9.43 -30.49
N PHE D 640 2.26 8.78 -31.11
CA PHE D 640 0.95 8.67 -30.48
C PHE D 640 1.04 7.95 -29.14
N THR D 641 1.84 6.88 -29.07
CA THR D 641 1.92 6.10 -27.85
C THR D 641 2.46 6.90 -26.67
N ILE D 642 3.24 7.94 -26.91
CA ILE D 642 3.79 8.76 -25.83
C ILE D 642 3.09 10.11 -25.75
N GLY D 643 1.86 10.20 -26.23
CA GLY D 643 1.10 11.42 -26.09
C GLY D 643 1.71 12.62 -26.79
N MET D 644 2.42 12.41 -27.90
CA MET D 644 3.20 13.45 -28.55
C MET D 644 2.81 13.62 -30.01
N GLY D 645 1.67 13.07 -30.43
CA GLY D 645 1.23 13.14 -31.81
C GLY D 645 0.02 14.04 -31.99
N ASP D 646 -0.32 14.27 -33.25
CA ASP D 646 -1.45 15.11 -33.64
C ASP D 646 -2.48 14.27 -34.39
N LEU D 647 -3.71 14.24 -33.87
CA LEU D 647 -4.84 13.68 -34.59
C LEU D 647 -5.46 14.80 -35.43
N GLU D 648 -5.34 14.69 -36.75
CA GLU D 648 -5.77 15.72 -37.66
C GLU D 648 -6.94 15.30 -38.54
N PHE D 649 -6.84 14.15 -39.20
CA PHE D 649 -7.88 13.71 -40.14
C PHE D 649 -8.16 14.80 -41.17
N THR D 650 -7.09 15.45 -41.64
CA THR D 650 -7.22 16.54 -42.60
C THR D 650 -7.15 16.05 -44.04
N GLU D 651 -6.21 15.17 -44.37
CA GLU D 651 -6.11 14.64 -45.71
C GLU D 651 -7.26 13.69 -45.99
N ASN D 652 -7.69 13.65 -47.25
CA ASN D 652 -8.87 12.90 -47.65
C ASN D 652 -8.42 11.55 -48.19
N TYR D 653 -8.14 10.64 -47.26
CA TYR D 653 -7.75 9.28 -47.62
C TYR D 653 -8.95 8.51 -48.15
N ASP D 654 -8.70 7.29 -48.58
CA ASP D 654 -9.76 6.33 -48.83
C ASP D 654 -10.10 5.62 -47.52
N PHE D 655 -11.38 5.29 -47.36
CA PHE D 655 -11.85 4.65 -46.13
C PHE D 655 -11.50 5.50 -44.91
N LYS D 656 -11.89 6.78 -44.97
CA LYS D 656 -11.50 7.70 -43.92
C LYS D 656 -12.05 7.26 -42.57
N ALA D 657 -13.30 6.79 -42.54
CA ALA D 657 -13.88 6.36 -41.27
C ALA D 657 -13.10 5.21 -40.66
N VAL D 658 -12.68 4.24 -41.48
CA VAL D 658 -11.92 3.11 -40.96
C VAL D 658 -10.56 3.57 -40.46
N PHE D 659 -9.94 4.53 -41.15
CA PHE D 659 -8.67 5.08 -40.68
C PHE D 659 -8.83 5.74 -39.33
N ILE D 660 -9.89 6.54 -39.17
CA ILE D 660 -10.14 7.20 -37.89
C ILE D 660 -10.39 6.18 -36.80
N ILE D 661 -11.15 5.13 -37.10
CA ILE D 661 -11.42 4.09 -36.12
C ILE D 661 -10.13 3.41 -35.69
N LEU D 662 -9.28 3.07 -36.66
CA LEU D 662 -8.02 2.41 -36.33
C LEU D 662 -7.16 3.29 -35.44
N LEU D 663 -7.00 4.56 -35.80
CA LEU D 663 -6.15 5.44 -35.01
C LEU D 663 -6.72 5.66 -33.61
N LEU D 664 -8.04 5.81 -33.48
CA LEU D 664 -8.59 6.01 -32.15
C LEU D 664 -8.43 4.76 -31.29
N ALA D 665 -8.63 3.58 -31.87
CA ALA D 665 -8.41 2.36 -31.12
C ALA D 665 -6.95 2.25 -30.68
N TYR D 666 -6.03 2.60 -31.58
CA TYR D 666 -4.62 2.55 -31.21
C TYR D 666 -4.30 3.51 -30.08
N VAL D 667 -4.81 4.74 -30.15
CA VAL D 667 -4.51 5.73 -29.13
C VAL D 667 -5.08 5.29 -27.79
N ILE D 668 -6.30 4.76 -27.78
CA ILE D 668 -6.89 4.33 -26.52
C ILE D 668 -6.18 3.10 -25.98
N LEU D 669 -5.71 2.22 -26.86
CA LEU D 669 -5.10 0.97 -26.40
C LEU D 669 -3.69 1.17 -25.89
N THR D 670 -2.91 2.06 -26.51
CA THR D 670 -1.51 2.20 -26.16
C THR D 670 -1.22 3.42 -25.29
N TYR D 671 -1.86 4.56 -25.56
CA TYR D 671 -1.58 5.74 -24.76
C TYR D 671 -2.28 5.72 -23.41
N ILE D 672 -3.47 5.12 -23.32
CA ILE D 672 -4.27 5.21 -22.11
C ILE D 672 -4.18 3.91 -21.33
N LEU D 673 -3.93 2.81 -22.01
CA LEU D 673 -4.08 1.49 -21.41
C LEU D 673 -2.78 0.74 -21.24
N LEU D 674 -1.87 0.77 -22.22
CA LEU D 674 -0.58 0.10 -22.08
C LEU D 674 0.48 0.99 -21.45
N LEU D 675 0.56 2.25 -21.85
CA LEU D 675 1.57 3.12 -21.26
C LEU D 675 1.38 3.24 -19.76
N ASN D 676 0.14 3.39 -19.30
CA ASN D 676 -0.10 3.50 -17.87
C ASN D 676 0.12 2.18 -17.16
N MET D 677 -0.07 1.06 -17.85
CA MET D 677 0.30 -0.23 -17.28
C MET D 677 1.80 -0.31 -17.04
N LEU D 678 2.58 0.12 -18.02
CA LEU D 678 4.03 0.16 -17.85
C LEU D 678 4.42 1.07 -16.69
N ILE D 679 3.78 2.23 -16.60
CA ILE D 679 4.12 3.17 -15.54
C ILE D 679 3.76 2.59 -14.18
N ALA D 680 2.64 1.87 -14.08
CA ALA D 680 2.29 1.24 -12.82
C ALA D 680 3.31 0.19 -12.41
N LEU D 681 3.76 -0.63 -13.36
CA LEU D 681 4.76 -1.63 -13.03
C LEU D 681 6.08 -0.99 -12.62
N MET D 682 6.50 0.05 -13.33
CA MET D 682 7.72 0.76 -12.95
C MET D 682 7.59 1.33 -11.55
N GLY D 683 6.45 1.93 -11.23
CA GLY D 683 6.24 2.42 -9.88
C GLY D 683 6.31 1.32 -8.84
N GLU D 684 5.79 0.14 -9.17
CA GLU D 684 5.91 -0.99 -8.25
C GLU D 684 7.36 -1.32 -7.99
N THR D 685 8.17 -1.40 -9.04
CA THR D 685 9.59 -1.68 -8.85
C THR D 685 10.27 -0.61 -8.00
N VAL D 686 9.98 0.66 -8.30
CA VAL D 686 10.61 1.76 -7.57
C VAL D 686 10.24 1.67 -6.10
N ASN D 687 8.97 1.40 -5.84
CA ASN D 687 8.45 1.26 -4.49
C ASN D 687 9.11 0.12 -3.74
N LYS D 688 9.31 -0.99 -4.45
CA LYS D 688 9.87 -2.19 -3.84
C LYS D 688 11.33 -2.00 -3.46
N ILE D 689 12.13 -1.38 -4.34
CA ILE D 689 13.56 -1.25 -4.06
C ILE D 689 13.91 0.13 -3.50
N ALA D 690 12.90 0.91 -3.11
CA ALA D 690 13.15 2.15 -2.36
C ALA D 690 13.04 1.95 -0.86
N GLN D 691 12.36 0.90 -0.40
CA GLN D 691 12.36 0.57 1.01
C GLN D 691 13.72 0.07 1.46
N GLU D 692 14.36 -0.77 0.64
CA GLU D 692 15.60 -1.44 1.03
C GLU D 692 16.82 -0.61 0.62
N SER D 693 16.86 0.63 1.12
CA SER D 693 18.01 1.48 0.84
C SER D 693 19.26 0.97 1.53
N LYS D 694 19.15 0.67 2.82
CA LYS D 694 20.32 0.29 3.61
C LYS D 694 20.99 -0.94 3.03
N ASN D 695 20.22 -2.01 2.82
CA ASN D 695 20.80 -3.26 2.34
C ASN D 695 21.44 -3.06 0.97
N ILE D 696 20.74 -2.37 0.08
CA ILE D 696 21.23 -2.20 -1.28
C ILE D 696 22.57 -1.46 -1.28
N TRP D 697 22.63 -0.33 -0.58
CA TRP D 697 23.87 0.45 -0.69
C TRP D 697 24.98 -0.24 0.10
N LYS D 698 24.65 -0.99 1.14
CA LYS D 698 25.66 -1.77 1.85
C LYS D 698 26.30 -2.78 0.92
N LEU D 699 25.48 -3.52 0.17
CA LEU D 699 26.03 -4.52 -0.75
C LEU D 699 26.87 -3.86 -1.84
N GLN D 700 26.39 -2.73 -2.38
CA GLN D 700 27.18 -2.06 -3.42
C GLN D 700 28.50 -1.55 -2.87
N ARG D 701 28.50 -1.01 -1.65
CA ARG D 701 29.74 -0.58 -1.02
C ARG D 701 30.68 -1.76 -0.83
N ALA D 702 30.14 -2.92 -0.41
CA ALA D 702 31.00 -4.09 -0.23
C ALA D 702 31.63 -4.51 -1.55
N ILE D 703 30.86 -4.52 -2.62
CA ILE D 703 31.40 -4.93 -3.92
C ILE D 703 32.50 -3.97 -4.37
N THR D 704 32.27 -2.67 -4.23
CA THR D 704 33.29 -1.71 -4.64
C THR D 704 34.54 -1.83 -3.77
N ILE D 705 34.37 -2.11 -2.48
CA ILE D 705 35.52 -2.31 -1.62
C ILE D 705 36.34 -3.49 -2.10
N LEU D 706 35.67 -4.60 -2.42
CA LEU D 706 36.37 -5.77 -2.91
C LEU D 706 37.14 -5.45 -4.18
N ASP D 707 36.48 -4.79 -5.13
CA ASP D 707 37.14 -4.49 -6.40
C ASP D 707 38.32 -3.54 -6.20
N THR D 708 38.15 -2.52 -5.37
CA THR D 708 39.25 -1.60 -5.12
C THR D 708 40.45 -2.31 -4.49
N GLU D 709 40.18 -3.17 -3.51
CA GLU D 709 41.28 -3.89 -2.87
C GLU D 709 41.99 -4.80 -3.87
N LYS D 710 41.21 -5.48 -4.72
CA LYS D 710 41.78 -6.45 -5.65
C LYS D 710 42.49 -5.80 -6.82
N SER D 711 42.14 -4.57 -7.18
CA SER D 711 42.72 -3.95 -8.37
C SER D 711 44.21 -3.68 -8.19
N PHE D 712 44.58 -3.02 -7.09
CA PHE D 712 45.95 -2.61 -6.84
C PHE D 712 46.54 -3.52 -5.77
N LEU D 713 47.50 -4.36 -6.18
CA LEU D 713 48.10 -5.31 -5.25
C LEU D 713 48.82 -4.58 -4.11
N LYS D 714 49.56 -3.53 -4.44
CA LYS D 714 50.18 -2.73 -3.39
C LYS D 714 49.14 -2.21 -2.41
N CYS D 715 47.93 -1.92 -2.91
CA CYS D 715 46.86 -1.47 -2.01
C CYS D 715 46.50 -2.56 -1.01
N MET D 716 46.41 -3.81 -1.47
CA MET D 716 46.15 -4.91 -0.54
C MET D 716 47.29 -5.07 0.45
N ARG D 717 48.53 -4.96 -0.02
CA ARG D 717 49.68 -5.12 0.86
C ARG D 717 49.69 -4.05 1.94
N LYS D 718 49.38 -2.81 1.58
CA LYS D 718 49.39 -1.68 2.51
C LYS D 718 48.05 -1.49 3.20
N ALA D 719 47.07 -2.36 2.95
CA ALA D 719 45.73 -2.14 3.48
C ALA D 719 45.72 -2.15 5.00
N PHE D 720 46.48 -3.05 5.62
CA PHE D 720 46.32 -3.32 7.05
C PHE D 720 44.86 -3.68 7.34
N ARG D 721 44.32 -4.58 6.52
CA ARG D 721 42.91 -4.92 6.61
C ARG D 721 42.57 -5.52 7.97
N SER D 722 43.40 -6.41 8.47
CA SER D 722 43.16 -7.03 9.76
C SER D 722 43.60 -6.12 10.89
N GLY D 723 42.96 -6.29 12.05
CA GLY D 723 43.32 -5.49 13.21
C GLY D 723 44.71 -5.77 13.72
N LYS D 724 45.13 -7.03 13.68
CA LYS D 724 46.44 -7.43 14.17
C LYS D 724 46.62 -8.92 13.91
N LEU D 725 47.87 -9.37 14.01
CA LEU D 725 48.24 -10.78 13.90
C LEU D 725 48.95 -11.16 15.18
N LEU D 726 48.20 -11.56 16.19
CA LEU D 726 48.73 -11.84 17.51
C LEU D 726 48.35 -13.25 17.94
N GLN D 727 49.21 -13.86 18.74
CA GLN D 727 48.96 -15.18 19.33
C GLN D 727 48.34 -14.95 20.70
N VAL D 728 47.02 -15.19 20.80
CA VAL D 728 46.29 -14.93 22.02
C VAL D 728 45.99 -16.22 22.79
N GLY D 729 46.64 -17.32 22.44
CA GLY D 729 46.43 -18.57 23.14
C GLY D 729 47.50 -19.58 22.80
N PHE D 730 47.50 -20.67 23.56
CA PHE D 730 48.41 -21.78 23.35
C PHE D 730 47.61 -23.01 22.93
N THR D 731 48.04 -23.63 21.83
CA THR D 731 47.30 -24.77 21.30
C THR D 731 47.56 -26.02 22.14
N PRO D 732 46.62 -26.97 22.14
CA PRO D 732 46.87 -28.24 22.85
C PRO D 732 48.05 -29.01 22.31
N ASP D 733 48.43 -28.78 21.04
CA ASP D 733 49.63 -29.41 20.51
C ASP D 733 50.88 -28.94 21.25
N GLY D 734 50.79 -27.84 21.99
CA GLY D 734 51.92 -27.31 22.74
C GLY D 734 52.57 -26.09 22.12
N LYS D 735 52.18 -25.72 20.90
CA LYS D 735 52.77 -24.57 20.21
C LYS D 735 51.73 -23.46 20.13
N ASP D 736 52.07 -22.29 20.65
CA ASP D 736 51.20 -21.12 20.51
C ASP D 736 51.14 -20.70 19.05
N ASP D 737 49.94 -20.32 18.61
CA ASP D 737 49.70 -19.96 17.23
C ASP D 737 49.36 -18.48 17.12
N TYR D 738 49.95 -17.82 16.11
CA TYR D 738 49.71 -16.40 15.86
C TYR D 738 48.51 -16.29 14.91
N ARG D 739 47.41 -15.75 15.43
CA ARG D 739 46.16 -15.66 14.70
C ARG D 739 45.79 -14.21 14.44
N TRP D 740 45.16 -13.98 13.30
CA TRP D 740 44.71 -12.64 12.95
C TRP D 740 43.39 -12.33 13.64
N CYS D 741 43.20 -11.08 14.04
CA CYS D 741 42.05 -10.72 14.84
C CYS D 741 41.85 -9.22 14.81
N PHE D 742 40.66 -8.80 15.25
CA PHE D 742 40.32 -7.38 15.32
C PHE D 742 39.28 -7.19 16.41
N ARG D 743 39.29 -6.00 17.02
CA ARG D 743 38.36 -5.69 18.09
C ARG D 743 36.97 -5.41 17.53
N VAL D 744 35.95 -5.90 18.24
CA VAL D 744 34.57 -5.58 17.92
C VAL D 744 33.79 -5.41 19.22
N ASP D 745 33.60 -4.15 19.63
CA ASP D 745 32.89 -3.85 20.87
C ASP D 745 31.40 -3.70 20.58
N GLU D 746 30.58 -4.44 21.32
CA GLU D 746 29.14 -4.45 21.14
C GLU D 746 28.46 -4.06 22.44
N VAL D 747 27.44 -3.21 22.34
CA VAL D 747 26.75 -2.64 23.51
C VAL D 747 25.51 -3.47 23.80
N ASN D 748 25.44 -4.03 25.01
CA ASN D 748 24.24 -4.75 25.46
C ASN D 748 24.13 -4.55 26.98
N TRP D 749 23.40 -3.51 27.37
CA TRP D 749 23.25 -3.16 28.77
C TRP D 749 21.90 -3.59 29.36
N THR D 750 20.87 -3.71 28.52
CA THR D 750 19.57 -4.12 29.04
C THR D 750 19.63 -5.53 29.64
N THR D 751 20.35 -6.44 28.98
CA THR D 751 20.49 -7.79 29.48
C THR D 751 21.34 -7.87 30.74
N TRP D 752 22.02 -6.78 31.10
CA TRP D 752 22.86 -6.74 32.30
C TRP D 752 23.79 -7.95 32.37
CBT 6EU E . 7.96 30.71 3.49
OAH 6EU E . 7.37 29.56 4.04
CBQ 6EU E . 6.95 28.58 3.10
CBO 6EU E . 6.73 28.95 1.77
CBS 6EU E . 6.76 27.26 3.50
OAI 6EU E . 6.98 26.88 4.83
CBR 6EU E . 6.36 26.30 2.57
CBP 6EU E . 6.14 26.66 1.24
CBN 6EU E . 6.34 27.99 0.85
CBM 6EU E . 6.09 28.39 -0.62
CBK 6EU E . 7.07 27.67 -1.57
OAG 6EU E . 7.81 26.85 -1.14
OAF 6EU E . 7.06 27.97 -2.96
CBC 6EU E . 7.95 27.22 -3.75
CAX 6EU E . 9.13 28.12 -4.17
CAS 6EU E . 10.62 27.49 -4.19
CAK 6EU E . 11.93 28.46 -3.84
CAU 6EU E . 8.83 29.38 -5.03
CAR 6EU E . 10.01 30.31 -5.21
OAD 6EU E . 10.46 30.72 -3.95
CAZ 6EU E . 9.55 31.55 -6.03
OAE 6EU E . 8.59 32.21 -5.80
CBA 6EU E . 10.53 31.78 -7.14
CBF 6EU E . 10.33 32.74 -8.33
CAW 6EU E . 11.59 30.68 -7.04
CAO 6EU E . 11.15 29.68 -5.97
CAJ 6EU E . 12.39 29.24 -5.04
OAA 6EU E . 13.33 28.23 -5.83
CAN 6EU E . 13.25 30.40 -4.65
CAT 6EU E . 14.16 30.78 -5.82
CAP 6EU E . 14.21 30.06 -3.38
CAM 6EU E . 14.41 28.41 -3.16
CAV 6EU E . 15.05 28.04 -1.88
CBB 6EU E . 14.77 27.06 -1.02
CBD 6EU E . 16.20 29.08 -1.92
OAC 6EU E . 15.13 27.91 -4.22
CAL 6EU E . 12.98 27.62 -3.29
OAB 6EU E . 13.22 26.71 -4.15
CAQ 6EU E . 14.08 27.21 -5.04
CAY 6EU E . 14.69 26.12 -5.94
CBE 6EU E . 13.64 25.67 -6.98
CBG 6EU E . 13.57 26.30 -8.22
CBI 6EU E . 12.62 25.89 -9.16
CBL 6EU E . 11.75 24.85 -8.86
CBJ 6EU E . 11.82 24.21 -7.62
CBH 6EU E . 12.76 24.62 -6.68
H1 6EU E . 8.38 30.49 2.68
H2 6EU E . 8.59 31.05 4.09
H3 6EU E . 7.30 31.35 3.33
HBS 6EU E . 6.86 29.83 1.50
HAI 6EU E . 6.37 27.21 5.31
HBU 6EU E . 6.23 25.42 2.84
HBT 6EU E . 5.87 26.03 0.62
H4 6EU E . 5.21 28.17 -0.86
H5 6EU E . 6.22 29.32 -0.71
H6 6EU E . 8.28 26.50 -3.25
H7 6EU E . 7.51 26.90 -4.50
H8 6EU E . 10.73 26.57 -4.28
H9 6EU E . 11.68 29.08 -3.18
H10 6EU E . 8.14 29.86 -4.63
H11 6EU E . 8.55 29.10 -5.89
HAD 6EU E . 10.96 31.39 -4.03
H12 6EU E . 9.42 32.80 -8.54
H13 6EU E . 10.66 33.59 -8.12
H14 6EU E . 10.80 32.41 -9.08
H15 6EU E . 12.38 30.66 -7.53
H16 6EU E . 10.82 28.90 -6.40
H17 6EU E . 12.70 31.13 -4.43
H18 6EU E . 14.01 30.19 -6.53
H19 6EU E . 13.97 31.66 -6.09
H20 6EU E . 15.06 30.72 -5.54
H21 6EU E . 15.04 30.46 -3.55
H22 6EU E . 13.84 30.44 -2.62
H24 6EU E . 14.07 26.44 -0.97
H25 6EU E . 15.14 26.82 -0.20
H27 6EU E . 15.89 29.89 -1.57
H28 6EU E . 16.48 29.21 -2.81
H29 6EU E . 16.92 28.77 -1.41
H30 6EU E . 12.71 27.24 -2.47
H31 6EU E . 15.45 26.46 -6.39
H32 6EU E . 14.95 25.39 -5.41
HBL 6EU E . 14.15 26.99 -8.41
HBN 6EU E . 12.58 26.32 -9.98
HBP 6EU E . 11.12 24.58 -9.49
HBO 6EU E . 11.22 23.52 -7.42
HBM 6EU E . 12.80 24.20 -5.85
C1 LBN F . 3.14 39.50 9.48
N1 LBN F . 8.40 35.29 9.41
P1 LBN F . 5.12 38.07 10.56
C2 LBN F . 3.77 40.93 9.43
C3 LBN F . 3.67 41.48 7.99
C6 LBN F . 7.14 35.24 8.54
O1 LBN F . 4.15 38.58 9.32
C9 LBN F . 5.91 35.87 9.24
O2 LBN F . 6.33 36.98 9.86
C12 LBN F . 8.10 35.01 10.85
O3 LBN F . 4.38 37.07 11.39
C15 LBN F . 9.10 36.64 9.27
O4 LBN F . 5.97 39.19 11.01
C18 LBN F . 9.38 34.23 8.94
C25 LBN F . 4.70 43.48 7.19
O5 LBN F . 3.80 42.88 8.02
C26 LBN F . 4.13 44.57 6.34
O6 LBN F . 5.86 43.13 7.17
C27 LBN F . 4.36 45.99 6.87
C28 LBN F . 3.54 47.08 6.14
C29 LBN F . 2.00 46.91 6.20
C30 LBN F . 1.17 48.18 6.06
C31 LBN F . -0.22 48.03 5.40
C32 LBN F . -1.46 48.38 6.26
C33 LBN F . -2.64 49.04 5.52
C34 LBN F . 3.53 42.62 11.18
O7 LBN F . 2.98 41.82 10.21
C35 LBN F . 2.58 43.64 11.75
O8 LBN F . 4.69 42.47 11.49
C36 LBN F . 3.22 44.99 12.16
C37 LBN F . 2.98 46.17 11.18
C38 LBN F . 1.85 47.15 11.56
C39 LBN F . 1.57 48.23 10.48
H1 LBN F . 2.69 39.38 10.32
H2 LBN F . 2.46 39.39 8.80
H3 LBN F . 4.69 40.88 9.72
H4 LBN F . 2.79 41.31 7.60
H5 LBN F . 4.30 41.03 7.40
H9 LBN F . 6.96 34.31 8.33
H10 LBN F . 7.32 35.68 7.70
H15 LBN F . 5.23 36.05 8.57
H16 LBN F . 5.51 35.24 9.86
H20 LBN F . 7.78 35.79 11.33
H21 LBN F . 8.86 34.68 11.33
H22 LBN F . 7.39 34.33 10.94
H26 LBN F . 9.02 36.98 8.36
H27 LBN F . 10.03 36.58 9.49
H28 LBN F . 8.71 37.31 9.85
H34 LBN F . 10.15 34.17 9.51
H35 LBN F . 8.96 33.35 8.95
H36 LBN F . 9.69 34.40 8.04
H51 LBN F . 3.18 44.36 6.29
H52 LBN F . 4.44 44.49 5.42
H53 LBN F . 5.31 46.18 6.85
H54 LBN F . 4.15 46.02 7.82
H55 LBN F . 3.81 47.94 6.51
H56 LBN F . 3.82 47.13 5.22
H57 LBN F . 1.76 46.27 5.51
H58 LBN F . 1.75 46.45 7.02
H59 LBN F . 1.04 48.57 6.93
H60 LBN F . 1.70 48.84 5.60
H61 LBN F . -0.33 47.14 5.04
H62 LBN F . -0.23 48.59 4.61
H63 LBN F . -1.19 48.96 6.99
H64 LBN F . -1.75 47.57 6.72
H65 LBN F . -3.47 48.68 5.87
H66 LBN F . -2.66 48.74 4.59
H67 LBN F . 2.14 43.21 12.50
H68 LBN F . 1.86 43.80 11.12
H69 LBN F . 2.91 45.25 13.04
H70 LBN F . 4.17 44.85 12.28
H71 LBN F . 3.80 46.66 11.10
H72 LBN F . 2.80 45.84 10.29
H73 LBN F . 1.03 46.66 11.74
H74 LBN F . 2.05 47.56 12.42
H82 LBN F . 0.91 47.91 9.86
C06 6OU G . 14.59 26.68 -12.32
C07 6OU G . 15.42 26.57 -13.64
C08 6OU G . 15.94 27.90 -14.24
C09 6OU G . 17.32 27.83 -14.99
C10 6OU G . 17.42 28.62 -16.31
C11 6OU G . 18.81 29.16 -16.72
C12 6OU G . 18.95 29.62 -18.20
C13 6OU G . 18.95 31.14 -18.48
C14 6OU G . 19.73 31.58 -19.76
C15 6OU G . 19.05 32.68 -20.61
C16 6OU G . 19.72 32.88 -21.99
O17 6OU G . 20.90 32.99 -22.13
O18 6OU G . 18.86 32.93 -23.07
C19 6OU G . 19.44 32.60 -24.34
C20 6OU G . 18.42 31.90 -25.31
C21 6OU G . 17.55 32.94 -26.12
O22 6OU G . 18.34 33.94 -26.65
P23 6OU G . 19.68 33.54 -27.72
O24 6OU G . 19.36 32.22 -28.31
O25 6OU G . 20.91 33.84 -26.96
O26 6OU G . 19.60 34.69 -29.01
O30 6OU G . 17.55 31.04 -24.53
C31 6OU G . 18.07 29.88 -23.97
O32 6OU G . 19.23 29.76 -23.76
C33 6OU G . 17.06 28.76 -23.62
C34 6OU G . 17.22 28.20 -22.17
C35 6OU G . 18.64 27.69 -21.75
C36 6OU G . 18.68 26.69 -20.54
C37 6OU G . 17.56 25.60 -20.46
C38 6OU G . 17.87 24.33 -19.62
C39 6OU G . 16.91 24.06 -18.46
C40 6OU G . 17.19 22.84 -17.64
H12 6OU G . 14.89 27.45 -11.81
H13 6OU G . 13.68 26.89 -12.53
H14 6OU G . 16.17 25.99 -13.48
H15 6OU G . 14.89 26.12 -14.32
H16 6OU G . 15.28 28.24 -14.85
H17 6OU G . 16.00 28.57 -13.54
H18 6OU G . 17.55 26.89 -15.16
H19 6OU G . 18.02 28.13 -14.39
H20 6OU G . 16.80 29.38 -16.25
H21 6OU G . 17.06 28.08 -17.03
H22 6OU G . 19.48 28.50 -16.51
H23 6OU G . 19.07 29.89 -16.14
H24 6OU G . 19.76 29.23 -18.58
H25 6OU G . 18.24 29.21 -18.71
H26 6OU G . 19.32 31.59 -17.71
H27 6OU G . 18.03 31.45 -18.53
H28 6OU G . 20.61 31.89 -19.49
H29 6OU G . 19.91 30.81 -20.31
H30 6OU G . 18.10 32.53 -20.67
H31 6OU G . 19.15 33.53 -20.15
H32 6OU G . 19.81 33.37 -24.80
H33 6OU G . 20.16 31.99 -24.21
H34 6OU G . 18.94 31.40 -25.96
H35 6OU G . 16.88 33.33 -25.53
H36 6OU G . 17.07 32.47 -26.83
H45 6OU G . 17.06 28.05 -24.28
H46 6OU G . 16.19 29.18 -23.69
H47 6OU G . 16.59 27.46 -22.07
H48 6OU G . 16.93 28.88 -21.53
H49 6OU G . 19.06 27.27 -22.52
H50 6OU G . 19.21 28.45 -21.55
H51 6OU G . 18.69 27.18 -19.71
H52 6OU G . 19.54 26.22 -20.55
H53 6OU G . 16.74 26.01 -20.13
H54 6OU G . 17.33 25.32 -21.36
H55 6OU G . 17.90 23.56 -20.19
H56 6OU G . 18.77 24.44 -19.27
H57 6OU G . 16.84 24.87 -17.91
H58 6OU G . 16.02 24.00 -18.85
C11 6OU H . 22.38 21.67 -4.25
C12 6OU H . 23.13 21.28 -2.93
C13 6OU H . 23.07 19.80 -2.49
C14 6OU H . 23.77 19.48 -1.12
C15 6OU H . 23.22 18.24 -0.36
C16 6OU H . 24.00 17.90 0.94
O17 6OU H . 25.14 18.24 1.13
O18 6OU H . 23.31 17.18 1.88
C19 6OU H . 23.23 17.76 3.19
C20 6OU H . 21.95 17.32 3.99
C21 6OU H . 21.76 15.75 3.95
O30 6OU H . 20.80 17.96 3.42
C31 6OU H . 20.60 19.31 3.67
O32 6OU H . 21.47 20.00 4.11
C33 6OU H . 19.18 19.88 3.38
C34 6OU H . 19.13 20.93 2.22
C35 6OU H . 19.94 20.59 0.93
C36 6OU H . 19.36 21.11 -0.41
C37 6OU H . 19.06 22.62 -0.54
C38 6OU H . 19.09 23.21 -1.97
C39 6OU H . 17.88 22.86 -2.85
C40 6OU H . 17.53 23.89 -3.90
C41 6OU H . 17.02 23.66 -5.12
C42 6OU H . 16.69 22.31 -5.69
C43 6OU H . 16.18 22.26 -7.16
H23 6OU H . 21.82 22.45 -4.08
H24 6OU H . 24.05 21.55 -3.01
H25 6OU H . 22.79 21.84 -2.22
H26 6OU H . 23.48 19.26 -3.19
H27 6OU H . 22.15 19.50 -2.48
H28 6OU H . 24.72 19.36 -1.28
H29 6OU H . 23.72 20.26 -0.55
H30 6OU H . 22.27 18.32 -0.21
H31 6OU H . 23.33 17.45 -0.93
H32 6OU H . 24.01 17.59 3.74
H33 6OU H . 23.19 18.73 3.09
H34 6OU H . 22.09 17.56 4.92
H35 6OU H . 22.57 15.31 4.24
H36 6OU H . 21.06 15.50 4.57
H45 6OU H . 18.74 20.23 4.17
H46 6OU H . 18.65 19.11 3.12
H47 6OU H . 19.47 21.78 2.56
H48 6OU H . 18.21 21.10 1.96
H49 6OU H . 20.04 19.63 0.86
H50 6OU H . 20.85 20.92 1.03
H51 6OU H . 18.54 20.63 -0.62
H52 6OU H . 19.96 20.88 -1.13
H53 6OU H . 18.21 22.83 -0.13
H54 6OU H . 19.70 23.11 0.01
H55 6OU H . 19.19 24.17 -1.93
H56 6OU H . 19.89 22.88 -2.40
H57 6OU H . 17.12 22.64 -2.29
H58 6OU H . 18.07 22.02 -3.28
H59 6OU H . 17.70 24.77 -3.64
H60 6OU H . 16.85 24.38 -5.67
H61 6OU H . 16.03 21.91 -5.10
H62 6OU H . 17.47 21.75 -5.58
H64 6OU H . 15.59 21.51 -7.26
C1 LBN I . -2.01 56.31 -14.78
N1 LBN I . -0.75 49.80 -17.63
P1 LBN I . -1.68 53.96 -16.12
C2 LBN I . -2.92 55.47 -13.80
C3 LBN I . -3.03 56.20 -12.43
C4 LBN I . -2.54 52.68 0.11
C5 LBN I . -4.91 49.60 -5.34
C6 LBN I . -0.36 51.24 -17.13
O1 LBN I . -1.82 55.64 -15.98
C8 LBN I . -5.56 48.71 -4.33
C9 LBN I . -0.77 52.39 -18.13
O2 LBN I . -0.59 53.57 -17.49
C11 LBN I . -4.96 48.74 -2.91
C12 LBN I . 0.04 49.44 -18.87
O3 LBN I . -2.96 53.44 -16.68
C14 LBN I . -5.91 49.12 -1.76
C15 LBN I . -2.24 49.70 -17.92
O4 LBN I . -0.89 53.44 -14.99
C17 LBN I . -5.35 48.80 -0.35
C18 LBN I . -0.42 48.80 -16.55
C25 LBN I . -2.16 54.97 -10.55
O5 LBN I . -3.20 55.22 -11.40
C26 LBN I . -2.57 54.33 -9.23
O6 LBN I . -1.02 55.24 -10.87
C27 LBN I . -1.68 53.15 -8.79
C28 LBN I . -1.24 53.19 -7.31
C29 LBN I . -1.82 52.11 -6.36
C30 LBN I . -1.20 52.08 -4.93
C31 LBN I . -2.18 51.89 -3.75
C32 LBN I . -1.64 52.18 -2.32
C33 LBN I . -2.56 53.02 -1.40
C34 LBN I . -5.00 54.27 -14.18
O7 LBN I . -4.26 55.41 -14.29
C35 LBN I . -6.16 54.38 -13.21
O8 LBN I . -4.69 53.29 -14.84
C36 LBN I . -6.76 53.03 -12.72
C37 LBN I . -6.30 52.55 -11.31
C38 LBN I . -7.05 51.33 -10.72
C39 LBN I . -6.17 50.46 -9.77
C40 LBN I . -6.90 49.96 -8.50
C41 LBN I . -6.08 49.03 -7.57
C42 LBN I . -5.11 49.72 -6.65
H1 LBN I . -1.14 56.48 -14.35
H2 LBN I . -2.38 57.19 -14.94
H3 LBN I . -2.53 54.59 -13.68
H4 LBN I . -3.82 56.76 -12.40
H5 LBN I . -2.27 56.79 -12.30
H6 LBN I . -1.72 53.01 0.52
H7 LBN I . -3.24 53.19 0.55
H8 LBN I . -4.25 50.13 -4.97
H9 LBN I . 0.60 51.26 -16.98
H10 LBN I . -0.77 51.38 -16.26
H13 LBN I . -6.51 48.97 -4.29
H14 LBN I . -5.56 47.80 -4.65
H15 LBN I . -0.22 52.32 -18.93
H16 LBN I . -1.68 52.27 -18.43
H19 LBN I . -4.21 49.35 -2.91
H20 LBN I . -0.34 49.83 -19.68
H21 LBN I . 0.07 48.47 -19.02
H22 LBN I . 0.96 49.74 -18.81
H25 LBN I . -6.12 50.07 -1.82
H26 LBN I . -2.77 50.14 -17.22
H27 LBN I . -2.48 50.11 -18.76
H28 LBN I . -2.55 48.79 -17.95
H33 LBN I . -6.03 48.99 0.32
H34 LBN I . -0.90 48.98 -15.73
H35 LBN I . -0.64 47.90 -16.82
H36 LBN I . 0.53 48.82 -16.32
H51 LBN I . -2.53 55.06 -8.60
H52 LBN I . -3.50 54.07 -9.26
H53 LBN I . -2.15 52.33 -9.00
H54 LBN I . -0.89 53.13 -9.35
H55 LBN I . -0.26 53.16 -7.30
H56 LBN I . -1.42 54.07 -6.94
H57 LBN I . -2.78 52.26 -6.30
H58 LBN I . -1.73 51.23 -6.75
H59 LBN I . -0.73 52.92 -4.78
H60 LBN I . -0.50 51.42 -4.91
H61 LBN I . -2.56 51.00 -3.76
H62 LBN I . -2.94 52.47 -3.91
H63 LBN I . -0.78 52.63 -2.38
H64 LBN I . -1.43 51.33 -1.90
H65 LBN I . -2.35 53.96 -1.53
H66 LBN I . -3.48 52.96 -1.71
H67 LBN I . -5.85 54.93 -12.47
H68 LBN I . -6.87 54.90 -13.62
H69 LBN I . -6.56 52.33 -13.37
H70 LBN I . -7.73 53.09 -12.74
H71 LBN I . -5.35 52.33 -11.37
H72 LBN I . -6.34 53.28 -10.67
H73 LBN I . -7.39 50.77 -11.44
H74 LBN I . -7.85 51.64 -10.27
H75 LBN I . -5.37 50.96 -9.51
H76 LBN I . -7.69 49.49 -8.78
H77 LBN I . -5.59 48.38 -8.08
H78 LBN I . -6.69 48.50 -7.03
H79 LBN I . -4.59 50.34 -7.10
H80 LBN I . -4.54 47.89 -2.70
H81 LBN I . -6.75 48.67 -1.86
H82 LBN I . -5.85 49.70 -10.26
H83 LBN I . -7.25 50.73 -7.99
CBT 6EU J . -26.60 15.18 -8.99
OAH 6EU J . -26.01 14.07 -8.34
CBQ 6EU J . -24.67 13.81 -8.70
CBO 6EU J . -24.16 14.31 -9.90
CBS 6EU J . -23.85 13.05 -7.87
OAI 6EU J . -24.36 12.55 -6.66
CBR 6EU J . -22.52 12.80 -8.22
CBP 6EU J . -22.02 13.30 -9.41
CBN 6EU J . -22.84 14.05 -10.25
CBM 6EU J . -22.27 14.62 -11.58
CBK 6EU J . -21.12 15.61 -11.33
OAG 6EU J . -20.72 15.78 -10.22
OAF 6EU J . -20.53 16.28 -12.42
CBC 6EU J . -19.45 17.14 -12.09
CAX 6EU J . -19.91 18.61 -12.21
CAS 6EU J . -19.40 19.66 -11.10
CAK 6EU J . -20.38 20.94 -10.66
CAU 6EU J . -20.39 19.12 -13.58
CAR 6EU J . -21.03 20.50 -13.54
OAD 6EU J . -22.12 20.47 -12.66
CAZ 6EU J . -21.53 20.86 -14.97
OAE 6EU J . -22.18 20.17 -15.68
CBA 6EU J . -21.04 22.23 -15.31
CBF 6EU J . -21.08 22.89 -16.72
CAW 6EU J . -20.22 22.74 -14.13
CAO 6EU J . -20.06 21.57 -13.12
CAJ 6EU J . -20.27 22.08 -11.61
OAA 6EU J . -19.00 22.89 -11.13
CAN 6EU J . -21.43 23.02 -11.48
CAT 6EU J . -21.03 24.41 -11.97
CAP 6EU J . -21.92 23.18 -9.94
CAM 6EU J . -20.75 22.72 -8.84
CAV 6EU J . -21.22 22.59 -7.45
CBB 6EU J . -20.96 21.67 -6.52
CBD 6EU J . -22.02 23.92 -7.39
OAC 6EU J . -19.71 23.62 -8.92
CAL 6EU J . -20.03 21.30 -9.29
OAB 6EU J . -18.79 21.58 -9.28
CAQ 6EU J . -18.65 22.85 -9.67
CAY 6EU J . -17.24 23.40 -9.39
CBE 6EU J . -16.25 22.81 -10.43
CBG 6EU J . -16.01 23.48 -11.63
CBI 6EU J . -15.12 22.95 -12.57
CBL 6EU J . -14.47 21.75 -12.30
CBJ 6EU J . -14.71 21.08 -11.11
CBH 6EU J . -15.60 21.60 -10.17
H1 6EU J . -25.94 15.82 -9.20
H2 6EU J . -27.23 15.56 -8.41
H3 6EU J . -27.01 14.90 -9.78
HBS 6EU J . -24.70 14.82 -10.46
HAI 6EU J . -24.90 11.93 -6.82
HBU 6EU J . -21.99 12.29 -7.66
HBT 6EU J . -21.13 13.13 -9.66
H4 6EU J . -21.95 13.89 -12.10
H5 6EU J . -22.96 15.05 -12.04
H6 6EU J . -19.17 16.96 -11.21
H7 6EU J . -18.74 16.98 -12.68
H8 6EU J . -18.61 19.49 -10.63
H9 6EU J . -21.26 20.64 -10.65
H10 6EU J . -21.03 18.52 -13.93
H11 6EU J . -19.66 19.16 -14.17
HAD 6EU J . -22.59 21.14 -12.79
H12 6EU J . -21.00 22.22 -17.37
H13 6EU J . -21.90 23.34 -16.82
H14 6EU J . -20.37 23.50 -16.80
H15 6EU J . -19.91 23.60 -14.01
H16 6EU J . -19.19 21.23 -13.21
H17 6EU J . -22.14 22.71 -12.00
H18 6EU J . -20.13 24.40 -12.23
H19 6EU J . -21.57 24.66 -12.70
H20 6EU J . -21.15 25.03 -11.28
H21 6EU J . -22.14 24.09 -9.81
H22 6EU J . -22.69 22.66 -9.81
H24 6EU J . -20.50 20.87 -6.55
H25 6EU J . -21.26 21.55 -5.64
H27 6EU J . -22.88 23.77 -7.73
H28 6EU J . -21.58 24.58 -7.90
H29 6EU J . -22.09 24.20 -6.49
H30 6EU J . -20.23 20.61 -8.70
H31 6EU J . -17.24 24.34 -9.46
H32 6EU J . -16.98 23.15 -8.53
HBL 6EU J . -16.44 24.29 -11.81
HBN 6EU J . -14.97 23.41 -13.35
HBP 6EU J . -13.88 21.40 -12.93
HBO 6EU J . -14.28 20.27 -10.93
HBM 6EU J . -15.76 21.16 -9.38
C1 LBN K . -37.23 11.41 -12.00
N1 LBN K . -33.81 14.52 -7.08
P1 LBN K . -36.73 12.16 -9.47
C2 LBN K . -38.34 12.42 -12.42
C3 LBN K . -37.91 13.13 -13.73
C6 LBN K . -33.26 13.80 -8.31
O1 LBN K . -36.40 12.02 -11.10
C9 LBN K . -34.19 12.67 -8.84
O2 LBN K . -35.45 13.13 -8.75
C12 LBN K . -34.47 13.54 -6.13
O3 LBN K . -36.44 10.86 -8.81
C15 LBN K . -34.81 15.59 -7.50
O4 LBN K . -37.90 13.05 -9.29
C18 LBN K . -32.69 15.19 -6.34
C25 LBN K . -39.03 14.99 -14.73
O5 LBN K . -39.04 13.69 -14.35
C26 LBN K . -39.37 15.22 -16.16
O6 LBN K . -38.74 15.86 -13.95
C27 LBN K . -40.84 15.65 -16.40
C28 LBN K . -41.26 15.62 -17.88
C29 LBN K . -41.16 14.25 -18.58
C30 LBN K . -42.09 14.02 -19.78
C31 LBN K . -41.58 13.07 -20.89
C32 LBN K . -42.37 11.77 -21.14
C33 LBN K . -42.45 11.30 -22.62
C34 LBN K . -40.74 12.02 -12.23
O7 LBN K . -39.52 11.71 -12.77
C35 LBN K . -41.90 11.30 -12.88
O8 LBN K . -40.81 12.82 -11.32
C36 LBN K . -43.22 12.11 -12.94
C37 LBN K . -43.58 12.70 -14.33
C38 LBN K . -44.59 11.90 -15.18
C39 LBN K . -44.80 12.48 -16.60
H1 LBN K . -37.64 10.63 -11.60
H2 LBN K . -36.73 11.08 -12.76
H3 LBN K . -38.47 13.07 -11.70
H4 LBN K . -37.54 12.50 -14.38
H5 LBN K . -37.20 13.77 -13.55
H9 LBN K . -32.38 13.44 -8.09
H10 LBN K . -33.10 14.45 -9.01
H15 LBN K . -33.94 12.44 -9.74
H16 LBN K . -34.06 11.87 -8.30
H20 LBN K . -35.37 13.33 -6.38
H21 LBN K . -34.49 13.88 -5.22
H22 LBN K . -33.98 12.70 -6.11
H26 LBN K . -34.54 16.04 -8.32
H27 LBN K . -34.89 16.28 -6.82
H28 LBN K . -35.70 15.24 -7.65
H34 LBN K . -32.99 15.58 -5.51
H35 LBN K . -31.99 14.56 -6.11
H36 LBN K . -32.30 15.89 -6.87
H51 LBN K . -39.19 14.37 -16.60
H52 LBN K . -38.77 15.85 -16.56
H53 LBN K . -40.97 16.53 -16.00
H54 LBN K . -41.42 15.08 -15.89
H55 LBN K . -42.17 15.97 -17.94
H56 LBN K . -40.74 16.27 -18.39
H57 LBN K . -40.23 14.13 -18.86
H58 LBN K . -41.30 13.54 -17.94
H59 LBN K . -42.93 13.66 -19.45
H60 LBN K . -42.34 14.88 -20.14
H61 LBN K . -40.65 12.84 -20.72
H62 LBN K . -41.55 13.58 -21.70
H63 LBN K . -43.29 11.88 -20.82
H64 LBN K . -42.00 11.08 -20.58
H65 LBN K . -42.38 10.34 -22.65
H66 LBN K . -41.66 11.59 -23.11
H67 LBN K . -42.01 10.47 -12.39
H68 LBN K . -41.65 11.02 -13.77
H69 LBN K . -43.96 11.55 -12.64
H70 LBN K . -43.18 12.82 -12.28
H71 LBN K . -43.92 13.60 -14.19
H72 LBN K . -42.78 12.84 -14.85
H73 LBN K . -44.31 10.98 -15.24
H74 LBN K . -45.44 11.84 -14.70
H82 LBN K . -44.17 12.09 -17.22
C06 6OU L . -13.83 26.22 -14.03
C07 6OU L . -12.96 27.44 -14.43
C08 6OU L . -13.65 28.58 -15.22
C09 6OU L . -13.14 30.03 -14.96
C10 6OU L . -12.98 30.95 -16.20
C11 6OU L . -13.16 32.47 -16.00
C12 6OU L . -12.63 33.37 -17.16
C13 6OU L . -13.68 33.98 -18.13
C14 6OU L . -13.26 35.32 -18.78
C15 6OU L . -13.62 35.47 -20.28
C16 6OU L . -12.95 36.69 -20.96
O17 6OU L . -12.95 37.78 -20.49
O18 6OU L . -12.34 36.44 -22.17
C19 6OU L . -11.31 37.35 -22.56
C20 6OU L . -10.17 36.69 -23.40
C21 6OU L . -10.51 36.64 -24.93
O22 6OU L . -10.99 37.84 -25.39
P23 6OU L . -10.02 39.31 -25.18
O24 6OU L . -8.61 38.86 -25.07
O25 6OU L . -10.72 40.13 -24.15
O26 6OU L . -10.15 40.17 -26.68
O30 6OU L . -9.96 35.34 -22.89
C31 6OU L . -9.37 35.17 -21.64
O32 6OU L . -9.39 36.02 -20.82
C33 6OU L . -8.69 33.81 -21.39
C34 6OU L . -9.11 33.13 -20.05
C35 6OU L . -8.95 33.99 -18.74
C36 6OU L . -8.88 33.19 -17.38
C37 6OU L . -8.08 31.86 -17.39
C38 6OU L . -7.57 31.35 -16.01
C39 6OU L . -8.05 29.94 -15.61
C40 6OU L . -7.57 29.45 -14.28
H12 6OU L . -14.75 26.51 -13.92
H13 6OU L . -13.87 25.60 -14.78
H14 6OU L . -12.59 27.83 -13.62
H15 6OU L . -12.19 27.14 -14.94
H16 6OU L . -13.57 28.38 -16.18
H17 6OU L . -14.61 28.54 -15.08
H18 6OU L . -12.30 30.00 -14.48
H19 6OU L . -13.75 30.47 -14.34
H20 6OU L . -13.61 30.65 -16.88
H21 6OU L . -12.12 30.77 -16.59
H22 6OU L . -12.75 32.73 -15.16
H23 6OU L . -14.10 32.68 -15.85
H24 6OU L . -12.10 34.09 -16.78
H25 6OU L . -11.99 32.85 -17.68
H26 6OU L . -14.51 34.11 -17.64
H27 6OU L . -13.90 33.32 -18.80
H28 6OU L . -13.67 36.05 -18.30
H29 6OU L . -12.30 35.47 -18.67
H30 6OU L . -13.46 34.64 -20.76
H31 6OU L . -14.57 35.64 -20.36
H32 6OU L . -11.64 38.13 -23.05
H33 6OU L . -10.91 37.71 -21.76
H34 6OU L . -9.37 37.24 -23.30
H35 6OU L . -11.17 35.95 -25.10
H36 6OU L . -9.71 36.38 -25.42
H45 6OU L . -7.73 33.85 -21.48
H46 6OU L . -8.98 33.23 -22.11
H47 6OU L . -8.59 32.34 -19.94
H48 6OU L . -10.04 32.83 -20.11
H49 6OU L . -8.15 34.53 -18.81
H50 6OU L . -9.68 34.63 -18.68
H51 6OU L . -9.78 32.99 -17.07
H52 6OU L . -8.50 33.76 -16.71
H53 6OU L . -8.59 31.15 -17.80
H54 6OU L . -7.30 31.95 -17.97
H55 6OU L . -6.60 31.36 -15.99
H56 6OU L . -7.85 31.99 -15.34
H57 6OU L . -9.02 29.92 -15.67
H58 6OU L . -7.77 29.35 -16.32
C11 6OU M . -14.70 27.72 -1.88
C12 6OU M . -15.18 27.67 -0.39
C13 6OU M . -14.27 26.96 0.63
C14 6OU M . -14.83 26.86 2.09
C15 6OU M . -14.30 25.67 2.95
C16 6OU M . -14.81 25.67 4.41
O17 6OU M . -15.19 26.65 4.97
O18 6OU M . -14.81 24.45 5.04
C19 6OU M . -16.07 24.00 5.58
C20 6OU M . -16.19 22.44 5.66
C21 6OU M . -14.92 21.78 6.33
O30 6OU M . -16.37 21.92 4.33
C31 6OU M . -17.60 22.08 3.71
O32 6OU M . -18.40 22.85 4.12
C33 6OU M . -17.88 21.19 2.46
C34 6OU M . -18.01 21.99 1.12
C35 6OU M . -16.96 23.11 0.86
C36 6OU M . -16.57 23.35 -0.63
C37 6OU M . -17.70 23.65 -1.63
C38 6OU M . -17.30 24.48 -2.88
C39 6OU M . -16.50 23.71 -3.96
C40 6OU M . -16.69 24.20 -5.37
C41 6OU M . -15.77 24.22 -6.35
C42 6OU M . -14.35 23.75 -6.22
C43 6OU M . -13.42 23.93 -7.47
H23 6OU M . -15.42 27.44 -2.45
H24 6OU M . -15.34 28.58 -0.08
H25 6OU M . -16.05 27.25 -0.38
H26 6OU M . -13.41 27.42 0.65
H27 6OU M . -14.04 26.08 0.30
H28 6OU M . -14.64 27.68 2.55
H29 6OU M . -15.80 26.82 2.07
H30 6OU M . -14.45 24.82 2.50
H31 6OU M . -13.34 25.74 3.01
H32 6OU M . -16.25 24.37 6.46
H33 6OU M . -16.77 24.33 5.00
H34 6OU M . -16.94 22.24 6.24
H35 6OU M . -14.75 22.20 7.18
H36 6OU M . -15.10 20.85 6.50
H45 6OU M . -18.64 20.59 2.59
H46 6OU M . -17.11 20.60 2.39
H47 6OU M . -18.89 22.39 1.09
H48 6OU M . -18.00 21.37 0.36
H49 6OU M . -16.15 22.90 1.35
H50 6OU M . -17.28 23.95 1.24
H51 6OU M . -16.06 22.59 -0.96
H52 6OU M . -15.95 24.10 -0.67
H53 6OU M . -18.11 22.82 -1.92
H54 6OU M . -18.42 24.11 -1.18
H55 6OU M . -18.10 24.85 -3.30
H56 6OU M . -16.78 25.24 -2.58
H57 6OU M . -16.66 22.76 -3.87
H58 6OU M . -15.56 23.80 -3.71
H59 6OU M . -17.54 24.52 -5.56
H60 6OU M . -16.01 24.55 -7.18
H61 6OU M . -14.39 22.81 -5.98
H62 6OU M . -13.96 24.19 -5.44
H64 6OU M . -12.76 23.23 -7.48
C1 LBN N . -36.04 22.89 -39.64
N1 LBN N . -29.11 23.05 -37.60
P1 LBN N . -33.34 22.96 -39.19
C2 LBN N . -35.95 21.43 -39.05
C3 LBN N . -37.35 20.98 -38.56
C4 LBN N . -42.10 14.91 -28.04
C5 LBN N . -36.36 14.22 -31.42
C6 LBN N . -30.56 23.63 -37.78
O1 LBN N . -34.76 23.33 -40.00
C8 LBN N . -36.27 12.95 -30.64
C9 LBN N . -30.87 24.09 -39.25
O2 LBN N . -32.21 24.34 -39.33
C11 LBN N . -37.14 12.87 -29.36
C12 LBN N . -28.07 24.13 -37.82
O3 LBN N . -32.59 21.95 -39.98
C14 LBN N . -38.14 11.70 -29.30
C15 LBN N . -28.86 21.88 -38.53
O4 LBN N . -33.61 22.98 -37.73
C17 LBN N . -38.73 11.47 -27.89
C18 LBN N . -28.96 22.54 -36.18
C25 LBN N . -37.50 20.51 -36.21
O5 LBN N . -37.20 20.08 -37.46
C26 LBN N . -37.79 19.40 -35.21
O6 LBN N . -37.52 21.69 -35.93
C27 LBN N . -37.11 19.58 -33.83
C28 LBN N . -38.04 19.33 -32.61
C29 LBN N . -37.75 18.09 -31.73
C30 LBN N . -38.58 17.99 -30.43
C31 LBN N . -39.15 16.60 -30.06
C32 LBN N . -40.23 16.54 -28.94
C33 LBN N . -41.46 15.64 -29.25
C34 LBN N . -34.76 19.44 -39.82
O7 LBN N . -35.61 20.48 -40.08
C35 LBN N . -35.44 18.08 -39.84
O8 LBN N . -33.59 19.66 -39.60
C36 LBN N . -34.66 16.93 -39.13
C37 LBN N . -35.12 16.56 -37.69
C38 LBN N . -34.50 15.28 -37.09
C39 LBN N . -34.40 15.33 -35.54
C40 LBN N . -34.76 14.02 -34.81
C41 LBN N . -34.57 14.00 -33.27
C42 LBN N . -35.67 14.66 -32.49
H1 LBN N . -36.41 23.48 -38.98
H2 LBN N . -36.63 22.92 -40.41
H3 LBN N . -35.31 21.42 -38.32
H4 LBN N . -37.83 20.48 -39.24
H5 LBN N . -37.91 21.75 -38.36
H6 LBN N . -42.61 15.52 -27.50
H7 LBN N . -42.77 14.28 -28.38
H8 LBN N . -37.01 14.80 -31.10
H9 LBN N . -30.67 24.38 -37.17
H10 LBN N . -31.19 22.96 -37.48
H13 LBN N . -36.49 12.22 -31.26
H14 LBN N . -35.34 12.80 -30.41
H15 LBN N . -30.33 24.87 -39.47
H16 LBN N . -30.60 23.41 -39.88
H19 LBN N . -37.63 13.69 -29.28
H20 LBN N . -27.90 24.28 -38.77
H21 LBN N . -27.21 23.90 -37.41
H22 LBN N . -28.34 24.98 -37.44
H25 LBN N . -38.86 11.86 -29.94
H26 LBN N . -29.63 21.28 -38.57
H27 LBN N . -28.68 22.17 -39.44
H28 LBN N . -28.11 21.34 -38.26
H33 LBN N . -39.29 10.67 -27.90
H34 LBN N . -29.60 21.83 -35.97
H35 LBN N . -28.08 22.18 -36.02
H36 LBN N . -29.11 23.25 -35.53
H51 LBN N . -38.75 19.40 -35.12
H52 LBN N . -37.57 18.54 -35.59
H53 LBN N . -36.33 19.01 -33.80
H54 LBN N . -36.74 20.48 -33.78
H55 LBN N . -38.02 20.14 -32.07
H56 LBN N . -38.97 19.30 -32.90
H57 LBN N . -37.90 17.29 -32.28
H58 LBN N . -36.81 18.04 -31.50
H59 LBN N . -39.34 18.59 -30.50
H60 LBN N . -38.06 18.35 -29.70
H61 LBN N . -38.43 16.00 -29.82
H62 LBN N . -39.51 16.21 -30.87
H63 LBN N . -40.56 17.43 -28.77
H64 LBN N . -39.81 16.26 -28.12
H65 LBN N . -42.13 16.17 -29.69
H66 LBN N . -41.23 14.97 -29.92
H67 LBN N . -36.32 18.19 -39.45
H68 LBN N . -35.62 17.82 -40.75
H69 LBN N . -33.71 17.13 -39.11
H70 LBN N . -34.70 16.14 -39.70
H71 LBN N . -34.92 17.31 -37.11
H72 LBN N . -36.09 16.48 -37.66
H73 LBN N . -33.64 15.11 -37.47
H74 LBN N . -35.03 14.50 -37.36
H75 LBN N . -34.93 16.05 -35.18
H76 LBN N . -34.22 13.31 -35.18
H77 LBN N . -33.73 14.43 -33.02
H78 LBN N . -34.48 13.09 -32.97
H79 LBN N . -35.89 15.49 -32.82
H80 LBN N . -36.59 12.85 -28.57
H81 LBN N . -37.72 10.88 -29.60
H82 LBN N . -33.49 15.57 -35.30
H83 LBN N . -35.67 13.75 -35.04
CBT 6EU O . -6.74 -13.69 -28.03
OAH 6EU O . -6.24 -13.83 -26.71
CBQ 6EU O . -5.82 -12.62 -26.11
CBO 6EU O . -5.50 -11.52 -26.90
CBS 6EU O . -5.72 -12.54 -24.72
OAI 6EU O . -6.04 -13.65 -23.92
CBR 6EU O . -5.29 -11.35 -24.12
CBP 6EU O . -4.97 -10.25 -24.91
CBN 6EU O . -5.07 -10.34 -26.30
CBM 6EU O . -4.72 -9.12 -27.17
CBK 6EU O . -5.66 -7.93 -26.89
OAG 6EU O . -6.46 -8.01 -26.03
OAF 6EU O . -5.54 -6.75 -27.66
CBC 6EU O . -6.41 -5.70 -27.29
CAX 6EU O . -7.52 -5.57 -28.36
CAS 6EU O . -9.03 -5.27 -27.88
CAK 6EU O . -10.32 -5.86 -28.74
CAU 6EU O . -7.11 -5.21 -29.81
CAR 6EU O . -8.23 -5.32 -30.82
OAD 6EU O . -8.74 -6.63 -30.81
CAZ 6EU O . -7.66 -5.02 -32.24
OAE 6EU O . -6.69 -5.50 -32.71
CBA 6EU O . -8.55 -4.01 -32.90
CBF 6EU O . -8.23 -3.24 -34.20
CAW 6EU O . -9.66 -3.67 -31.92
CAO 6EU O . -9.33 -4.33 -30.57
CAJ 6EU O . -10.66 -5.00 -29.92
OAA 6EU O . -11.59 -3.86 -29.32
CAN 6EU O . -11.49 -5.72 -30.93
CAT 6EU O . -12.30 -4.73 -31.74
CAP 6EU O . -12.55 -6.75 -30.23
CAM 6EU O . -12.84 -6.37 -28.63
CAV 6EU O . -13.57 -7.40 -27.87
CBB 6EU O . -13.40 -7.88 -26.64
CBD 6EU O . -14.67 -7.68 -28.93
OAC 6EU O . -13.50 -5.17 -28.58
CAL 6EU O . -11.43 -6.03 -27.83
OAB 6EU O . -11.66 -4.90 -27.30
CAQ 6EU O . -12.44 -4.20 -28.13
CAY 6EU O . -13.04 -2.95 -27.46
CBE 6EU O . -11.93 -1.86 -27.34
CBG 6EU O . -11.76 -0.93 -28.36
CBI 6EU O . -10.77 0.05 -28.25
CBL 6EU O . -9.96 0.09 -27.10
CBJ 6EU O . -10.14 -0.84 -26.09
CBH 6EU O . -11.12 -1.82 -26.20
H1 6EU O . -7.12 -12.84 -28.14
H2 6EU O . -7.40 -14.34 -28.18
H3 6EU O . -6.04 -13.81 -28.65
HBS 6EU O . -5.56 -11.57 -27.82
HAI 6EU O . -5.45 -14.24 -24.01
HBU 6EU O . -5.22 -11.30 -23.20
HBT 6EU O . -4.69 -9.47 -24.51
H4 6EU O . -3.83 -8.86 -27.00
H5 6EU O . -4.80 -9.36 -28.08
H6 6EU O . -6.81 -5.89 -26.46
H7 6EU O . -5.93 -4.90 -27.22
H8 6EU O . -9.18 -4.84 -27.05
H9 6EU O . -10.09 -6.71 -29.07
H10 6EU O . -6.42 -5.79 -30.07
H11 6EU O . -6.78 -4.34 -29.83
HAD 6EU O . -9.20 -6.76 -31.48
H12 6EU O . -7.30 -3.10 -34.27
H13 6EU O . -8.53 -3.74 -34.94
H14 6EU O . -8.65 -2.41 -34.19
H15 6EU O . -10.42 -3.17 -32.12
H16 6EU O . -9.02 -3.67 -29.98
H17 6EU O . -10.93 -6.21 -31.50
H18 6EU O . -12.13 -3.86 -31.43
H19 6EU O . -12.05 -4.79 -32.65
H20 6EU O . -13.22 -4.92 -31.66
H21 6EU O . -13.35 -6.69 -30.72
H22 6EU O . -12.21 -7.61 -30.29
H24 6EU O . -12.74 -7.74 -25.99
H25 6EU O . -13.83 -8.53 -26.15
H27 6EU O . -14.35 -8.31 -29.55
H28 6EU O . -14.88 -6.88 -29.38
H29 6EU O . -15.44 -8.02 -28.52
H30 6EU O . -11.24 -6.69 -27.18
H31 6EU O . -13.74 -2.63 -27.99
H32 6EU O . -13.35 -3.18 -26.61
HBL 6EU O . -12.29 -0.96 -29.12
HBN 6EU O . -10.65 0.67 -28.92
HBP 6EU O . -9.30 0.75 -27.03
HBO 6EU O . -9.60 -0.81 -25.32
HBM 6EU O . -11.25 -2.44 -25.52
C1 LBN P . -1.94 -22.61 -33.85
N1 LBN P . -7.37 -20.81 -30.28
P1 LBN P . -4.06 -23.02 -32.25
C2 LBN P . -2.50 -23.03 -35.24
C3 LBN P . -2.28 -21.89 -36.25
C6 LBN P . -6.06 -20.05 -30.45
O1 LBN P . -2.98 -22.09 -33.10
C9 LBN P . -4.85 -20.98 -30.72
O2 LBN P . -5.27 -21.93 -31.57
C12 LBN P . -7.17 -22.09 -29.49
O3 LBN P . -3.42 -23.48 -30.99
C15 LBN P . -7.98 -21.13 -31.63
O4 LBN P . -4.89 -23.80 -33.21
C18 LBN P . -8.36 -19.96 -29.51
C25 LBN P . -3.16 -21.80 -38.46
O5 LBN P . -2.35 -22.40 -37.56
C26 LBN P . -2.48 -21.41 -39.74
O6 LBN P . -4.33 -21.61 -38.23
C27 LBN P . -2.69 -22.40 -40.90
C28 LBN P . -1.77 -22.14 -42.11
C29 LBN P . -0.25 -22.19 -41.83
C30 LBN P . 0.65 -22.55 -43.02
C31 LBN P . 2.08 -21.95 -43.02
C32 LBN P . 3.26 -22.94 -42.95
C33 LBN P . 4.53 -22.53 -43.75
C34 LBN P . -2.30 -25.27 -36.20
O7 LBN P . -1.72 -24.12 -35.74
C35 LBN P . -1.34 -26.21 -36.88
O8 LBN P . -3.49 -25.46 -36.02
C36 LBN P . -1.95 -27.04 -38.05
C37 LBN P . -1.58 -26.55 -39.47
C38 LBN P . -0.44 -27.31 -40.18
C39 LBN P . -0.05 -26.70 -41.55
H1 LBN P . -1.57 -23.38 -33.40
H2 LBN P . -1.22 -21.96 -33.93
H3 LBN P . -3.44 -23.24 -35.15
H4 LBN P . -1.39 -21.50 -36.17
H5 LBN P . -2.88 -21.15 -36.07
H9 LBN P . -5.91 -19.52 -29.64
H10 LBN P . -6.17 -19.41 -31.16
H15 LBN P . -4.12 -20.46 -31.07
H16 LBN P . -4.53 -21.35 -29.89
H20 LBN P . -6.86 -22.81 -30.04
H21 LBN P . -7.99 -22.38 -29.06
H22 LBN P . -6.51 -21.96 -28.78
H26 LBN P . -7.84 -20.40 -32.26
H27 LBN P . -8.95 -21.26 -31.57
H28 LBN P . -7.61 -21.93 -32.03
H34 LBN P . -9.18 -20.44 -29.32
H35 LBN P . -7.99 -19.68 -28.66
H36 LBN P . -8.60 -19.17 -30.01
H51 LBN P . -1.54 -21.34 -39.50
H52 LBN P . -2.74 -20.51 -40.01
H53 LBN P . -3.62 -22.40 -41.15
H54 LBN P . -2.54 -23.30 -40.58
H55 LBN P . -2.02 -22.77 -42.81
H56 LBN P . -1.98 -21.28 -42.51
H57 LBN P . 0.01 -21.34 -41.47
H58 LBN P . -0.07 -22.82 -41.11
H59 LBN P . 0.74 -23.52 -43.07
H60 LBN P . 0.18 -22.33 -43.84
H61 LBN P . 2.16 -21.31 -42.29
H62 LBN P . 2.16 -21.41 -43.81
H63 LBN P . 2.97 -23.80 -43.28
H64 LBN P . 3.48 -23.09 -42.03
H65 LBN P . 5.31 -22.78 -43.24
H66 LBN P . 4.58 -21.56 -43.81
H67 LBN P . -0.97 -26.78 -36.19
H68 LBN P . -0.58 -25.71 -37.21
H69 LBN P . -1.69 -27.97 -37.96
H70 LBN P . -2.91 -27.07 -37.93
H71 LBN P . -2.38 -26.62 -40.02
H72 LBN P . -1.37 -25.60 -39.46
H73 LBN P . 0.34 -27.34 -39.60
H74 LBN P . -0.69 -28.25 -40.29
H82 LBN P . 0.65 -26.03 -41.43
C06 6OU Q . -12.48 2.81 -30.20
C07 6OU Q . -13.22 4.12 -30.62
C08 6OU Q . -13.65 4.25 -32.11
C09 6OU Q . -14.97 5.03 -32.39
C10 6OU Q . -14.94 6.00 -33.60
C11 6OU Q . -16.28 6.25 -34.35
C12 6OU Q . -16.30 7.49 -35.29
C13 6OU Q . -16.22 7.21 -36.82
C14 6OU Q . -16.89 8.29 -37.72
C15 6OU Q . -16.10 8.66 -39.00
C16 6OU Q . -16.66 9.91 -39.72
O17 6OU Q . -17.83 10.06 -39.95
O18 6OU Q . -15.73 10.87 -40.08
C19 6OU Q . -16.23 12.19 -40.26
C20 6OU Q . -15.20 13.30 -39.88
C21 6OU Q . -14.22 13.65 -41.07
O22 6OU Q . -14.92 13.84 -42.24
P23 6OU Q . -16.21 15.05 -42.32
O24 6OU Q . -15.91 16.05 -41.27
O25 6OU Q . -17.49 14.27 -42.42
O26 6OU Q . -16.00 15.85 -43.84
O30 6OU Q . -14.42 12.84 -38.74
C31 6OU Q . -15.03 12.73 -37.49
O32 6OU Q . -16.21 12.64 -37.39
C33 6OU Q . -14.09 12.76 -36.26
C34 6OU Q . -14.38 11.60 -35.24
C35 6OU Q . -15.84 11.47 -34.71
C36 6OU Q . -16.02 10.69 -33.35
C37 6OU Q . -14.95 10.93 -32.24
C38 6OU Q . -15.37 10.61 -30.78
C39 6OU Q . -14.50 9.58 -30.06
C40 6OU Q . -14.89 9.27 -28.64
H12 6OU Q . -12.78 2.08 -30.77
H13 6OU Q . -11.55 2.90 -30.41
H14 6OU Q . -14.01 4.22 -30.07
H15 6OU Q . -12.68 4.89 -30.40
H16 6OU Q . -12.92 4.66 -32.61
H17 6OU Q . -13.71 3.36 -32.50
H18 6OU Q . -15.23 5.54 -31.60
H19 6OU Q . -15.69 4.40 -32.52
H20 6OU Q . -14.30 5.65 -34.25
H21 6OU Q . -14.57 6.85 -33.32
H22 6OU Q . -16.99 6.32 -33.69
H23 6OU Q . -16.54 5.46 -34.85
H24 6OU Q . -17.10 8.00 -35.12
H25 6OU Q . -15.57 8.08 -35.04
H26 6OU Q . -16.61 6.35 -37.00
H27 6OU Q . -15.28 7.09 -37.06
H28 6OU Q . -17.77 7.96 -37.98
H29 6OU Q . -17.07 9.08 -37.21
H30 6OU Q . -15.15 8.73 -38.82
H31 6OU Q . -16.19 7.95 -39.64
H32 6OU Q . -16.55 12.37 -41.16
H33 6OU Q . -17.00 12.32 -39.69
H34 6OU Q . -15.70 14.10 -39.66
H35 6OU Q . -13.58 12.94 -41.18
H36 6OU Q . -13.72 14.45 -40.83
H45 6OU Q . -14.08 13.62 -35.82
H46 6OU Q . -13.20 12.64 -36.62
H47 6OU Q . -13.79 11.75 -34.48
H48 6OU Q . -14.10 10.76 -35.62
H49 6OU Q . -16.23 12.35 -34.60
H50 6OU Q . -16.40 11.04 -35.39
H51 6OU Q . -16.06 9.73 -33.51
H52 6OU Q . -16.89 10.90 -32.98
H53 6OU Q . -14.13 10.45 -32.45
H54 6OU Q . -14.67 11.87 -32.27
H55 6OU Q . -15.40 11.43 -30.25
H56 6OU Q . -16.29 10.30 -30.81
H57 6OU Q . -14.44 8.78 -30.61
H58 6OU Q . -13.60 9.93 -30.08
C11 6OU R . -21.01 -2.61 -23.24
C12 6OU R . -21.86 -3.67 -22.46
C13 6OU R . -21.91 -3.56 -20.92
C14 6OU R . -22.70 -4.70 -20.18
C15 6OU R . -22.27 -5.00 -18.71
C16 6OU R . -23.15 -6.06 -18.01
O17 6OU R . -24.28 -6.30 -18.33
O18 6OU R . -22.56 -6.71 -16.96
C19 6OU R . -22.54 -8.15 -17.04
C20 6OU R . -21.35 -8.79 -16.26
C21 6OU R . -21.21 -8.22 -14.79
O30 6OU R . -20.12 -8.54 -16.99
C31 6OU R . -19.87 -9.27 -18.15
O32 6OU R . -20.75 -9.87 -18.69
C33 6OU R . -18.41 -9.27 -18.69
C34 6OU R . -18.24 -8.54 -20.07
C35 6OU R . -18.98 -7.18 -20.25
C36 6OU R . -18.28 -6.13 -21.17
C37 6OU R . -17.91 -6.57 -22.60
C38 6OU R . -17.82 -5.42 -23.65
C39 6OU R . -16.57 -4.54 -23.56
C40 6OU R . -16.10 -3.94 -24.87
C41 6OU R . -15.52 -2.74 -25.04
C42 6OU R . -15.22 -1.75 -23.96
C43 6OU R . -14.61 -0.38 -24.39
H23 6OU R . -20.44 -3.07 -23.87
H24 6OU R . -22.77 -3.65 -22.80
H25 6OU R . -21.55 -4.54 -22.70
H26 6OU R . -22.29 -2.70 -20.68
H27 6OU R . -21.00 -3.52 -20.57
H28 6OU R . -23.65 -4.46 -20.19
H29 6OU R . -22.67 -5.51 -20.70
H30 6OU R . -21.32 -5.21 -18.67
H31 6OU R . -22.38 -4.19 -18.20
H32 6OU R . -23.37 -8.56 -16.74
H33 6OU R . -22.44 -8.40 -17.97
H34 6OU R . -21.53 -9.74 -16.17
H35 6OU R . -22.06 -8.30 -14.33
H36 6OU R . -20.56 -8.74 -14.30
H45 6OU R . -18.02 -10.15 -18.71
H46 6OU R . -17.90 -8.77 -18.02
H47 6OU R . -18.56 -9.14 -20.76
H48 6OU R . -17.30 -8.41 -20.25
H49 6OU R . -19.12 -6.78 -19.38
H50 6OU R . -19.88 -7.34 -20.59
H51 6OU R . -17.48 -5.81 -20.74
H52 6OU R . -18.85 -5.35 -21.24
H53 6OU R . -17.08 -7.07 -22.60
H54 6OU R . -18.56 -7.21 -22.92
H55 6OU R . -17.88 -5.80 -24.55
H56 6OU R . -18.61 -4.88 -23.54
H57 6OU R . -15.86 -5.03 -23.11
H58 6OU R . -16.77 -3.83 -22.94
H59 6OU R . -16.25 -4.47 -25.61
H60 6OU R . -15.28 -2.48 -25.90
H61 6OU R . -14.61 -2.19 -23.34
H62 6OU R . -16.03 -1.61 -23.44
H64 6OU R . -14.04 -0.04 -23.68
C1 LBN S . 5.57 -6.07 -57.68
N1 LBN S . 4.21 -1.05 -52.67
P1 LBN S . 5.23 -3.97 -55.97
C2 LBN S . 6.38 -6.73 -56.49
C3 LBN S . 6.43 -8.27 -56.68
C4 LBN S . 4.94 -18.74 -49.06
C5 LBN S . 7.52 -12.67 -47.91
C6 LBN S . 3.86 -2.00 -53.86
O1 LBN S . 5.44 -4.70 -57.47
C8 LBN S . 8.08 -13.33 -46.70
C9 LBN S . 4.38 -1.49 -55.27
O2 LBN S . 4.22 -2.51 -56.15
C11 LBN S . 7.37 -14.64 -46.25
C12 LBN S . 3.50 0.28 -52.80
O3 LBN S . 6.52 -3.32 -55.58
C14 LBN S . 8.26 -15.90 -46.16
C15 LBN S . 5.72 -0.82 -52.58
O4 LBN S . 4.34 -4.81 -55.14
C17 LBN S . 7.59 -17.07 -45.40
C18 LBN S . 3.76 -1.70 -51.38
C25 LBN S . 5.39 -9.54 -54.93
O5 LBN S . 6.49 -8.90 -55.41
C26 LBN S . 5.67 -10.58 -53.86
O6 LBN S . 4.29 -9.30 -55.37
C27 LBN S . 4.71 -10.54 -52.66
C28 LBN S . 4.16 -11.91 -52.21
C29 LBN S . 4.63 -12.46 -50.83
C30 LBN S . 3.93 -13.75 -50.35
C31 LBN S . 4.81 -14.84 -49.70
C32 LBN S . 4.18 -16.24 -49.49
C33 LBN S . 5.09 -17.44 -49.90
C34 LBN S . 8.43 -6.04 -55.37
O7 LBN S . 7.75 -6.31 -56.52
C35 LBN S . 9.52 -7.05 -55.04
O8 LBN S . 8.12 -5.07 -54.69
C36 LBN S . 10.02 -7.06 -53.57
C37 LBN S . 9.45 -8.18 -52.67
C38 LBN S . 10.11 -8.34 -51.27
C39 LBN S . 9.12 -8.89 -50.19
C40 LBN S . 9.74 -9.93 -49.23
C41 LBN S . 8.81 -10.44 -48.08
C42 LBN S . 7.83 -11.49 -48.48
H1 LBN S . 4.69 -6.48 -57.74
H2 LBN S . 6.00 -6.24 -58.53
H3 LBN S . 5.95 -6.51 -55.65
H4 LBN S . 7.25 -8.54 -57.14
H5 LBN S . 5.70 -8.57 -57.24
H6 LBN S . 4.11 -19.19 -49.28
H7 LBN S . 5.64 -19.35 -49.33
H8 LBN S . 6.86 -13.17 -48.34
H9 LBN S . 2.90 -2.12 -53.89
H10 LBN S . 4.22 -2.88 -53.66
H13 LBN S . 9.02 -13.49 -46.85
H14 LBN S . 8.06 -12.70 -45.96
H15 LBN S . 3.89 -0.69 -55.52
H16 LBN S . 5.31 -1.21 -55.19
H19 LBN S . 6.65 -14.83 -46.88
H20 LBN S . 3.94 0.88 -53.43
H21 LBN S . 3.43 0.75 -51.96
H22 LBN S . 2.58 0.16 -53.14
H25 LBN S . 8.52 -16.17 -47.05
H26 LBN S . 6.21 -1.65 -52.70
H27 LBN S . 6.03 -0.18 -53.24
H28 LBN S . 5.98 -0.48 -51.71
H33 LBN S . 8.24 -17.79 -45.30
H34 LBN S . 4.20 -2.55 -51.22
H35 LBN S . 3.96 -1.14 -50.61
H36 LBN S . 2.81 -1.87 -51.38
H51 LBN S . 5.62 -11.43 -54.32
H52 LBN S . 6.60 -10.51 -53.56
H53 LBN S . 5.15 -10.07 -51.93
H54 LBN S . 3.96 -9.96 -52.88
H55 LBN S . 3.19 -11.87 -52.23
H56 LBN S . 4.36 -12.58 -52.88
H57 LBN S . 5.59 -12.61 -50.88
H58 LBN S . 4.53 -11.78 -50.14
H59 LBN S . 3.48 -14.16 -51.10
H60 LBN S . 3.19 -13.51 -49.76
H61 LBN S . 5.15 -14.52 -48.84
H62 LBN S . 5.61 -14.92 -50.23
H63 LBN S . 3.36 -16.30 -50.00
H64 LBN S . 3.90 -16.33 -48.57
H65 LBN S . 4.93 -17.65 -50.83
H66 LBN S . 6.02 -17.18 -49.88
H67 LBN S . 9.19 -7.92 -55.31
H68 LBN S . 10.28 -6.89 -55.63
H69 LBN S . 9.84 -6.20 -53.15
H70 LBN S . 10.99 -7.10 -53.57
H71 LBN S . 8.50 -8.02 -52.54
H72 LBN S . 9.49 -9.04 -53.12
H73 LBN S . 10.46 -7.49 -50.97
H74 LBN S . 10.88 -8.91 -51.35
H75 LBN S . 8.33 -9.26 -50.60
H76 LBN S . 10.53 -9.55 -48.82
H77 LBN S . 8.33 -9.69 -47.68
H78 LBN S . 9.36 -10.78 -47.36
H79 LBN S . 7.36 -11.27 -49.25
H80 LBN S . 6.90 -14.51 -45.42
H81 LBN S . 9.09 -15.67 -45.71
H82 LBN S . 8.79 -8.14 -49.67
H83 LBN S . 10.08 -10.68 -49.73
C1 LBN T . 39.63 27.36 -32.80
N1 LBN T . 32.59 25.71 -32.70
P1 LBN T . 36.91 27.03 -32.89
C2 LBN T . 39.43 27.33 -31.23
C3 LBN T . 40.78 26.96 -30.55
C4 LBN T . 44.53 19.05 -20.89
C5 LBN T . 39.00 22.70 -21.82
C6 LBN T . 34.08 25.61 -33.21
O1 LBN T . 38.40 27.61 -33.43
C8 LBN T . 38.80 22.43 -20.36
C9 LBN T . 34.51 26.82 -34.14
O2 LBN T . 35.86 26.73 -34.30
C11 LBN T . 39.58 21.23 -19.78
C12 LBN T . 31.62 25.59 -33.86
O3 LBN T . 36.17 28.16 -32.27
C14 LBN T . 40.52 21.53 -18.60
C15 LBN T . 32.35 27.01 -31.96
O4 LBN T . 37.08 25.65 -32.39
C17 LBN T . 41.00 20.27 -17.85
C18 LBN T . 32.33 24.57 -31.74
C25 LBN T . 40.75 24.91 -29.27
O5 LBN T . 40.51 26.26 -29.34
C26 LBN T . 40.92 24.36 -27.88
O6 LBN T . 40.80 24.25 -30.29
C27 LBN T . 40.16 23.05 -27.61
C28 LBN T . 40.99 21.94 -26.90
C29 LBN T . 40.59 21.58 -25.44
C30 LBN T . 41.33 20.36 -24.84
C31 LBN T . 41.81 20.47 -23.37
C32 LBN T . 42.80 19.40 -22.86
C33 LBN T . 44.01 19.94 -22.04
C34 LBN T . 38.21 28.79 -29.73
O7 LBN T . 39.12 28.63 -30.73
C35 LBN T . 38.82 29.26 -28.41
O8 LBN T . 37.04 28.56 -29.93
C36 LBN T . 37.94 29.04 -27.14
C37 LBN T . 38.30 27.82 -26.27
C38 LBN T . 37.58 27.72 -24.90
C39 LBN T . 37.36 26.25 -24.42
C40 LBN T . 37.62 26.02 -22.91
C41 LBN T . 37.33 24.59 -22.38
C42 LBN T . 38.40 23.59 -22.63
H1 LBN T . 39.98 26.52 -33.10
H2 LBN T . 40.27 28.04 -33.06
H3 LBN T . 38.75 26.68 -31.01
H4 LBN T . 41.28 27.75 -30.29
H5 LBN T . 41.35 26.48 -31.17
H6 LBN T . 45.03 18.30 -21.25
H7 LBN T . 45.19 19.56 -20.38
H8 LBN T . 39.66 22.17 -22.20
H9 LBN T . 34.19 24.77 -33.69
H10 LBN T . 34.66 25.54 -32.44
H13 LBN T . 39.02 23.25 -19.88
H14 LBN T . 37.85 22.31 -20.20
H15 LBN T . 34.02 26.76 -34.97
H16 LBN T . 34.24 27.65 -33.73
H19 LBN T . 40.11 20.84 -20.49
H20 LBN T . 31.52 26.43 -34.34
H21 LBN T . 30.73 25.32 -33.56
H22 LBN T . 31.91 24.92 -34.50
H25 LBN T . 41.28 22.04 -18.91
H26 LBN T . 33.09 27.22 -31.35
H27 LBN T . 32.25 27.76 -32.55
H28 LBN T . 31.56 26.97 -31.40
H33 LBN T . 41.52 20.53 -17.07
H34 LBN T . 32.92 24.60 -30.97
H35 LBN T . 31.42 24.59 -31.41
H36 LBN T . 32.47 23.71 -32.17
H51 LBN T . 41.88 24.25 -27.78
H52 LBN T . 40.68 25.03 -27.22
H53 LBN T . 39.36 23.26 -27.12
H54 LBN T . 39.83 22.70 -28.45
H55 LBN T . 40.97 21.16 -27.46
H56 LBN T . 41.92 22.19 -26.90
H57 LBN T . 40.74 22.35 -24.89
H58 LBN T . 39.63 21.42 -25.38
H59 LBN T . 42.11 20.17 -25.38
H60 LBN T . 40.78 19.57 -24.96
H61 LBN T . 41.04 20.49 -22.78
H62 LBN T . 42.20 21.35 -23.26
H63 LBN T . 43.16 18.91 -23.61
H64 LBN T . 42.31 18.75 -22.34
H65 LBN T . 44.73 20.15 -22.65
H66 LBN T . 43.79 20.81 -21.66
H67 LBN T . 39.68 28.81 -28.32
H68 LBN T . 39.05 30.19 -28.48
H69 LBN T . 37.01 28.99 -27.39
H70 LBN T . 37.98 29.85 -26.61
H71 LBN T . 38.08 27.01 -26.78
H72 LBN T . 39.24 27.76 -26.12
H73 LBN T . 36.72 28.17 -24.94
H74 LBN T . 38.08 28.23 -24.24
H75 LBN T . 37.91 25.65 -24.93
H76 LBN T . 37.07 26.65 -22.40
H77 LBN T . 36.49 24.25 -22.74
H78 LBN T . 37.17 24.63 -21.42
H79 LBN T . 38.69 23.59 -23.52
H80 LBN T . 38.97 20.52 -19.53
H81 LBN T . 40.08 22.12 -17.97
H82 LBN T . 36.45 25.99 -24.62
H83 LBN T . 38.52 26.29 -22.68
CBT 6EU U . 27.81 1.83 -15.56
OAH 6EU U . 27.13 1.65 -14.34
CBQ 6EU U . 25.81 2.14 -14.32
CBO 6EU U . 25.40 3.11 -15.24
CBS 6EU U . 24.90 1.67 -13.36
OAI 6EU U . 25.30 0.70 -12.43
CBR 6EU U . 23.60 2.15 -13.33
CBP 6EU U . 23.18 3.12 -14.25
CBN 6EU U . 24.09 3.59 -15.21
CBM 6EU U . 23.64 4.66 -16.22
CBK 6EU U . 22.53 4.13 -17.14
OAG 6EU U . 22.07 3.05 -16.95
OAF 6EU U . 22.05 4.94 -18.20
CBC 6EU U . 20.99 4.39 -18.95
CAX 6EU U . 21.52 3.95 -20.33
CAS 6EU U . 20.99 2.57 -20.97
CAK 6EU U . 21.99 1.66 -21.94
CAU 6EU U . 22.11 5.04 -21.27
CAR 6EU U . 22.81 4.49 -22.50
OAD 6EU U . 23.84 3.62 -22.09
CAZ 6EU U . 23.42 5.67 -23.30
OAE 6EU U . 24.10 6.54 -22.85
CBA 6EU U . 23.01 5.53 -24.73
CBF 6EU U . 23.19 6.61 -25.83
CAW 6EU U . 22.15 4.29 -24.83
CAO 6EU U . 21.86 3.77 -23.42
CAJ 6EU U . 22.00 2.16 -23.36
OAA 6EU U . 20.73 1.48 -24.02
CAN 6EU U . 23.19 1.65 -24.11
CAT 6EU U . 22.89 1.64 -25.60
CAP 6EU U . 23.58 0.13 -23.69
CAM 6EU U . 22.31 -0.68 -22.96
CAV 6EU U . 22.68 -1.96 -22.32
CBB 6EU U . 22.33 -2.49 -21.15
CBD 6EU U . 23.55 -2.52 -23.48
OAC 6EU U . 21.33 -0.87 -23.88
CAL 6EU U . 21.57 0.28 -21.83
OAB 6EU U . 20.34 0.22 -22.17
CAQ 6EU U . 20.29 0.15 -23.51
CAY 6EU U . 18.89 -0.24 -24.02
CBE 6EU U . 17.94 0.99 -23.89
CBG 6EU U . 17.82 1.88 -24.96
CBI 6EU U . 16.97 2.98 -24.85
CBL 6EU U . 16.25 3.19 -23.67
CBJ 6EU U . 16.38 2.31 -22.61
CBH 6EU U . 17.23 1.20 -22.71
H1 6EU U . 27.19 1.84 -16.27
H2 6EU U . 28.43 1.14 -15.69
H3 6EU U . 28.27 2.65 -15.55
HBS 6EU U . 26.00 3.43 -15.87
HAI 6EU U . 25.82 1.04 -11.89
HBU 6EU U . 22.99 1.83 -12.71
HBT 6EU U . 22.32 3.44 -14.24
H4 6EU U . 23.33 5.42 -15.76
H5 6EU U . 24.38 4.91 -16.76
H6 6EU U . 20.64 3.64 -18.50
H7 6EU U . 20.31 5.02 -19.05
H8 6EU U . 20.16 2.24 -20.70
H9 6EU U . 22.86 1.72 -21.61
H10 6EU U . 22.74 5.54 -20.78
H11 6EU U . 21.42 5.61 -21.55
HAD 6EU U . 24.35 3.48 -22.73
H12 6EU U . 23.13 7.46 -25.45
H13 6EU U . 24.03 6.52 -26.24
H14 6EU U . 22.51 6.51 -26.48
H15 6EU U . 21.87 3.89 -25.64
H16 6EU U . 20.99 4.00 -23.19
H17 6EU U . 23.92 2.21 -23.95
H18 6EU U . 22.01 1.93 -25.75
H19 6EU U . 23.48 2.21 -26.05
H20 6EU U . 22.98 0.76 -25.93
H21 6EU U . 23.84 -0.32 -24.48
H22 6EU U . 24.32 0.16 -23.11
H24 6EU U . 21.83 -2.16 -20.43
H25 6EU U . 22.56 -3.28 -20.72
H27 6EU U . 24.42 -2.19 -23.40
H28 6EU U . 23.17 -2.25 -24.30
H29 6EU U . 23.56 -3.46 -23.44
H30 6EU U . 21.69 -0.05 -20.96
H31 6EU U . 18.94 -0.50 -24.91
H32 6EU U . 18.55 -0.94 -23.50
HBL 6EU U . 18.29 1.74 -25.74
HBN 6EU U . 16.89 3.58 -25.55
HBP 6EU U . 15.69 3.93 -23.60
HBO 6EU U . 15.90 2.44 -21.82
HBM 6EU U . 17.31 0.61 -22.01
C1 LBN V . 38.44 5.48 -12.39
N1 LBN V . 34.85 -0.05 -13.81
P1 LBN V . 37.81 2.88 -12.24
C2 LBN V . 39.62 5.47 -13.41
C3 LBN V . 39.31 6.46 -14.55
C6 LBN V . 34.34 1.38 -13.59
O1 LBN V . 37.58 4.46 -12.70
C9 LBN V . 35.25 2.23 -12.66
O2 LBN V . 36.53 1.92 -12.98
C12 LBN V . 35.38 -0.62 -12.51
O3 LBN V . 37.42 2.74 -10.81
C15 LBN V . 35.91 -0.08 -14.89
O4 LBN V . 39.00 2.34 -12.92
C18 LBN V . 33.71 -0.92 -14.25
C25 LBN V . 40.57 6.69 -16.56
O5 LBN V . 40.50 6.79 -15.22
C26 LBN V . 41.03 7.93 -17.25
O6 LBN V . 40.27 5.67 -17.13
C27 LBN V . 42.52 7.93 -17.64
C28 LBN V . 43.05 9.31 -18.11
C29 LBN V . 42.93 10.45 -17.07
C30 LBN V . 43.93 11.61 -17.20
C31 LBN V . 43.44 13.01 -16.74
C32 LBN V . 44.20 13.65 -15.56
C33 LBN V . 44.35 15.21 -15.63
C34 LBN V . 41.97 5.32 -12.81
O7 LBN V . 40.79 5.99 -12.78
C35 LBN V . 43.15 6.12 -12.28
O8 LBN V . 42.02 4.18 -13.24
C36 LBN V . 44.51 5.83 -12.97
C37 LBN V . 44.98 6.91 -13.98
C38 LBN V . 46.01 7.93 -13.46
C39 LBN V . 46.34 9.05 -14.49
H1 LBN V . 38.78 5.37 -11.49
H2 LBN V . 37.98 6.33 -12.38
H3 LBN V . 39.73 4.57 -13.74
H4 LBN V . 38.96 7.30 -14.21
H5 LBN V . 38.62 6.11 -15.13
H9 LBN V . 33.44 1.34 -13.24
H10 LBN V . 34.27 1.80 -14.46
H15 LBN V . 35.04 3.17 -12.77
H16 LBN V . 35.04 2.01 -11.73
H20 LBN V . 36.31 -0.36 -12.34
H21 LBN V . 35.37 -1.60 -12.52
H22 LBN V . 34.86 -0.33 -11.75
H26 LBN V . 35.71 0.54 -15.60
H27 LBN V . 35.98 -0.97 -15.29
H28 LBN V . 36.79 0.14 -14.55
H34 LBN V . 33.97 -1.85 -14.31
H35 LBN V . 32.96 -0.88 -13.63
H36 LBN V . 33.38 -0.66 -15.12
H51 LBN V . 40.83 8.65 -16.63
H52 LBN V . 40.47 8.12 -18.02
H53 LBN V . 42.67 7.25 -18.31
H54 LBN V . 43.05 7.63 -16.89
H55 LBN V . 43.96 9.19 -18.39
H56 LBN V . 42.60 9.58 -18.92
H57 LBN V . 42.02 10.80 -17.12
H58 LBN V . 42.98 10.09 -16.17
H59 LBN V . 44.72 11.39 -16.70
H60 LBN V . 44.24 11.64 -18.13
H61 LBN V . 42.50 12.98 -16.54
H62 LBN V . 43.49 13.59 -17.51
H63 LBN V . 45.09 13.27 -15.49
H64 LBN V . 43.76 13.39 -14.74
H65 LBN V . 44.24 15.56 -14.75
H66 LBN V . 43.61 15.59 -16.14
H67 LBN V . 43.19 5.95 -11.32
H68 LBN V . 42.94 7.06 -12.35
H69 LBN V . 45.20 5.72 -12.30
H70 LBN V . 44.45 4.98 -13.40
H71 LBN V . 45.35 6.45 -14.74
H72 LBN V . 44.22 7.39 -14.34
H73 LBN V . 45.69 8.33 -12.64
H74 LBN V . 46.82 7.47 -13.18
H82 LBN V . 45.74 9.80 -14.37
C06 6OU W . 15.94 3.26 -28.49
C07 6OU W . 15.15 3.24 -29.84
C08 6OU W . 15.94 3.57 -31.12
C09 6OU W . 15.48 2.82 -32.42
C10 6OU W . 15.45 3.68 -33.72
C11 6OU W . 15.68 2.94 -35.07
C12 6OU W . 15.27 3.73 -36.35
C13 6OU W . 16.40 4.38 -37.19
C14 6OU W . 16.10 4.54 -38.70
C15 6OU W . 16.57 5.86 -39.34
C16 6OU W . 16.00 6.10 -40.75
O17 6OU W . 16.02 5.27 -41.61
O18 6OU W . 15.46 7.36 -40.99
C19 6OU W . 14.50 7.44 -42.05
C20 6OU W . 13.39 8.51 -41.80
C21 6OU W . 13.83 9.95 -42.25
O22 6OU W . 14.39 9.93 -43.52
P23 6OU W . 13.48 9.27 -44.87
O24 6OU W . 12.04 9.39 -44.51
O25 6OU W . 14.14 7.99 -45.23
O26 6OU W . 13.76 10.35 -46.19
O30 6OU W . 13.08 8.52 -40.37
C31 6OU W . 12.40 7.45 -39.80
O32 6OU W . 12.41 6.38 -40.32
C33 6OU W . 11.65 7.72 -38.49
C34 6OU W . 11.95 6.68 -37.37
C35 6OU W . 11.74 5.16 -37.72
C36 6OU W . 11.55 4.18 -36.51
C37 6OU W . 10.68 4.69 -35.31
C38 6OU W . 10.06 3.60 -34.39
C39 6OU W . 10.45 3.70 -32.92
C40 6OU W . 9.85 2.66 -32.01
H12 6OU W . 16.87 3.02 -28.66
H13 6OU W . 15.99 4.18 -28.17
H14 6OU W . 14.74 2.38 -29.93
H15 6OU W . 14.40 3.86 -29.78
H16 6OU W . 15.91 4.52 -31.28
H17 6OU W . 16.89 3.39 -30.97
H18 6OU W . 14.61 2.43 -32.29
H19 6OU W . 16.06 2.06 -32.58
H20 6OU W . 16.11 4.38 -33.64
H21 6OU W . 14.60 4.14 -33.76
H22 6OU W . 15.23 2.09 -35.04
H23 6OU W . 16.61 2.68 -35.15
H24 6OU W . 14.75 3.16 -36.92
H25 6OU W . 14.66 4.43 -36.09
H26 6OU W . 17.21 3.83 -37.07
H27 6OU W . 16.65 5.23 -36.79
H28 6OU W . 16.50 3.79 -39.18
H29 6OU W . 15.15 4.42 -38.86
H30 6OU W . 16.40 6.61 -38.74
H31 6OU W . 17.53 5.83 -39.45
H32 6OU W . 14.90 7.61 -42.91
H33 6OU W . 14.06 6.59 -42.13
H34 6OU W . 12.62 8.26 -42.32
H35 6OU W . 14.47 10.32 -41.62
H36 6OU W . 13.05 10.54 -42.24
H45 6OU W . 10.69 7.83 -38.63
H46 6OU W . 11.96 8.59 -38.20
H47 6OU W . 11.38 6.88 -36.62
H48 6OU W . 12.86 6.80 -37.04
H49 6OU W . 10.98 5.07 -38.31
H50 6OU W . 12.48 4.85 -38.26
H51 6OU W . 12.41 3.91 -36.15
H52 6OU W . 11.14 3.36 -36.83
H53 6OU W . 11.18 5.31 -34.77
H54 6OU W . 9.95 5.23 -35.65
H55 6OU W . 9.08 3.62 -34.46
H56 6OU W . 10.33 2.73 -34.74
H57 6OU W . 11.41 3.74 -32.84
H58 6OU W . 10.18 4.59 -32.62
C11 6OU X . 16.05 -8.67 -25.61
C12 6OU X . 16.43 -10.06 -25.01
C13 6OU X . 15.41 -10.72 -24.04
C14 6OU X . 15.88 -12.07 -23.41
C15 6OU X . 15.24 -12.43 -22.03
C16 6OU X . 15.66 -13.82 -21.49
O17 6OU X . 16.03 -14.71 -22.18
O18 6OU X . 15.55 -13.98 -20.12
C19 6OU X . 16.74 -14.39 -19.44
C20 6OU X . 16.78 -13.93 -17.94
C21 6OU X . 15.45 -14.26 -17.18
O30 6OU X . 17.03 -12.50 -17.91
C31 6OU X . 18.31 -12.03 -18.20
O32 6OU X . 19.12 -12.73 -18.72
C33 6OU X . 18.63 -10.57 -17.77
C34 6OU X . 18.89 -9.60 -18.99
C35 6OU X . 17.91 -9.71 -20.19
C36 6OU X . 17.63 -8.38 -20.96
C37 6OU X . 18.84 -7.60 -21.51
C38 6OU X . 18.56 -6.71 -22.74
C39 6OU X . 17.80 -5.40 -22.47
C40 6OU X . 18.10 -4.26 -23.40
C41 6OU X . 17.25 -3.31 -23.81
C42 6OU X . 15.81 -3.19 -23.42
C43 6OU X . 14.98 -2.04 -24.10
H23 6OU X . 16.80 -8.06 -25.49
H24 6OU X . 16.61 -10.67 -25.74
H25 6OU X . 17.28 -9.97 -24.55
H26 6OU X . 14.59 -10.86 -24.52
H27 6OU X . 15.17 -10.09 -23.36
H28 6OU X . 15.70 -12.80 -24.03
H29 6OU X . 16.85 -12.08 -23.32
H30 6OU X . 15.38 -11.72 -21.39
H31 6OU X . 14.27 -12.48 -22.14
H32 6OU X . 16.89 -15.35 -19.47
H33 6OU X . 17.50 -14.00 -19.89
H34 6OU X . 17.49 -14.43 -17.50
H35 6OU X . 15.24 -15.20 -17.28
H36 6OU X . 15.57 -14.10 -16.23
H45 6OU X . 19.35 -10.51 -17.13
H46 6OU X . 17.84 -10.27 -17.30
H47 6OU X . 19.79 -9.77 -19.31
H48 6OU X . 18.89 -8.68 -18.67
H49 6OU X . 17.07 -10.06 -19.89
H50 6OU X . 18.23 -10.37 -20.81
H51 6OU X . 17.11 -7.79 -20.40
H52 6OU X . 17.05 -8.58 -21.71
H53 6OU X . 19.23 -7.06 -20.81
H54 6OU X . 19.55 -8.22 -21.75
H55 6OU X . 19.40 -6.48 -23.19
H56 6OU X . 18.06 -7.24 -23.38
H57 6OU X . 17.91 -5.15 -21.54
H58 6OU X . 16.85 -5.61 -22.51
H59 6OU X . 18.99 -4.23 -23.71
H60 6OU X . 17.57 -2.65 -24.40
H61 6OU X . 15.79 -3.08 -22.46
H62 6OU X . 15.39 -4.05 -23.59
H64 6OU X . 14.29 -1.76 -23.48
#